data_2FHO
#
_entry.id   2FHO
#
loop_
_entity.id
_entity.type
_entity.pdbx_description
1 polymer 'spliceosomal protein SF3b155'
2 polymer 'spliceosomal protein p14'
#
loop_
_entity_poly.entity_id
_entity_poly.type
_entity_poly.pdbx_seq_one_letter_code
_entity_poly.pdbx_strand_id
1 'polypeptide(L)' GTPEQLQAWRWEREIDERNRPLSDEELDAMFPEGYKVLPPPAGYVPI A
2 'polypeptide(L)'
;GRANIRLPPEVNRILYIRNLPYKITAEEMYDIFGKYGPIRQIRVGNTPETRGTAYVVYEDIFDAKNACDHLSGFNVCNRY
LVVLYYN
;
B
#
# COMPACT_ATOMS: atom_id res chain seq x y z
N GLY A 1 -35.39 50.19 37.12
CA GLY A 1 -34.30 49.40 36.54
C GLY A 1 -34.69 47.95 36.68
N THR A 2 -34.36 47.13 35.70
CA THR A 2 -34.71 45.72 35.69
C THR A 2 -33.46 44.95 35.26
N PRO A 3 -33.08 43.85 35.95
CA PRO A 3 -31.91 43.07 35.59
C PRO A 3 -32.30 42.11 34.45
N GLU A 4 -32.50 42.66 33.24
CA GLU A 4 -32.89 41.89 32.06
C GLU A 4 -31.85 40.78 31.86
N GLN A 5 -32.31 39.55 31.60
CA GLN A 5 -31.45 38.38 31.42
C GLN A 5 -31.99 37.45 30.35
N LEU A 6 -31.26 36.35 30.12
CA LEU A 6 -31.58 35.31 29.14
C LEU A 6 -31.09 33.95 29.66
N GLN A 7 -31.30 32.90 28.88
CA GLN A 7 -30.91 31.53 29.16
C GLN A 7 -30.31 30.92 27.90
N ALA A 8 -29.69 29.75 28.02
CA ALA A 8 -29.05 29.04 26.92
C ALA A 8 -29.46 27.57 26.95
N TRP A 9 -29.47 26.94 25.78
CA TRP A 9 -29.84 25.55 25.57
C TRP A 9 -28.70 24.83 24.84
N ARG A 10 -28.96 23.64 24.31
CA ARG A 10 -28.03 22.80 23.57
C ARG A 10 -28.82 22.20 22.40
N TRP A 11 -28.15 21.41 21.58
CA TRP A 11 -28.71 20.73 20.43
C TRP A 11 -28.09 19.34 20.41
N GLU A 12 -28.81 18.39 19.82
CA GLU A 12 -28.45 17.00 19.68
C GLU A 12 -27.56 16.81 18.44
N ARG A 13 -27.38 15.55 18.02
CA ARG A 13 -26.57 15.20 16.85
C ARG A 13 -27.21 15.76 15.58
N GLU A 14 -26.41 15.81 14.52
CA GLU A 14 -26.81 16.30 13.22
C GLU A 14 -27.77 15.27 12.58
N ILE A 15 -28.52 15.73 11.58
CA ILE A 15 -29.48 14.93 10.83
C ILE A 15 -28.76 13.92 9.92
N ASP A 16 -29.53 13.03 9.29
CA ASP A 16 -29.00 12.02 8.38
C ASP A 16 -28.42 12.65 7.12
N GLU A 17 -27.55 11.89 6.45
CA GLU A 17 -26.87 12.26 5.23
C GLU A 17 -26.47 10.97 4.51
N ARG A 18 -25.89 11.08 3.30
CA ARG A 18 -25.51 9.91 2.51
C ARG A 18 -24.04 9.98 2.14
N ASN A 19 -23.17 9.50 3.03
CA ASN A 19 -21.72 9.47 2.85
C ASN A 19 -21.39 8.82 1.52
N ARG A 20 -20.33 9.30 0.89
CA ARG A 20 -19.83 8.84 -0.40
C ARG A 20 -19.51 7.33 -0.36
N PRO A 21 -19.43 6.66 -1.53
CA PRO A 21 -19.10 5.24 -1.58
C PRO A 21 -17.60 5.07 -1.29
N LEU A 22 -17.05 3.84 -1.40
CA LEU A 22 -15.62 3.59 -1.17
C LEU A 22 -14.80 4.13 -2.34
N SER A 23 -14.72 5.46 -2.45
CA SER A 23 -13.98 6.16 -3.48
C SER A 23 -12.50 6.22 -3.08
N ASP A 24 -11.69 6.76 -3.99
CA ASP A 24 -10.26 6.93 -3.82
C ASP A 24 -9.93 7.73 -2.57
N GLU A 25 -10.69 8.78 -2.28
CA GLU A 25 -10.48 9.64 -1.13
C GLU A 25 -10.53 8.91 0.21
N GLU A 26 -11.24 7.77 0.31
CA GLU A 26 -11.31 7.02 1.57
C GLU A 26 -9.97 6.39 1.89
N LEU A 27 -9.10 6.22 0.90
CA LEU A 27 -7.79 5.64 1.10
C LEU A 27 -6.97 6.56 2.00
N ASP A 28 -7.17 7.87 1.90
CA ASP A 28 -6.47 8.87 2.70
C ASP A 28 -6.89 8.72 4.17
N ALA A 29 -8.20 8.50 4.40
CA ALA A 29 -8.80 8.32 5.72
C ALA A 29 -8.43 6.95 6.32
N MET A 30 -8.12 5.97 5.48
CA MET A 30 -7.76 4.62 5.91
C MET A 30 -6.26 4.46 6.16
N PHE A 31 -5.41 5.36 5.66
CA PHE A 31 -3.97 5.26 5.85
C PHE A 31 -3.59 5.85 7.21
N PRO A 32 -2.58 5.28 7.88
CA PRO A 32 -2.14 5.76 9.18
C PRO A 32 -1.51 7.14 9.10
N GLU A 33 -1.52 7.82 10.24
CA GLU A 33 -0.99 9.15 10.42
C GLU A 33 0.55 9.07 10.43
N GLY A 34 1.18 9.99 9.69
CA GLY A 34 2.62 10.09 9.59
C GLY A 34 3.18 9.36 8.37
N TYR A 35 2.38 9.16 7.33
CA TYR A 35 2.75 8.47 6.11
C TYR A 35 2.48 9.42 4.96
N LYS A 36 3.57 9.91 4.38
CA LYS A 36 3.55 10.86 3.27
C LYS A 36 3.39 10.08 1.98
N VAL A 37 2.75 10.68 0.98
CA VAL A 37 2.52 10.03 -0.30
C VAL A 37 3.85 9.86 -1.04
N LEU A 38 3.97 8.84 -1.88
CA LEU A 38 5.16 8.56 -2.66
C LEU A 38 4.81 8.58 -4.15
N PRO A 39 4.70 9.77 -4.78
CA PRO A 39 4.41 9.86 -6.20
C PRO A 39 5.65 9.40 -6.98
N PRO A 40 5.51 9.01 -8.25
CA PRO A 40 6.64 8.57 -9.06
C PRO A 40 7.61 9.72 -9.33
N PRO A 41 8.89 9.43 -9.64
CA PRO A 41 9.88 10.47 -9.90
C PRO A 41 9.52 11.20 -11.19
N ALA A 42 9.88 12.48 -11.29
CA ALA A 42 9.61 13.30 -12.46
C ALA A 42 10.44 12.81 -13.64
N GLY A 43 9.84 12.78 -14.83
CA GLY A 43 10.51 12.34 -16.05
C GLY A 43 10.70 10.83 -16.12
N TYR A 44 10.04 10.04 -15.27
CA TYR A 44 10.16 8.59 -15.29
C TYR A 44 9.51 8.06 -16.57
N VAL A 45 10.27 7.34 -17.39
CA VAL A 45 9.78 6.78 -18.63
C VAL A 45 10.30 5.33 -18.70
N PRO A 46 9.54 4.36 -18.17
CA PRO A 46 9.93 2.96 -18.20
C PRO A 46 9.59 2.36 -19.57
N ILE A 47 9.67 1.04 -19.65
CA ILE A 47 9.37 0.22 -20.81
C ILE A 47 8.22 -0.70 -20.39
N GLY B 1 -20.15 -21.85 11.01
CA GLY B 1 -19.41 -22.50 9.93
C GLY B 1 -18.24 -21.63 9.53
N ARG B 2 -17.09 -22.25 9.24
CA ARG B 2 -15.86 -21.59 8.81
C ARG B 2 -15.20 -22.56 7.84
N ALA B 3 -15.48 -22.42 6.54
CA ALA B 3 -14.96 -23.25 5.46
C ALA B 3 -13.58 -22.72 5.02
N ASN B 4 -13.05 -23.23 3.92
CA ASN B 4 -11.75 -22.83 3.36
C ASN B 4 -11.96 -22.51 1.89
N ILE B 5 -11.89 -21.24 1.53
CA ILE B 5 -12.02 -20.78 0.15
C ILE B 5 -10.89 -19.79 -0.10
N ARG B 6 -10.36 -19.79 -1.32
CA ARG B 6 -9.26 -18.89 -1.68
C ARG B 6 -9.79 -17.45 -1.72
N LEU B 7 -8.89 -16.48 -1.86
CA LEU B 7 -9.21 -15.05 -1.89
C LEU B 7 -10.04 -14.77 -0.62
N PRO B 8 -9.42 -14.92 0.56
CA PRO B 8 -10.11 -14.73 1.83
C PRO B 8 -10.53 -13.28 2.11
N PRO B 9 -11.61 -13.07 2.87
CA PRO B 9 -12.12 -11.75 3.21
C PRO B 9 -11.23 -11.00 4.21
N GLU B 10 -10.28 -11.68 4.85
CA GLU B 10 -9.35 -11.09 5.81
C GLU B 10 -8.23 -10.31 5.10
N VAL B 11 -8.16 -10.37 3.78
CA VAL B 11 -7.16 -9.72 2.94
C VAL B 11 -7.86 -8.57 2.19
N ASN B 12 -7.11 -7.52 1.90
CA ASN B 12 -7.50 -6.30 1.21
C ASN B 12 -6.45 -5.99 0.14
N ARG B 13 -6.66 -4.93 -0.65
CA ARG B 13 -5.68 -4.54 -1.67
C ARG B 13 -4.50 -3.80 -1.02
N ILE B 14 -4.62 -3.46 0.26
CA ILE B 14 -3.63 -2.74 1.05
C ILE B 14 -2.75 -3.79 1.74
N LEU B 15 -1.47 -3.82 1.40
CA LEU B 15 -0.46 -4.75 1.93
C LEU B 15 0.57 -3.98 2.75
N TYR B 16 0.83 -4.37 4.00
CA TYR B 16 1.81 -3.73 4.87
C TYR B 16 3.12 -4.48 4.69
N ILE B 17 4.22 -3.75 4.57
CA ILE B 17 5.55 -4.25 4.37
C ILE B 17 6.43 -3.72 5.51
N ARG B 18 7.27 -4.58 6.07
CA ARG B 18 8.21 -4.27 7.15
C ARG B 18 9.61 -4.63 6.68
N ASN B 19 10.62 -4.08 7.36
CA ASN B 19 12.06 -4.24 7.13
C ASN B 19 12.55 -3.56 5.85
N LEU B 20 11.85 -2.51 5.40
CA LEU B 20 12.24 -1.79 4.19
C LEU B 20 13.54 -1.03 4.50
N PRO B 21 14.41 -0.79 3.52
CA PRO B 21 15.64 -0.05 3.76
C PRO B 21 15.33 1.39 4.17
N TYR B 22 16.21 2.01 4.96
CA TYR B 22 16.04 3.39 5.42
C TYR B 22 16.31 4.36 4.27
N LYS B 23 17.11 3.98 3.28
CA LYS B 23 17.45 4.82 2.13
C LYS B 23 16.93 4.15 0.88
N ILE B 24 15.89 4.73 0.27
CA ILE B 24 15.29 4.22 -0.95
C ILE B 24 14.53 5.38 -1.61
N THR B 25 14.39 5.34 -2.92
CA THR B 25 13.70 6.36 -3.71
C THR B 25 12.45 5.78 -4.33
N ALA B 26 11.65 6.66 -4.95
CA ALA B 26 10.44 6.22 -5.63
C ALA B 26 10.84 5.36 -6.83
N GLU B 27 11.99 5.66 -7.45
CA GLU B 27 12.56 4.98 -8.61
C GLU B 27 12.64 3.46 -8.36
N GLU B 28 13.19 3.08 -7.21
CA GLU B 28 13.37 1.69 -6.80
C GLU B 28 12.00 1.09 -6.47
N MET B 29 11.20 1.77 -5.64
CA MET B 29 9.89 1.27 -5.23
C MET B 29 8.98 0.98 -6.43
N TYR B 30 8.94 1.84 -7.44
CA TYR B 30 8.10 1.61 -8.62
C TYR B 30 8.63 0.42 -9.44
N ASP B 31 9.94 0.15 -9.42
CA ASP B 31 10.53 -0.98 -10.15
C ASP B 31 10.27 -2.30 -9.41
N ILE B 32 10.27 -2.28 -8.08
CA ILE B 32 10.04 -3.43 -7.20
C ILE B 32 8.56 -3.82 -7.19
N PHE B 33 7.68 -2.91 -6.80
CA PHE B 33 6.26 -3.21 -6.73
C PHE B 33 5.60 -3.27 -8.11
N GLY B 34 6.18 -2.64 -9.13
CA GLY B 34 5.64 -2.67 -10.48
C GLY B 34 5.99 -3.94 -11.23
N LYS B 35 6.86 -4.78 -10.65
CA LYS B 35 7.31 -6.05 -11.24
C LYS B 35 6.15 -7.03 -11.42
N TYR B 36 5.10 -6.89 -10.61
CA TYR B 36 3.93 -7.75 -10.63
C TYR B 36 2.79 -7.17 -11.48
N GLY B 37 2.76 -5.86 -11.74
CA GLY B 37 1.71 -5.22 -12.53
C GLY B 37 1.61 -3.74 -12.18
N PRO B 38 0.48 -3.08 -12.48
CA PRO B 38 0.29 -1.67 -12.17
C PRO B 38 0.12 -1.52 -10.66
N ILE B 39 0.51 -0.36 -10.12
CA ILE B 39 0.40 -0.08 -8.69
C ILE B 39 -0.65 1.03 -8.56
N ARG B 40 -1.54 0.91 -7.58
CA ARG B 40 -2.57 1.91 -7.36
C ARG B 40 -1.91 3.12 -6.72
N GLN B 41 -1.40 3.00 -5.49
CA GLN B 41 -0.79 4.13 -4.80
C GLN B 41 0.09 3.65 -3.64
N ILE B 42 1.10 4.45 -3.27
CA ILE B 42 2.02 4.15 -2.19
C ILE B 42 2.25 5.40 -1.34
N ARG B 43 2.54 5.19 -0.06
CA ARG B 43 2.85 6.20 0.94
C ARG B 43 4.04 5.61 1.70
N VAL B 44 4.80 6.38 2.47
CA VAL B 44 5.95 5.89 3.23
C VAL B 44 6.02 6.64 4.55
N GLY B 45 6.52 5.98 5.59
CA GLY B 45 6.65 6.58 6.90
C GLY B 45 7.56 7.80 6.79
N ASN B 46 7.21 8.90 7.47
CA ASN B 46 7.98 10.15 7.46
C ASN B 46 8.34 10.62 8.87
N THR B 47 7.79 10.00 9.90
CA THR B 47 8.04 10.27 11.31
C THR B 47 9.12 9.28 11.76
N PRO B 48 9.83 9.56 12.86
CA PRO B 48 10.89 8.68 13.35
C PRO B 48 10.38 7.28 13.68
N GLU B 49 9.11 7.14 14.10
CA GLU B 49 8.48 5.88 14.45
C GLU B 49 7.78 5.20 13.26
N THR B 50 7.81 5.75 12.04
CA THR B 50 7.16 5.14 10.87
C THR B 50 8.17 4.73 9.79
N ARG B 51 9.27 5.48 9.67
CA ARG B 51 10.33 5.23 8.70
C ARG B 51 10.81 3.78 8.86
N GLY B 52 11.01 3.07 7.75
CA GLY B 52 11.45 1.67 7.75
C GLY B 52 10.30 0.71 7.42
N THR B 53 9.06 1.19 7.31
CA THR B 53 7.90 0.37 6.99
C THR B 53 6.96 1.18 6.07
N ALA B 54 6.08 0.51 5.31
CA ALA B 54 5.15 1.17 4.41
C ALA B 54 4.05 0.20 3.99
N TYR B 55 2.93 0.74 3.52
CA TYR B 55 1.75 0.05 3.05
C TYR B 55 1.59 0.39 1.56
N VAL B 56 1.35 -0.61 0.72
CA VAL B 56 1.18 -0.47 -0.73
C VAL B 56 -0.27 -0.78 -1.06
N VAL B 57 -0.82 -0.19 -2.12
CA VAL B 57 -2.19 -0.41 -2.54
C VAL B 57 -2.14 -0.87 -3.99
N TYR B 58 -2.76 -2.01 -4.27
CA TYR B 58 -2.84 -2.57 -5.62
C TYR B 58 -4.20 -2.17 -6.20
N GLU B 59 -4.29 -2.26 -7.51
CA GLU B 59 -5.50 -1.89 -8.23
C GLU B 59 -6.60 -2.93 -8.07
N ASP B 60 -6.22 -4.20 -7.91
CA ASP B 60 -7.13 -5.32 -7.73
C ASP B 60 -6.80 -6.05 -6.43
N ILE B 61 -7.65 -7.00 -6.05
CA ILE B 61 -7.41 -7.83 -4.88
C ILE B 61 -6.75 -9.14 -5.35
N PHE B 62 -7.05 -9.56 -6.59
CA PHE B 62 -6.55 -10.77 -7.22
C PHE B 62 -5.03 -10.69 -7.36
N ASP B 63 -4.54 -9.71 -8.11
CA ASP B 63 -3.12 -9.49 -8.36
C ASP B 63 -2.37 -9.21 -7.06
N ALA B 64 -3.00 -8.52 -6.11
CA ALA B 64 -2.41 -8.21 -4.81
C ALA B 64 -2.12 -9.52 -4.09
N LYS B 65 -3.12 -10.39 -3.92
CA LYS B 65 -2.94 -11.67 -3.25
C LYS B 65 -1.95 -12.55 -3.99
N ASN B 66 -1.92 -12.52 -5.33
CA ASN B 66 -1.00 -13.33 -6.10
C ASN B 66 0.45 -13.01 -5.72
N ALA B 67 0.81 -11.72 -5.78
CA ALA B 67 2.15 -11.27 -5.44
C ALA B 67 2.44 -11.35 -3.94
N CYS B 68 1.42 -11.21 -3.10
CA CYS B 68 1.55 -11.25 -1.65
C CYS B 68 2.31 -12.49 -1.22
N ASP B 69 1.91 -13.64 -1.75
CA ASP B 69 2.53 -14.93 -1.47
C ASP B 69 3.95 -14.93 -2.00
N HIS B 70 4.13 -14.76 -3.32
CA HIS B 70 5.44 -14.77 -3.99
C HIS B 70 6.47 -13.74 -3.47
N LEU B 71 6.06 -12.73 -2.72
CA LEU B 71 6.99 -11.73 -2.18
C LEU B 71 7.35 -12.02 -0.71
N SER B 72 6.77 -13.07 -0.12
CA SER B 72 7.06 -13.45 1.25
C SER B 72 8.44 -14.12 1.25
N GLY B 73 9.31 -13.73 2.19
CA GLY B 73 10.66 -14.26 2.31
C GLY B 73 11.62 -13.74 1.22
N PHE B 74 11.21 -12.74 0.43
CA PHE B 74 12.04 -12.15 -0.62
C PHE B 74 13.22 -11.46 0.08
N ASN B 75 14.45 -11.67 -0.43
CA ASN B 75 15.67 -11.09 0.12
C ASN B 75 16.20 -10.04 -0.85
N VAL B 76 16.44 -8.83 -0.37
CA VAL B 76 16.96 -7.69 -1.12
C VAL B 76 18.02 -7.02 -0.24
N CYS B 77 19.12 -6.53 -0.83
CA CYS B 77 20.23 -5.89 -0.12
C CYS B 77 20.71 -6.74 1.08
N ASN B 78 20.56 -8.07 0.97
CA ASN B 78 20.92 -9.08 1.97
C ASN B 78 20.00 -9.09 3.20
N ARG B 79 18.76 -8.58 3.09
CA ARG B 79 17.78 -8.54 4.16
C ARG B 79 16.45 -9.07 3.62
N TYR B 80 15.73 -9.82 4.44
CA TYR B 80 14.43 -10.38 4.09
C TYR B 80 13.34 -9.37 4.45
N LEU B 81 12.23 -9.41 3.72
CA LEU B 81 11.08 -8.52 3.95
C LEU B 81 9.96 -9.32 4.59
N VAL B 82 8.93 -8.66 5.10
CA VAL B 82 7.77 -9.27 5.75
C VAL B 82 6.52 -8.62 5.17
N VAL B 83 5.47 -9.40 4.88
CA VAL B 83 4.21 -8.95 4.31
C VAL B 83 3.07 -9.28 5.29
N LEU B 84 2.11 -8.37 5.44
CA LEU B 84 0.94 -8.48 6.31
C LEU B 84 -0.24 -7.76 5.63
N TYR B 85 -1.47 -7.98 6.09
CA TYR B 85 -2.70 -7.39 5.56
C TYR B 85 -3.23 -6.25 6.44
N TYR B 86 -4.15 -5.44 5.88
CA TYR B 86 -4.77 -4.31 6.56
C TYR B 86 -5.96 -4.84 7.39
N ASN B 87 -5.88 -4.72 8.72
CA ASN B 87 -6.91 -5.18 9.64
C ASN B 87 -7.87 -4.07 9.99
N GLY A 1 -48.97 30.83 48.92
CA GLY A 1 -47.99 30.57 47.85
C GLY A 1 -48.46 29.37 47.03
N THR A 2 -47.75 29.03 45.96
CA THR A 2 -48.09 27.91 45.10
C THR A 2 -46.78 27.17 44.84
N PRO A 3 -46.58 25.95 45.38
CA PRO A 3 -45.36 25.19 45.16
C PRO A 3 -45.41 24.55 43.76
N GLU A 4 -44.27 24.07 43.28
CA GLU A 4 -44.10 23.41 41.99
C GLU A 4 -42.87 22.50 42.13
N GLN A 5 -42.86 21.35 41.46
CA GLN A 5 -41.81 20.34 41.42
C GLN A 5 -41.83 19.73 40.01
N LEU A 6 -41.87 20.58 38.98
CA LEU A 6 -41.90 20.22 37.57
C LEU A 6 -40.66 19.39 37.23
N GLN A 7 -40.83 18.07 37.11
CA GLN A 7 -39.78 17.12 36.79
C GLN A 7 -40.05 16.55 35.41
N ALA A 8 -39.36 17.07 34.40
CA ALA A 8 -39.48 16.64 33.01
C ALA A 8 -38.06 16.45 32.47
N TRP A 9 -37.90 15.50 31.54
CA TRP A 9 -36.64 15.15 30.91
C TRP A 9 -36.79 15.18 29.39
N ARG A 10 -35.72 14.84 28.67
CA ARG A 10 -35.63 14.77 27.22
C ARG A 10 -34.36 13.98 26.89
N TRP A 11 -34.15 13.61 25.63
CA TRP A 11 -32.98 12.89 25.18
C TRP A 11 -33.05 12.92 23.66
N GLU A 12 -32.04 13.48 23.04
CA GLU A 12 -31.97 13.60 21.58
C GLU A 12 -30.87 12.65 21.07
N ARG A 13 -30.98 12.20 19.81
CA ARG A 13 -30.04 11.28 19.18
C ARG A 13 -29.98 11.55 17.69
N GLU A 14 -28.78 11.51 17.13
CA GLU A 14 -28.53 11.69 15.71
C GLU A 14 -27.95 10.36 15.23
N ILE A 15 -28.21 9.97 13.99
CA ILE A 15 -27.74 8.74 13.37
C ILE A 15 -27.89 8.95 11.87
N ASP A 16 -26.78 8.87 11.14
CA ASP A 16 -26.79 9.06 9.70
C ASP A 16 -25.72 8.17 9.08
N GLU A 17 -26.08 6.96 8.65
CA GLU A 17 -25.13 6.05 8.03
C GLU A 17 -24.76 6.58 6.63
N ARG A 18 -23.67 6.07 6.07
CA ARG A 18 -23.15 6.44 4.76
C ARG A 18 -23.37 5.24 3.84
N ASN A 19 -24.12 5.41 2.76
CA ASN A 19 -24.40 4.34 1.80
C ASN A 19 -23.79 4.79 0.48
N ARG A 20 -22.47 4.77 0.40
CA ARG A 20 -21.70 5.19 -0.79
C ARG A 20 -20.49 4.28 -0.99
N PRO A 21 -19.96 4.17 -2.21
CA PRO A 21 -18.79 3.36 -2.50
C PRO A 21 -17.55 4.05 -1.94
N LEU A 22 -16.37 3.43 -2.08
CA LEU A 22 -15.14 4.02 -1.57
C LEU A 22 -14.45 4.77 -2.72
N SER A 23 -13.78 5.86 -2.40
CA SER A 23 -13.05 6.72 -3.33
C SER A 23 -11.62 6.87 -2.81
N ASP A 24 -10.74 7.57 -3.53
CA ASP A 24 -9.36 7.78 -3.10
C ASP A 24 -9.28 8.50 -1.76
N GLU A 25 -10.26 9.36 -1.46
CA GLU A 25 -10.29 10.08 -0.19
C GLU A 25 -10.47 9.11 0.97
N GLU A 26 -11.18 7.99 0.73
CA GLU A 26 -11.40 6.98 1.76
C GLU A 26 -10.07 6.31 2.08
N LEU A 27 -9.15 6.20 1.11
CA LEU A 27 -7.85 5.60 1.32
C LEU A 27 -7.02 6.54 2.19
N ASP A 28 -7.09 7.85 1.92
CA ASP A 28 -6.38 8.87 2.68
C ASP A 28 -6.86 8.83 4.14
N ALA A 29 -8.18 8.72 4.31
CA ALA A 29 -8.85 8.65 5.61
C ALA A 29 -8.53 7.32 6.33
N MET A 30 -8.48 6.19 5.61
CA MET A 30 -8.20 4.87 6.17
C MET A 30 -6.73 4.69 6.52
N PHE A 31 -5.80 5.46 5.94
CA PHE A 31 -4.39 5.30 6.28
C PHE A 31 -4.12 5.96 7.64
N PRO A 32 -3.10 5.49 8.39
CA PRO A 32 -2.74 5.99 9.70
C PRO A 32 -2.08 7.38 9.64
N GLU A 33 -1.76 7.95 10.81
CA GLU A 33 -1.16 9.27 10.94
C GLU A 33 0.37 9.21 11.05
N GLY A 34 1.05 10.19 10.45
CA GLY A 34 2.51 10.31 10.45
C GLY A 34 3.18 9.68 9.24
N TYR A 35 2.51 9.63 8.08
CA TYR A 35 3.00 9.04 6.85
C TYR A 35 2.91 10.06 5.72
N LYS A 36 3.71 9.90 4.66
CA LYS A 36 3.74 10.80 3.50
C LYS A 36 3.65 9.94 2.25
N VAL A 37 2.94 10.42 1.24
CA VAL A 37 2.74 9.71 -0.03
C VAL A 37 4.08 9.69 -0.78
N LEU A 38 4.31 8.68 -1.62
CA LEU A 38 5.53 8.56 -2.40
C LEU A 38 5.18 8.53 -3.89
N PRO A 39 5.04 9.70 -4.54
CA PRO A 39 4.72 9.78 -5.97
C PRO A 39 5.84 9.13 -6.81
N PRO A 40 5.55 8.76 -8.07
CA PRO A 40 6.50 8.12 -8.98
C PRO A 40 7.62 9.06 -9.45
N PRO A 41 8.70 8.53 -10.06
CA PRO A 41 9.79 9.33 -10.57
C PRO A 41 9.32 10.09 -11.83
N ALA A 42 10.16 10.99 -12.33
CA ALA A 42 9.88 11.80 -13.51
C ALA A 42 10.67 11.26 -14.70
N GLY A 43 9.99 10.49 -15.55
CA GLY A 43 10.56 9.86 -16.74
C GLY A 43 10.03 8.44 -16.94
N TYR A 44 9.36 7.87 -15.93
CA TYR A 44 8.78 6.53 -15.95
C TYR A 44 7.90 6.30 -17.17
N VAL A 45 7.98 5.11 -17.74
CA VAL A 45 7.25 4.64 -18.90
C VAL A 45 6.34 3.49 -18.41
N PRO A 46 5.05 3.75 -18.10
CA PRO A 46 4.14 2.73 -17.63
C PRO A 46 3.61 1.87 -18.79
N ILE A 47 2.93 0.78 -18.45
CA ILE A 47 2.30 -0.17 -19.37
C ILE A 47 1.09 -0.73 -18.63
N GLY B 1 -3.15 -27.32 18.26
CA GLY B 1 -2.49 -26.74 17.09
C GLY B 1 -2.23 -27.79 16.04
N ARG B 2 -3.17 -27.99 15.12
CA ARG B 2 -3.06 -28.93 14.00
C ARG B 2 -3.29 -28.10 12.75
N ALA B 3 -2.25 -27.92 11.94
CA ALA B 3 -2.30 -27.14 10.71
C ALA B 3 -2.90 -27.92 9.53
N ASN B 4 -3.12 -27.22 8.43
CA ASN B 4 -3.65 -27.65 7.14
C ASN B 4 -3.34 -26.50 6.16
N ILE B 5 -3.26 -26.77 4.86
CA ILE B 5 -3.00 -25.75 3.86
C ILE B 5 -4.39 -25.30 3.41
N ARG B 6 -4.79 -24.08 3.80
CA ARG B 6 -6.07 -23.49 3.45
C ARG B 6 -5.84 -22.00 3.22
N LEU B 7 -6.81 -21.36 2.57
CA LEU B 7 -6.78 -19.93 2.27
C LEU B 7 -6.92 -19.14 3.59
N PRO B 8 -6.47 -17.87 3.65
CA PRO B 8 -6.57 -17.05 4.86
C PRO B 8 -8.04 -16.72 5.16
N PRO B 9 -8.39 -16.25 6.38
CA PRO B 9 -9.76 -15.92 6.72
C PRO B 9 -10.28 -14.82 5.79
N GLU B 10 -9.49 -13.78 5.54
CA GLU B 10 -9.84 -12.68 4.66
C GLU B 10 -8.59 -12.12 4.00
N VAL B 11 -8.78 -11.23 3.02
CA VAL B 11 -7.73 -10.57 2.28
C VAL B 11 -8.22 -9.16 1.98
N ASN B 12 -7.29 -8.21 1.83
CA ASN B 12 -7.53 -6.80 1.57
C ASN B 12 -6.63 -6.36 0.40
N ARG B 13 -6.98 -5.27 -0.28
CA ARG B 13 -6.20 -4.73 -1.41
C ARG B 13 -5.05 -3.86 -0.91
N ILE B 14 -5.18 -3.30 0.29
CA ILE B 14 -4.14 -2.49 0.91
C ILE B 14 -3.23 -3.54 1.57
N LEU B 15 -1.92 -3.40 1.41
CA LEU B 15 -0.89 -4.28 1.94
C LEU B 15 0.05 -3.47 2.85
N TYR B 16 0.86 -4.15 3.65
CA TYR B 16 1.81 -3.59 4.61
C TYR B 16 3.19 -4.22 4.38
N ILE B 17 4.24 -3.39 4.28
CA ILE B 17 5.64 -3.76 4.05
C ILE B 17 6.42 -3.41 5.31
N ARG B 18 7.51 -4.12 5.58
CA ARG B 18 8.34 -3.89 6.75
C ARG B 18 9.80 -4.19 6.44
N ASN B 19 10.71 -3.65 7.26
CA ASN B 19 12.16 -3.81 7.20
C ASN B 19 12.80 -3.22 5.93
N LEU B 20 12.10 -2.31 5.24
CA LEU B 20 12.58 -1.68 4.02
C LEU B 20 13.89 -0.92 4.25
N PRO B 21 14.72 -0.79 3.19
CA PRO B 21 15.98 -0.08 3.26
C PRO B 21 15.75 1.39 3.61
N TYR B 22 16.66 2.01 4.38
CA TYR B 22 16.51 3.41 4.75
C TYR B 22 16.91 4.34 3.61
N LYS B 23 17.59 3.83 2.58
CA LYS B 23 18.03 4.58 1.42
C LYS B 23 17.45 3.86 0.20
N ILE B 24 16.42 4.48 -0.37
CA ILE B 24 15.70 4.01 -1.55
C ILE B 24 15.04 5.24 -2.20
N THR B 25 14.60 5.14 -3.43
CA THR B 25 13.97 6.21 -4.20
C THR B 25 12.70 5.68 -4.87
N ALA B 26 11.89 6.58 -5.43
CA ALA B 26 10.66 6.20 -6.11
C ALA B 26 10.95 5.27 -7.29
N GLU B 27 12.12 5.44 -7.92
CA GLU B 27 12.59 4.67 -9.06
C GLU B 27 12.62 3.18 -8.74
N GLU B 28 13.03 2.84 -7.53
CA GLU B 28 13.15 1.47 -7.05
C GLU B 28 11.80 0.97 -6.54
N MET B 29 11.11 1.76 -5.71
CA MET B 29 9.82 1.37 -5.15
C MET B 29 8.85 0.97 -6.27
N TYR B 30 8.74 1.78 -7.32
CA TYR B 30 7.84 1.46 -8.42
C TYR B 30 8.32 0.26 -9.22
N ASP B 31 9.64 0.08 -9.39
CA ASP B 31 10.20 -1.05 -10.12
C ASP B 31 9.77 -2.36 -9.45
N ILE B 32 10.10 -2.47 -8.16
CA ILE B 32 9.83 -3.60 -7.30
C ILE B 32 8.35 -3.97 -7.30
N PHE B 33 7.46 -3.10 -6.83
CA PHE B 33 6.04 -3.42 -6.79
C PHE B 33 5.44 -3.64 -8.18
N GLY B 34 6.04 -3.06 -9.21
CA GLY B 34 5.58 -3.21 -10.58
C GLY B 34 5.93 -4.56 -11.17
N LYS B 35 6.88 -5.32 -10.59
CA LYS B 35 7.28 -6.63 -11.08
C LYS B 35 6.14 -7.64 -11.10
N TYR B 36 5.07 -7.40 -10.33
CA TYR B 36 3.92 -8.30 -10.25
C TYR B 36 2.68 -7.76 -10.97
N GLY B 37 2.46 -6.45 -11.02
CA GLY B 37 1.27 -5.89 -11.68
C GLY B 37 1.16 -4.38 -11.49
N PRO B 38 -0.07 -3.81 -11.51
CA PRO B 38 -0.31 -2.39 -11.37
C PRO B 38 -0.22 -1.92 -9.91
N ILE B 39 -0.06 -0.62 -9.71
CA ILE B 39 0.05 0.00 -8.40
C ILE B 39 -1.01 1.10 -8.32
N ARG B 40 -1.76 1.13 -7.22
CA ARG B 40 -2.81 2.14 -7.00
C ARG B 40 -2.17 3.34 -6.30
N GLN B 41 -1.55 3.15 -5.13
CA GLN B 41 -0.91 4.22 -4.36
C GLN B 41 0.17 3.62 -3.45
N ILE B 42 1.13 4.43 -2.98
CA ILE B 42 2.21 4.03 -2.09
C ILE B 42 2.42 5.14 -1.05
N ARG B 43 2.59 4.78 0.22
CA ARG B 43 2.82 5.72 1.33
C ARG B 43 3.90 5.11 2.21
N VAL B 44 4.78 5.94 2.76
CA VAL B 44 5.88 5.53 3.63
C VAL B 44 5.82 6.35 4.92
N GLY B 45 6.54 5.93 5.95
CA GLY B 45 6.59 6.59 7.24
C GLY B 45 7.32 7.93 7.21
N ASN B 46 6.74 8.95 7.85
CA ASN B 46 7.26 10.32 7.95
C ASN B 46 7.82 10.54 9.35
N THR B 47 7.11 10.07 10.38
CA THR B 47 7.53 10.17 11.77
C THR B 47 8.77 9.29 11.94
N PRO B 48 9.59 9.53 12.97
CA PRO B 48 10.80 8.73 13.19
C PRO B 48 10.43 7.29 13.55
N GLU B 49 9.31 7.06 14.22
CA GLU B 49 8.91 5.71 14.61
C GLU B 49 8.44 4.87 13.39
N THR B 50 8.01 5.51 12.31
CA THR B 50 7.54 4.83 11.10
C THR B 50 8.68 4.57 10.11
N ARG B 51 9.91 4.99 10.41
CA ARG B 51 11.04 4.74 9.50
C ARG B 51 11.25 3.23 9.55
N GLY B 52 11.14 2.56 8.39
CA GLY B 52 11.29 1.11 8.25
C GLY B 52 9.97 0.39 8.01
N THR B 53 8.85 1.13 7.91
CA THR B 53 7.53 0.58 7.64
C THR B 53 6.91 1.35 6.47
N ALA B 54 6.03 0.73 5.67
CA ALA B 54 5.37 1.36 4.53
C ALA B 54 4.14 0.54 4.09
N TYR B 55 3.33 1.07 3.18
CA TYR B 55 2.13 0.41 2.65
C TYR B 55 2.02 0.63 1.14
N VAL B 56 1.39 -0.31 0.44
CA VAL B 56 1.14 -0.26 -1.01
C VAL B 56 -0.32 -0.66 -1.17
N VAL B 57 -0.96 -0.19 -2.24
CA VAL B 57 -2.34 -0.48 -2.53
C VAL B 57 -2.36 -0.99 -3.96
N TYR B 58 -3.02 -2.13 -4.18
CA TYR B 58 -3.15 -2.73 -5.50
C TYR B 58 -4.53 -2.33 -6.02
N GLU B 59 -4.72 -2.44 -7.33
CA GLU B 59 -5.98 -2.07 -7.95
C GLU B 59 -7.05 -3.12 -7.69
N ASP B 60 -6.71 -4.40 -7.82
CA ASP B 60 -7.60 -5.52 -7.61
C ASP B 60 -7.01 -6.46 -6.55
N ILE B 61 -7.85 -7.34 -5.99
CA ILE B 61 -7.48 -8.29 -4.94
C ILE B 61 -6.80 -9.58 -5.45
N PHE B 62 -6.80 -9.84 -6.75
CA PHE B 62 -6.19 -11.05 -7.29
C PHE B 62 -4.70 -10.78 -7.46
N ASP B 63 -4.36 -9.70 -8.15
CA ASP B 63 -2.99 -9.30 -8.40
C ASP B 63 -2.26 -9.06 -7.08
N ALA B 64 -2.95 -8.43 -6.12
CA ALA B 64 -2.42 -8.13 -4.80
C ALA B 64 -1.93 -9.40 -4.11
N LYS B 65 -2.74 -10.48 -4.12
CA LYS B 65 -2.37 -11.74 -3.50
C LYS B 65 -1.19 -12.36 -4.23
N ASN B 66 -1.24 -12.38 -5.57
CA ASN B 66 -0.19 -12.96 -6.40
C ASN B 66 1.15 -12.30 -6.07
N ALA B 67 1.15 -10.97 -5.94
CA ALA B 67 2.34 -10.20 -5.61
C ALA B 67 2.76 -10.49 -4.18
N CYS B 68 1.82 -10.40 -3.24
CA CYS B 68 2.04 -10.62 -1.82
C CYS B 68 2.77 -11.93 -1.58
N ASP B 69 2.24 -13.04 -2.10
CA ASP B 69 2.85 -14.35 -1.89
C ASP B 69 4.24 -14.46 -2.50
N HIS B 70 4.50 -13.80 -3.64
CA HIS B 70 5.82 -13.84 -4.26
C HIS B 70 6.79 -12.87 -3.60
N LEU B 71 6.29 -11.83 -2.94
CA LEU B 71 7.15 -10.85 -2.27
C LEU B 71 7.45 -11.27 -0.84
N SER B 72 6.57 -12.10 -0.25
CA SER B 72 6.69 -12.61 1.10
C SER B 72 7.98 -13.44 1.20
N GLY B 73 8.93 -12.97 2.01
CA GLY B 73 10.20 -13.64 2.23
C GLY B 73 11.29 -13.32 1.20
N PHE B 74 11.07 -12.32 0.34
CA PHE B 74 12.02 -11.88 -0.69
C PHE B 74 13.28 -11.37 0.01
N ASN B 75 14.43 -12.01 -0.27
CA ASN B 75 15.73 -11.69 0.31
C ASN B 75 16.40 -10.58 -0.49
N VAL B 76 16.52 -9.37 0.07
CA VAL B 76 17.13 -8.20 -0.58
C VAL B 76 17.93 -7.42 0.45
N CYS B 77 18.98 -6.71 0.01
CA CYS B 77 19.87 -5.91 0.86
C CYS B 77 20.25 -6.70 2.13
N ASN B 78 20.58 -7.99 1.97
CA ASN B 78 20.97 -8.97 2.99
C ASN B 78 19.98 -9.02 4.15
N ARG B 79 18.69 -8.83 3.85
CA ARG B 79 17.56 -8.82 4.77
C ARG B 79 16.36 -9.45 4.04
N TYR B 80 15.22 -9.54 4.73
CA TYR B 80 13.98 -10.08 4.20
C TYR B 80 12.85 -9.08 4.44
N LEU B 81 11.78 -9.16 3.64
CA LEU B 81 10.64 -8.27 3.76
C LEU B 81 9.38 -9.11 4.05
N VAL B 82 8.74 -8.86 5.19
CA VAL B 82 7.53 -9.50 5.67
C VAL B 82 6.36 -8.77 5.02
N VAL B 83 5.50 -9.47 4.27
CA VAL B 83 4.34 -8.87 3.61
C VAL B 83 3.12 -9.31 4.39
N LEU B 84 2.25 -8.37 4.77
CA LEU B 84 1.03 -8.62 5.53
C LEU B 84 -0.10 -7.83 4.88
N TYR B 85 -1.34 -8.29 5.03
CA TYR B 85 -2.48 -7.58 4.46
C TYR B 85 -2.90 -6.49 5.43
N TYR B 86 -3.58 -5.45 4.95
CA TYR B 86 -4.05 -4.42 5.87
C TYR B 86 -5.24 -5.07 6.58
N ASN B 87 -5.39 -4.85 7.88
CA ASN B 87 -6.46 -5.37 8.68
C ASN B 87 -6.79 -4.35 9.75
N GLY A 1 -3.64 -10.60 -29.01
CA GLY A 1 -3.65 -9.19 -28.59
C GLY A 1 -2.81 -9.02 -27.33
N THR A 2 -2.47 -7.78 -26.99
CA THR A 2 -1.67 -7.46 -25.82
C THR A 2 -2.36 -6.33 -25.03
N PRO A 3 -3.52 -6.63 -24.42
CA PRO A 3 -4.28 -5.67 -23.64
C PRO A 3 -3.53 -5.38 -22.33
N GLU A 4 -3.89 -4.26 -21.73
CA GLU A 4 -3.39 -3.69 -20.49
C GLU A 4 -4.56 -3.01 -19.77
N GLN A 5 -4.30 -2.40 -18.61
CA GLN A 5 -5.28 -1.71 -17.81
C GLN A 5 -4.83 -0.26 -17.80
N LEU A 6 -5.07 0.47 -18.90
CA LEU A 6 -4.69 1.87 -19.02
C LEU A 6 -5.36 2.70 -17.92
N GLN A 7 -4.67 3.73 -17.45
CA GLN A 7 -5.15 4.63 -16.42
C GLN A 7 -6.17 5.54 -17.11
N ALA A 8 -7.44 5.49 -16.71
CA ALA A 8 -8.50 6.28 -17.31
C ALA A 8 -9.42 6.92 -16.27
N TRP A 9 -9.18 8.21 -15.99
CA TRP A 9 -9.95 9.03 -15.05
C TRP A 9 -11.37 9.26 -15.59
N ARG A 10 -12.21 9.95 -14.81
CA ARG A 10 -13.58 10.29 -15.17
C ARG A 10 -13.91 11.71 -14.69
N TRP A 11 -14.91 12.31 -15.32
CA TRP A 11 -15.43 13.64 -15.05
C TRP A 11 -16.81 13.51 -14.36
N GLU A 12 -17.31 14.60 -13.79
CA GLU A 12 -18.60 14.64 -13.12
C GLU A 12 -19.74 14.70 -14.13
N ARG A 13 -20.98 14.49 -13.66
CA ARG A 13 -22.20 14.53 -14.47
C ARG A 13 -23.39 14.43 -13.52
N GLU A 14 -24.60 14.60 -14.05
CA GLU A 14 -25.84 14.49 -13.31
C GLU A 14 -26.11 12.98 -13.38
N ILE A 15 -25.86 12.30 -12.26
CA ILE A 15 -26.01 10.87 -11.98
C ILE A 15 -25.58 10.70 -10.52
N ASP A 16 -25.67 9.50 -9.97
CA ASP A 16 -25.25 9.20 -8.61
C ASP A 16 -24.59 7.82 -8.68
N GLU A 17 -23.37 7.69 -8.16
CA GLU A 17 -22.65 6.43 -8.19
C GLU A 17 -23.37 5.31 -7.44
N ARG A 18 -23.00 4.08 -7.79
CA ARG A 18 -23.53 2.82 -7.24
C ARG A 18 -22.41 1.94 -6.69
N ASN A 19 -21.16 2.40 -6.72
CA ASN A 19 -19.99 1.66 -6.26
C ASN A 19 -19.98 1.37 -4.75
N ARG A 20 -20.66 2.21 -3.98
CA ARG A 20 -20.92 2.37 -2.53
C ARG A 20 -20.35 3.75 -2.13
N PRO A 21 -20.85 4.39 -1.06
CA PRO A 21 -20.38 5.68 -0.59
C PRO A 21 -18.95 5.53 -0.08
N LEU A 22 -17.99 5.72 -0.96
CA LEU A 22 -16.56 5.61 -0.76
C LEU A 22 -15.87 6.54 -1.74
N SER A 23 -14.72 7.10 -1.35
CA SER A 23 -13.93 7.98 -2.19
C SER A 23 -12.47 7.92 -1.74
N ASP A 24 -11.57 8.41 -2.59
CA ASP A 24 -10.13 8.42 -2.33
C ASP A 24 -9.74 9.30 -1.14
N GLU A 25 -10.59 10.26 -0.78
CA GLU A 25 -10.35 11.14 0.36
C GLU A 25 -10.54 10.36 1.68
N GLU A 26 -11.28 9.26 1.65
CA GLU A 26 -11.52 8.42 2.81
C GLU A 26 -10.37 7.42 2.94
N LEU A 27 -9.78 7.04 1.80
CA LEU A 27 -8.67 6.10 1.75
C LEU A 27 -7.52 6.60 2.63
N ASP A 28 -7.24 7.91 2.62
CA ASP A 28 -6.18 8.51 3.43
C ASP A 28 -6.42 8.21 4.92
N ALA A 29 -7.67 8.30 5.35
CA ALA A 29 -8.09 8.05 6.73
C ALA A 29 -8.12 6.56 7.08
N MET A 30 -7.97 5.65 6.12
CA MET A 30 -7.97 4.22 6.41
C MET A 30 -6.62 3.82 7.03
N PHE A 31 -5.62 4.69 6.97
CA PHE A 31 -4.27 4.47 7.50
C PHE A 31 -3.94 5.41 8.65
N PRO A 32 -2.95 5.03 9.49
CA PRO A 32 -2.52 5.87 10.59
C PRO A 32 -1.77 7.10 10.05
N GLU A 33 -1.49 8.02 10.95
CA GLU A 33 -0.78 9.26 10.64
C GLU A 33 0.73 9.06 10.73
N GLY A 34 1.48 9.99 10.14
CA GLY A 34 2.94 10.00 10.12
C GLY A 34 3.51 9.35 8.85
N TYR A 35 2.69 9.22 7.80
CA TYR A 35 3.07 8.65 6.52
C TYR A 35 2.71 9.67 5.43
N LYS A 36 3.35 9.59 4.26
CA LYS A 36 3.10 10.52 3.16
C LYS A 36 3.06 9.76 1.84
N VAL A 37 2.24 10.18 0.87
CA VAL A 37 2.12 9.51 -0.42
C VAL A 37 3.40 9.72 -1.23
N LEU A 38 3.74 8.76 -2.11
CA LEU A 38 4.90 8.80 -2.99
C LEU A 38 4.38 8.60 -4.43
N PRO A 39 3.96 9.66 -5.13
CA PRO A 39 3.44 9.57 -6.50
C PRO A 39 4.47 9.00 -7.49
N PRO A 40 4.04 8.47 -8.64
CA PRO A 40 4.92 7.93 -9.66
C PRO A 40 5.72 9.06 -10.36
N PRO A 41 6.75 8.73 -11.16
CA PRO A 41 7.58 9.69 -11.88
C PRO A 41 6.83 10.72 -12.71
N ALA A 42 7.50 11.85 -13.00
CA ALA A 42 6.99 12.94 -13.79
C ALA A 42 7.40 12.73 -15.24
N GLY A 43 6.62 11.90 -15.95
CA GLY A 43 6.84 11.55 -17.34
C GLY A 43 7.21 10.08 -17.58
N TYR A 44 6.62 9.13 -16.85
CA TYR A 44 6.89 7.68 -16.97
C TYR A 44 6.47 7.05 -18.31
N VAL A 45 5.95 7.87 -19.22
CA VAL A 45 5.50 7.55 -20.57
C VAL A 45 4.28 6.60 -20.56
N PRO A 46 3.09 7.08 -20.19
CA PRO A 46 1.85 6.29 -20.16
C PRO A 46 1.24 6.15 -21.57
N ILE A 47 1.88 6.73 -22.59
CA ILE A 47 1.48 6.74 -23.99
C ILE A 47 1.40 5.30 -24.46
N GLY B 1 9.13 -34.90 4.14
CA GLY B 1 7.73 -35.05 4.59
C GLY B 1 6.78 -34.68 3.48
N ARG B 2 5.53 -35.19 3.55
CA ARG B 2 4.51 -34.90 2.53
C ARG B 2 4.38 -33.39 2.42
N ALA B 3 4.49 -32.86 1.20
CA ALA B 3 4.40 -31.43 0.96
C ALA B 3 2.93 -31.03 0.88
N ASN B 4 2.61 -29.80 1.25
CA ASN B 4 1.25 -29.28 1.21
C ASN B 4 1.26 -27.77 0.97
N ILE B 5 0.14 -27.26 0.46
CA ILE B 5 -0.12 -25.87 0.16
C ILE B 5 -1.64 -25.71 0.25
N ARG B 6 -2.10 -24.52 0.59
CA ARG B 6 -3.51 -24.18 0.71
C ARG B 6 -3.62 -22.67 0.54
N LEU B 7 -4.85 -22.15 0.53
CA LEU B 7 -5.10 -20.72 0.39
C LEU B 7 -5.39 -20.17 1.79
N PRO B 8 -5.07 -18.89 2.05
CA PRO B 8 -5.32 -18.26 3.34
C PRO B 8 -6.84 -18.12 3.55
N PRO B 9 -7.28 -17.85 4.78
CA PRO B 9 -8.70 -17.70 5.09
C PRO B 9 -9.34 -16.51 4.37
N GLU B 10 -8.63 -15.40 4.27
CA GLU B 10 -9.06 -14.16 3.64
C GLU B 10 -7.82 -13.40 3.17
N VAL B 11 -8.03 -12.42 2.29
CA VAL B 11 -7.02 -11.55 1.70
C VAL B 11 -7.73 -10.23 1.35
N ASN B 12 -7.03 -9.11 1.44
CA ASN B 12 -7.52 -7.76 1.15
C ASN B 12 -6.65 -7.12 0.05
N ARG B 13 -6.84 -5.83 -0.26
CA ARG B 13 -6.06 -5.13 -1.30
C ARG B 13 -5.01 -4.19 -0.71
N ILE B 14 -5.14 -3.83 0.57
CA ILE B 14 -4.22 -2.93 1.24
C ILE B 14 -3.18 -3.81 1.94
N LEU B 15 -1.92 -3.74 1.51
CA LEU B 15 -0.82 -4.50 2.08
C LEU B 15 0.02 -3.58 2.97
N TYR B 16 0.96 -4.15 3.72
CA TYR B 16 1.88 -3.49 4.64
C TYR B 16 3.23 -4.17 4.49
N ILE B 17 4.35 -3.44 4.54
CA ILE B 17 5.70 -3.99 4.40
C ILE B 17 6.54 -3.51 5.59
N ARG B 18 7.48 -4.36 6.00
CA ARG B 18 8.44 -4.12 7.08
C ARG B 18 9.82 -4.52 6.57
N ASN B 19 10.87 -4.06 7.25
CA ASN B 19 12.29 -4.29 6.97
C ASN B 19 12.74 -3.62 5.66
N LEU B 20 12.00 -2.59 5.20
CA LEU B 20 12.29 -1.86 3.98
C LEU B 20 13.67 -1.17 4.05
N PRO B 21 14.31 -0.88 2.90
CA PRO B 21 15.61 -0.21 2.86
C PRO B 21 15.49 1.24 3.34
N TYR B 22 16.47 1.69 4.14
CA TYR B 22 16.52 3.05 4.69
C TYR B 22 16.75 4.11 3.62
N LYS B 23 17.33 3.73 2.48
CA LYS B 23 17.61 4.60 1.35
C LYS B 23 17.06 3.89 0.13
N ILE B 24 16.03 4.44 -0.49
CA ILE B 24 15.43 3.87 -1.70
C ILE B 24 14.67 4.96 -2.41
N THR B 25 14.92 5.11 -3.70
CA THR B 25 14.28 6.12 -4.52
C THR B 25 12.91 5.58 -5.00
N ALA B 26 12.09 6.45 -5.59
CA ALA B 26 10.77 6.04 -6.08
C ALA B 26 10.95 4.98 -7.16
N GLU B 27 11.85 5.24 -8.12
CA GLU B 27 12.14 4.36 -9.26
C GLU B 27 12.35 2.91 -8.83
N GLU B 28 13.16 2.68 -7.79
CA GLU B 28 13.46 1.35 -7.27
C GLU B 28 12.16 0.69 -6.78
N MET B 29 11.41 1.38 -5.90
CA MET B 29 10.17 0.86 -5.35
C MET B 29 9.17 0.56 -6.46
N TYR B 30 8.97 1.48 -7.38
CA TYR B 30 8.04 1.30 -8.49
C TYR B 30 8.52 0.16 -9.38
N ASP B 31 9.83 -0.10 -9.48
CA ASP B 31 10.34 -1.20 -10.29
C ASP B 31 9.93 -2.52 -9.65
N ILE B 32 10.41 -2.74 -8.43
CA ILE B 32 10.18 -3.93 -7.61
C ILE B 32 8.70 -4.33 -7.62
N PHE B 33 7.81 -3.43 -7.20
CA PHE B 33 6.39 -3.71 -7.11
C PHE B 33 5.67 -3.67 -8.46
N GLY B 34 6.02 -2.73 -9.35
CA GLY B 34 5.40 -2.59 -10.66
C GLY B 34 5.53 -3.87 -11.46
N LYS B 35 6.68 -4.56 -11.35
CA LYS B 35 6.92 -5.81 -12.06
C LYS B 35 5.84 -6.84 -11.72
N TYR B 36 5.30 -6.81 -10.51
CA TYR B 36 4.26 -7.74 -10.09
C TYR B 36 2.94 -7.28 -10.69
N GLY B 37 2.52 -6.04 -10.44
CA GLY B 37 1.26 -5.54 -10.96
C GLY B 37 1.03 -4.06 -10.64
N PRO B 38 -0.20 -3.57 -10.83
CA PRO B 38 -0.55 -2.18 -10.58
C PRO B 38 -0.26 -1.69 -9.17
N ILE B 39 -0.09 -0.38 -9.08
CA ILE B 39 0.19 0.35 -7.85
C ILE B 39 -0.89 1.43 -7.81
N ARG B 40 -1.92 1.24 -6.98
CA ARG B 40 -2.98 2.24 -6.88
C ARG B 40 -2.45 3.40 -6.06
N GLN B 41 -1.96 3.14 -4.85
CA GLN B 41 -1.44 4.16 -3.96
C GLN B 41 -0.38 3.56 -3.05
N ILE B 42 0.53 4.41 -2.55
CA ILE B 42 1.62 4.03 -1.65
C ILE B 42 1.85 5.21 -0.72
N ARG B 43 2.00 4.94 0.57
CA ARG B 43 2.27 5.93 1.60
C ARG B 43 3.40 5.37 2.44
N VAL B 44 4.51 6.08 2.48
CA VAL B 44 5.73 5.73 3.20
C VAL B 44 5.81 6.46 4.53
N GLY B 45 6.20 5.76 5.60
CA GLY B 45 6.36 6.32 6.94
C GLY B 45 7.42 7.40 6.91
N ASN B 46 7.16 8.55 7.54
CA ASN B 46 8.06 9.70 7.61
C ASN B 46 8.47 10.05 9.04
N THR B 47 7.68 9.68 10.06
CA THR B 47 8.06 9.97 11.44
C THR B 47 9.25 9.07 11.77
N PRO B 48 10.06 9.40 12.79
CA PRO B 48 11.21 8.59 13.18
C PRO B 48 10.79 7.20 13.68
N GLU B 49 9.50 6.98 13.91
CA GLU B 49 8.92 5.73 14.37
C GLU B 49 8.39 4.94 13.17
N THR B 50 7.65 5.57 12.24
CA THR B 50 7.11 4.87 11.07
C THR B 50 8.16 4.59 9.99
N ARG B 51 9.31 5.29 10.00
CA ARG B 51 10.36 5.05 9.01
C ARG B 51 10.67 3.56 9.03
N GLY B 52 10.88 2.98 7.85
CA GLY B 52 11.16 1.56 7.72
C GLY B 52 9.91 0.79 7.30
N THR B 53 8.73 1.43 7.21
CA THR B 53 7.48 0.79 6.82
C THR B 53 6.73 1.62 5.78
N ALA B 54 5.83 0.95 5.05
CA ALA B 54 4.99 1.53 4.01
C ALA B 54 3.79 0.59 3.78
N TYR B 55 2.77 1.11 3.10
CA TYR B 55 1.56 0.39 2.77
C TYR B 55 1.29 0.62 1.29
N VAL B 56 1.15 -0.45 0.52
CA VAL B 56 0.88 -0.43 -0.91
C VAL B 56 -0.57 -0.89 -1.08
N VAL B 57 -1.26 -0.35 -2.08
CA VAL B 57 -2.64 -0.70 -2.38
C VAL B 57 -2.63 -1.09 -3.84
N TYR B 58 -3.22 -2.24 -4.15
CA TYR B 58 -3.29 -2.76 -5.50
C TYR B 58 -4.64 -2.40 -6.09
N GLU B 59 -4.66 -2.12 -7.38
CA GLU B 59 -5.90 -1.77 -8.06
C GLU B 59 -6.80 -3.00 -8.19
N ASP B 60 -6.20 -4.19 -8.30
CA ASP B 60 -6.89 -5.46 -8.45
C ASP B 60 -6.52 -6.38 -7.31
N ILE B 61 -7.51 -6.93 -6.60
CA ILE B 61 -7.25 -7.82 -5.47
C ILE B 61 -6.43 -9.04 -5.90
N PHE B 62 -6.62 -9.56 -7.12
CA PHE B 62 -5.90 -10.71 -7.63
C PHE B 62 -4.40 -10.42 -7.70
N ASP B 63 -3.99 -9.26 -8.22
CA ASP B 63 -2.57 -8.92 -8.28
C ASP B 63 -2.01 -8.72 -6.88
N ALA B 64 -2.84 -8.26 -5.93
CA ALA B 64 -2.44 -8.05 -4.55
C ALA B 64 -2.04 -9.41 -3.98
N LYS B 65 -2.90 -10.42 -4.16
CA LYS B 65 -2.66 -11.78 -3.69
C LYS B 65 -1.40 -12.31 -4.34
N ASN B 66 -1.23 -12.08 -5.65
CA ASN B 66 -0.09 -12.54 -6.43
C ASN B 66 1.21 -12.03 -5.80
N ALA B 67 1.33 -10.70 -5.69
CA ALA B 67 2.50 -10.04 -5.11
C ALA B 67 2.71 -10.50 -3.66
N CYS B 68 1.65 -10.81 -2.91
CA CYS B 68 1.80 -11.27 -1.53
C CYS B 68 2.67 -12.53 -1.51
N ASP B 69 2.39 -13.53 -2.36
CA ASP B 69 3.20 -14.76 -2.37
C ASP B 69 4.58 -14.50 -2.97
N HIS B 70 4.65 -13.85 -4.14
CA HIS B 70 5.91 -13.59 -4.83
C HIS B 70 6.87 -12.65 -4.07
N LEU B 71 6.40 -11.89 -3.07
CA LEU B 71 7.22 -10.96 -2.27
C LEU B 71 7.48 -11.44 -0.85
N SER B 72 6.69 -12.41 -0.36
CA SER B 72 6.85 -12.95 0.98
C SER B 72 8.19 -13.68 1.11
N GLY B 73 9.16 -13.06 1.80
CA GLY B 73 10.46 -13.67 2.00
C GLY B 73 11.52 -13.28 0.96
N PHE B 74 11.30 -12.21 0.20
CA PHE B 74 12.27 -11.77 -0.81
C PHE B 74 13.52 -11.23 -0.09
N ASN B 75 14.65 -11.94 -0.19
CA ASN B 75 15.91 -11.58 0.43
C ASN B 75 16.56 -10.44 -0.33
N VAL B 76 16.81 -9.29 0.30
CA VAL B 76 17.45 -8.12 -0.29
C VAL B 76 18.20 -7.41 0.83
N CYS B 77 19.31 -6.73 0.51
CA CYS B 77 20.14 -6.00 1.46
C CYS B 77 20.56 -6.87 2.67
N ASN B 78 20.74 -8.18 2.46
CA ASN B 78 21.10 -9.18 3.49
C ASN B 78 20.09 -9.18 4.64
N ARG B 79 18.82 -8.86 4.35
CA ARG B 79 17.69 -8.79 5.25
C ARG B 79 16.50 -9.47 4.57
N TYR B 80 15.44 -9.74 5.34
CA TYR B 80 14.23 -10.39 4.86
C TYR B 80 13.03 -9.45 4.94
N LEU B 81 12.34 -9.23 3.81
CA LEU B 81 11.16 -8.37 3.80
C LEU B 81 10.01 -9.18 4.39
N VAL B 82 9.00 -8.48 4.92
CA VAL B 82 7.82 -9.09 5.51
C VAL B 82 6.62 -8.34 4.95
N VAL B 83 5.55 -9.06 4.63
CA VAL B 83 4.30 -8.55 4.08
C VAL B 83 3.19 -8.92 5.07
N LEU B 84 2.09 -8.15 5.10
CA LEU B 84 0.93 -8.35 5.94
C LEU B 84 -0.29 -7.66 5.30
N TYR B 85 -1.50 -7.98 5.78
CA TYR B 85 -2.82 -7.49 5.37
C TYR B 85 -3.34 -6.46 6.37
N TYR B 86 -4.36 -5.69 5.98
CA TYR B 86 -5.02 -4.70 6.82
C TYR B 86 -6.46 -5.18 7.05
N ASN B 87 -7.09 -4.64 8.08
CA ASN B 87 -8.45 -4.96 8.47
C ASN B 87 -9.46 -4.40 7.48
N GLY A 1 -3.87 -12.57 -47.49
CA GLY A 1 -3.34 -13.93 -47.69
C GLY A 1 -4.04 -14.79 -46.68
N THR A 2 -3.32 -15.19 -45.63
CA THR A 2 -3.89 -15.97 -44.54
C THR A 2 -4.87 -15.03 -43.79
N PRO A 3 -5.74 -15.54 -42.90
CA PRO A 3 -6.63 -14.67 -42.15
C PRO A 3 -5.78 -13.81 -41.20
N GLU A 4 -6.35 -12.71 -40.71
CA GLU A 4 -5.68 -11.78 -39.81
C GLU A 4 -6.64 -11.51 -38.65
N GLN A 5 -6.12 -11.45 -37.43
CA GLN A 5 -6.87 -11.21 -36.21
C GLN A 5 -5.85 -10.69 -35.18
N LEU A 6 -6.18 -9.63 -34.45
CA LEU A 6 -5.36 -9.01 -33.42
C LEU A 6 -6.25 -8.19 -32.49
N GLN A 7 -5.68 -7.68 -31.40
CA GLN A 7 -6.33 -6.86 -30.38
C GLN A 7 -5.27 -5.94 -29.76
N ALA A 8 -5.72 -5.02 -28.90
CA ALA A 8 -4.86 -4.08 -28.19
C ALA A 8 -4.20 -4.83 -27.01
N TRP A 9 -3.41 -4.12 -26.21
CA TRP A 9 -2.74 -4.72 -25.05
C TRP A 9 -3.77 -5.12 -23.98
N ARG A 10 -4.80 -4.30 -23.76
CA ARG A 10 -5.88 -4.53 -22.80
C ARG A 10 -7.14 -3.79 -23.26
N TRP A 11 -8.32 -4.32 -22.95
CA TRP A 11 -9.58 -3.67 -23.28
C TRP A 11 -9.91 -2.69 -22.13
N GLU A 12 -10.86 -1.78 -22.36
CA GLU A 12 -11.30 -0.80 -21.37
C GLU A 12 -11.96 -1.52 -20.19
N ARG A 13 -11.74 -1.07 -18.96
CA ARG A 13 -12.31 -1.67 -17.73
C ARG A 13 -12.09 -0.68 -16.60
N GLU A 14 -13.15 -0.04 -16.11
CA GLU A 14 -13.09 0.95 -15.03
C GLU A 14 -13.31 0.25 -13.68
N ILE A 15 -13.04 0.94 -12.57
CA ILE A 15 -13.18 0.42 -11.21
C ILE A 15 -14.63 0.01 -10.90
N ASP A 16 -14.80 -0.89 -9.92
CA ASP A 16 -16.10 -1.37 -9.48
C ASP A 16 -16.69 -0.34 -8.53
N GLU A 17 -18.02 -0.25 -8.49
CA GLU A 17 -18.72 0.65 -7.60
C GLU A 17 -18.74 -0.05 -6.24
N ARG A 18 -18.48 0.70 -5.16
CA ARG A 18 -18.47 0.18 -3.79
C ARG A 18 -19.77 0.66 -3.15
N ASN A 19 -20.54 -0.26 -2.56
CA ASN A 19 -21.82 0.06 -1.94
C ASN A 19 -21.60 0.92 -0.69
N ARG A 20 -20.64 0.54 0.16
CA ARG A 20 -20.33 1.28 1.38
C ARG A 20 -19.58 2.55 1.01
N PRO A 21 -19.70 3.62 1.82
CA PRO A 21 -19.01 4.88 1.58
C PRO A 21 -17.51 4.62 1.71
N LEU A 22 -16.80 4.65 0.58
CA LEU A 22 -15.37 4.43 0.45
C LEU A 22 -14.85 5.34 -0.67
N SER A 23 -15.06 6.64 -0.52
CA SER A 23 -14.61 7.63 -1.51
C SER A 23 -13.07 7.66 -1.52
N ASP A 24 -12.47 8.32 -2.52
CA ASP A 24 -11.02 8.39 -2.64
C ASP A 24 -10.35 9.00 -1.42
N GLU A 25 -11.00 9.96 -0.76
CA GLU A 25 -10.46 10.61 0.42
C GLU A 25 -10.49 9.73 1.68
N GLU A 26 -11.40 8.75 1.78
CA GLU A 26 -11.51 7.89 2.96
C GLU A 26 -10.22 7.10 3.18
N LEU A 27 -9.53 6.85 2.07
CA LEU A 27 -8.28 6.12 1.99
C LEU A 27 -7.22 6.72 2.92
N ASP A 28 -7.20 8.04 3.03
CA ASP A 28 -6.27 8.81 3.85
C ASP A 28 -6.57 8.65 5.33
N ALA A 29 -7.84 8.74 5.74
CA ALA A 29 -8.23 8.60 7.13
C ALA A 29 -8.08 7.14 7.59
N MET A 30 -8.09 6.19 6.66
CA MET A 30 -7.92 4.78 6.99
C MET A 30 -6.47 4.53 7.42
N PHE A 31 -5.47 5.16 6.80
CA PHE A 31 -4.06 4.98 7.14
C PHE A 31 -3.70 5.63 8.48
N PRO A 32 -2.65 5.16 9.17
CA PRO A 32 -2.20 5.73 10.44
C PRO A 32 -1.53 7.09 10.24
N GLU A 33 -1.31 7.81 11.34
CA GLU A 33 -0.70 9.13 11.38
C GLU A 33 0.83 9.05 11.29
N GLY A 34 1.48 10.10 10.77
CA GLY A 34 2.94 10.18 10.63
C GLY A 34 3.49 9.61 9.32
N TYR A 35 2.72 9.62 8.22
CA TYR A 35 3.13 9.09 6.92
C TYR A 35 3.01 10.12 5.81
N LYS A 36 3.76 9.89 4.72
CA LYS A 36 3.83 10.75 3.55
C LYS A 36 3.55 9.89 2.32
N VAL A 37 2.70 10.36 1.43
CA VAL A 37 2.36 9.64 0.21
C VAL A 37 3.62 9.66 -0.69
N LEU A 38 3.80 8.64 -1.53
CA LEU A 38 4.94 8.56 -2.44
C LEU A 38 4.42 8.37 -3.86
N PRO A 39 3.94 9.43 -4.54
CA PRO A 39 3.45 9.35 -5.91
C PRO A 39 4.53 8.80 -6.86
N PRO A 40 4.16 8.33 -8.06
CA PRO A 40 5.13 7.79 -9.03
C PRO A 40 6.05 8.90 -9.54
N PRO A 41 7.23 8.53 -10.08
CA PRO A 41 8.19 9.48 -10.61
C PRO A 41 7.66 10.22 -11.85
N ALA A 42 8.40 11.24 -12.26
CA ALA A 42 8.10 12.10 -13.39
C ALA A 42 8.16 11.37 -14.73
N GLY A 43 7.02 10.86 -15.20
CA GLY A 43 6.91 10.16 -16.49
C GLY A 43 7.06 8.65 -16.42
N TYR A 44 6.60 7.98 -15.36
CA TYR A 44 6.75 6.52 -15.29
C TYR A 44 5.93 5.78 -16.34
N VAL A 45 6.58 4.86 -17.04
CA VAL A 45 6.01 3.99 -18.08
C VAL A 45 6.68 2.62 -17.84
N PRO A 46 6.07 1.71 -17.07
CA PRO A 46 6.65 0.40 -16.80
C PRO A 46 6.59 -0.58 -17.98
N ILE A 47 5.81 -0.30 -19.02
CA ILE A 47 5.68 -1.17 -20.19
C ILE A 47 6.85 -0.87 -21.11
N GLY B 1 -1.50 -31.53 13.49
CA GLY B 1 -1.45 -31.83 12.05
C GLY B 1 -1.72 -30.58 11.24
N ARG B 2 -1.55 -30.62 9.91
CA ARG B 2 -1.79 -29.48 9.03
C ARG B 2 -2.41 -29.97 7.74
N ALA B 3 -3.02 -29.07 6.97
CA ALA B 3 -3.66 -29.37 5.71
C ALA B 3 -3.14 -28.42 4.62
N ASN B 4 -3.40 -28.77 3.35
CA ASN B 4 -2.97 -27.96 2.21
C ASN B 4 -4.01 -26.87 1.98
N ILE B 5 -3.81 -25.71 2.61
CA ILE B 5 -4.69 -24.56 2.47
C ILE B 5 -4.36 -23.98 1.10
N ARG B 6 -5.33 -23.99 0.18
CA ARG B 6 -5.11 -23.47 -1.17
C ARG B 6 -4.93 -21.97 -1.16
N LEU B 7 -5.93 -21.21 -0.72
CA LEU B 7 -5.89 -19.76 -0.68
C LEU B 7 -6.07 -19.27 0.76
N PRO B 8 -5.56 -18.07 1.10
CA PRO B 8 -5.71 -17.49 2.44
C PRO B 8 -7.19 -17.24 2.77
N PRO B 9 -7.54 -17.05 4.05
CA PRO B 9 -8.90 -16.82 4.50
C PRO B 9 -9.47 -15.52 3.97
N GLU B 10 -8.69 -14.45 4.01
CA GLU B 10 -9.07 -13.13 3.55
C GLU B 10 -7.78 -12.40 3.19
N VAL B 11 -7.89 -11.41 2.32
CA VAL B 11 -6.74 -10.63 1.88
C VAL B 11 -7.24 -9.22 1.59
N ASN B 12 -6.99 -8.28 2.51
CA ASN B 12 -7.38 -6.90 2.28
C ASN B 12 -6.52 -6.39 1.12
N ARG B 13 -7.04 -5.47 0.31
CA ARG B 13 -6.29 -4.89 -0.79
C ARG B 13 -5.02 -4.24 -0.23
N ILE B 14 -5.16 -3.57 0.89
CA ILE B 14 -4.11 -2.84 1.59
C ILE B 14 -3.06 -3.79 2.17
N LEU B 15 -1.82 -3.69 1.67
CA LEU B 15 -0.70 -4.50 2.12
C LEU B 15 0.19 -3.62 3.01
N TYR B 16 0.86 -4.22 3.97
CA TYR B 16 1.79 -3.58 4.91
C TYR B 16 3.08 -4.35 4.74
N ILE B 17 4.20 -3.63 4.70
CA ILE B 17 5.52 -4.20 4.53
C ILE B 17 6.36 -3.71 5.70
N ARG B 18 7.36 -4.50 6.09
CA ARG B 18 8.29 -4.26 7.20
C ARG B 18 9.69 -4.63 6.73
N ASN B 19 10.71 -4.18 7.47
CA ASN B 19 12.13 -4.39 7.22
C ASN B 19 12.62 -3.64 5.97
N LEU B 20 11.81 -2.70 5.47
CA LEU B 20 12.11 -1.89 4.28
C LEU B 20 13.29 -0.94 4.49
N PRO B 21 13.96 -0.54 3.40
CA PRO B 21 15.09 0.37 3.44
C PRO B 21 14.68 1.73 4.01
N TYR B 22 15.65 2.42 4.61
CA TYR B 22 15.46 3.75 5.19
C TYR B 22 15.63 4.83 4.13
N LYS B 23 16.30 4.51 3.03
CA LYS B 23 16.56 5.39 1.90
C LYS B 23 16.16 4.64 0.64
N ILE B 24 15.14 5.12 -0.07
CA ILE B 24 14.65 4.52 -1.30
C ILE B 24 14.06 5.64 -2.17
N THR B 25 13.97 5.42 -3.49
CA THR B 25 13.44 6.36 -4.46
C THR B 25 12.02 5.96 -4.86
N ALA B 26 11.30 6.89 -5.49
CA ALA B 26 9.95 6.58 -5.98
C ALA B 26 10.13 5.52 -7.08
N GLU B 27 11.21 5.64 -7.85
CA GLU B 27 11.62 4.78 -8.95
C GLU B 27 11.84 3.35 -8.47
N GLU B 28 12.37 3.15 -7.27
CA GLU B 28 12.61 1.81 -6.72
C GLU B 28 11.30 1.24 -6.19
N MET B 29 10.55 2.01 -5.41
CA MET B 29 9.28 1.51 -4.87
C MET B 29 8.33 1.12 -6.00
N TYR B 30 8.25 1.91 -7.06
CA TYR B 30 7.37 1.60 -8.18
C TYR B 30 7.94 0.46 -9.02
N ASP B 31 9.27 0.36 -9.16
CA ASP B 31 9.87 -0.71 -9.95
C ASP B 31 9.67 -2.07 -9.31
N ILE B 32 10.14 -2.25 -8.07
CA ILE B 32 10.06 -3.50 -7.31
C ILE B 32 8.63 -4.03 -7.29
N PHE B 33 7.70 -3.27 -6.70
CA PHE B 33 6.31 -3.69 -6.61
C PHE B 33 5.67 -3.80 -7.99
N GLY B 34 6.20 -3.10 -9.00
CA GLY B 34 5.73 -3.08 -10.37
C GLY B 34 6.04 -4.40 -11.07
N LYS B 35 7.11 -5.11 -10.69
CA LYS B 35 7.46 -6.40 -11.30
C LYS B 35 6.34 -7.41 -11.08
N TYR B 36 5.52 -7.22 -10.04
CA TYR B 36 4.41 -8.10 -9.72
C TYR B 36 3.14 -7.64 -10.46
N GLY B 37 2.80 -6.35 -10.44
CA GLY B 37 1.60 -5.88 -11.10
C GLY B 37 1.32 -4.39 -10.96
N PRO B 38 0.13 -3.94 -11.41
CA PRO B 38 -0.33 -2.55 -11.42
C PRO B 38 -0.47 -1.96 -10.01
N ILE B 39 0.34 -0.93 -9.75
CA ILE B 39 0.38 -0.22 -8.49
C ILE B 39 -0.71 0.84 -8.45
N ARG B 40 -1.56 0.81 -7.43
CA ARG B 40 -2.63 1.80 -7.27
C ARG B 40 -2.04 3.01 -6.56
N GLN B 41 -1.52 2.85 -5.34
CA GLN B 41 -0.91 3.95 -4.57
C GLN B 41 0.08 3.37 -3.55
N ILE B 42 1.13 4.14 -3.23
CA ILE B 42 2.20 3.82 -2.29
C ILE B 42 2.37 5.00 -1.33
N ARG B 43 2.67 4.71 -0.06
CA ARG B 43 2.90 5.68 1.02
C ARG B 43 4.04 5.13 1.85
N VAL B 44 4.78 5.98 2.54
CA VAL B 44 5.91 5.60 3.37
C VAL B 44 5.91 6.43 4.65
N GLY B 45 6.69 6.03 5.65
CA GLY B 45 6.80 6.75 6.90
C GLY B 45 7.37 8.16 6.67
N ASN B 46 6.91 9.13 7.45
CA ASN B 46 7.35 10.52 7.39
C ASN B 46 8.26 10.77 8.58
N THR B 47 7.78 10.44 9.77
CA THR B 47 8.49 10.59 11.03
C THR B 47 9.65 9.58 11.09
N PRO B 48 10.70 9.82 11.89
CA PRO B 48 11.80 8.88 12.00
C PRO B 48 11.29 7.54 12.53
N GLU B 49 10.36 7.56 13.50
CA GLU B 49 9.77 6.37 14.10
C GLU B 49 8.90 5.56 13.13
N THR B 50 8.63 6.05 11.92
CA THR B 50 7.85 5.32 10.92
C THR B 50 8.78 4.71 9.87
N ARG B 51 10.09 4.97 9.94
CA ARG B 51 11.01 4.38 8.96
C ARG B 51 11.11 2.89 9.24
N GLY B 52 11.34 2.10 8.19
CA GLY B 52 11.47 0.66 8.27
C GLY B 52 10.19 -0.10 7.92
N THR B 53 9.05 0.58 7.73
CA THR B 53 7.77 -0.05 7.36
C THR B 53 7.10 0.87 6.34
N ALA B 54 6.10 0.37 5.60
CA ALA B 54 5.35 1.14 4.62
C ALA B 54 4.08 0.38 4.22
N TYR B 55 3.20 1.00 3.42
CA TYR B 55 1.96 0.38 2.94
C TYR B 55 1.88 0.48 1.43
N VAL B 56 1.32 -0.53 0.76
CA VAL B 56 1.19 -0.58 -0.70
C VAL B 56 -0.24 -1.02 -1.05
N VAL B 57 -0.81 -0.42 -2.09
CA VAL B 57 -2.15 -0.70 -2.59
C VAL B 57 -2.02 -0.98 -4.10
N TYR B 58 -2.58 -2.07 -4.62
CA TYR B 58 -2.57 -2.47 -6.03
C TYR B 58 -3.96 -2.17 -6.61
N GLU B 59 -4.11 -2.19 -7.94
CA GLU B 59 -5.40 -1.90 -8.58
C GLU B 59 -6.45 -2.97 -8.25
N ASP B 60 -6.32 -4.19 -8.77
CA ASP B 60 -7.30 -5.25 -8.49
C ASP B 60 -6.81 -6.16 -7.38
N ILE B 61 -7.75 -6.73 -6.63
CA ILE B 61 -7.45 -7.65 -5.52
C ILE B 61 -6.71 -8.90 -6.01
N PHE B 62 -6.99 -9.38 -7.21
CA PHE B 62 -6.34 -10.57 -7.76
C PHE B 62 -4.88 -10.25 -8.05
N ASP B 63 -4.62 -9.11 -8.72
CA ASP B 63 -3.28 -8.65 -9.05
C ASP B 63 -2.50 -8.51 -7.74
N ALA B 64 -3.13 -7.88 -6.74
CA ALA B 64 -2.57 -7.65 -5.42
C ALA B 64 -2.15 -8.96 -4.76
N LYS B 65 -3.09 -9.91 -4.65
CA LYS B 65 -2.87 -11.21 -4.03
C LYS B 65 -1.66 -11.95 -4.58
N ASN B 66 -1.38 -11.84 -5.88
CA ASN B 66 -0.22 -12.54 -6.44
C ASN B 66 1.07 -11.92 -5.94
N ALA B 67 1.12 -10.59 -5.74
CA ALA B 67 2.32 -9.94 -5.24
C ALA B 67 2.56 -10.31 -3.77
N CYS B 68 1.50 -10.55 -2.99
CA CYS B 68 1.60 -10.92 -1.60
C CYS B 68 2.49 -12.16 -1.43
N ASP B 69 2.31 -13.14 -2.32
CA ASP B 69 3.08 -14.38 -2.31
C ASP B 69 4.42 -14.22 -3.03
N HIS B 70 4.46 -13.43 -4.11
CA HIS B 70 5.70 -13.25 -4.86
C HIS B 70 6.74 -12.43 -4.09
N LEU B 71 6.35 -11.71 -3.02
CA LEU B 71 7.25 -10.91 -2.20
C LEU B 71 7.56 -11.59 -0.85
N SER B 72 6.79 -12.59 -0.41
CA SER B 72 7.04 -13.24 0.87
C SER B 72 8.30 -14.13 0.76
N GLY B 73 9.18 -14.05 1.76
CA GLY B 73 10.42 -14.80 1.83
C GLY B 73 11.51 -14.25 0.90
N PHE B 74 11.30 -13.06 0.30
CA PHE B 74 12.24 -12.40 -0.60
C PHE B 74 13.44 -11.87 0.17
N ASN B 75 14.63 -12.33 -0.18
CA ASN B 75 15.91 -11.96 0.40
C ASN B 75 16.42 -10.74 -0.37
N VAL B 76 16.63 -9.61 0.31
CA VAL B 76 17.12 -8.38 -0.32
C VAL B 76 18.15 -7.75 0.60
N CYS B 77 19.28 -7.29 0.05
CA CYS B 77 20.37 -6.64 0.76
C CYS B 77 20.77 -7.43 2.03
N ASN B 78 20.94 -8.75 1.90
CA ASN B 78 21.30 -9.67 3.00
C ASN B 78 20.35 -9.58 4.20
N ARG B 79 19.08 -9.25 3.94
CA ARG B 79 17.97 -9.11 4.89
C ARG B 79 16.77 -9.80 4.25
N TYR B 80 15.63 -9.81 4.92
CA TYR B 80 14.38 -10.39 4.46
C TYR B 80 13.28 -9.44 4.87
N LEU B 81 12.37 -9.14 3.94
CA LEU B 81 11.24 -8.25 4.20
C LEU B 81 10.15 -9.06 4.92
N VAL B 82 9.08 -8.41 5.37
CA VAL B 82 7.96 -9.09 6.01
C VAL B 82 6.72 -8.44 5.37
N VAL B 83 5.68 -9.22 5.05
CA VAL B 83 4.45 -8.75 4.43
C VAL B 83 3.25 -9.19 5.29
N LEU B 84 2.22 -8.35 5.41
CA LEU B 84 1.02 -8.65 6.18
C LEU B 84 -0.17 -7.86 5.61
N TYR B 85 -1.38 -8.42 5.74
CA TYR B 85 -2.64 -7.83 5.26
C TYR B 85 -3.21 -6.87 6.31
N TYR B 86 -4.14 -6.02 5.91
CA TYR B 86 -4.77 -5.06 6.82
C TYR B 86 -5.83 -5.77 7.68
N ASN B 87 -6.31 -5.11 8.74
CA ASN B 87 -7.31 -5.63 9.66
C ASN B 87 -8.48 -4.69 9.57
N GLY A 1 4.27 56.77 -10.37
CA GLY A 1 4.04 55.43 -9.77
C GLY A 1 2.93 55.53 -8.76
N THR A 2 2.25 54.42 -8.49
CA THR A 2 1.15 54.31 -7.54
C THR A 2 1.33 52.89 -7.01
N PRO A 3 1.52 52.68 -5.70
CA PRO A 3 1.69 51.34 -5.15
C PRO A 3 0.36 50.59 -5.12
N GLU A 4 0.45 49.29 -4.90
CA GLU A 4 -0.62 48.32 -4.83
C GLU A 4 -0.39 47.42 -3.60
N GLN A 5 -1.38 46.58 -3.26
CA GLN A 5 -1.33 45.65 -2.14
C GLN A 5 -2.19 44.45 -2.53
N LEU A 6 -1.83 43.25 -2.07
CA LEU A 6 -2.55 42.01 -2.36
C LEU A 6 -2.60 41.18 -1.07
N GLN A 7 -3.77 41.09 -0.44
CA GLN A 7 -3.92 40.31 0.78
C GLN A 7 -3.98 38.82 0.40
N ALA A 8 -3.49 37.93 1.27
CA ALA A 8 -3.49 36.49 1.04
C ALA A 8 -3.63 35.79 2.39
N TRP A 9 -4.75 35.11 2.61
CA TRP A 9 -5.00 34.38 3.84
C TRP A 9 -4.05 33.19 3.89
N ARG A 10 -3.23 33.09 4.94
CA ARG A 10 -2.26 32.01 5.12
C ARG A 10 -2.97 30.67 5.22
N TRP A 11 -3.91 30.52 6.15
CA TRP A 11 -4.67 29.29 6.37
C TRP A 11 -6.00 29.70 7.04
N GLU A 12 -7.00 28.82 7.00
CA GLU A 12 -8.33 28.96 7.55
C GLU A 12 -8.59 27.75 8.46
N ARG A 13 -9.86 27.43 8.73
CA ARG A 13 -10.37 26.32 9.52
C ARG A 13 -11.65 25.96 8.75
N GLU A 14 -11.81 24.73 8.27
CA GLU A 14 -12.97 24.30 7.50
C GLU A 14 -13.58 23.04 8.12
N ILE A 15 -14.79 22.65 7.69
CA ILE A 15 -15.49 21.48 8.22
C ILE A 15 -16.04 20.67 7.04
N ASP A 16 -16.00 19.34 7.17
CA ASP A 16 -16.49 18.34 6.23
C ASP A 16 -16.99 17.19 7.11
N GLU A 17 -18.21 17.32 7.61
CA GLU A 17 -18.88 16.36 8.50
C GLU A 17 -20.25 16.02 7.90
N ARG A 18 -20.26 15.31 6.78
CA ARG A 18 -21.41 14.87 5.99
C ARG A 18 -20.94 13.84 4.97
N ASN A 19 -21.87 13.22 4.24
CA ASN A 19 -21.48 12.24 3.23
C ASN A 19 -20.69 12.92 2.12
N ARG A 20 -19.40 12.63 2.09
CA ARG A 20 -18.43 13.13 1.13
C ARG A 20 -18.41 12.17 -0.05
N PRO A 21 -18.26 12.66 -1.29
CA PRO A 21 -18.21 11.79 -2.45
C PRO A 21 -16.86 11.06 -2.44
N LEU A 22 -16.85 9.78 -2.81
CA LEU A 22 -15.63 8.98 -2.85
C LEU A 22 -14.64 9.53 -3.87
N SER A 23 -13.37 9.62 -3.48
CA SER A 23 -12.25 10.08 -4.28
C SER A 23 -10.98 9.51 -3.64
N ASP A 24 -9.78 9.94 -4.08
CA ASP A 24 -8.51 9.45 -3.52
C ASP A 24 -8.28 9.97 -2.09
N GLU A 25 -9.00 11.03 -1.71
CA GLU A 25 -8.94 11.64 -0.39
C GLU A 25 -9.40 10.62 0.64
N GLU A 26 -10.49 9.91 0.32
CA GLU A 26 -11.07 8.88 1.15
C GLU A 26 -10.11 7.71 1.35
N LEU A 27 -9.13 7.53 0.47
CA LEU A 27 -8.13 6.48 0.59
C LEU A 27 -7.05 6.98 1.55
N ASP A 28 -6.69 8.27 1.51
CA ASP A 28 -5.68 8.85 2.40
C ASP A 28 -6.16 8.83 3.85
N ALA A 29 -7.42 9.22 4.06
CA ALA A 29 -8.05 9.27 5.38
C ALA A 29 -8.07 7.92 6.11
N MET A 30 -7.99 6.81 5.37
CA MET A 30 -7.99 5.44 5.92
C MET A 30 -6.62 5.02 6.47
N PHE A 31 -5.57 5.83 6.29
CA PHE A 31 -4.22 5.50 6.75
C PHE A 31 -3.75 6.31 7.97
N PRO A 32 -2.74 5.79 8.70
CA PRO A 32 -2.16 6.43 9.87
C PRO A 32 -1.40 7.70 9.54
N GLU A 33 -1.26 8.52 10.56
CA GLU A 33 -0.59 9.80 10.52
C GLU A 33 0.93 9.57 10.48
N GLY A 34 1.68 10.45 9.81
CA GLY A 34 3.14 10.35 9.70
C GLY A 34 3.63 9.46 8.56
N TYR A 35 2.76 9.17 7.58
CA TYR A 35 3.07 8.33 6.43
C TYR A 35 2.73 9.19 5.21
N LYS A 36 3.77 9.72 4.57
CA LYS A 36 3.66 10.61 3.42
C LYS A 36 3.52 9.80 2.13
N VAL A 37 2.92 10.41 1.12
CA VAL A 37 2.66 9.80 -0.18
C VAL A 37 3.98 9.61 -0.92
N LEU A 38 4.06 8.51 -1.68
CA LEU A 38 5.23 8.14 -2.48
C LEU A 38 4.72 7.90 -3.91
N PRO A 39 4.50 8.95 -4.70
CA PRO A 39 4.04 8.80 -6.08
C PRO A 39 5.19 8.30 -6.97
N PRO A 40 4.90 7.78 -8.18
CA PRO A 40 5.93 7.29 -9.08
C PRO A 40 6.79 8.47 -9.57
N PRO A 41 7.99 8.21 -10.10
CA PRO A 41 8.84 9.29 -10.59
C PRO A 41 8.19 9.93 -11.80
N ALA A 42 8.39 11.24 -11.96
CA ALA A 42 7.84 11.99 -13.07
C ALA A 42 8.24 11.36 -14.40
N GLY A 43 9.52 10.99 -14.50
CA GLY A 43 10.13 10.38 -15.66
C GLY A 43 9.77 8.91 -15.93
N TYR A 44 8.78 8.32 -15.27
CA TYR A 44 8.43 6.93 -15.56
C TYR A 44 7.88 6.82 -16.99
N VAL A 45 7.89 5.61 -17.55
CA VAL A 45 7.40 5.31 -18.89
C VAL A 45 6.47 4.10 -18.78
N PRO A 46 5.21 4.31 -18.35
CA PRO A 46 4.25 3.23 -18.23
C PRO A 46 3.88 2.84 -19.66
N ILE A 47 4.24 1.61 -20.08
CA ILE A 47 4.03 1.02 -21.41
C ILE A 47 5.13 1.58 -22.29
N GLY B 1 -2.94 -33.20 11.08
CA GLY B 1 -2.03 -32.41 10.24
C GLY B 1 -1.79 -33.10 8.91
N ARG B 2 -1.58 -32.34 7.84
CA ARG B 2 -1.30 -32.77 6.48
C ARG B 2 -0.36 -31.70 5.95
N ALA B 3 0.77 -32.07 5.34
CA ALA B 3 1.74 -31.10 4.82
C ALA B 3 1.23 -30.57 3.46
N ASN B 4 0.15 -29.81 3.50
CA ASN B 4 -0.48 -29.20 2.32
C ASN B 4 -0.47 -27.69 2.47
N ILE B 5 -0.73 -26.98 1.37
CA ILE B 5 -0.78 -25.53 1.27
C ILE B 5 -2.21 -25.20 0.82
N ARG B 6 -2.83 -24.18 1.40
CA ARG B 6 -4.18 -23.73 1.08
C ARG B 6 -4.25 -22.21 1.27
N LEU B 7 -5.27 -21.56 0.73
CA LEU B 7 -5.45 -20.11 0.85
C LEU B 7 -5.91 -19.79 2.29
N PRO B 8 -5.74 -18.54 2.77
CA PRO B 8 -6.15 -18.12 4.11
C PRO B 8 -7.68 -17.99 4.22
N PRO B 9 -8.24 -17.78 5.42
CA PRO B 9 -9.69 -17.66 5.62
C PRO B 9 -10.29 -16.47 4.87
N GLU B 10 -9.55 -15.37 4.71
CA GLU B 10 -9.96 -14.16 4.01
C GLU B 10 -8.71 -13.43 3.52
N VAL B 11 -8.91 -12.45 2.65
CA VAL B 11 -7.87 -11.62 2.06
C VAL B 11 -8.40 -10.17 1.97
N ASN B 12 -7.53 -9.19 1.74
CA ASN B 12 -7.86 -7.76 1.61
C ASN B 12 -7.13 -7.19 0.38
N ARG B 13 -7.23 -5.88 0.09
CA ARG B 13 -6.58 -5.28 -1.08
C ARG B 13 -5.31 -4.53 -0.69
N ILE B 14 -5.37 -3.75 0.39
CA ILE B 14 -4.23 -2.98 0.87
C ILE B 14 -3.25 -3.96 1.52
N LEU B 15 -1.95 -3.69 1.36
CA LEU B 15 -0.85 -4.49 1.90
C LEU B 15 0.03 -3.58 2.74
N TYR B 16 0.78 -4.18 3.66
CA TYR B 16 1.71 -3.56 4.60
C TYR B 16 3.06 -4.23 4.39
N ILE B 17 4.13 -3.44 4.30
CA ILE B 17 5.50 -3.91 4.07
C ILE B 17 6.37 -3.46 5.25
N ARG B 18 7.37 -4.27 5.62
CA ARG B 18 8.28 -4.02 6.74
C ARG B 18 9.72 -4.32 6.32
N ASN B 19 10.69 -3.82 7.09
CA ASN B 19 12.14 -3.96 6.88
C ASN B 19 12.65 -3.28 5.61
N LEU B 20 11.87 -2.39 4.98
CA LEU B 20 12.32 -1.70 3.76
C LEU B 20 13.51 -0.78 4.10
N PRO B 21 14.39 -0.49 3.14
CA PRO B 21 15.54 0.37 3.37
C PRO B 21 15.11 1.80 3.65
N TYR B 22 15.77 2.46 4.60
CA TYR B 22 15.49 3.83 5.02
C TYR B 22 15.66 4.86 3.92
N LYS B 23 16.58 4.62 2.98
CA LYS B 23 16.87 5.50 1.86
C LYS B 23 16.85 4.65 0.60
N ILE B 24 15.93 4.96 -0.30
CA ILE B 24 15.69 4.33 -1.58
C ILE B 24 14.79 5.32 -2.33
N THR B 25 14.99 5.52 -3.63
CA THR B 25 14.17 6.43 -4.42
C THR B 25 12.80 5.82 -4.69
N ALA B 26 11.88 6.58 -5.31
CA ALA B 26 10.58 6.04 -5.65
C ALA B 26 10.79 5.03 -6.77
N GLU B 27 11.71 5.34 -7.69
CA GLU B 27 12.10 4.58 -8.87
C GLU B 27 12.36 3.11 -8.57
N GLU B 28 13.23 2.81 -7.60
CA GLU B 28 13.52 1.41 -7.28
C GLU B 28 12.26 0.72 -6.78
N MET B 29 11.56 1.33 -5.83
CA MET B 29 10.34 0.76 -5.27
C MET B 29 9.32 0.47 -6.37
N TYR B 30 9.04 1.45 -7.24
CA TYR B 30 8.09 1.29 -8.33
C TYR B 30 8.53 0.18 -9.26
N ASP B 31 9.81 0.10 -9.62
CA ASP B 31 10.33 -0.96 -10.49
C ASP B 31 9.99 -2.30 -9.84
N ILE B 32 10.47 -2.51 -8.61
CA ILE B 32 10.31 -3.70 -7.80
C ILE B 32 8.86 -4.20 -7.77
N PHE B 33 7.94 -3.45 -7.16
CA PHE B 33 6.54 -3.85 -7.04
C PHE B 33 5.79 -3.86 -8.38
N GLY B 34 6.23 -3.05 -9.34
CA GLY B 34 5.63 -2.92 -10.65
C GLY B 34 5.73 -4.19 -11.47
N LYS B 35 6.66 -5.11 -11.16
CA LYS B 35 6.77 -6.36 -11.92
C LYS B 35 5.49 -7.18 -11.80
N TYR B 36 4.73 -7.00 -10.71
CA TYR B 36 3.49 -7.73 -10.50
C TYR B 36 2.28 -7.06 -11.15
N GLY B 37 2.42 -5.82 -11.65
CA GLY B 37 1.33 -5.10 -12.29
C GLY B 37 1.27 -3.66 -11.80
N PRO B 38 0.20 -2.93 -12.17
CA PRO B 38 -0.01 -1.54 -11.80
C PRO B 38 -0.29 -1.40 -10.30
N ILE B 39 0.04 -0.25 -9.75
CA ILE B 39 -0.14 0.06 -8.33
C ILE B 39 -1.11 1.23 -8.20
N ARG B 40 -2.03 1.14 -7.24
CA ARG B 40 -3.04 2.15 -6.96
C ARG B 40 -2.46 3.32 -6.18
N GLN B 41 -1.76 3.08 -5.08
CA GLN B 41 -1.16 4.13 -4.24
C GLN B 41 -0.08 3.52 -3.35
N ILE B 42 0.86 4.34 -2.88
CA ILE B 42 1.96 3.93 -2.00
C ILE B 42 2.27 5.09 -1.05
N ARG B 43 2.59 4.77 0.21
CA ARG B 43 2.94 5.73 1.25
C ARG B 43 3.99 5.07 2.13
N VAL B 44 4.88 5.86 2.73
CA VAL B 44 5.96 5.34 3.59
C VAL B 44 6.03 6.16 4.87
N GLY B 45 6.41 5.53 5.98
CA GLY B 45 6.54 6.18 7.27
C GLY B 45 7.70 7.16 7.19
N ASN B 46 7.53 8.38 7.71
CA ASN B 46 8.56 9.42 7.69
C ASN B 46 8.93 9.94 9.07
N THR B 47 8.06 9.79 10.07
CA THR B 47 8.38 10.19 11.43
C THR B 47 9.45 9.18 11.90
N PRO B 48 10.24 9.49 12.93
CA PRO B 48 11.28 8.58 13.39
C PRO B 48 10.72 7.22 13.75
N GLU B 49 9.61 7.21 14.49
CA GLU B 49 8.94 6.01 14.94
C GLU B 49 8.22 5.22 13.82
N THR B 50 8.17 5.71 12.57
CA THR B 50 7.51 5.01 11.45
C THR B 50 8.49 4.61 10.34
N ARG B 51 9.67 5.22 10.29
CA ARG B 51 10.69 4.93 9.29
C ARG B 51 10.96 3.43 9.24
N GLY B 52 10.86 2.86 8.04
CA GLY B 52 11.07 1.43 7.80
C GLY B 52 9.76 0.67 7.62
N THR B 53 8.60 1.33 7.59
CA THR B 53 7.31 0.68 7.39
C THR B 53 6.61 1.43 6.26
N ALA B 54 5.82 0.73 5.45
CA ALA B 54 5.12 1.31 4.33
C ALA B 54 3.90 0.49 3.95
N TYR B 55 3.12 1.00 3.00
CA TYR B 55 1.91 0.37 2.49
C TYR B 55 1.93 0.39 0.97
N VAL B 56 1.22 -0.54 0.36
CA VAL B 56 1.07 -0.69 -1.09
C VAL B 56 -0.41 -1.02 -1.29
N VAL B 57 -1.02 -0.45 -2.32
CA VAL B 57 -2.42 -0.65 -2.67
C VAL B 57 -2.43 -1.07 -4.12
N TYR B 58 -3.00 -2.23 -4.46
CA TYR B 58 -3.10 -2.70 -5.83
C TYR B 58 -4.50 -2.35 -6.32
N GLU B 59 -4.73 -2.43 -7.64
CA GLU B 59 -6.02 -2.09 -8.21
C GLU B 59 -7.04 -3.16 -7.84
N ASP B 60 -6.72 -4.45 -8.00
CA ASP B 60 -7.63 -5.56 -7.67
C ASP B 60 -6.99 -6.50 -6.67
N ILE B 61 -7.81 -7.21 -5.90
CA ILE B 61 -7.38 -8.15 -4.87
C ILE B 61 -6.48 -9.26 -5.38
N PHE B 62 -6.75 -9.77 -6.58
CA PHE B 62 -5.98 -10.86 -7.17
C PHE B 62 -4.52 -10.50 -7.30
N ASP B 63 -4.20 -9.32 -7.83
CA ASP B 63 -2.82 -8.86 -7.99
C ASP B 63 -2.20 -8.67 -6.62
N ALA B 64 -2.95 -8.11 -5.66
CA ALA B 64 -2.45 -7.89 -4.31
C ALA B 64 -1.97 -9.21 -3.70
N LYS B 65 -2.83 -10.24 -3.67
CA LYS B 65 -2.43 -11.52 -3.10
C LYS B 65 -1.40 -12.24 -3.98
N ASN B 66 -1.42 -12.02 -5.30
CA ASN B 66 -0.46 -12.63 -6.24
C ASN B 66 0.94 -12.18 -5.84
N ALA B 67 1.11 -10.86 -5.74
CA ALA B 67 2.35 -10.23 -5.36
C ALA B 67 2.74 -10.60 -3.93
N CYS B 68 1.76 -10.58 -3.01
CA CYS B 68 1.94 -10.87 -1.60
C CYS B 68 2.77 -12.13 -1.35
N ASP B 69 2.24 -13.31 -1.67
CA ASP B 69 2.99 -14.55 -1.40
C ASP B 69 4.23 -14.72 -2.27
N HIS B 70 4.26 -14.14 -3.47
CA HIS B 70 5.45 -14.26 -4.31
C HIS B 70 6.60 -13.45 -3.70
N LEU B 71 6.28 -12.33 -3.05
CA LEU B 71 7.24 -11.42 -2.44
C LEU B 71 7.53 -11.77 -0.98
N SER B 72 6.62 -12.44 -0.28
CA SER B 72 6.74 -12.83 1.11
C SER B 72 8.00 -13.67 1.33
N GLY B 73 8.98 -13.13 2.04
CA GLY B 73 10.25 -13.75 2.38
C GLY B 73 11.39 -13.41 1.42
N PHE B 74 11.23 -12.45 0.50
CA PHE B 74 12.27 -12.06 -0.46
C PHE B 74 13.49 -11.52 0.29
N ASN B 75 14.68 -12.02 -0.06
CA ASN B 75 15.99 -11.69 0.49
C ASN B 75 16.63 -10.53 -0.29
N VAL B 76 16.58 -9.31 0.24
CA VAL B 76 17.12 -8.11 -0.40
C VAL B 76 18.10 -7.41 0.54
N CYS B 77 19.27 -7.02 0.01
CA CYS B 77 20.35 -6.35 0.73
C CYS B 77 20.60 -6.98 2.11
N ASN B 78 20.72 -8.30 2.12
CA ASN B 78 20.97 -9.17 3.27
C ASN B 78 19.89 -9.06 4.35
N ARG B 79 18.64 -8.81 3.97
CA ARG B 79 17.51 -8.69 4.87
C ARG B 79 16.32 -9.37 4.24
N TYR B 80 15.37 -9.75 5.08
CA TYR B 80 14.17 -10.41 4.64
C TYR B 80 13.01 -9.51 5.01
N LEU B 81 12.29 -9.05 3.98
CA LEU B 81 11.13 -8.19 4.20
C LEU B 81 10.00 -9.07 4.76
N VAL B 82 8.90 -8.43 5.12
CA VAL B 82 7.70 -9.06 5.63
C VAL B 82 6.57 -8.38 4.86
N VAL B 83 5.59 -9.16 4.40
CA VAL B 83 4.44 -8.72 3.65
C VAL B 83 3.22 -9.26 4.39
N LEU B 84 2.32 -8.37 4.82
CA LEU B 84 1.11 -8.74 5.54
C LEU B 84 -0.06 -7.95 4.98
N TYR B 85 -1.26 -8.49 5.09
CA TYR B 85 -2.48 -7.86 4.64
C TYR B 85 -2.85 -6.73 5.61
N TYR B 86 -3.73 -5.81 5.19
CA TYR B 86 -4.24 -4.72 6.02
C TYR B 86 -5.66 -5.12 6.42
N ASN B 87 -6.16 -4.61 7.55
CA ASN B 87 -7.51 -4.93 8.07
C ASN B 87 -8.42 -3.71 7.98
N GLY A 1 -18.83 40.70 -39.88
CA GLY A 1 -17.37 40.53 -39.80
C GLY A 1 -17.01 40.66 -38.33
N THR A 2 -15.83 41.24 -38.03
CA THR A 2 -15.29 41.50 -36.69
C THR A 2 -15.85 40.58 -35.59
N PRO A 3 -15.34 39.35 -35.45
CA PRO A 3 -15.81 38.43 -34.42
C PRO A 3 -15.33 38.92 -33.05
N GLU A 4 -15.88 38.32 -32.00
CA GLU A 4 -15.58 38.60 -30.60
C GLU A 4 -15.32 37.26 -29.91
N GLN A 5 -14.60 37.27 -28.79
CA GLN A 5 -14.27 36.09 -28.02
C GLN A 5 -14.47 36.44 -26.55
N LEU A 6 -15.70 36.28 -26.08
CA LEU A 6 -16.06 36.55 -24.69
C LEU A 6 -15.35 35.52 -23.80
N GLN A 7 -15.23 35.82 -22.51
CA GLN A 7 -14.58 34.94 -21.54
C GLN A 7 -15.40 34.89 -20.26
N ALA A 8 -15.06 33.94 -19.37
CA ALA A 8 -15.67 33.72 -18.09
C ALA A 8 -14.64 33.04 -17.20
N TRP A 9 -14.96 32.89 -15.91
CA TRP A 9 -14.10 32.27 -14.92
C TRP A 9 -14.88 31.12 -14.30
N ARG A 10 -14.28 29.93 -14.23
CA ARG A 10 -14.95 28.78 -13.65
C ARG A 10 -14.94 28.93 -12.13
N TRP A 11 -15.97 28.39 -11.47
CA TRP A 11 -16.13 28.40 -10.03
C TRP A 11 -17.01 27.22 -9.68
N GLU A 12 -16.95 26.78 -8.43
CA GLU A 12 -17.74 25.65 -7.93
C GLU A 12 -19.20 26.05 -7.67
N ARG A 13 -20.03 25.05 -7.38
CA ARG A 13 -21.45 25.15 -7.06
C ARG A 13 -21.81 23.95 -6.19
N GLU A 14 -23.03 23.96 -5.67
CA GLU A 14 -23.53 22.86 -4.87
C GLU A 14 -23.89 21.77 -5.90
N ILE A 15 -23.45 20.53 -5.68
CA ILE A 15 -23.70 19.41 -6.58
C ILE A 15 -23.79 18.13 -5.77
N ASP A 16 -24.41 17.08 -6.31
CA ASP A 16 -24.58 15.77 -5.68
C ASP A 16 -24.04 14.68 -6.61
N GLU A 17 -22.83 14.89 -7.14
CA GLU A 17 -22.15 13.96 -8.03
C GLU A 17 -22.02 12.59 -7.36
N ARG A 18 -22.63 11.56 -7.93
CA ARG A 18 -22.63 10.19 -7.42
C ARG A 18 -21.25 9.58 -7.71
N ASN A 19 -20.42 9.46 -6.68
CA ASN A 19 -19.06 8.92 -6.81
C ASN A 19 -18.92 7.57 -6.11
N ARG A 20 -17.72 6.96 -6.20
CA ARG A 20 -17.43 5.66 -5.62
C ARG A 20 -17.44 5.72 -4.09
N PRO A 21 -17.71 4.60 -3.40
CA PRO A 21 -17.74 4.57 -1.93
C PRO A 21 -16.33 4.48 -1.31
N LEU A 22 -15.32 4.18 -2.13
CA LEU A 22 -13.92 4.06 -1.78
C LEU A 22 -13.28 4.98 -2.81
N SER A 23 -12.66 6.07 -2.34
CA SER A 23 -12.03 7.04 -3.19
C SER A 23 -10.67 7.44 -2.62
N ASP A 24 -10.04 8.41 -3.26
CA ASP A 24 -8.76 8.99 -2.91
C ASP A 24 -8.89 9.67 -1.56
N GLU A 25 -10.02 10.33 -1.30
CA GLU A 25 -10.29 11.00 -0.04
C GLU A 25 -10.44 9.97 1.08
N GLU A 26 -10.93 8.77 0.77
CA GLU A 26 -11.09 7.71 1.76
C GLU A 26 -9.74 7.12 2.10
N LEU A 27 -8.85 6.97 1.12
CA LEU A 27 -7.51 6.43 1.36
C LEU A 27 -6.76 7.29 2.37
N ASP A 28 -7.02 8.60 2.40
CA ASP A 28 -6.38 9.51 3.33
C ASP A 28 -6.81 9.24 4.77
N ALA A 29 -8.09 8.88 4.97
CA ALA A 29 -8.66 8.57 6.28
C ALA A 29 -8.29 7.15 6.71
N MET A 30 -8.27 6.21 5.76
CA MET A 30 -7.93 4.82 5.98
C MET A 30 -6.47 4.64 6.40
N PHE A 31 -5.64 5.67 6.27
CA PHE A 31 -4.23 5.64 6.64
C PHE A 31 -4.03 6.30 8.01
N PRO A 32 -2.94 5.95 8.70
CA PRO A 32 -2.61 6.51 10.01
C PRO A 32 -1.79 7.78 9.81
N GLU A 33 -1.53 8.49 10.91
CA GLU A 33 -0.75 9.71 10.89
C GLU A 33 0.74 9.40 10.70
N GLY A 34 1.52 10.38 10.24
CA GLY A 34 2.95 10.25 10.04
C GLY A 34 3.38 9.63 8.71
N TYR A 35 2.54 9.64 7.67
CA TYR A 35 2.85 9.07 6.36
C TYR A 35 2.65 10.11 5.26
N LYS A 36 3.55 10.12 4.27
CA LYS A 36 3.58 11.03 3.12
C LYS A 36 3.54 10.20 1.83
N VAL A 37 2.99 10.75 0.75
CA VAL A 37 2.89 10.08 -0.54
C VAL A 37 4.26 10.04 -1.24
N LEU A 38 4.43 9.01 -2.06
CA LEU A 38 5.61 8.75 -2.89
C LEU A 38 5.01 8.57 -4.29
N PRO A 39 4.84 9.65 -5.06
CA PRO A 39 4.28 9.61 -6.40
C PRO A 39 5.20 8.81 -7.36
N PRO A 40 4.73 8.48 -8.57
CA PRO A 40 5.57 7.77 -9.53
C PRO A 40 6.71 8.70 -9.98
N PRO A 41 7.78 8.16 -10.59
CA PRO A 41 8.92 8.94 -11.07
C PRO A 41 8.51 10.17 -11.92
N ALA A 42 9.37 11.18 -11.91
CA ALA A 42 9.15 12.42 -12.62
C ALA A 42 8.94 12.21 -14.12
N GLY A 43 7.91 12.86 -14.66
CA GLY A 43 7.58 12.78 -16.08
C GLY A 43 7.39 11.34 -16.56
N TYR A 44 7.01 10.40 -15.68
CA TYR A 44 6.80 9.01 -16.02
C TYR A 44 5.60 8.94 -16.97
N VAL A 45 5.90 8.79 -18.26
CA VAL A 45 4.93 8.70 -19.35
C VAL A 45 5.44 7.55 -20.24
N PRO A 46 5.12 6.30 -19.88
CA PRO A 46 5.53 5.13 -20.64
C PRO A 46 4.66 5.00 -21.91
N ILE A 47 4.89 3.93 -22.67
CA ILE A 47 4.20 3.58 -23.90
C ILE A 47 4.18 2.05 -23.90
N GLY B 1 10.85 -22.85 9.46
CA GLY B 1 10.43 -23.19 8.10
C GLY B 1 8.92 -23.03 7.98
N ARG B 2 8.46 -22.08 7.15
CA ARG B 2 7.05 -21.80 6.93
C ARG B 2 6.90 -21.40 5.47
N ALA B 3 6.24 -22.21 4.64
CA ALA B 3 6.01 -21.98 3.23
C ALA B 3 4.78 -22.80 2.83
N ASN B 4 3.85 -22.23 2.04
CA ASN B 4 2.64 -22.89 1.58
C ASN B 4 2.18 -22.24 0.28
N ILE B 5 1.90 -23.06 -0.73
CA ILE B 5 1.46 -22.67 -2.08
C ILE B 5 0.06 -22.05 -2.10
N ARG B 6 -0.78 -22.40 -1.13
CA ARG B 6 -2.16 -21.90 -1.03
C ARG B 6 -2.20 -20.60 -0.26
N LEU B 7 -3.26 -19.82 -0.47
CA LEU B 7 -3.47 -18.53 0.20
C LEU B 7 -4.57 -18.72 1.24
N PRO B 8 -4.59 -17.87 2.29
CA PRO B 8 -5.60 -17.97 3.33
C PRO B 8 -6.99 -17.59 2.79
N PRO B 9 -8.06 -17.92 3.54
CA PRO B 9 -9.45 -17.64 3.17
C PRO B 9 -9.84 -16.15 3.26
N GLU B 10 -8.91 -15.27 3.60
CA GLU B 10 -9.11 -13.83 3.74
C GLU B 10 -7.80 -13.15 3.35
N VAL B 11 -7.83 -12.29 2.33
CA VAL B 11 -6.67 -11.54 1.85
C VAL B 11 -7.18 -10.17 1.39
N ASN B 12 -7.16 -9.20 2.30
CA ASN B 12 -7.58 -7.83 2.05
C ASN B 12 -6.70 -7.18 0.97
N ARG B 13 -7.24 -6.20 0.23
CA ARG B 13 -6.50 -5.51 -0.83
C ARG B 13 -5.23 -4.83 -0.33
N ILE B 14 -5.35 -3.86 0.58
CA ILE B 14 -4.20 -3.12 1.12
C ILE B 14 -3.26 -4.11 1.83
N LEU B 15 -1.96 -3.96 1.55
CA LEU B 15 -0.85 -4.76 2.08
C LEU B 15 0.08 -3.86 2.90
N TYR B 16 0.85 -4.45 3.80
CA TYR B 16 1.79 -3.79 4.71
C TYR B 16 3.16 -4.43 4.52
N ILE B 17 4.21 -3.61 4.45
CA ILE B 17 5.60 -4.00 4.25
C ILE B 17 6.42 -3.56 5.46
N ARG B 18 7.38 -4.39 5.85
CA ARG B 18 8.27 -4.16 6.98
C ARG B 18 9.69 -4.46 6.51
N ASN B 19 10.68 -3.98 7.27
CA ASN B 19 12.12 -4.09 7.06
C ASN B 19 12.56 -3.35 5.80
N LEU B 20 11.86 -2.26 5.45
CA LEU B 20 12.18 -1.46 4.27
C LEU B 20 13.48 -0.68 4.47
N PRO B 21 14.24 -0.44 3.40
CA PRO B 21 15.50 0.29 3.47
C PRO B 21 15.25 1.76 3.76
N TYR B 22 16.22 2.41 4.39
CA TYR B 22 16.14 3.83 4.76
C TYR B 22 16.54 4.75 3.61
N LYS B 23 17.11 4.19 2.54
CA LYS B 23 17.55 4.88 1.33
C LYS B 23 16.88 4.13 0.18
N ILE B 24 15.97 4.79 -0.52
CA ILE B 24 15.23 4.26 -1.66
C ILE B 24 14.63 5.47 -2.41
N THR B 25 14.12 5.27 -3.61
CA THR B 25 13.54 6.29 -4.48
C THR B 25 12.22 5.82 -5.09
N ALA B 26 11.54 6.71 -5.83
CA ALA B 26 10.30 6.39 -6.49
C ALA B 26 10.57 5.36 -7.59
N GLU B 27 11.73 5.45 -8.27
CA GLU B 27 12.08 4.53 -9.33
C GLU B 27 12.05 3.09 -8.80
N GLU B 28 12.73 2.84 -7.66
CA GLU B 28 12.81 1.54 -7.02
C GLU B 28 11.44 1.07 -6.55
N MET B 29 10.74 1.88 -5.74
CA MET B 29 9.43 1.52 -5.19
C MET B 29 8.39 1.19 -6.26
N TYR B 30 8.50 1.76 -7.47
CA TYR B 30 7.55 1.47 -8.54
C TYR B 30 8.05 0.34 -9.43
N ASP B 31 9.36 0.04 -9.45
CA ASP B 31 9.92 -1.03 -10.26
C ASP B 31 9.73 -2.39 -9.60
N ILE B 32 10.14 -2.47 -8.33
CA ILE B 32 10.09 -3.68 -7.50
C ILE B 32 8.69 -4.23 -7.44
N PHE B 33 7.72 -3.38 -7.09
CA PHE B 33 6.32 -3.75 -6.95
C PHE B 33 5.59 -3.82 -8.28
N GLY B 34 5.98 -3.02 -9.27
CA GLY B 34 5.37 -2.99 -10.59
C GLY B 34 5.52 -4.34 -11.28
N LYS B 35 6.62 -5.05 -11.00
CA LYS B 35 6.94 -6.36 -11.54
C LYS B 35 5.89 -7.43 -11.20
N TYR B 36 5.02 -7.15 -10.23
CA TYR B 36 3.97 -8.06 -9.79
C TYR B 36 2.55 -7.62 -10.22
N GLY B 37 2.36 -6.36 -10.61
CA GLY B 37 1.09 -5.80 -11.04
C GLY B 37 1.09 -4.26 -10.93
N PRO B 38 0.03 -3.59 -11.38
CA PRO B 38 -0.10 -2.14 -11.35
C PRO B 38 -0.23 -1.63 -9.92
N ILE B 39 0.34 -0.45 -9.67
CA ILE B 39 0.37 0.18 -8.37
C ILE B 39 -0.70 1.27 -8.27
N ARG B 40 -1.56 1.15 -7.24
CA ARG B 40 -2.62 2.10 -6.96
C ARG B 40 -2.01 3.25 -6.17
N GLN B 41 -1.37 3.00 -5.03
CA GLN B 41 -0.75 4.07 -4.24
C GLN B 41 0.37 3.55 -3.32
N ILE B 42 1.32 4.43 -3.02
CA ILE B 42 2.48 4.21 -2.17
C ILE B 42 2.61 5.42 -1.23
N ARG B 43 2.50 5.19 0.08
CA ARG B 43 2.63 6.20 1.14
C ARG B 43 3.67 5.64 2.10
N VAL B 44 4.75 6.40 2.27
CA VAL B 44 5.91 6.11 3.09
C VAL B 44 5.83 6.82 4.43
N GLY B 45 6.57 6.33 5.41
CA GLY B 45 6.64 6.90 6.75
C GLY B 45 7.44 8.20 6.70
N ASN B 46 7.10 9.18 7.53
CA ASN B 46 7.77 10.47 7.62
C ASN B 46 8.50 10.65 8.94
N THR B 47 7.83 10.30 10.05
CA THR B 47 8.34 10.40 11.41
C THR B 47 9.37 9.30 11.72
N PRO B 48 10.18 9.45 12.77
CA PRO B 48 11.18 8.45 13.18
C PRO B 48 10.54 7.23 13.86
N GLU B 49 9.20 7.10 13.84
CA GLU B 49 8.47 6.00 14.45
C GLU B 49 7.65 5.23 13.41
N THR B 50 7.74 5.63 12.14
CA THR B 50 7.09 5.02 10.98
C THR B 50 8.16 4.47 10.01
N ARG B 51 9.43 4.66 10.36
CA ARG B 51 10.61 4.26 9.62
C ARG B 51 10.72 2.74 9.47
N GLY B 52 11.24 2.27 8.34
CA GLY B 52 11.40 0.85 8.08
C GLY B 52 10.08 0.15 7.77
N THR B 53 8.97 0.87 7.65
CA THR B 53 7.65 0.34 7.37
C THR B 53 6.89 1.25 6.41
N ALA B 54 5.99 0.67 5.60
CA ALA B 54 5.13 1.36 4.64
C ALA B 54 4.01 0.41 4.20
N TYR B 55 3.02 0.93 3.47
CA TYR B 55 1.90 0.14 2.95
C TYR B 55 1.90 0.18 1.42
N VAL B 56 1.23 -0.76 0.75
CA VAL B 56 1.16 -0.84 -0.71
C VAL B 56 -0.29 -1.12 -1.07
N VAL B 57 -0.78 -0.47 -2.12
CA VAL B 57 -2.12 -0.64 -2.62
C VAL B 57 -1.98 -0.94 -4.10
N TYR B 58 -2.53 -2.07 -4.56
CA TYR B 58 -2.56 -2.52 -5.94
C TYR B 58 -3.96 -2.15 -6.46
N GLU B 59 -4.16 -2.18 -7.77
CA GLU B 59 -5.46 -1.83 -8.34
C GLU B 59 -6.50 -2.91 -8.09
N ASP B 60 -6.13 -4.20 -8.10
CA ASP B 60 -7.06 -5.31 -7.90
C ASP B 60 -6.66 -6.20 -6.73
N ILE B 61 -7.62 -7.00 -6.25
CA ILE B 61 -7.44 -7.94 -5.16
C ILE B 61 -6.50 -9.07 -5.61
N PHE B 62 -6.70 -9.58 -6.82
CA PHE B 62 -5.93 -10.65 -7.42
C PHE B 62 -4.47 -10.26 -7.60
N ASP B 63 -4.24 -9.03 -8.05
CA ASP B 63 -2.90 -8.49 -8.29
C ASP B 63 -2.16 -8.40 -6.96
N ALA B 64 -2.83 -7.90 -5.91
CA ALA B 64 -2.26 -7.80 -4.58
C ALA B 64 -1.90 -9.19 -4.06
N LYS B 65 -2.82 -10.14 -4.19
CA LYS B 65 -2.65 -11.52 -3.77
C LYS B 65 -1.47 -12.17 -4.47
N ASN B 66 -1.36 -12.05 -5.80
CA ASN B 66 -0.25 -12.68 -6.49
C ASN B 66 1.09 -12.04 -6.08
N ALA B 67 1.12 -10.71 -5.90
CA ALA B 67 2.32 -10.02 -5.48
C ALA B 67 2.72 -10.40 -4.05
N CYS B 68 1.77 -10.85 -3.22
CA CYS B 68 2.03 -11.24 -1.85
C CYS B 68 3.05 -12.36 -1.83
N ASP B 69 2.76 -13.55 -2.37
CA ASP B 69 3.70 -14.67 -2.34
C ASP B 69 5.00 -14.37 -3.09
N HIS B 70 4.94 -13.58 -4.17
CA HIS B 70 6.14 -13.23 -4.91
C HIS B 70 7.08 -12.39 -4.04
N LEU B 71 6.56 -11.60 -3.10
CA LEU B 71 7.36 -10.74 -2.24
C LEU B 71 7.57 -11.27 -0.82
N SER B 72 6.66 -12.10 -0.29
CA SER B 72 6.68 -12.67 1.04
C SER B 72 7.91 -13.56 1.21
N GLY B 73 8.90 -13.07 1.98
CA GLY B 73 10.15 -13.79 2.25
C GLY B 73 11.24 -13.48 1.23
N PHE B 74 11.07 -12.47 0.38
CA PHE B 74 12.05 -12.08 -0.62
C PHE B 74 13.37 -11.70 0.06
N ASN B 75 14.43 -12.42 -0.30
CA ASN B 75 15.79 -12.25 0.19
C ASN B 75 16.40 -11.06 -0.53
N VAL B 76 16.68 -9.95 0.17
CA VAL B 76 17.26 -8.75 -0.42
C VAL B 76 18.20 -8.06 0.57
N CYS B 77 19.25 -7.41 0.06
CA CYS B 77 20.29 -6.66 0.78
C CYS B 77 20.67 -7.26 2.15
N ASN B 78 21.04 -8.53 2.16
CA ASN B 78 21.45 -9.32 3.33
C ASN B 78 20.42 -9.25 4.46
N ARG B 79 19.15 -9.12 4.09
CA ARG B 79 17.97 -9.02 4.93
C ARG B 79 16.85 -9.82 4.26
N TYR B 80 15.64 -9.69 4.78
CA TYR B 80 14.41 -10.32 4.31
C TYR B 80 13.29 -9.33 4.65
N LEU B 81 12.19 -9.36 3.89
CA LEU B 81 11.06 -8.48 4.14
C LEU B 81 9.91 -9.31 4.72
N VAL B 82 8.83 -8.67 5.14
CA VAL B 82 7.64 -9.31 5.70
C VAL B 82 6.42 -8.67 5.01
N VAL B 83 5.33 -9.43 4.86
CA VAL B 83 4.06 -9.01 4.25
C VAL B 83 2.93 -9.39 5.21
N LEU B 84 1.96 -8.50 5.42
CA LEU B 84 0.80 -8.67 6.29
C LEU B 84 -0.38 -7.92 5.66
N TYR B 85 -1.63 -8.35 5.89
CA TYR B 85 -2.83 -7.72 5.33
C TYR B 85 -3.43 -6.72 6.32
N TYR B 86 -4.19 -5.76 5.79
CA TYR B 86 -4.81 -4.71 6.58
C TYR B 86 -6.10 -5.16 7.25
N ASN B 87 -6.69 -4.29 8.06
CA ASN B 87 -7.92 -4.52 8.83
C ASN B 87 -8.76 -3.26 8.87
N GLY A 1 -0.83 -0.59 -30.64
CA GLY A 1 -2.20 -1.07 -30.41
C GLY A 1 -3.19 0.05 -30.63
N THR A 2 -4.40 -0.28 -31.08
CA THR A 2 -5.48 0.68 -31.35
C THR A 2 -6.87 0.03 -31.22
N PRO A 3 -7.19 -0.76 -30.17
CA PRO A 3 -8.50 -1.39 -30.02
C PRO A 3 -9.62 -0.37 -29.82
N GLU A 4 -10.88 -0.81 -29.95
CA GLU A 4 -12.01 0.07 -29.75
C GLU A 4 -12.29 0.15 -28.25
N GLN A 5 -12.52 1.37 -27.75
CA GLN A 5 -12.83 1.66 -26.36
C GLN A 5 -14.20 2.33 -26.34
N LEU A 6 -14.93 2.15 -25.24
CA LEU A 6 -16.26 2.75 -25.09
C LEU A 6 -16.08 4.26 -25.22
N GLN A 7 -16.89 4.91 -26.06
CA GLN A 7 -16.86 6.34 -26.32
C GLN A 7 -17.30 7.11 -25.06
N ALA A 8 -16.37 7.26 -24.11
CA ALA A 8 -16.54 7.94 -22.84
C ALA A 8 -15.15 8.35 -22.35
N TRP A 9 -14.71 9.53 -22.76
CA TRP A 9 -13.42 10.09 -22.37
C TRP A 9 -13.56 10.74 -20.98
N ARG A 10 -12.43 11.18 -20.41
CA ARG A 10 -12.41 11.80 -19.09
C ARG A 10 -12.64 13.30 -19.17
N TRP A 11 -13.01 13.90 -18.04
CA TRP A 11 -13.30 15.33 -17.90
C TRP A 11 -14.33 15.77 -18.94
N GLU A 12 -15.41 15.00 -19.07
CA GLU A 12 -16.49 15.27 -19.99
C GLU A 12 -17.20 16.57 -19.63
N ARG A 13 -17.82 17.21 -20.62
CA ARG A 13 -18.54 18.45 -20.38
C ARG A 13 -19.93 18.12 -19.83
N GLU A 14 -20.41 19.04 -19.00
CA GLU A 14 -21.72 19.04 -18.35
C GLU A 14 -22.09 17.68 -17.74
N ILE A 15 -21.07 17.00 -17.19
CA ILE A 15 -21.16 15.71 -16.54
C ILE A 15 -22.09 15.85 -15.32
N ASP A 16 -23.06 14.93 -15.18
CA ASP A 16 -24.03 14.88 -14.10
C ASP A 16 -23.44 14.30 -12.80
N GLU A 17 -24.16 14.39 -11.68
CA GLU A 17 -23.68 13.84 -10.41
C GLU A 17 -23.75 12.31 -10.47
N ARG A 18 -22.59 11.67 -10.55
CA ARG A 18 -22.45 10.23 -10.63
C ARG A 18 -21.84 9.71 -9.33
N ASN A 19 -22.43 8.66 -8.75
CA ASN A 19 -21.95 8.03 -7.54
C ASN A 19 -20.50 7.62 -7.79
N ARG A 20 -19.58 8.06 -6.93
CA ARG A 20 -18.13 7.78 -7.05
C ARG A 20 -17.56 7.24 -5.74
N PRO A 21 -16.49 6.43 -5.77
CA PRO A 21 -15.87 5.88 -4.57
C PRO A 21 -15.06 6.95 -3.84
N LEU A 22 -14.48 6.58 -2.70
CA LEU A 22 -13.67 7.47 -1.88
C LEU A 22 -12.51 8.01 -2.72
N SER A 23 -12.11 9.25 -2.46
CA SER A 23 -11.02 9.93 -3.15
C SER A 23 -9.68 9.50 -2.53
N ASP A 24 -8.61 10.11 -3.02
CA ASP A 24 -7.22 9.93 -2.60
C ASP A 24 -7.02 10.56 -1.22
N GLU A 25 -7.92 11.47 -0.83
CA GLU A 25 -7.91 12.20 0.43
C GLU A 25 -8.51 11.36 1.56
N GLU A 26 -9.75 10.87 1.41
CA GLU A 26 -10.39 10.04 2.45
C GLU A 26 -9.56 8.80 2.79
N LEU A 27 -8.73 8.35 1.84
CA LEU A 27 -7.85 7.21 1.98
C LEU A 27 -6.74 7.51 2.99
N ASP A 28 -6.35 8.77 3.19
CA ASP A 28 -5.30 9.16 4.14
C ASP A 28 -5.78 8.89 5.57
N ALA A 29 -7.08 9.04 5.80
CA ALA A 29 -7.72 8.80 7.10
C ALA A 29 -7.68 7.33 7.50
N MET A 30 -7.30 6.44 6.59
CA MET A 30 -7.23 5.00 6.79
C MET A 30 -5.87 4.52 7.34
N PHE A 31 -4.85 5.40 7.34
CA PHE A 31 -3.50 5.12 7.81
C PHE A 31 -3.14 5.97 9.04
N PRO A 32 -2.12 5.59 9.83
CA PRO A 32 -1.73 6.38 10.99
C PRO A 32 -0.97 7.65 10.54
N GLU A 33 -0.77 8.58 11.47
CA GLU A 33 -0.06 9.84 11.21
C GLU A 33 1.45 9.58 11.05
N GLY A 34 2.21 10.58 10.62
CA GLY A 34 3.66 10.49 10.43
C GLY A 34 4.05 9.81 9.12
N TYR A 35 3.17 9.79 8.13
CA TYR A 35 3.42 9.17 6.83
C TYR A 35 3.18 10.21 5.75
N LYS A 36 3.80 10.02 4.58
CA LYS A 36 3.71 10.93 3.45
C LYS A 36 3.52 10.15 2.17
N VAL A 37 2.83 10.74 1.21
CA VAL A 37 2.57 10.09 -0.07
C VAL A 37 3.87 10.00 -0.87
N LEU A 38 4.00 9.00 -1.74
CA LEU A 38 5.17 8.80 -2.58
C LEU A 38 4.70 8.57 -4.03
N PRO A 39 4.42 9.64 -4.78
CA PRO A 39 3.96 9.57 -6.17
C PRO A 39 4.96 8.81 -7.08
N PRO A 40 4.56 8.38 -8.28
CA PRO A 40 5.43 7.64 -9.20
C PRO A 40 6.65 8.46 -9.63
N PRO A 41 7.69 7.81 -10.17
CA PRO A 41 8.89 8.50 -10.63
C PRO A 41 8.61 9.30 -11.91
N ALA A 42 9.56 10.13 -12.33
CA ALA A 42 9.40 10.94 -13.53
C ALA A 42 9.35 10.02 -14.76
N GLY A 43 8.66 10.46 -15.82
CA GLY A 43 8.51 9.74 -17.08
C GLY A 43 7.97 8.32 -17.01
N TYR A 44 7.27 7.97 -15.92
CA TYR A 44 6.71 6.65 -15.75
C TYR A 44 5.52 6.45 -16.71
N VAL A 45 5.73 5.75 -17.82
CA VAL A 45 4.73 5.43 -18.84
C VAL A 45 4.95 3.92 -19.13
N PRO A 46 4.59 3.04 -18.18
CA PRO A 46 4.77 1.60 -18.31
C PRO A 46 3.84 0.97 -19.34
N ILE A 47 4.05 -0.31 -19.67
CA ILE A 47 3.29 -1.08 -20.64
C ILE A 47 2.88 -2.42 -20.06
N GLY B 1 3.20 -18.82 14.32
CA GLY B 1 3.52 -20.05 13.58
C GLY B 1 3.61 -19.77 12.10
N ARG B 2 4.76 -20.03 11.47
CA ARG B 2 4.93 -19.81 10.04
C ARG B 2 4.41 -21.05 9.32
N ALA B 3 3.37 -20.84 8.51
CA ALA B 3 2.71 -21.84 7.70
C ALA B 3 2.68 -21.33 6.27
N ASN B 4 2.50 -22.24 5.31
CA ASN B 4 2.44 -21.96 3.89
C ASN B 4 1.43 -22.95 3.33
N ILE B 5 0.15 -22.60 3.38
CA ILE B 5 -0.93 -23.43 2.90
C ILE B 5 -1.90 -22.53 2.14
N ARG B 6 -2.42 -23.04 1.02
CA ARG B 6 -3.37 -22.31 0.18
C ARG B 6 -4.61 -22.00 1.02
N LEU B 7 -5.44 -21.06 0.55
CA LEU B 7 -6.67 -20.59 1.17
C LEU B 7 -6.23 -19.68 2.32
N PRO B 8 -5.97 -18.39 2.02
CA PRO B 8 -5.51 -17.42 3.01
C PRO B 8 -6.64 -17.05 3.98
N PRO B 9 -6.30 -16.49 5.16
CA PRO B 9 -7.29 -16.11 6.15
C PRO B 9 -8.12 -14.91 5.69
N GLU B 10 -7.51 -13.95 5.00
CA GLU B 10 -8.12 -12.75 4.47
C GLU B 10 -7.13 -12.15 3.48
N VAL B 11 -7.61 -11.37 2.52
CA VAL B 11 -6.79 -10.71 1.51
C VAL B 11 -7.54 -9.45 1.12
N ASN B 12 -6.86 -8.30 1.16
CA ASN B 12 -7.40 -7.00 0.81
C ASN B 12 -6.37 -6.31 -0.09
N ARG B 13 -6.81 -5.31 -0.86
CA ARG B 13 -5.92 -4.57 -1.76
C ARG B 13 -4.86 -3.74 -1.01
N ILE B 14 -5.10 -3.38 0.25
CA ILE B 14 -4.16 -2.62 1.07
C ILE B 14 -3.29 -3.65 1.76
N LEU B 15 -1.97 -3.51 1.61
CA LEU B 15 -0.95 -4.38 2.17
C LEU B 15 -0.04 -3.57 3.09
N TYR B 16 0.72 -4.25 3.95
CA TYR B 16 1.65 -3.68 4.91
C TYR B 16 2.99 -4.39 4.75
N ILE B 17 4.09 -3.63 4.77
CA ILE B 17 5.44 -4.14 4.61
C ILE B 17 6.30 -3.58 5.76
N ARG B 18 7.32 -4.36 6.15
CA ARG B 18 8.27 -4.03 7.21
C ARG B 18 9.64 -4.49 6.75
N ASN B 19 10.67 -3.97 7.42
CA ASN B 19 12.08 -4.26 7.17
C ASN B 19 12.56 -3.62 5.86
N LEU B 20 11.83 -2.62 5.36
CA LEU B 20 12.17 -1.92 4.10
C LEU B 20 13.46 -1.12 4.24
N PRO B 21 14.15 -0.84 3.12
CA PRO B 21 15.38 -0.04 3.15
C PRO B 21 14.97 1.39 3.50
N TYR B 22 15.84 2.11 4.20
CA TYR B 22 15.56 3.49 4.60
C TYR B 22 15.86 4.49 3.49
N LYS B 23 16.65 4.12 2.48
CA LYS B 23 17.04 4.97 1.37
C LYS B 23 16.67 4.33 0.04
N ILE B 24 15.48 4.64 -0.46
CA ILE B 24 14.99 4.10 -1.71
C ILE B 24 14.11 5.17 -2.37
N THR B 25 14.24 5.34 -3.68
CA THR B 25 13.48 6.31 -4.46
C THR B 25 12.17 5.67 -4.94
N ALA B 26 11.24 6.52 -5.40
CA ALA B 26 9.96 6.04 -5.93
C ALA B 26 10.22 5.16 -7.16
N GLU B 27 11.37 5.34 -7.81
CA GLU B 27 11.86 4.65 -8.99
C GLU B 27 11.94 3.15 -8.72
N GLU B 28 12.69 2.77 -7.69
CA GLU B 28 12.89 1.38 -7.30
C GLU B 28 11.62 0.84 -6.66
N MET B 29 10.87 1.66 -5.91
CA MET B 29 9.62 1.20 -5.29
C MET B 29 8.63 0.82 -6.39
N TYR B 30 8.44 1.68 -7.39
CA TYR B 30 7.52 1.41 -8.48
C TYR B 30 8.02 0.22 -9.31
N ASP B 31 9.33 -0.01 -9.39
CA ASP B 31 9.90 -1.14 -10.12
C ASP B 31 9.52 -2.43 -9.40
N ILE B 32 10.02 -2.61 -8.17
CA ILE B 32 9.80 -3.78 -7.32
C ILE B 32 8.32 -4.13 -7.19
N PHE B 33 7.52 -3.20 -6.66
CA PHE B 33 6.09 -3.45 -6.48
C PHE B 33 5.34 -3.54 -7.82
N GLY B 34 5.95 -3.04 -8.91
CA GLY B 34 5.39 -3.04 -10.24
C GLY B 34 5.63 -4.34 -11.00
N LYS B 35 6.71 -5.09 -10.69
CA LYS B 35 6.97 -6.36 -11.38
C LYS B 35 5.73 -7.26 -11.30
N TYR B 36 5.06 -7.27 -10.15
CA TYR B 36 3.88 -8.06 -9.86
C TYR B 36 2.55 -7.55 -10.46
N GLY B 37 2.47 -6.32 -10.99
CA GLY B 37 1.25 -5.75 -11.57
C GLY B 37 1.17 -4.24 -11.32
N PRO B 38 0.16 -3.52 -11.83
CA PRO B 38 0.02 -2.07 -11.64
C PRO B 38 -0.20 -1.71 -10.16
N ILE B 39 0.32 -0.55 -9.76
CA ILE B 39 0.25 -0.02 -8.40
C ILE B 39 -0.82 1.07 -8.33
N ARG B 40 -1.69 0.99 -7.32
CA ARG B 40 -2.74 1.99 -7.12
C ARG B 40 -2.10 3.19 -6.47
N GLN B 41 -1.47 3.03 -5.29
CA GLN B 41 -0.83 4.13 -4.58
C GLN B 41 0.15 3.58 -3.52
N ILE B 42 1.08 4.43 -3.06
CA ILE B 42 2.10 4.15 -2.06
C ILE B 42 2.28 5.39 -1.18
N ARG B 43 2.57 5.19 0.11
CA ARG B 43 2.83 6.19 1.14
C ARG B 43 3.96 5.60 1.98
N VAL B 44 4.88 6.41 2.47
CA VAL B 44 6.04 5.98 3.24
C VAL B 44 6.17 6.77 4.54
N GLY B 45 6.95 6.26 5.50
CA GLY B 45 7.16 6.92 6.78
C GLY B 45 8.04 8.16 6.62
N ASN B 46 7.77 9.20 7.42
CA ASN B 46 8.49 10.47 7.43
C ASN B 46 9.04 10.83 8.83
N THR B 47 8.82 9.99 9.85
CA THR B 47 9.27 10.16 11.23
C THR B 47 10.03 8.91 11.70
N PRO B 48 10.80 8.98 12.80
CA PRO B 48 11.56 7.85 13.30
C PRO B 48 10.71 6.64 13.67
N GLU B 49 9.43 6.81 14.02
CA GLU B 49 8.57 5.68 14.37
C GLU B 49 7.78 5.17 13.14
N THR B 50 7.98 5.75 11.96
CA THR B 50 7.31 5.34 10.72
C THR B 50 8.31 4.84 9.68
N ARG B 51 9.54 5.33 9.70
CA ARG B 51 10.58 4.90 8.77
C ARG B 51 10.85 3.41 8.99
N GLY B 52 11.04 2.67 7.90
CA GLY B 52 11.29 1.22 7.90
C GLY B 52 10.05 0.40 7.58
N THR B 53 8.85 0.93 7.81
CA THR B 53 7.59 0.26 7.54
C THR B 53 6.81 1.10 6.53
N ALA B 54 5.87 0.48 5.80
CA ALA B 54 5.08 1.17 4.79
C ALA B 54 3.87 0.35 4.41
N TYR B 55 3.00 0.93 3.58
CA TYR B 55 1.79 0.30 3.09
C TYR B 55 1.71 0.53 1.59
N VAL B 56 1.26 -0.46 0.82
CA VAL B 56 1.12 -0.38 -0.63
C VAL B 56 -0.32 -0.74 -0.95
N VAL B 57 -0.89 -0.20 -2.02
CA VAL B 57 -2.26 -0.48 -2.44
C VAL B 57 -2.25 -0.89 -3.91
N TYR B 58 -2.94 -1.98 -4.24
CA TYR B 58 -3.09 -2.49 -5.61
C TYR B 58 -4.48 -2.05 -6.10
N GLU B 59 -4.73 -2.10 -7.41
CA GLU B 59 -6.02 -1.73 -8.01
C GLU B 59 -6.97 -2.92 -8.01
N ASP B 60 -6.44 -4.13 -8.14
CA ASP B 60 -7.21 -5.35 -8.14
C ASP B 60 -6.70 -6.29 -7.06
N ILE B 61 -7.61 -6.95 -6.34
CA ILE B 61 -7.25 -7.93 -5.30
C ILE B 61 -6.45 -9.04 -5.97
N PHE B 62 -6.73 -9.33 -7.25
CA PHE B 62 -6.04 -10.34 -8.03
C PHE B 62 -4.55 -10.05 -8.15
N ASP B 63 -4.10 -8.79 -7.99
CA ASP B 63 -2.68 -8.45 -8.06
C ASP B 63 -2.08 -8.59 -6.68
N ALA B 64 -2.78 -8.09 -5.65
CA ALA B 64 -2.32 -8.18 -4.26
C ALA B 64 -2.10 -9.66 -3.89
N LYS B 65 -2.98 -10.54 -4.39
CA LYS B 65 -2.94 -11.98 -4.18
C LYS B 65 -1.62 -12.53 -4.70
N ASN B 66 -1.31 -12.26 -5.96
CA ASN B 66 -0.09 -12.74 -6.61
C ASN B 66 1.14 -12.15 -5.95
N ALA B 67 1.18 -10.82 -5.82
CA ALA B 67 2.30 -10.12 -5.23
C ALA B 67 2.62 -10.59 -3.82
N CYS B 68 1.65 -11.08 -3.05
CA CYS B 68 1.89 -11.57 -1.70
C CYS B 68 2.86 -12.74 -1.80
N ASP B 69 2.43 -13.81 -2.45
CA ASP B 69 3.25 -15.01 -2.58
C ASP B 69 4.52 -14.74 -3.35
N HIS B 70 4.51 -13.83 -4.33
CA HIS B 70 5.69 -13.52 -5.13
C HIS B 70 6.69 -12.59 -4.41
N LEU B 71 6.31 -11.89 -3.33
CA LEU B 71 7.19 -10.99 -2.58
C LEU B 71 7.51 -11.54 -1.18
N SER B 72 6.71 -12.47 -0.67
CA SER B 72 6.86 -13.09 0.64
C SER B 72 8.22 -13.77 0.82
N GLY B 73 9.00 -13.27 1.79
CA GLY B 73 10.31 -13.80 2.10
C GLY B 73 11.43 -13.26 1.20
N PHE B 74 11.18 -12.24 0.38
CA PHE B 74 12.18 -11.65 -0.51
C PHE B 74 13.37 -11.18 0.34
N ASN B 75 14.55 -11.70 0.01
CA ASN B 75 15.82 -11.44 0.67
C ASN B 75 16.58 -10.35 -0.08
N VAL B 76 16.81 -9.20 0.55
CA VAL B 76 17.54 -8.06 -0.02
C VAL B 76 18.32 -7.40 1.12
N CYS B 77 19.37 -6.64 0.81
CA CYS B 77 20.22 -5.95 1.78
C CYS B 77 20.60 -6.84 2.98
N ASN B 78 20.92 -8.13 2.72
CA ASN B 78 21.29 -9.17 3.69
C ASN B 78 20.23 -9.40 4.78
N ARG B 79 18.98 -9.02 4.54
CA ARG B 79 17.83 -9.17 5.44
C ARG B 79 16.66 -9.76 4.64
N TYR B 80 15.52 -9.94 5.30
CA TYR B 80 14.30 -10.47 4.71
C TYR B 80 13.23 -9.41 4.95
N LEU B 81 12.27 -9.31 4.02
CA LEU B 81 11.16 -8.37 4.12
C LEU B 81 9.96 -9.11 4.71
N VAL B 82 9.05 -8.34 5.30
CA VAL B 82 7.84 -8.84 5.91
C VAL B 82 6.74 -8.32 4.99
N VAL B 83 5.86 -9.21 4.55
CA VAL B 83 4.75 -8.94 3.64
C VAL B 83 3.49 -9.42 4.36
N LEU B 84 2.60 -8.53 4.78
CA LEU B 84 1.38 -8.85 5.49
C LEU B 84 0.19 -8.04 4.95
N TYR B 85 -1.03 -8.48 5.29
CA TYR B 85 -2.28 -7.84 4.88
C TYR B 85 -2.72 -6.77 5.89
N TYR B 86 -3.64 -5.90 5.47
CA TYR B 86 -4.22 -4.86 6.32
C TYR B 86 -5.60 -5.40 6.74
N ASN B 87 -6.27 -4.77 7.70
CA ASN B 87 -7.58 -5.18 8.19
C ASN B 87 -8.40 -3.94 8.48
N GLY A 1 -13.47 -13.61 -32.39
CA GLY A 1 -13.67 -12.16 -32.18
C GLY A 1 -14.79 -11.90 -31.20
N THR A 2 -14.85 -12.60 -30.07
CA THR A 2 -15.88 -12.45 -29.05
C THR A 2 -15.18 -12.53 -27.68
N PRO A 3 -14.86 -11.39 -27.05
CA PRO A 3 -14.21 -11.38 -25.75
C PRO A 3 -15.23 -11.75 -24.67
N GLU A 4 -14.78 -12.13 -23.47
CA GLU A 4 -15.62 -12.49 -22.34
C GLU A 4 -14.85 -12.03 -21.10
N GLN A 5 -14.98 -10.74 -20.79
CA GLN A 5 -14.32 -10.09 -19.66
C GLN A 5 -15.28 -9.06 -19.06
N LEU A 6 -15.03 -8.70 -17.79
CA LEU A 6 -15.79 -7.75 -16.97
C LEU A 6 -16.01 -6.40 -17.67
N GLN A 7 -17.04 -5.66 -17.27
CA GLN A 7 -17.40 -4.38 -17.86
C GLN A 7 -17.65 -3.27 -16.82
N ALA A 8 -17.62 -2.02 -17.28
CA ALA A 8 -17.81 -0.82 -16.49
C ALA A 8 -18.98 0.03 -16.99
N TRP A 9 -19.48 0.91 -16.13
CA TRP A 9 -20.58 1.85 -16.39
C TRP A 9 -20.24 3.18 -15.71
N ARG A 10 -20.89 4.28 -16.10
CA ARG A 10 -20.63 5.59 -15.50
C ARG A 10 -21.94 6.31 -15.25
N TRP A 11 -22.09 6.81 -14.04
CA TRP A 11 -23.23 7.55 -13.52
C TRP A 11 -22.72 8.28 -12.27
N GLU A 12 -23.54 9.11 -11.63
CA GLU A 12 -23.17 9.85 -10.43
C GLU A 12 -22.99 8.92 -9.22
N ARG A 13 -22.24 9.36 -8.20
CA ARG A 13 -21.97 8.60 -6.97
C ARG A 13 -22.31 9.47 -5.78
N GLU A 14 -23.45 10.16 -5.85
CA GLU A 14 -23.93 11.05 -4.82
C GLU A 14 -24.09 10.28 -3.50
N ILE A 15 -24.03 11.01 -2.39
CA ILE A 15 -24.12 10.43 -1.06
C ILE A 15 -25.40 9.61 -0.85
N ASP A 16 -25.26 8.55 -0.07
CA ASP A 16 -26.27 7.58 0.33
C ASP A 16 -25.76 6.93 1.62
N GLU A 17 -26.49 5.94 2.12
CA GLU A 17 -26.16 5.18 3.32
C GLU A 17 -26.46 3.75 2.93
N ARG A 18 -25.55 3.11 2.19
CA ARG A 18 -25.68 1.74 1.73
C ARG A 18 -24.30 1.15 1.51
N ASN A 19 -24.23 -0.17 1.39
CA ASN A 19 -23.01 -0.92 1.13
C ASN A 19 -22.63 -0.61 -0.31
N ARG A 20 -21.42 -0.10 -0.53
CA ARG A 20 -20.90 0.26 -1.84
C ARG A 20 -19.39 -0.01 -1.91
N PRO A 21 -18.79 -0.07 -3.11
CA PRO A 21 -17.37 -0.30 -3.23
C PRO A 21 -16.60 0.96 -2.78
N LEU A 22 -15.42 0.77 -2.19
CA LEU A 22 -14.56 1.85 -1.73
C LEU A 22 -14.04 2.54 -2.98
N SER A 23 -14.05 3.86 -3.01
CA SER A 23 -13.59 4.64 -4.15
C SER A 23 -12.11 5.03 -4.01
N ASP A 24 -11.62 5.78 -4.98
CA ASP A 24 -10.27 6.31 -5.09
C ASP A 24 -10.07 7.44 -4.10
N GLU A 25 -10.99 8.39 -3.96
CA GLU A 25 -10.82 9.51 -3.02
C GLU A 25 -10.77 9.02 -1.58
N GLU A 26 -11.46 7.92 -1.26
CA GLU A 26 -11.46 7.36 0.09
C GLU A 26 -10.04 6.89 0.44
N LEU A 27 -9.28 6.37 -0.53
CA LEU A 27 -7.93 5.91 -0.31
C LEU A 27 -7.02 7.04 0.18
N ASP A 28 -7.33 8.30 -0.15
CA ASP A 28 -6.52 9.42 0.29
C ASP A 28 -6.70 9.71 1.79
N ALA A 29 -7.67 9.07 2.45
CA ALA A 29 -7.97 9.20 3.89
C ALA A 29 -7.93 7.85 4.63
N MET A 30 -7.78 6.72 3.92
CA MET A 30 -7.73 5.38 4.53
C MET A 30 -6.44 5.06 5.27
N PHE A 31 -5.33 5.70 4.92
CA PHE A 31 -4.04 5.47 5.53
C PHE A 31 -3.87 6.28 6.83
N PRO A 32 -3.04 5.77 7.76
CA PRO A 32 -2.74 6.42 9.04
C PRO A 32 -1.90 7.69 8.88
N GLU A 33 -1.75 8.40 9.99
CA GLU A 33 -1.00 9.64 10.13
C GLU A 33 0.50 9.34 10.32
N GLY A 34 1.36 10.31 10.00
CA GLY A 34 2.81 10.17 10.13
C GLY A 34 3.46 9.60 8.87
N TYR A 35 2.76 9.66 7.74
CA TYR A 35 3.21 9.14 6.45
C TYR A 35 3.21 10.21 5.39
N LYS A 36 4.00 9.97 4.35
CA LYS A 36 4.18 10.84 3.19
C LYS A 36 3.99 9.98 1.95
N VAL A 37 3.42 10.56 0.90
CA VAL A 37 3.17 9.85 -0.36
C VAL A 37 4.51 9.68 -1.09
N LEU A 38 4.61 8.60 -1.89
CA LEU A 38 5.78 8.28 -2.70
C LEU A 38 5.26 8.15 -4.13
N PRO A 39 5.14 9.26 -4.88
CA PRO A 39 4.65 9.26 -6.27
C PRO A 39 5.54 8.42 -7.20
N PRO A 40 5.09 8.12 -8.43
CA PRO A 40 5.87 7.36 -9.38
C PRO A 40 7.03 8.21 -9.91
N PRO A 41 8.04 7.58 -10.55
CA PRO A 41 9.20 8.27 -11.11
C PRO A 41 8.81 9.41 -12.06
N ALA A 42 9.66 10.44 -12.14
CA ALA A 42 9.43 11.59 -12.98
C ALA A 42 9.53 11.20 -14.47
N GLY A 43 8.68 11.81 -15.29
CA GLY A 43 8.61 11.61 -16.73
C GLY A 43 8.07 10.23 -17.15
N TYR A 44 7.78 9.33 -16.20
CA TYR A 44 7.27 7.99 -16.51
C TYR A 44 5.91 8.09 -17.22
N VAL A 45 5.53 7.05 -17.98
CA VAL A 45 4.28 7.01 -18.73
C VAL A 45 3.50 5.74 -18.34
N PRO A 46 2.81 5.73 -17.19
CA PRO A 46 2.02 4.58 -16.75
C PRO A 46 0.71 4.51 -17.54
N ILE A 47 -0.02 3.40 -17.38
CA ILE A 47 -1.31 3.13 -18.02
C ILE A 47 -2.21 2.40 -17.02
N GLY B 1 -3.42 -24.16 13.33
CA GLY B 1 -2.28 -25.06 13.04
C GLY B 1 -2.31 -25.52 11.60
N ARG B 2 -1.54 -26.56 11.28
CA ARG B 2 -1.45 -27.15 9.94
C ARG B 2 -2.82 -27.69 9.55
N ALA B 3 -3.46 -27.05 8.58
CA ALA B 3 -4.76 -27.37 8.02
C ALA B 3 -4.69 -27.10 6.52
N ASN B 4 -5.63 -27.62 5.73
CA ASN B 4 -5.65 -27.43 4.27
C ASN B 4 -6.91 -26.68 3.84
N ILE B 5 -6.91 -25.38 4.12
CA ILE B 5 -8.00 -24.45 3.78
C ILE B 5 -8.00 -24.23 2.27
N ARG B 6 -9.13 -23.88 1.65
CA ARG B 6 -9.19 -23.65 0.20
C ARG B 6 -8.81 -22.21 -0.16
N LEU B 7 -8.86 -21.30 0.83
CA LEU B 7 -8.54 -19.89 0.73
C LEU B 7 -8.06 -19.43 2.10
N PRO B 8 -7.27 -18.34 2.19
CA PRO B 8 -6.76 -17.78 3.45
C PRO B 8 -7.91 -17.36 4.39
N PRO B 9 -7.63 -17.04 5.67
CA PRO B 9 -8.65 -16.63 6.63
C PRO B 9 -9.33 -15.31 6.27
N GLU B 10 -8.56 -14.31 5.83
CA GLU B 10 -9.01 -12.98 5.45
C GLU B 10 -7.89 -12.33 4.63
N VAL B 11 -8.22 -11.39 3.75
CA VAL B 11 -7.29 -10.65 2.89
C VAL B 11 -7.92 -9.26 2.62
N ASN B 12 -7.12 -8.27 2.21
CA ASN B 12 -7.57 -6.91 1.92
C ASN B 12 -6.86 -6.36 0.66
N ARG B 13 -7.28 -5.23 0.09
CA ARG B 13 -6.64 -4.65 -1.10
C ARG B 13 -5.40 -3.81 -0.72
N ILE B 14 -5.16 -3.53 0.57
CA ILE B 14 -4.01 -2.76 1.03
C ILE B 14 -3.02 -3.73 1.66
N LEU B 15 -1.71 -3.52 1.44
CA LEU B 15 -0.62 -4.34 1.97
C LEU B 15 0.21 -3.47 2.89
N TYR B 16 0.85 -4.09 3.89
CA TYR B 16 1.69 -3.47 4.89
C TYR B 16 3.07 -4.14 4.77
N ILE B 17 4.13 -3.35 4.52
CA ILE B 17 5.51 -3.80 4.34
C ILE B 17 6.37 -3.27 5.50
N ARG B 18 7.40 -4.03 5.89
CA ARG B 18 8.33 -3.73 6.98
C ARG B 18 9.75 -4.17 6.65
N ASN B 19 10.74 -3.67 7.40
CA ASN B 19 12.19 -3.91 7.28
C ASN B 19 12.80 -3.18 6.08
N LEU B 20 12.09 -2.18 5.57
CA LEU B 20 12.49 -1.36 4.43
C LEU B 20 13.67 -0.46 4.80
N PRO B 21 14.49 -0.09 3.80
CA PRO B 21 15.66 0.77 4.01
C PRO B 21 15.22 2.21 4.27
N TYR B 22 16.11 3.00 4.88
CA TYR B 22 15.84 4.40 5.18
C TYR B 22 16.33 5.31 4.05
N LYS B 23 17.10 4.78 3.09
CA LYS B 23 17.64 5.50 1.95
C LYS B 23 17.23 4.67 0.73
N ILE B 24 16.23 5.13 -0.02
CA ILE B 24 15.72 4.48 -1.22
C ILE B 24 14.99 5.53 -2.07
N THR B 25 14.89 5.29 -3.38
CA THR B 25 14.26 6.17 -4.34
C THR B 25 12.89 5.63 -4.78
N ALA B 26 12.11 6.44 -5.50
CA ALA B 26 10.81 6.01 -6.00
C ALA B 26 11.05 4.92 -7.05
N GLU B 27 12.10 5.08 -7.86
CA GLU B 27 12.48 4.17 -8.93
C GLU B 27 12.79 2.77 -8.40
N GLU B 28 13.55 2.66 -7.31
CA GLU B 28 13.91 1.37 -6.70
C GLU B 28 12.65 0.63 -6.23
N MET B 29 11.67 1.37 -5.69
CA MET B 29 10.41 0.83 -5.18
C MET B 29 9.48 0.41 -6.32
N TYR B 30 9.21 1.31 -7.26
CA TYR B 30 8.32 1.05 -8.40
C TYR B 30 8.83 -0.12 -9.24
N ASP B 31 10.14 -0.35 -9.30
CA ASP B 31 10.71 -1.46 -10.05
C ASP B 31 10.15 -2.79 -9.51
N ILE B 32 10.43 -3.05 -8.22
CA ILE B 32 10.03 -4.26 -7.50
C ILE B 32 8.53 -4.49 -7.53
N PHE B 33 7.77 -3.59 -6.91
CA PHE B 33 6.33 -3.72 -6.82
C PHE B 33 5.63 -3.67 -8.18
N GLY B 34 6.13 -2.89 -9.15
CA GLY B 34 5.52 -2.77 -10.46
C GLY B 34 5.70 -4.03 -11.29
N LYS B 35 6.74 -4.82 -11.00
CA LYS B 35 7.04 -6.07 -11.72
C LYS B 35 5.94 -7.13 -11.56
N TYR B 36 5.06 -6.93 -10.60
CA TYR B 36 3.95 -7.82 -10.28
C TYR B 36 2.61 -7.25 -10.76
N GLY B 37 2.57 -6.04 -11.31
CA GLY B 37 1.36 -5.40 -11.81
C GLY B 37 1.31 -3.91 -11.46
N PRO B 38 0.32 -3.17 -11.97
CA PRO B 38 0.17 -1.74 -11.74
C PRO B 38 -0.14 -1.43 -10.27
N ILE B 39 0.64 -0.51 -9.70
CA ILE B 39 0.52 -0.06 -8.32
C ILE B 39 -0.42 1.15 -8.30
N ARG B 40 -1.34 1.19 -7.34
CA ARG B 40 -2.26 2.31 -7.16
C ARG B 40 -1.50 3.39 -6.41
N GLN B 41 -1.07 3.13 -5.17
CA GLN B 41 -0.34 4.12 -4.38
C GLN B 41 0.61 3.46 -3.38
N ILE B 42 1.58 4.25 -2.91
CA ILE B 42 2.59 3.89 -1.93
C ILE B 42 2.71 5.05 -0.95
N ARG B 43 2.75 4.77 0.35
CA ARG B 43 2.91 5.75 1.42
C ARG B 43 4.03 5.22 2.30
N VAL B 44 5.03 6.06 2.57
CA VAL B 44 6.19 5.73 3.38
C VAL B 44 6.10 6.47 4.72
N GLY B 45 6.61 5.85 5.78
CA GLY B 45 6.59 6.42 7.12
C GLY B 45 7.69 7.46 7.28
N ASN B 46 7.38 8.61 7.88
CA ASN B 46 8.37 9.68 8.09
C ASN B 46 8.62 10.04 9.56
N THR B 47 7.76 9.61 10.48
CA THR B 47 7.96 9.87 11.91
C THR B 47 9.01 8.87 12.40
N PRO B 48 9.69 9.10 13.53
CA PRO B 48 10.73 8.19 14.02
C PRO B 48 10.23 6.76 14.28
N GLU B 49 8.92 6.55 14.43
CA GLU B 49 8.32 5.25 14.68
C GLU B 49 7.87 4.54 13.39
N THR B 50 7.65 5.28 12.30
CA THR B 50 7.20 4.71 11.02
C THR B 50 8.34 4.56 10.01
N ARG B 51 9.51 5.16 10.28
CA ARG B 51 10.66 5.05 9.40
C ARG B 51 11.08 3.59 9.38
N GLY B 52 10.99 2.94 8.22
CA GLY B 52 11.35 1.54 8.04
C GLY B 52 10.16 0.67 7.63
N THR B 53 8.95 1.22 7.63
CA THR B 53 7.73 0.51 7.26
C THR B 53 6.98 1.37 6.21
N ALA B 54 6.09 0.76 5.43
CA ALA B 54 5.33 1.46 4.39
C ALA B 54 4.09 0.64 4.01
N TYR B 55 3.20 1.25 3.21
CA TYR B 55 1.98 0.64 2.73
C TYR B 55 2.01 0.69 1.20
N VAL B 56 1.51 -0.36 0.55
CA VAL B 56 1.46 -0.53 -0.91
C VAL B 56 0.04 -0.98 -1.24
N VAL B 57 -0.56 -0.44 -2.30
CA VAL B 57 -1.91 -0.78 -2.74
C VAL B 57 -1.91 -1.12 -4.22
N TYR B 58 -2.47 -2.28 -4.60
CA TYR B 58 -2.58 -2.73 -5.99
C TYR B 58 -3.98 -2.36 -6.50
N GLU B 59 -4.17 -2.44 -7.81
CA GLU B 59 -5.43 -2.15 -8.47
C GLU B 59 -6.40 -3.32 -8.23
N ASP B 60 -5.97 -4.52 -8.59
CA ASP B 60 -6.76 -5.75 -8.48
C ASP B 60 -6.61 -6.47 -7.16
N ILE B 61 -7.72 -6.66 -6.45
CA ILE B 61 -7.72 -7.40 -5.18
C ILE B 61 -7.36 -8.87 -5.45
N PHE B 62 -7.51 -9.34 -6.68
CA PHE B 62 -7.21 -10.70 -7.08
C PHE B 62 -5.69 -10.85 -7.16
N ASP B 63 -5.06 -10.07 -8.05
CA ASP B 63 -3.62 -10.09 -8.28
C ASP B 63 -2.84 -9.83 -6.99
N ALA B 64 -3.35 -8.94 -6.12
CA ALA B 64 -2.69 -8.62 -4.86
C ALA B 64 -2.45 -9.86 -4.00
N LYS B 65 -3.29 -10.91 -4.09
CA LYS B 65 -3.08 -12.13 -3.30
C LYS B 65 -2.03 -12.98 -4.00
N ASN B 66 -2.16 -13.14 -5.32
CA ASN B 66 -1.20 -13.92 -6.12
C ASN B 66 0.22 -13.36 -5.94
N ALA B 67 0.34 -12.05 -5.74
CA ALA B 67 1.58 -11.33 -5.53
C ALA B 67 2.07 -11.44 -4.08
N CYS B 68 1.18 -11.29 -3.09
CA CYS B 68 1.57 -11.36 -1.69
C CYS B 68 2.29 -12.68 -1.39
N ASP B 69 1.75 -13.78 -1.92
CA ASP B 69 2.33 -15.11 -1.72
C ASP B 69 3.65 -15.29 -2.49
N HIS B 70 3.91 -14.46 -3.49
CA HIS B 70 5.14 -14.50 -4.27
C HIS B 70 6.20 -13.55 -3.75
N LEU B 71 5.82 -12.55 -2.94
CA LEU B 71 6.80 -11.58 -2.40
C LEU B 71 7.17 -11.87 -0.95
N SER B 72 6.58 -12.88 -0.31
CA SER B 72 6.89 -13.20 1.07
C SER B 72 8.31 -13.75 1.22
N GLY B 73 9.02 -13.26 2.22
CA GLY B 73 10.40 -13.65 2.50
C GLY B 73 11.37 -13.31 1.37
N PHE B 74 11.03 -12.36 0.50
CA PHE B 74 11.88 -11.96 -0.62
C PHE B 74 13.15 -11.25 -0.12
N ASN B 75 14.30 -11.51 -0.78
CA ASN B 75 15.60 -10.93 -0.45
C ASN B 75 15.78 -9.64 -1.26
N VAL B 76 16.11 -8.55 -0.57
CA VAL B 76 16.35 -7.20 -1.09
C VAL B 76 17.48 -6.55 -0.31
N CYS B 77 18.53 -6.08 -0.99
CA CYS B 77 19.70 -5.45 -0.40
C CYS B 77 20.27 -6.31 0.72
N ASN B 78 20.35 -7.64 0.51
CA ASN B 78 20.84 -8.65 1.46
C ASN B 78 20.02 -8.72 2.75
N ARG B 79 18.84 -8.12 2.80
CA ARG B 79 17.92 -8.08 3.94
C ARG B 79 16.60 -8.69 3.48
N TYR B 80 15.69 -8.95 4.42
CA TYR B 80 14.37 -9.50 4.15
C TYR B 80 13.34 -8.37 4.34
N LEU B 81 12.06 -8.70 4.19
CA LEU B 81 10.90 -7.82 4.35
C LEU B 81 9.81 -8.68 4.99
N VAL B 82 8.76 -8.06 5.52
CA VAL B 82 7.64 -8.77 6.15
C VAL B 82 6.37 -8.14 5.59
N VAL B 83 5.64 -8.91 4.76
CA VAL B 83 4.40 -8.51 4.14
C VAL B 83 3.26 -8.98 5.06
N LEU B 84 2.18 -8.20 5.15
CA LEU B 84 1.01 -8.50 5.94
C LEU B 84 -0.18 -7.76 5.30
N TYR B 85 -1.39 -8.26 5.51
CA TYR B 85 -2.64 -7.71 5.01
C TYR B 85 -3.11 -6.56 5.90
N TYR B 86 -4.05 -5.76 5.40
CA TYR B 86 -4.61 -4.63 6.15
C TYR B 86 -5.98 -5.01 6.72
N ASN B 87 -6.39 -4.30 7.77
CA ASN B 87 -7.66 -4.54 8.44
C ASN B 87 -8.79 -3.88 7.68
N GLY A 1 26.87 51.36 12.21
CA GLY A 1 26.24 50.76 11.00
C GLY A 1 24.81 51.25 10.91
N THR A 2 24.00 50.62 10.08
CA THR A 2 22.59 50.95 9.86
C THR A 2 21.80 49.82 10.54
N PRO A 3 21.38 49.98 11.81
CA PRO A 3 20.63 48.95 12.51
C PRO A 3 19.18 48.88 12.03
N GLU A 4 18.49 47.85 12.52
CA GLU A 4 17.11 47.53 12.26
C GLU A 4 16.23 48.44 13.15
N GLN A 5 14.93 48.13 13.25
CA GLN A 5 13.96 48.88 14.06
C GLN A 5 13.21 47.87 14.93
N LEU A 6 12.17 47.22 14.37
CA LEU A 6 11.36 46.22 15.06
C LEU A 6 10.71 45.35 14.00
N GLN A 7 10.17 44.19 14.38
CA GLN A 7 9.49 43.25 13.50
C GLN A 7 8.33 42.61 14.25
N ALA A 8 7.41 41.98 13.53
CA ALA A 8 6.24 41.30 14.08
C ALA A 8 5.84 40.21 13.08
N TRP A 9 5.31 39.09 13.58
CA TRP A 9 4.87 37.94 12.80
C TRP A 9 3.79 37.26 13.63
N ARG A 10 2.63 36.95 13.05
CA ARG A 10 1.52 36.29 13.75
C ARG A 10 0.61 35.68 12.69
N TRP A 11 0.12 34.47 12.95
CA TRP A 11 -0.77 33.72 12.09
C TRP A 11 -1.64 32.86 13.00
N GLU A 12 -2.86 32.53 12.57
CA GLU A 12 -3.81 31.70 13.31
C GLU A 12 -4.63 30.87 12.29
N ARG A 13 -5.71 30.19 12.71
CA ARG A 13 -6.54 29.37 11.83
C ARG A 13 -7.90 29.12 12.48
N GLU A 14 -8.65 28.15 11.99
CA GLU A 14 -9.96 27.69 12.45
C GLU A 14 -9.85 26.16 12.52
N ILE A 15 -10.91 25.44 12.86
CA ILE A 15 -10.86 23.98 12.93
C ILE A 15 -12.18 23.44 12.40
N ASP A 16 -12.12 22.59 11.39
CA ASP A 16 -13.25 21.94 10.73
C ASP A 16 -12.70 20.71 10.00
N GLU A 17 -13.57 19.74 9.73
CA GLU A 17 -13.27 18.50 9.02
C GLU A 17 -14.60 17.74 8.84
N ARG A 18 -14.60 16.67 8.04
CA ARG A 18 -15.73 15.79 7.79
C ARG A 18 -15.18 14.42 7.40
N ASN A 19 -16.00 13.37 7.49
CA ASN A 19 -15.62 12.02 7.12
C ASN A 19 -16.20 11.72 5.73
N ARG A 20 -17.52 11.50 5.62
CA ARG A 20 -18.33 11.20 4.44
C ARG A 20 -18.03 9.86 3.76
N PRO A 21 -19.04 9.26 3.08
CA PRO A 21 -18.86 8.01 2.36
C PRO A 21 -18.03 8.37 1.13
N LEU A 22 -16.80 7.88 1.04
CA LEU A 22 -15.88 8.18 -0.04
C LEU A 22 -15.30 6.90 -0.65
N SER A 23 -14.29 7.06 -1.50
CA SER A 23 -13.60 5.97 -2.21
C SER A 23 -12.11 6.28 -2.28
N ASP A 24 -11.70 7.15 -3.21
CA ASP A 24 -10.29 7.51 -3.35
C ASP A 24 -9.84 8.40 -2.18
N GLU A 25 -10.75 9.24 -1.67
CA GLU A 25 -10.44 10.15 -0.57
C GLU A 25 -10.38 9.39 0.76
N GLU A 26 -11.26 8.42 1.00
CA GLU A 26 -11.24 7.66 2.26
C GLU A 26 -9.92 6.86 2.35
N LEU A 27 -9.36 6.44 1.21
CA LEU A 27 -8.12 5.66 1.14
C LEU A 27 -6.96 6.47 1.71
N ASP A 28 -7.04 7.80 1.69
CA ASP A 28 -5.99 8.68 2.22
C ASP A 28 -6.13 8.75 3.74
N ALA A 29 -7.35 9.05 4.17
CA ALA A 29 -7.76 9.20 5.56
C ALA A 29 -7.58 7.90 6.38
N MET A 30 -7.87 6.74 5.79
CA MET A 30 -7.77 5.44 6.46
C MET A 30 -6.37 5.13 7.00
N PHE A 31 -5.31 5.53 6.29
CA PHE A 31 -3.95 5.24 6.78
C PHE A 31 -3.66 6.04 8.05
N PRO A 32 -2.81 5.50 8.94
CA PRO A 32 -2.46 6.18 10.18
C PRO A 32 -1.64 7.44 9.91
N GLU A 33 -1.63 8.32 10.90
CA GLU A 33 -0.93 9.59 10.85
C GLU A 33 0.58 9.35 10.93
N GLY A 34 1.41 10.33 10.51
CA GLY A 34 2.86 10.22 10.51
C GLY A 34 3.42 9.54 9.26
N TYR A 35 2.62 9.44 8.20
CA TYR A 35 2.99 8.83 6.92
C TYR A 35 2.77 9.86 5.82
N LYS A 36 3.46 9.68 4.69
CA LYS A 36 3.41 10.57 3.54
C LYS A 36 3.33 9.75 2.26
N VAL A 37 2.59 10.22 1.26
CA VAL A 37 2.47 9.52 -0.01
C VAL A 37 3.81 9.61 -0.75
N LEU A 38 4.11 8.59 -1.59
CA LEU A 38 5.32 8.48 -2.40
C LEU A 38 4.90 8.40 -3.88
N PRO A 39 4.64 9.53 -4.56
CA PRO A 39 4.26 9.55 -5.98
C PRO A 39 5.32 8.93 -6.90
N PRO A 40 4.97 8.55 -8.14
CA PRO A 40 5.89 7.95 -9.12
C PRO A 40 6.90 8.99 -9.64
N PRO A 41 7.95 8.58 -10.35
CA PRO A 41 8.92 9.51 -10.92
C PRO A 41 8.28 10.31 -12.06
N ALA A 42 8.89 11.42 -12.48
CA ALA A 42 8.39 12.26 -13.56
C ALA A 42 8.92 11.75 -14.91
N GLY A 43 8.25 12.14 -16.00
CA GLY A 43 8.59 11.80 -17.38
C GLY A 43 8.62 10.31 -17.72
N TYR A 44 8.30 9.42 -16.77
CA TYR A 44 8.30 7.97 -16.89
C TYR A 44 7.34 7.47 -17.98
N VAL A 45 7.67 6.33 -18.63
CA VAL A 45 6.88 5.72 -19.69
C VAL A 45 6.76 4.20 -19.42
N PRO A 46 5.73 3.77 -18.68
CA PRO A 46 5.49 2.36 -18.37
C PRO A 46 4.72 1.70 -19.52
N ILE A 47 4.43 0.40 -19.44
CA ILE A 47 3.70 -0.36 -20.43
C ILE A 47 3.11 -1.60 -19.77
N GLY B 1 1.09 -25.90 16.66
CA GLY B 1 0.14 -26.69 15.87
C GLY B 1 -0.62 -25.78 14.94
N ARG B 2 -0.04 -25.43 13.79
CA ARG B 2 -0.68 -24.56 12.81
C ARG B 2 -0.11 -24.82 11.42
N ALA B 3 -0.72 -24.19 10.42
CA ALA B 3 -0.34 -24.25 9.02
C ALA B 3 -0.62 -22.87 8.45
N ASN B 4 0.13 -22.49 7.42
CA ASN B 4 0.07 -21.24 6.70
C ASN B 4 0.30 -21.61 5.24
N ILE B 5 -0.70 -21.35 4.40
CA ILE B 5 -0.66 -21.64 2.98
C ILE B 5 -1.01 -20.40 2.15
N ARG B 6 -0.69 -20.48 0.86
CA ARG B 6 -0.94 -19.43 -0.11
C ARG B 6 -2.43 -19.40 -0.43
N LEU B 7 -2.84 -18.34 -1.11
CA LEU B 7 -4.23 -18.11 -1.52
C LEU B 7 -5.23 -18.19 -0.33
N PRO B 8 -4.97 -17.50 0.81
CA PRO B 8 -5.87 -17.53 1.96
C PRO B 8 -7.14 -16.71 1.67
N PRO B 9 -8.20 -16.83 2.49
CA PRO B 9 -9.46 -16.10 2.28
C PRO B 9 -9.32 -14.62 2.65
N GLU B 10 -8.78 -14.33 3.83
CA GLU B 10 -8.55 -13.03 4.44
C GLU B 10 -7.46 -12.22 3.72
N VAL B 11 -7.83 -11.50 2.65
CA VAL B 11 -6.89 -10.69 1.87
C VAL B 11 -7.65 -9.50 1.29
N ASN B 12 -7.04 -8.31 1.33
CA ASN B 12 -7.59 -7.06 0.81
C ASN B 12 -6.57 -6.40 -0.11
N ARG B 13 -6.99 -5.34 -0.80
CA ARG B 13 -6.15 -4.61 -1.75
C ARG B 13 -4.98 -3.88 -1.07
N ILE B 14 -5.15 -3.46 0.19
CA ILE B 14 -4.16 -2.73 0.99
C ILE B 14 -3.19 -3.73 1.64
N LEU B 15 -1.88 -3.45 1.59
CA LEU B 15 -0.81 -4.28 2.14
C LEU B 15 0.09 -3.47 3.08
N TYR B 16 0.82 -4.14 3.98
CA TYR B 16 1.72 -3.54 4.97
C TYR B 16 3.10 -4.17 4.90
N ILE B 17 4.07 -3.39 4.40
CA ILE B 17 5.47 -3.74 4.18
C ILE B 17 6.28 -3.15 5.36
N ARG B 18 7.34 -3.84 5.82
CA ARG B 18 8.23 -3.50 6.92
C ARG B 18 9.66 -3.96 6.62
N ASN B 19 10.64 -3.44 7.39
CA ASN B 19 12.07 -3.73 7.25
C ASN B 19 12.66 -3.09 5.99
N LEU B 20 11.89 -2.19 5.36
CA LEU B 20 12.29 -1.48 4.14
C LEU B 20 13.50 -0.59 4.39
N PRO B 21 14.27 -0.30 3.33
CA PRO B 21 15.46 0.53 3.45
C PRO B 21 15.13 1.99 3.77
N TYR B 22 16.04 2.66 4.47
CA TYR B 22 15.89 4.07 4.82
C TYR B 22 16.32 4.97 3.65
N LYS B 23 17.05 4.43 2.67
CA LYS B 23 17.52 5.14 1.48
C LYS B 23 17.14 4.29 0.26
N ILE B 24 16.18 4.77 -0.51
CA ILE B 24 15.63 4.20 -1.73
C ILE B 24 14.90 5.34 -2.43
N THR B 25 14.44 5.16 -3.67
CA THR B 25 13.72 6.16 -4.44
C THR B 25 12.40 5.59 -4.94
N ALA B 26 11.50 6.46 -5.42
CA ALA B 26 10.23 6.00 -5.95
C ALA B 26 10.50 5.11 -7.17
N GLU B 27 11.56 5.43 -7.92
CA GLU B 27 12.00 4.73 -9.11
C GLU B 27 12.29 3.26 -8.76
N GLU B 28 13.15 3.03 -7.76
CA GLU B 28 13.55 1.71 -7.29
C GLU B 28 12.37 0.95 -6.68
N MET B 29 11.47 1.65 -5.99
CA MET B 29 10.29 1.03 -5.39
C MET B 29 9.40 0.49 -6.51
N TYR B 30 8.97 1.36 -7.44
CA TYR B 30 8.11 0.99 -8.56
C TYR B 30 8.76 -0.09 -9.43
N ASP B 31 10.09 -0.04 -9.60
CA ASP B 31 10.87 -1.00 -10.39
C ASP B 31 10.72 -2.43 -9.85
N ILE B 32 10.42 -2.58 -8.54
CA ILE B 32 10.22 -3.87 -7.91
C ILE B 32 8.73 -4.21 -7.90
N PHE B 33 7.92 -3.50 -7.11
CA PHE B 33 6.48 -3.73 -6.96
C PHE B 33 5.69 -3.73 -8.27
N GLY B 34 6.03 -2.85 -9.22
CA GLY B 34 5.34 -2.72 -10.50
C GLY B 34 5.42 -3.99 -11.35
N LYS B 35 6.54 -4.72 -11.26
CA LYS B 35 6.72 -5.96 -12.02
C LYS B 35 5.73 -7.02 -11.55
N TYR B 36 5.32 -6.98 -10.28
CA TYR B 36 4.37 -7.90 -9.70
C TYR B 36 2.93 -7.53 -10.09
N GLY B 37 2.68 -6.27 -10.45
CA GLY B 37 1.39 -5.74 -10.86
C GLY B 37 1.36 -4.22 -10.62
N PRO B 38 0.35 -3.51 -11.12
CA PRO B 38 0.24 -2.06 -10.97
C PRO B 38 0.08 -1.61 -9.51
N ILE B 39 0.39 -0.34 -9.25
CA ILE B 39 0.35 0.31 -7.94
C ILE B 39 -0.75 1.40 -7.92
N ARG B 40 -1.42 1.56 -6.77
CA ARG B 40 -2.51 2.50 -6.57
C ARG B 40 -1.98 3.66 -5.75
N GLN B 41 -1.42 3.37 -4.59
CA GLN B 41 -0.84 4.37 -3.72
C GLN B 41 0.23 3.70 -2.89
N ILE B 42 1.18 4.50 -2.44
CA ILE B 42 2.28 4.09 -1.60
C ILE B 42 2.39 5.18 -0.56
N ARG B 43 2.55 4.80 0.70
CA ARG B 43 2.70 5.73 1.80
C ARG B 43 3.88 5.21 2.60
N VAL B 44 4.89 6.06 2.81
CA VAL B 44 6.09 5.74 3.55
C VAL B 44 6.06 6.52 4.85
N GLY B 45 6.69 5.99 5.89
CA GLY B 45 6.73 6.65 7.17
C GLY B 45 7.73 7.80 7.16
N ASN B 46 7.44 8.88 7.88
CA ASN B 46 8.32 10.04 7.95
C ASN B 46 8.86 10.23 9.37
N THR B 47 8.03 10.00 10.39
CA THR B 47 8.42 10.14 11.78
C THR B 47 9.42 9.03 12.15
N PRO B 48 10.19 9.19 13.24
CA PRO B 48 11.14 8.16 13.67
C PRO B 48 10.44 6.88 14.15
N GLU B 49 9.11 6.85 14.17
CA GLU B 49 8.27 5.75 14.60
C GLU B 49 7.61 5.03 13.40
N THR B 50 7.71 5.62 12.21
CA THR B 50 7.14 5.09 10.97
C THR B 50 8.26 4.76 9.97
N ARG B 51 9.49 5.19 10.22
CA ARG B 51 10.63 4.91 9.34
C ARG B 51 10.77 3.39 9.21
N GLY B 52 11.12 2.88 8.03
CA GLY B 52 11.31 1.45 7.79
C GLY B 52 10.02 0.70 7.44
N THR B 53 8.85 1.34 7.48
CA THR B 53 7.58 0.70 7.14
C THR B 53 6.90 1.50 6.03
N ALA B 54 6.06 0.83 5.24
CA ALA B 54 5.31 1.45 4.16
C ALA B 54 4.04 0.65 3.90
N TYR B 55 3.13 1.25 3.15
CA TYR B 55 1.86 0.68 2.76
C TYR B 55 1.84 0.74 1.24
N VAL B 56 1.30 -0.30 0.61
CA VAL B 56 1.19 -0.44 -0.84
C VAL B 56 -0.26 -0.88 -1.10
N VAL B 57 -0.88 -0.40 -2.18
CA VAL B 57 -2.25 -0.76 -2.55
C VAL B 57 -2.18 -1.21 -4.02
N TYR B 58 -2.84 -2.34 -4.34
CA TYR B 58 -2.89 -2.93 -5.68
C TYR B 58 -4.18 -2.55 -6.41
N GLU B 59 -4.25 -2.80 -7.73
CA GLU B 59 -5.43 -2.47 -8.53
C GLU B 59 -6.37 -3.64 -8.44
N ASP B 60 -6.04 -4.72 -9.11
CA ASP B 60 -6.87 -5.89 -9.10
C ASP B 60 -6.59 -6.70 -7.85
N ILE B 61 -7.66 -7.13 -7.21
CA ILE B 61 -7.65 -7.95 -6.02
C ILE B 61 -6.89 -9.25 -6.33
N PHE B 62 -7.01 -9.75 -7.58
CA PHE B 62 -6.33 -10.96 -8.01
C PHE B 62 -4.82 -10.73 -8.14
N ASP B 63 -4.38 -9.50 -8.45
CA ASP B 63 -2.95 -9.15 -8.58
C ASP B 63 -2.33 -9.15 -7.19
N ALA B 64 -2.99 -8.50 -6.23
CA ALA B 64 -2.53 -8.38 -4.85
C ALA B 64 -2.27 -9.74 -4.22
N LYS B 65 -3.17 -10.71 -4.46
CA LYS B 65 -3.06 -12.08 -3.94
C LYS B 65 -1.75 -12.70 -4.40
N ASN B 66 -1.60 -12.83 -5.72
CA ASN B 66 -0.41 -13.42 -6.35
C ASN B 66 0.86 -12.76 -5.86
N ALA B 67 0.95 -11.44 -5.95
CA ALA B 67 2.15 -10.72 -5.53
C ALA B 67 2.51 -10.89 -4.06
N CYS B 68 1.52 -10.92 -3.17
CA CYS B 68 1.76 -11.07 -1.73
C CYS B 68 2.52 -12.34 -1.44
N ASP B 69 2.04 -13.46 -1.98
CA ASP B 69 2.69 -14.74 -1.76
C ASP B 69 4.10 -14.71 -2.33
N HIS B 70 4.22 -14.33 -3.60
CA HIS B 70 5.50 -14.28 -4.28
C HIS B 70 6.51 -13.35 -3.58
N LEU B 71 6.05 -12.33 -2.83
CA LEU B 71 6.94 -11.39 -2.14
C LEU B 71 7.17 -11.74 -0.66
N SER B 72 6.47 -12.73 -0.09
CA SER B 72 6.64 -13.10 1.31
C SER B 72 8.09 -13.56 1.55
N GLY B 73 8.79 -12.89 2.46
CA GLY B 73 10.17 -13.21 2.80
C GLY B 73 11.14 -12.92 1.65
N PHE B 74 10.76 -12.09 0.66
CA PHE B 74 11.60 -11.75 -0.48
C PHE B 74 12.94 -11.21 0.00
N ASN B 75 14.02 -11.89 -0.40
CA ASN B 75 15.41 -11.62 -0.09
C ASN B 75 15.90 -10.40 -0.87
N VAL B 76 16.28 -9.31 -0.19
CA VAL B 76 16.78 -8.08 -0.79
C VAL B 76 17.79 -7.44 0.18
N CYS B 77 18.84 -6.82 -0.36
CA CYS B 77 19.91 -6.14 0.38
C CYS B 77 20.34 -6.90 1.65
N ASN B 78 20.66 -8.19 1.51
CA ASN B 78 21.10 -9.07 2.61
C ASN B 78 20.10 -9.16 3.77
N ARG B 79 18.81 -8.89 3.52
CA ARG B 79 17.69 -8.93 4.46
C ARG B 79 16.52 -9.61 3.74
N TYR B 80 15.37 -9.68 4.40
CA TYR B 80 14.13 -10.29 3.91
C TYR B 80 12.99 -9.36 4.30
N LEU B 81 12.04 -9.13 3.39
CA LEU B 81 10.90 -8.25 3.65
C LEU B 81 9.75 -9.04 4.29
N VAL B 82 8.99 -8.35 5.12
CA VAL B 82 7.82 -8.86 5.85
C VAL B 82 6.61 -8.71 4.92
N VAL B 83 5.54 -9.48 5.10
CA VAL B 83 4.35 -9.35 4.28
C VAL B 83 3.19 -9.58 5.24
N LEU B 84 2.25 -8.63 5.35
CA LEU B 84 1.11 -8.74 6.25
C LEU B 84 -0.06 -7.93 5.68
N TYR B 85 -1.29 -8.40 5.89
CA TYR B 85 -2.48 -7.71 5.43
C TYR B 85 -2.82 -6.57 6.38
N TYR B 86 -3.55 -5.57 5.88
CA TYR B 86 -3.96 -4.42 6.68
C TYR B 86 -5.11 -4.87 7.61
N ASN B 87 -5.59 -4.01 8.50
CA ASN B 87 -6.66 -4.31 9.46
C ASN B 87 -7.84 -3.39 9.30
N GLY A 1 4.55 48.35 28.41
CA GLY A 1 4.50 46.91 28.11
C GLY A 1 3.46 46.67 27.04
N THR A 2 3.37 45.46 26.50
CA THR A 2 2.41 45.10 25.47
C THR A 2 1.97 43.67 25.79
N PRO A 3 0.66 43.38 25.85
CA PRO A 3 0.16 42.05 26.11
C PRO A 3 0.15 41.24 24.80
N GLU A 4 -0.31 39.99 24.87
CA GLU A 4 -0.45 39.06 23.76
C GLU A 4 -1.77 38.33 23.98
N GLN A 5 -2.33 37.71 22.93
CA GLN A 5 -3.58 36.99 23.00
C GLN A 5 -3.39 35.65 22.28
N LEU A 6 -3.13 34.60 23.05
CA LEU A 6 -2.93 33.26 22.51
C LEU A 6 -4.22 32.79 21.85
N GLN A 7 -4.09 32.03 20.75
CA GLN A 7 -5.23 31.50 20.01
C GLN A 7 -5.83 30.32 20.80
N ALA A 8 -6.64 30.62 21.82
CA ALA A 8 -7.29 29.64 22.66
C ALA A 8 -8.53 29.06 21.94
N TRP A 9 -8.33 28.46 20.76
CA TRP A 9 -9.35 27.86 19.91
C TRP A 9 -8.99 26.40 19.64
N ARG A 10 -9.94 25.65 19.10
CA ARG A 10 -9.88 24.24 18.71
C ARG A 10 -11.14 23.96 17.87
N TRP A 11 -11.31 22.74 17.38
CA TRP A 11 -12.45 22.36 16.56
C TRP A 11 -13.03 21.03 17.04
N GLU A 12 -13.96 20.46 16.28
CA GLU A 12 -14.63 19.21 16.57
C GLU A 12 -14.32 18.16 15.49
N ARG A 13 -14.94 16.98 15.60
CA ARG A 13 -14.74 15.86 14.70
C ARG A 13 -16.09 15.19 14.44
N GLU A 14 -16.95 15.77 13.60
CA GLU A 14 -18.25 15.18 13.31
C GLU A 14 -18.08 13.89 12.49
N ILE A 15 -18.97 12.92 12.68
CA ILE A 15 -18.96 11.62 12.01
C ILE A 15 -20.40 11.20 11.68
N ASP A 16 -20.60 10.55 10.53
CA ASP A 16 -21.89 10.08 10.07
C ASP A 16 -21.73 8.97 9.02
N GLU A 17 -22.86 8.44 8.54
CA GLU A 17 -22.88 7.39 7.53
C GLU A 17 -22.41 7.94 6.17
N ARG A 18 -22.37 7.09 5.14
CA ARG A 18 -21.93 7.50 3.82
C ARG A 18 -22.86 6.95 2.75
N ASN A 19 -23.18 7.79 1.77
CA ASN A 19 -24.02 7.49 0.62
C ASN A 19 -23.20 7.57 -0.67
N ARG A 20 -21.91 7.88 -0.58
CA ARG A 20 -21.00 8.01 -1.73
C ARG A 20 -20.15 6.76 -1.89
N PRO A 21 -19.79 6.37 -3.14
CA PRO A 21 -18.95 5.21 -3.41
C PRO A 21 -17.52 5.50 -2.94
N LEU A 22 -16.70 4.47 -2.73
CA LEU A 22 -15.33 4.64 -2.27
C LEU A 22 -14.52 5.42 -3.33
N SER A 23 -14.05 6.59 -2.94
CA SER A 23 -13.27 7.52 -3.74
C SER A 23 -11.85 7.55 -3.16
N ASP A 24 -11.15 8.68 -3.24
CA ASP A 24 -9.78 8.80 -2.72
C ASP A 24 -9.76 9.25 -1.26
N GLU A 25 -10.72 10.09 -0.87
CA GLU A 25 -10.84 10.62 0.48
C GLU A 25 -10.98 9.49 1.50
N GLU A 26 -11.76 8.47 1.14
CA GLU A 26 -12.00 7.31 2.00
C GLU A 26 -10.70 6.54 2.21
N LEU A 27 -9.78 6.54 1.24
CA LEU A 27 -8.50 5.86 1.37
C LEU A 27 -7.64 6.67 2.34
N ASP A 28 -7.58 8.00 2.15
CA ASP A 28 -6.79 8.87 3.02
C ASP A 28 -7.20 8.70 4.47
N ALA A 29 -8.51 8.76 4.72
CA ALA A 29 -9.14 8.64 6.03
C ALA A 29 -8.83 7.33 6.74
N MET A 30 -8.50 6.27 6.00
CA MET A 30 -8.19 4.97 6.58
C MET A 30 -6.70 4.87 6.95
N PHE A 31 -5.84 5.75 6.43
CA PHE A 31 -4.41 5.70 6.69
C PHE A 31 -4.03 6.55 7.90
N PRO A 32 -3.01 6.14 8.67
CA PRO A 32 -2.55 6.87 9.86
C PRO A 32 -1.67 8.05 9.47
N GLU A 33 -1.46 8.98 10.41
CA GLU A 33 -0.60 10.12 10.18
C GLU A 33 0.86 9.67 10.26
N GLY A 34 1.80 10.57 9.94
CA GLY A 34 3.23 10.28 9.97
C GLY A 34 3.67 9.50 8.73
N TYR A 35 2.86 9.52 7.67
CA TYR A 35 3.11 8.84 6.41
C TYR A 35 2.92 9.82 5.26
N LYS A 36 3.99 10.09 4.52
CA LYS A 36 4.01 10.99 3.39
C LYS A 36 3.80 10.18 2.11
N VAL A 37 3.15 10.74 1.09
CA VAL A 37 2.86 10.04 -0.16
C VAL A 37 4.16 9.79 -0.96
N LEU A 38 4.19 8.73 -1.78
CA LEU A 38 5.31 8.37 -2.64
C LEU A 38 4.79 8.37 -4.08
N PRO A 39 4.63 9.57 -4.70
CA PRO A 39 4.17 9.68 -6.08
C PRO A 39 5.14 9.02 -7.06
N PRO A 40 4.72 8.80 -8.32
CA PRO A 40 5.51 8.19 -9.41
C PRO A 40 6.88 8.85 -9.65
N PRO A 41 7.72 8.29 -10.55
CA PRO A 41 9.03 8.84 -10.86
C PRO A 41 8.91 10.28 -11.35
N ALA A 42 9.92 11.10 -11.09
CA ALA A 42 9.94 12.48 -11.52
C ALA A 42 10.43 12.47 -12.98
N GLY A 43 9.58 11.98 -13.87
CA GLY A 43 9.81 11.87 -15.31
C GLY A 43 9.36 10.53 -15.84
N TYR A 44 8.07 10.21 -15.72
CA TYR A 44 7.48 8.95 -16.19
C TYR A 44 6.90 9.04 -17.60
N VAL A 45 7.15 10.16 -18.29
CA VAL A 45 6.69 10.46 -19.64
C VAL A 45 5.15 10.48 -19.70
N PRO A 46 4.50 11.42 -18.97
CA PRO A 46 3.05 11.53 -18.93
C PRO A 46 2.49 12.04 -20.26
N ILE A 47 1.54 11.30 -20.86
CA ILE A 47 0.91 11.73 -22.11
C ILE A 47 -0.21 12.67 -21.69
N GLY B 1 -1.68 -30.48 6.72
CA GLY B 1 -1.83 -29.45 5.67
C GLY B 1 -2.55 -29.98 4.47
N ARG B 2 -3.15 -29.08 3.68
CA ARG B 2 -3.90 -29.41 2.47
C ARG B 2 -3.46 -28.43 1.40
N ALA B 3 -2.83 -28.95 0.34
CA ALA B 3 -2.37 -28.14 -0.77
C ALA B 3 -3.59 -27.43 -1.35
N ASN B 4 -3.57 -26.11 -1.35
CA ASN B 4 -4.64 -25.26 -1.85
C ASN B 4 -4.05 -24.32 -2.90
N ILE B 5 -4.90 -23.70 -3.71
CA ILE B 5 -4.45 -22.81 -4.79
C ILE B 5 -5.07 -21.42 -4.75
N ARG B 6 -5.74 -21.05 -3.66
CA ARG B 6 -6.35 -19.73 -3.50
C ARG B 6 -6.01 -19.23 -2.12
N LEU B 7 -5.35 -18.08 -2.04
CA LEU B 7 -4.93 -17.47 -0.78
C LEU B 7 -6.14 -17.29 0.17
N PRO B 8 -5.90 -17.22 1.49
CA PRO B 8 -6.97 -17.07 2.47
C PRO B 8 -7.81 -15.79 2.33
N PRO B 9 -9.01 -15.74 2.95
CA PRO B 9 -9.89 -14.58 2.89
C PRO B 9 -9.30 -13.35 3.57
N GLU B 10 -8.43 -13.54 4.57
CA GLU B 10 -7.76 -12.51 5.37
C GLU B 10 -6.91 -11.53 4.52
N VAL B 11 -6.54 -11.94 3.31
CA VAL B 11 -5.75 -11.17 2.37
C VAL B 11 -6.65 -10.08 1.78
N ASN B 12 -6.49 -8.84 2.22
CA ASN B 12 -7.27 -7.69 1.76
C ASN B 12 -6.47 -6.91 0.71
N ARG B 13 -7.07 -5.89 0.09
CA ARG B 13 -6.41 -5.10 -0.96
C ARG B 13 -5.11 -4.40 -0.52
N ILE B 14 -5.03 -3.96 0.73
CA ILE B 14 -3.88 -3.26 1.30
C ILE B 14 -2.96 -4.27 2.02
N LEU B 15 -1.65 -4.14 1.84
CA LEU B 15 -0.65 -4.99 2.50
C LEU B 15 0.35 -4.08 3.22
N TYR B 16 0.88 -4.52 4.36
CA TYR B 16 1.88 -3.77 5.12
C TYR B 16 3.23 -4.39 4.77
N ILE B 17 4.25 -3.54 4.59
CA ILE B 17 5.61 -3.91 4.22
C ILE B 17 6.50 -3.47 5.39
N ARG B 18 7.42 -4.33 5.81
CA ARG B 18 8.33 -4.09 6.94
C ARG B 18 9.77 -4.32 6.52
N ASN B 19 10.70 -3.79 7.31
CA ASN B 19 12.16 -3.83 7.13
C ASN B 19 12.57 -3.11 5.84
N LEU B 20 11.92 -2.00 5.54
CA LEU B 20 12.24 -1.22 4.35
C LEU B 20 13.52 -0.43 4.63
N PRO B 21 14.30 -0.09 3.60
CA PRO B 21 15.53 0.69 3.76
C PRO B 21 15.19 2.15 4.06
N TYR B 22 16.18 2.89 4.56
CA TYR B 22 16.01 4.30 4.90
C TYR B 22 16.42 5.23 3.75
N LYS B 23 17.11 4.72 2.73
CA LYS B 23 17.56 5.47 1.55
C LYS B 23 17.05 4.75 0.31
N ILE B 24 15.95 5.23 -0.28
CA ILE B 24 15.36 4.65 -1.47
C ILE B 24 14.43 5.70 -2.09
N THR B 25 14.36 5.78 -3.41
CA THR B 25 13.52 6.72 -4.14
C THR B 25 12.22 6.05 -4.58
N ALA B 26 11.34 6.83 -5.23
CA ALA B 26 10.07 6.32 -5.72
C ALA B 26 10.32 5.30 -6.83
N GLU B 27 11.36 5.53 -7.64
CA GLU B 27 11.80 4.72 -8.77
C GLU B 27 11.98 3.26 -8.35
N GLU B 28 12.88 3.05 -7.38
CA GLU B 28 13.23 1.75 -6.84
C GLU B 28 11.99 1.05 -6.27
N MET B 29 11.19 1.76 -5.47
CA MET B 29 9.98 1.17 -4.89
C MET B 29 9.03 0.69 -5.98
N TYR B 30 8.90 1.42 -7.08
CA TYR B 30 8.02 1.06 -8.17
C TYR B 30 8.64 -0.07 -9.01
N ASP B 31 9.97 -0.15 -9.11
CA ASP B 31 10.69 -1.20 -9.85
C ASP B 31 10.53 -2.55 -9.13
N ILE B 32 10.34 -2.55 -7.81
CA ILE B 32 10.16 -3.75 -7.00
C ILE B 32 8.74 -4.30 -7.22
N PHE B 33 7.73 -3.57 -6.74
CA PHE B 33 6.33 -3.96 -6.81
C PHE B 33 5.74 -3.99 -8.22
N GLY B 34 6.31 -3.26 -9.18
CA GLY B 34 5.82 -3.18 -10.56
C GLY B 34 6.02 -4.46 -11.38
N LYS B 35 6.84 -5.40 -10.93
CA LYS B 35 7.04 -6.64 -11.68
C LYS B 35 5.82 -7.53 -11.59
N TYR B 36 5.06 -7.44 -10.50
CA TYR B 36 3.87 -8.23 -10.26
C TYR B 36 2.62 -7.63 -10.92
N GLY B 37 2.48 -6.30 -11.00
CA GLY B 37 1.30 -5.67 -11.60
C GLY B 37 1.28 -4.15 -11.36
N PRO B 38 0.15 -3.47 -11.60
CA PRO B 38 0.01 -2.02 -11.43
C PRO B 38 0.03 -1.58 -9.96
N ILE B 39 0.27 -0.30 -9.70
CA ILE B 39 0.33 0.27 -8.36
C ILE B 39 -0.77 1.32 -8.20
N ARG B 40 -1.55 1.23 -7.12
CA ARG B 40 -2.61 2.19 -6.82
C ARG B 40 -2.02 3.33 -6.02
N GLN B 41 -1.45 3.04 -4.85
CA GLN B 41 -0.86 4.06 -4.00
C GLN B 41 0.20 3.46 -3.09
N ILE B 42 1.14 4.30 -2.66
CA ILE B 42 2.24 4.00 -1.75
C ILE B 42 2.44 5.28 -0.93
N ARG B 43 2.44 5.14 0.40
CA ARG B 43 2.64 6.21 1.38
C ARG B 43 3.76 5.66 2.26
N VAL B 44 4.88 6.35 2.36
CA VAL B 44 6.03 5.91 3.13
C VAL B 44 6.09 6.59 4.49
N GLY B 45 6.55 5.86 5.50
CA GLY B 45 6.68 6.38 6.85
C GLY B 45 7.84 7.37 6.79
N ASN B 46 7.56 8.65 7.04
CA ASN B 46 8.56 9.73 7.01
C ASN B 46 8.99 10.19 8.40
N THR B 47 8.31 9.79 9.46
CA THR B 47 8.66 10.20 10.82
C THR B 47 9.54 9.11 11.44
N PRO B 48 10.36 9.40 12.47
CA PRO B 48 11.23 8.41 13.10
C PRO B 48 10.45 7.23 13.71
N GLU B 49 9.14 7.36 13.90
CA GLU B 49 8.29 6.34 14.47
C GLU B 49 7.56 5.51 13.40
N THR B 50 7.60 5.93 12.12
CA THR B 50 6.98 5.23 11.00
C THR B 50 8.01 4.75 9.96
N ARG B 51 9.22 5.32 9.98
CA ARG B 51 10.32 5.00 9.09
C ARG B 51 10.60 3.50 9.11
N GLY B 52 11.10 2.97 8.00
CA GLY B 52 11.41 1.57 7.85
C GLY B 52 10.16 0.71 7.57
N THR B 53 8.96 1.31 7.42
CA THR B 53 7.71 0.60 7.12
C THR B 53 6.84 1.47 6.18
N ALA B 54 5.97 0.82 5.39
CA ALA B 54 5.04 1.43 4.43
C ALA B 54 3.98 0.39 4.05
N TYR B 55 2.96 0.76 3.30
CA TYR B 55 1.90 -0.14 2.84
C TYR B 55 1.80 0.04 1.32
N VAL B 56 1.29 -0.95 0.59
CA VAL B 56 1.13 -0.90 -0.85
C VAL B 56 -0.28 -1.43 -1.18
N VAL B 57 -0.91 -0.82 -2.19
CA VAL B 57 -2.22 -1.18 -2.68
C VAL B 57 -2.14 -1.36 -4.21
N TYR B 58 -2.70 -2.44 -4.77
CA TYR B 58 -2.72 -2.68 -6.22
C TYR B 58 -4.08 -2.23 -6.71
N GLU B 59 -4.19 -1.85 -7.99
CA GLU B 59 -5.48 -1.42 -8.51
C GLU B 59 -6.43 -2.61 -8.68
N ASP B 60 -5.88 -3.83 -8.76
CA ASP B 60 -6.60 -5.08 -8.93
C ASP B 60 -6.36 -5.98 -7.74
N ILE B 61 -7.44 -6.31 -7.02
CA ILE B 61 -7.43 -7.17 -5.84
C ILE B 61 -6.94 -8.60 -6.18
N PHE B 62 -7.12 -9.09 -7.41
CA PHE B 62 -6.63 -10.42 -7.80
C PHE B 62 -5.11 -10.33 -7.93
N ASP B 63 -4.59 -9.25 -8.52
CA ASP B 63 -3.16 -9.03 -8.68
C ASP B 63 -2.53 -8.87 -7.31
N ALA B 64 -3.24 -8.21 -6.38
CA ALA B 64 -2.76 -8.02 -5.02
C ALA B 64 -2.45 -9.38 -4.38
N LYS B 65 -3.37 -10.35 -4.47
CA LYS B 65 -3.19 -11.69 -3.91
C LYS B 65 -1.99 -12.39 -4.56
N ASN B 66 -1.66 -12.11 -5.83
CA ASN B 66 -0.51 -12.75 -6.46
C ASN B 66 0.77 -12.23 -5.80
N ALA B 67 0.92 -10.90 -5.75
CA ALA B 67 2.08 -10.25 -5.15
C ALA B 67 2.29 -10.57 -3.65
N CYS B 68 1.30 -11.14 -2.97
CA CYS B 68 1.41 -11.50 -1.55
C CYS B 68 2.47 -12.57 -1.37
N ASP B 69 2.24 -13.77 -1.90
CA ASP B 69 3.18 -14.87 -1.78
C ASP B 69 4.44 -14.58 -2.59
N HIS B 70 4.31 -13.90 -3.74
CA HIS B 70 5.46 -13.58 -4.59
C HIS B 70 6.46 -12.62 -3.91
N LEU B 71 6.05 -11.84 -2.90
CA LEU B 71 6.95 -10.93 -2.19
C LEU B 71 7.29 -11.46 -0.78
N SER B 72 6.44 -12.31 -0.20
CA SER B 72 6.66 -12.90 1.10
C SER B 72 7.83 -13.89 0.99
N GLY B 73 8.97 -13.53 1.60
CA GLY B 73 10.21 -14.29 1.58
C GLY B 73 11.19 -13.80 0.52
N PHE B 74 10.94 -12.64 -0.11
CA PHE B 74 11.83 -12.07 -1.13
C PHE B 74 13.08 -11.52 -0.40
N ASN B 75 14.20 -12.21 -0.54
CA ASN B 75 15.46 -11.83 0.09
C ASN B 75 16.03 -10.62 -0.67
N VAL B 76 16.32 -9.51 0.02
CA VAL B 76 16.85 -8.29 -0.61
C VAL B 76 17.89 -7.65 0.29
N CYS B 77 18.94 -7.05 -0.29
CA CYS B 77 20.03 -6.39 0.41
C CYS B 77 20.58 -7.21 1.59
N ASN B 78 20.70 -8.54 1.46
CA ASN B 78 21.19 -9.45 2.50
C ASN B 78 20.24 -9.48 3.72
N ARG B 79 18.99 -9.08 3.56
CA ARG B 79 17.94 -9.02 4.58
C ARG B 79 16.66 -9.59 3.99
N TYR B 80 15.59 -9.57 4.78
CA TYR B 80 14.28 -10.09 4.41
C TYR B 80 13.21 -9.07 4.78
N LEU B 81 12.07 -9.12 4.10
CA LEU B 81 10.92 -8.24 4.32
C LEU B 81 9.81 -9.09 4.94
N VAL B 82 8.94 -8.50 5.77
CA VAL B 82 7.83 -9.21 6.41
C VAL B 82 6.56 -8.54 5.92
N VAL B 83 5.77 -9.26 5.14
CA VAL B 83 4.51 -8.77 4.60
C VAL B 83 3.45 -9.17 5.62
N LEU B 84 2.47 -8.30 5.85
CA LEU B 84 1.37 -8.53 6.78
C LEU B 84 0.10 -8.09 6.08
N TYR B 85 -0.98 -8.84 6.32
CA TYR B 85 -2.27 -8.57 5.75
C TYR B 85 -2.98 -7.55 6.64
N TYR B 86 -3.23 -6.35 6.10
CA TYR B 86 -3.93 -5.29 6.82
C TYR B 86 -5.40 -5.74 6.84
N ASN B 87 -6.12 -5.39 7.89
CA ASN B 87 -7.52 -5.73 8.12
C ASN B 87 -8.36 -4.48 7.96
N GLY A 1 -41.49 46.82 33.71
CA GLY A 1 -40.25 46.28 33.14
C GLY A 1 -40.59 45.49 31.89
N THR A 2 -39.70 44.60 31.46
CA THR A 2 -39.89 43.75 30.29
C THR A 2 -39.32 42.38 30.68
N PRO A 3 -39.98 41.27 30.29
CA PRO A 3 -39.48 39.94 30.60
C PRO A 3 -38.40 39.54 29.60
N GLU A 4 -37.88 38.34 29.75
CA GLU A 4 -36.87 37.69 28.94
C GLU A 4 -37.30 36.23 28.75
N GLN A 5 -36.60 35.46 27.93
CA GLN A 5 -36.89 34.04 27.67
C GLN A 5 -35.57 33.32 27.44
N LEU A 6 -35.58 31.98 27.58
CA LEU A 6 -34.42 31.12 27.40
C LEU A 6 -34.81 29.91 26.55
N GLN A 7 -33.80 29.18 26.09
CA GLN A 7 -33.93 27.98 25.26
C GLN A 7 -32.64 27.17 25.38
N ALA A 8 -32.57 26.02 24.72
CA ALA A 8 -31.42 25.12 24.70
C ALA A 8 -31.39 24.41 23.34
N TRP A 9 -30.29 23.75 23.01
CA TRP A 9 -30.09 23.02 21.77
C TRP A 9 -29.34 21.72 22.05
N ARG A 10 -29.27 20.83 21.06
CA ARG A 10 -28.60 19.54 21.15
C ARG A 10 -28.17 19.13 19.74
N TRP A 11 -27.03 18.47 19.61
CA TRP A 11 -26.55 17.99 18.32
C TRP A 11 -27.36 16.74 18.00
N GLU A 12 -28.16 16.78 16.93
CA GLU A 12 -28.97 15.63 16.53
C GLU A 12 -28.06 14.59 15.83
N ARG A 13 -28.57 13.37 15.65
CA ARG A 13 -27.87 12.26 15.00
C ARG A 13 -28.87 11.60 14.08
N GLU A 14 -28.73 11.83 12.78
CA GLU A 14 -29.55 11.27 11.72
C GLU A 14 -28.69 10.34 10.89
N ILE A 15 -29.28 9.58 9.98
CA ILE A 15 -28.62 8.63 9.09
C ILE A 15 -29.15 8.93 7.69
N ASP A 16 -28.26 8.96 6.71
CA ASP A 16 -28.61 9.21 5.33
C ASP A 16 -27.49 8.62 4.47
N GLU A 17 -27.85 7.68 3.60
CA GLU A 17 -26.93 7.03 2.69
C GLU A 17 -26.34 8.04 1.72
N ARG A 18 -25.35 7.62 0.92
CA ARG A 18 -24.72 8.50 -0.06
C ARG A 18 -24.71 7.83 -1.42
N ASN A 19 -24.48 6.51 -1.47
CA ASN A 19 -24.39 5.71 -2.70
C ASN A 19 -23.31 6.26 -3.67
N ARG A 20 -22.47 7.17 -3.17
CA ARG A 20 -21.38 7.87 -3.85
C ARG A 20 -20.25 6.94 -4.27
N PRO A 21 -19.43 7.34 -5.25
CA PRO A 21 -18.29 6.55 -5.68
C PRO A 21 -17.17 6.64 -4.64
N LEU A 22 -16.37 5.58 -4.50
CA LEU A 22 -15.25 5.53 -3.56
C LEU A 22 -14.22 6.57 -3.96
N SER A 23 -13.94 7.52 -3.08
CA SER A 23 -12.99 8.59 -3.35
C SER A 23 -11.65 8.30 -2.71
N ASP A 24 -10.66 9.04 -3.18
CA ASP A 24 -9.27 9.04 -2.79
C ASP A 24 -9.09 9.71 -1.42
N GLU A 25 -9.94 10.68 -1.07
CA GLU A 25 -9.83 11.40 0.19
C GLU A 25 -10.20 10.49 1.38
N GLU A 26 -11.07 9.49 1.19
CA GLU A 26 -11.42 8.59 2.30
C GLU A 26 -10.19 7.76 2.67
N LEU A 27 -9.37 7.41 1.67
CA LEU A 27 -8.13 6.63 1.84
C LEU A 27 -7.12 7.39 2.71
N ASP A 28 -6.97 8.71 2.53
CA ASP A 28 -6.01 9.49 3.33
C ASP A 28 -6.39 9.43 4.81
N ALA A 29 -7.70 9.47 5.10
CA ALA A 29 -8.22 9.41 6.46
C ALA A 29 -8.08 8.00 7.03
N MET A 30 -8.24 6.96 6.19
CA MET A 30 -8.11 5.58 6.61
C MET A 30 -6.68 5.28 7.05
N PHE A 31 -5.69 5.78 6.32
CA PHE A 31 -4.28 5.56 6.63
C PHE A 31 -3.87 6.17 7.97
N PRO A 32 -2.80 5.63 8.59
CA PRO A 32 -2.31 6.14 9.85
C PRO A 32 -1.52 7.43 9.60
N GLU A 33 -1.38 8.19 10.67
CA GLU A 33 -0.69 9.45 10.66
C GLU A 33 0.84 9.23 10.73
N GLY A 34 1.63 10.24 10.36
CA GLY A 34 3.09 10.17 10.39
C GLY A 34 3.70 9.56 9.12
N TYR A 35 2.95 9.51 8.02
CA TYR A 35 3.37 8.95 6.73
C TYR A 35 3.17 10.01 5.64
N LYS A 36 3.89 9.88 4.52
CA LYS A 36 3.86 10.79 3.38
C LYS A 36 3.59 9.99 2.11
N VAL A 37 2.83 10.55 1.17
CA VAL A 37 2.51 9.90 -0.10
C VAL A 37 3.78 9.86 -0.96
N LEU A 38 3.98 8.75 -1.67
CA LEU A 38 5.11 8.52 -2.56
C LEU A 38 4.54 8.34 -3.97
N PRO A 39 4.28 9.43 -4.72
CA PRO A 39 3.76 9.32 -6.08
C PRO A 39 4.83 8.71 -7.01
N PRO A 40 4.46 8.27 -8.23
CA PRO A 40 5.38 7.67 -9.20
C PRO A 40 6.55 8.61 -9.59
N PRO A 41 7.54 8.11 -10.35
CA PRO A 41 8.68 8.90 -10.81
C PRO A 41 8.18 10.15 -11.56
N ALA A 42 8.53 11.34 -11.06
CA ALA A 42 8.10 12.59 -11.69
C ALA A 42 8.70 12.71 -13.09
N GLY A 43 7.99 13.40 -13.98
CA GLY A 43 8.41 13.64 -15.35
C GLY A 43 8.36 12.42 -16.28
N TYR A 44 7.95 11.24 -15.79
CA TYR A 44 7.86 10.01 -16.58
C TYR A 44 6.87 10.19 -17.74
N VAL A 45 7.16 9.60 -18.89
CA VAL A 45 6.32 9.67 -20.10
C VAL A 45 6.28 8.26 -20.71
N PRO A 46 5.43 7.36 -20.18
CA PRO A 46 5.30 6.02 -20.70
C PRO A 46 4.56 6.04 -22.04
N ILE A 47 5.06 5.24 -23.00
CA ILE A 47 4.47 5.12 -24.34
C ILE A 47 3.20 4.31 -24.19
N GLY B 1 -20.32 -24.15 6.38
CA GLY B 1 -20.04 -25.60 6.45
C GLY B 1 -18.57 -25.85 6.18
N ARG B 2 -18.01 -26.94 6.72
CA ARG B 2 -16.60 -27.29 6.51
C ARG B 2 -16.44 -27.60 5.01
N ALA B 3 -15.89 -26.68 4.24
CA ALA B 3 -15.68 -26.81 2.80
C ALA B 3 -14.50 -25.92 2.37
N ASN B 4 -14.12 -26.02 1.09
CA ASN B 4 -13.01 -25.27 0.52
C ASN B 4 -13.33 -23.78 0.52
N ILE B 5 -12.43 -22.95 1.07
CA ILE B 5 -12.62 -21.50 1.16
C ILE B 5 -11.32 -20.78 0.79
N ARG B 6 -11.38 -20.02 -0.29
CA ARG B 6 -10.30 -19.20 -0.84
C ARG B 6 -10.79 -17.75 -0.85
N LEU B 7 -9.91 -16.80 -1.16
CA LEU B 7 -10.21 -15.35 -1.21
C LEU B 7 -10.97 -14.93 0.07
N PRO B 8 -10.32 -15.00 1.25
CA PRO B 8 -10.97 -14.63 2.49
C PRO B 8 -11.20 -13.10 2.60
N PRO B 9 -12.15 -12.66 3.45
CA PRO B 9 -12.46 -11.24 3.62
C PRO B 9 -11.34 -10.45 4.33
N GLU B 10 -10.39 -11.14 4.96
CA GLU B 10 -9.27 -10.53 5.65
C GLU B 10 -8.29 -9.84 4.67
N VAL B 11 -8.38 -10.15 3.38
CA VAL B 11 -7.51 -9.58 2.37
C VAL B 11 -8.11 -8.28 1.84
N ASN B 12 -7.29 -7.24 1.73
CA ASN B 12 -7.67 -5.93 1.21
C ASN B 12 -6.50 -5.44 0.36
N ARG B 13 -6.76 -4.50 -0.54
CA ARG B 13 -5.82 -3.90 -1.48
C ARG B 13 -4.61 -3.30 -0.78
N ILE B 14 -4.81 -2.79 0.44
CA ILE B 14 -3.79 -2.17 1.25
C ILE B 14 -2.92 -3.30 1.82
N LEU B 15 -1.61 -3.23 1.55
CA LEU B 15 -0.58 -4.18 1.95
C LEU B 15 0.44 -3.44 2.81
N TYR B 16 0.72 -3.94 4.01
CA TYR B 16 1.67 -3.37 4.97
C TYR B 16 3.02 -4.09 4.81
N ILE B 17 4.13 -3.36 4.77
CA ILE B 17 5.47 -3.93 4.60
C ILE B 17 6.36 -3.46 5.76
N ARG B 18 7.39 -4.25 6.05
CA ARG B 18 8.38 -4.05 7.11
C ARG B 18 9.77 -4.32 6.55
N ASN B 19 10.79 -3.87 7.27
CA ASN B 19 12.21 -4.02 6.93
C ASN B 19 12.62 -3.26 5.67
N LEU B 20 11.81 -2.31 5.20
CA LEU B 20 12.16 -1.52 4.03
C LEU B 20 13.27 -0.56 4.44
N PRO B 21 14.15 -0.14 3.51
CA PRO B 21 15.22 0.78 3.85
C PRO B 21 14.66 2.16 4.25
N TYR B 22 15.47 2.94 4.94
CA TYR B 22 15.10 4.27 5.42
C TYR B 22 15.18 5.32 4.31
N LYS B 23 15.94 5.08 3.24
CA LYS B 23 16.10 5.99 2.10
C LYS B 23 15.87 5.17 0.83
N ILE B 24 14.90 5.55 0.00
CA ILE B 24 14.55 4.87 -1.25
C ILE B 24 13.78 5.86 -2.14
N THR B 25 13.65 5.59 -3.43
CA THR B 25 12.97 6.44 -4.41
C THR B 25 11.75 5.73 -5.01
N ALA B 26 10.89 6.45 -5.73
CA ALA B 26 9.71 5.86 -6.36
C ALA B 26 10.16 4.84 -7.41
N GLU B 27 11.28 5.09 -8.10
CA GLU B 27 11.83 4.22 -9.13
C GLU B 27 12.00 2.81 -8.55
N GLU B 28 12.65 2.68 -7.39
CA GLU B 28 12.87 1.40 -6.75
C GLU B 28 11.57 0.72 -6.36
N MET B 29 10.59 1.49 -5.88
CA MET B 29 9.30 0.92 -5.50
C MET B 29 8.58 0.38 -6.74
N TYR B 30 8.54 1.13 -7.84
CA TYR B 30 7.90 0.69 -9.07
C TYR B 30 8.73 -0.43 -9.72
N ASP B 31 10.04 -0.46 -9.50
CA ASP B 31 10.91 -1.51 -10.04
C ASP B 31 10.58 -2.85 -9.34
N ILE B 32 10.24 -2.83 -8.05
CA ILE B 32 9.91 -4.02 -7.25
C ILE B 32 8.40 -4.31 -7.26
N PHE B 33 7.62 -3.49 -6.54
CA PHE B 33 6.19 -3.65 -6.41
C PHE B 33 5.51 -3.56 -7.78
N GLY B 34 6.05 -2.72 -8.67
CA GLY B 34 5.52 -2.55 -10.01
C GLY B 34 5.95 -3.67 -10.95
N LYS B 35 6.83 -4.59 -10.52
CA LYS B 35 7.26 -5.71 -11.36
C LYS B 35 6.05 -6.60 -11.64
N TYR B 36 5.33 -6.93 -10.57
CA TYR B 36 4.16 -7.76 -10.57
C TYR B 36 3.02 -7.17 -11.41
N GLY B 37 2.80 -5.85 -11.36
CA GLY B 37 1.74 -5.17 -12.09
C GLY B 37 1.64 -3.70 -11.69
N PRO B 38 0.55 -3.00 -12.05
CA PRO B 38 0.35 -1.60 -11.71
C PRO B 38 0.19 -1.40 -10.20
N ILE B 39 0.31 -0.16 -9.73
CA ILE B 39 0.19 0.18 -8.32
C ILE B 39 -0.86 1.29 -8.20
N ARG B 40 -1.74 1.19 -7.20
CA ARG B 40 -2.79 2.17 -6.97
C ARG B 40 -2.22 3.42 -6.32
N GLN B 41 -1.55 3.30 -5.17
CA GLN B 41 -0.95 4.43 -4.44
C GLN B 41 0.07 3.86 -3.44
N ILE B 42 1.09 4.63 -3.05
CA ILE B 42 2.13 4.22 -2.09
C ILE B 42 2.30 5.34 -1.06
N ARG B 43 2.62 4.98 0.19
CA ARG B 43 2.86 5.88 1.31
C ARG B 43 3.99 5.29 2.11
N VAL B 44 4.88 6.12 2.63
CA VAL B 44 6.04 5.70 3.41
C VAL B 44 6.11 6.50 4.71
N GLY B 45 6.75 5.95 5.72
CA GLY B 45 6.90 6.62 7.00
C GLY B 45 7.69 7.91 6.81
N ASN B 46 7.37 8.94 7.59
CA ASN B 46 7.99 10.25 7.55
C ASN B 46 8.55 10.68 8.91
N THR B 47 8.42 9.85 9.93
CA THR B 47 8.87 10.10 11.30
C THR B 47 9.82 8.97 11.74
N PRO B 48 10.63 9.17 12.80
CA PRO B 48 11.57 8.16 13.32
C PRO B 48 10.89 6.89 13.89
N GLU B 49 9.57 6.80 13.80
CA GLU B 49 8.78 5.67 14.28
C GLU B 49 8.04 4.97 13.13
N THR B 50 7.86 5.63 11.99
CA THR B 50 7.20 5.06 10.82
C THR B 50 8.24 4.70 9.76
N ARG B 51 9.44 5.28 9.82
CA ARG B 51 10.49 4.97 8.86
C ARG B 51 10.85 3.49 9.05
N GLY B 52 11.04 2.76 7.95
CA GLY B 52 11.35 1.34 7.94
C GLY B 52 10.12 0.51 7.58
N THR B 53 8.92 1.06 7.73
CA THR B 53 7.66 0.42 7.41
C THR B 53 6.96 1.29 6.34
N ALA B 54 6.03 0.72 5.58
CA ALA B 54 5.30 1.42 4.53
C ALA B 54 4.05 0.64 4.17
N TYR B 55 3.24 1.22 3.28
CA TYR B 55 2.01 0.62 2.80
C TYR B 55 1.95 0.81 1.28
N VAL B 56 1.46 -0.19 0.56
CA VAL B 56 1.32 -0.19 -0.89
C VAL B 56 -0.14 -0.60 -1.15
N VAL B 57 -0.76 -0.08 -2.22
CA VAL B 57 -2.14 -0.41 -2.57
C VAL B 57 -2.14 -0.87 -4.01
N TYR B 58 -2.91 -1.90 -4.34
CA TYR B 58 -3.05 -2.48 -5.67
C TYR B 58 -4.42 -2.17 -6.26
N GLU B 59 -4.56 -2.41 -7.56
CA GLU B 59 -5.78 -2.16 -8.31
C GLU B 59 -6.84 -3.20 -7.97
N ASP B 60 -6.52 -4.48 -8.11
CA ASP B 60 -7.42 -5.59 -7.83
C ASP B 60 -6.88 -6.36 -6.62
N ILE B 61 -7.62 -7.38 -6.20
CA ILE B 61 -7.23 -8.22 -5.07
C ILE B 61 -6.48 -9.46 -5.56
N PHE B 62 -6.71 -9.87 -6.81
CA PHE B 62 -6.08 -11.02 -7.41
C PHE B 62 -4.57 -10.83 -7.55
N ASP B 63 -4.18 -9.75 -8.22
CA ASP B 63 -2.78 -9.40 -8.45
C ASP B 63 -2.11 -9.04 -7.13
N ALA B 64 -2.83 -8.39 -6.21
CA ALA B 64 -2.32 -8.03 -4.90
C ALA B 64 -1.92 -9.31 -4.14
N LYS B 65 -2.83 -10.30 -4.11
CA LYS B 65 -2.59 -11.57 -3.44
C LYS B 65 -1.41 -12.28 -4.08
N ASN B 66 -1.34 -12.31 -5.43
CA ASN B 66 -0.24 -12.95 -6.13
C ASN B 66 1.08 -12.34 -5.66
N ALA B 67 1.19 -11.01 -5.72
CA ALA B 67 2.40 -10.32 -5.32
C ALA B 67 2.71 -10.49 -3.83
N CYS B 68 1.71 -10.63 -2.95
CA CYS B 68 1.96 -10.80 -1.53
C CYS B 68 2.78 -12.06 -1.29
N ASP B 69 2.38 -13.18 -1.87
CA ASP B 69 3.08 -14.44 -1.68
C ASP B 69 4.42 -14.43 -2.42
N HIS B 70 4.46 -13.96 -3.67
CA HIS B 70 5.69 -13.92 -4.46
C HIS B 70 6.78 -13.06 -3.83
N LEU B 71 6.40 -12.01 -3.08
CA LEU B 71 7.38 -11.11 -2.46
C LEU B 71 7.78 -11.57 -1.06
N SER B 72 6.88 -12.25 -0.34
CA SER B 72 7.18 -12.72 1.00
C SER B 72 8.32 -13.76 0.91
N GLY B 73 9.45 -13.48 1.55
CA GLY B 73 10.61 -14.38 1.52
C GLY B 73 11.57 -14.08 0.38
N PHE B 74 11.42 -12.97 -0.35
CA PHE B 74 12.33 -12.59 -1.43
C PHE B 74 13.59 -12.03 -0.76
N ASN B 75 14.71 -12.73 -0.82
CA ASN B 75 15.99 -12.35 -0.22
C ASN B 75 16.54 -11.08 -0.89
N VAL B 76 16.78 -10.02 -0.11
CA VAL B 76 17.31 -8.76 -0.62
C VAL B 76 18.33 -8.23 0.39
N CYS B 77 19.46 -7.70 -0.07
CA CYS B 77 20.55 -7.13 0.75
C CYS B 77 20.82 -7.93 2.05
N ASN B 78 20.74 -9.26 2.02
CA ASN B 78 20.94 -10.15 3.17
C ASN B 78 19.94 -9.82 4.31
N ARG B 79 18.69 -9.56 3.95
CA ARG B 79 17.56 -9.23 4.83
C ARG B 79 16.31 -9.88 4.23
N TYR B 80 15.22 -9.84 5.00
CA TYR B 80 13.94 -10.41 4.64
C TYR B 80 12.83 -9.38 4.93
N LEU B 81 11.90 -9.26 3.99
CA LEU B 81 10.75 -8.36 3.99
C LEU B 81 9.51 -9.09 4.46
N VAL B 82 8.96 -8.68 5.59
CA VAL B 82 7.74 -9.30 6.12
C VAL B 82 6.57 -8.60 5.41
N VAL B 83 5.65 -9.39 4.86
CA VAL B 83 4.45 -8.98 4.14
C VAL B 83 3.26 -9.37 5.03
N LEU B 84 2.26 -8.50 5.17
CA LEU B 84 1.06 -8.73 5.97
C LEU B 84 -0.09 -7.87 5.42
N TYR B 85 -1.32 -8.38 5.44
CA TYR B 85 -2.50 -7.64 4.95
C TYR B 85 -2.90 -6.56 5.93
N TYR B 86 -3.58 -5.53 5.43
CA TYR B 86 -4.10 -4.45 6.26
C TYR B 86 -5.38 -4.99 6.95
N ASN B 87 -5.92 -4.24 7.92
CA ASN B 87 -7.13 -4.61 8.64
C ASN B 87 -8.35 -4.05 7.91
N GLY A 1 -37.67 11.56 50.94
CA GLY A 1 -37.26 11.00 49.65
C GLY A 1 -38.03 9.72 49.44
N THR A 2 -38.46 9.45 48.22
CA THR A 2 -39.22 8.26 47.87
C THR A 2 -38.59 7.76 46.57
N PRO A 3 -37.87 6.63 46.58
CA PRO A 3 -37.25 6.10 45.37
C PRO A 3 -38.31 5.52 44.44
N GLU A 4 -37.91 5.23 43.22
CA GLU A 4 -38.69 4.68 42.14
C GLU A 4 -37.95 3.45 41.56
N GLN A 5 -38.35 3.01 40.38
CA GLN A 5 -37.77 1.89 39.65
C GLN A 5 -37.60 2.43 38.24
N LEU A 6 -36.36 2.58 37.81
CA LEU A 6 -36.01 3.08 36.48
C LEU A 6 -36.12 1.96 35.46
N GLN A 7 -36.29 2.31 34.18
CA GLN A 7 -36.41 1.36 33.07
C GLN A 7 -35.79 1.96 31.82
N ALA A 8 -35.33 1.09 30.91
CA ALA A 8 -34.71 1.49 29.66
C ALA A 8 -35.78 1.72 28.60
N TRP A 9 -35.52 2.64 27.68
CA TRP A 9 -36.43 2.99 26.58
C TRP A 9 -35.73 2.97 25.21
N ARG A 10 -34.40 2.93 25.13
CA ARG A 10 -33.65 2.89 23.88
C ARG A 10 -33.60 1.43 23.42
N TRP A 11 -34.76 0.88 23.05
CA TRP A 11 -34.88 -0.50 22.58
C TRP A 11 -34.45 -0.54 21.12
N GLU A 12 -35.15 0.20 20.25
CA GLU A 12 -34.82 0.24 18.82
C GLU A 12 -33.46 0.92 18.64
N ARG A 13 -32.62 0.30 17.80
CA ARG A 13 -31.28 0.72 17.46
C ARG A 13 -30.79 -0.17 16.30
N GLU A 14 -31.23 0.12 15.07
CA GLU A 14 -30.80 -0.64 13.89
C GLU A 14 -29.37 -0.15 13.63
N ILE A 15 -28.39 -1.06 13.50
CA ILE A 15 -27.00 -0.71 13.25
C ILE A 15 -26.38 -1.65 12.21
N ASP A 16 -25.21 -1.28 11.68
CA ASP A 16 -24.44 -2.02 10.68
C ASP A 16 -23.00 -2.00 11.13
N GLU A 17 -22.20 -2.89 10.54
CA GLU A 17 -20.80 -3.02 10.85
C GLU A 17 -20.08 -1.79 10.28
N ARG A 18 -19.90 -1.70 8.95
CA ARG A 18 -19.25 -0.56 8.30
C ARG A 18 -19.43 -0.70 6.79
N ASN A 19 -20.48 -0.12 6.18
CA ASN A 19 -20.73 -0.19 4.74
C ASN A 19 -20.94 1.21 4.17
N ARG A 20 -20.17 1.56 3.14
CA ARG A 20 -20.21 2.84 2.42
C ARG A 20 -19.36 2.72 1.17
N PRO A 21 -19.56 3.56 0.13
CA PRO A 21 -18.75 3.54 -1.08
C PRO A 21 -17.32 4.05 -0.76
N LEU A 22 -16.45 4.14 -1.77
CA LEU A 22 -15.07 4.61 -1.62
C LEU A 22 -14.69 5.39 -2.86
N SER A 23 -13.91 6.44 -2.71
CA SER A 23 -13.42 7.29 -3.80
C SER A 23 -11.91 7.09 -3.97
N ASP A 24 -11.34 7.61 -5.04
CA ASP A 24 -9.91 7.52 -5.32
C ASP A 24 -9.14 8.38 -4.29
N GLU A 25 -9.77 9.45 -3.81
CA GLU A 25 -9.22 10.37 -2.84
C GLU A 25 -9.34 9.79 -1.43
N GLU A 26 -10.43 9.06 -1.17
CA GLU A 26 -10.67 8.43 0.13
C GLU A 26 -9.61 7.39 0.45
N LEU A 27 -8.95 6.83 -0.57
CA LEU A 27 -7.91 5.85 -0.40
C LEU A 27 -6.79 6.47 0.45
N ASP A 28 -6.45 7.73 0.16
CA ASP A 28 -5.42 8.46 0.88
C ASP A 28 -5.86 8.73 2.33
N ALA A 29 -7.16 8.94 2.54
CA ALA A 29 -7.75 9.20 3.84
C ALA A 29 -7.86 7.92 4.70
N MET A 30 -7.48 6.75 4.18
CA MET A 30 -7.53 5.47 4.89
C MET A 30 -6.14 5.07 5.44
N PHE A 31 -5.15 5.95 5.34
CA PHE A 31 -3.79 5.72 5.83
C PHE A 31 -3.51 6.61 7.04
N PRO A 32 -2.66 6.16 7.99
CA PRO A 32 -2.32 6.90 9.20
C PRO A 32 -1.36 8.07 8.94
N GLU A 33 -1.22 8.94 9.94
CA GLU A 33 -0.36 10.12 9.92
C GLU A 33 1.08 9.73 10.29
N GLY A 34 2.07 10.55 9.93
CA GLY A 34 3.50 10.33 10.16
C GLY A 34 4.21 9.69 8.99
N TYR A 35 3.59 9.72 7.82
CA TYR A 35 4.06 9.17 6.55
C TYR A 35 3.85 10.26 5.50
N LYS A 36 4.58 10.22 4.38
CA LYS A 36 4.48 11.19 3.30
C LYS A 36 4.16 10.46 2.00
N VAL A 37 3.36 11.08 1.13
CA VAL A 37 2.95 10.50 -0.15
C VAL A 37 4.19 10.47 -1.07
N LEU A 38 4.30 9.42 -1.88
CA LEU A 38 5.39 9.24 -2.82
C LEU A 38 4.79 8.78 -4.15
N PRO A 39 4.27 9.74 -4.96
CA PRO A 39 3.63 9.46 -6.26
C PRO A 39 4.61 8.79 -7.26
N PRO A 40 4.13 8.32 -8.42
CA PRO A 40 4.96 7.69 -9.46
C PRO A 40 6.16 8.57 -9.88
N PRO A 41 7.20 7.99 -10.53
CA PRO A 41 8.37 8.73 -10.98
C PRO A 41 8.02 10.05 -11.68
N ALA A 42 8.71 11.14 -11.33
CA ALA A 42 8.48 12.43 -11.96
C ALA A 42 8.87 12.33 -13.44
N GLY A 43 9.93 11.57 -13.71
CA GLY A 43 10.48 11.31 -15.04
C GLY A 43 9.83 10.14 -15.73
N TYR A 44 8.59 9.80 -15.38
CA TYR A 44 7.88 8.69 -16.01
C TYR A 44 7.54 9.08 -17.46
N VAL A 45 7.78 8.18 -18.41
CA VAL A 45 7.48 8.39 -19.83
C VAL A 45 6.73 7.15 -20.31
N PRO A 46 5.38 7.18 -20.35
CA PRO A 46 4.56 6.07 -20.79
C PRO A 46 4.55 5.95 -22.31
N ILE A 47 5.59 5.31 -22.87
CA ILE A 47 5.68 5.10 -24.32
C ILE A 47 4.57 4.10 -24.63
N GLY B 1 -8.22 -32.42 3.18
CA GLY B 1 -9.10 -33.41 2.52
C GLY B 1 -9.43 -32.95 1.11
N ARG B 2 -10.69 -32.57 0.86
CA ARG B 2 -11.18 -32.08 -0.44
C ARG B 2 -11.47 -30.59 -0.29
N ALA B 3 -12.26 -30.23 0.71
CA ALA B 3 -12.62 -28.85 1.01
C ALA B 3 -11.32 -28.10 1.30
N ASN B 4 -11.02 -27.01 0.59
CA ASN B 4 -9.81 -26.23 0.76
C ASN B 4 -10.07 -24.78 0.41
N ILE B 5 -9.59 -23.83 1.22
CA ILE B 5 -9.78 -22.39 1.00
C ILE B 5 -8.41 -21.72 1.07
N ARG B 6 -8.21 -20.76 0.16
CA ARG B 6 -7.02 -19.95 -0.02
C ARG B 6 -7.45 -18.52 -0.35
N LEU B 7 -8.65 -18.12 0.09
CA LEU B 7 -9.20 -16.78 -0.13
C LEU B 7 -9.97 -16.32 1.13
N PRO B 8 -9.27 -16.14 2.25
CA PRO B 8 -9.87 -15.71 3.51
C PRO B 8 -10.35 -14.24 3.46
N PRO B 9 -11.15 -13.77 4.43
CA PRO B 9 -11.65 -12.40 4.46
C PRO B 9 -10.56 -11.37 4.81
N GLU B 10 -9.45 -11.81 5.41
CA GLU B 10 -8.34 -10.95 5.80
C GLU B 10 -7.60 -10.37 4.58
N VAL B 11 -7.80 -10.89 3.36
CA VAL B 11 -7.14 -10.37 2.17
C VAL B 11 -7.85 -9.10 1.73
N ASN B 12 -7.13 -7.99 1.63
CA ASN B 12 -7.62 -6.68 1.19
C ASN B 12 -6.55 -6.10 0.25
N ARG B 13 -6.94 -5.19 -0.66
CA ARG B 13 -6.02 -4.56 -1.60
C ARG B 13 -4.94 -3.73 -0.89
N ILE B 14 -5.24 -3.22 0.31
CA ILE B 14 -4.30 -2.42 1.08
C ILE B 14 -3.34 -3.36 1.80
N LEU B 15 -2.05 -3.29 1.43
CA LEU B 15 -1.00 -4.11 2.02
C LEU B 15 -0.09 -3.22 2.88
N TYR B 16 0.65 -3.83 3.80
CA TYR B 16 1.58 -3.23 4.74
C TYR B 16 2.89 -3.98 4.60
N ILE B 17 4.01 -3.25 4.55
CA ILE B 17 5.36 -3.74 4.37
C ILE B 17 6.25 -3.34 5.55
N ARG B 18 7.29 -4.13 5.81
CA ARG B 18 8.25 -3.97 6.90
C ARG B 18 9.67 -4.35 6.47
N ASN B 19 10.70 -3.96 7.24
CA ASN B 19 12.13 -4.21 7.05
C ASN B 19 12.73 -3.60 5.78
N LEU B 20 12.11 -2.54 5.26
CA LEU B 20 12.57 -1.85 4.05
C LEU B 20 13.80 -0.99 4.33
N PRO B 21 14.60 -0.68 3.29
CA PRO B 21 15.76 0.18 3.45
C PRO B 21 15.23 1.59 3.77
N TYR B 22 15.86 2.29 4.70
CA TYR B 22 15.47 3.63 5.14
C TYR B 22 15.77 4.69 4.07
N LYS B 23 16.51 4.34 3.02
CA LYS B 23 16.89 5.19 1.90
C LYS B 23 16.47 4.48 0.64
N ILE B 24 15.44 4.97 -0.06
CA ILE B 24 14.94 4.39 -1.29
C ILE B 24 14.19 5.48 -2.08
N THR B 25 14.39 5.54 -3.39
CA THR B 25 13.75 6.51 -4.28
C THR B 25 12.39 5.99 -4.76
N ALA B 26 11.55 6.87 -5.30
CA ALA B 26 10.24 6.54 -5.80
C ALA B 26 10.36 5.55 -6.98
N GLU B 27 11.45 5.69 -7.74
CA GLU B 27 11.76 4.86 -8.89
C GLU B 27 12.04 3.42 -8.46
N GLU B 28 12.61 3.21 -7.28
CA GLU B 28 12.90 1.88 -6.77
C GLU B 28 11.57 1.27 -6.32
N MET B 29 10.75 2.03 -5.60
CA MET B 29 9.45 1.57 -5.10
C MET B 29 8.59 1.08 -6.27
N TYR B 30 8.42 1.88 -7.32
CA TYR B 30 7.60 1.52 -8.48
C TYR B 30 8.27 0.45 -9.37
N ASP B 31 9.54 0.13 -9.15
CA ASP B 31 10.23 -0.90 -9.92
C ASP B 31 10.02 -2.24 -9.22
N ILE B 32 10.49 -2.33 -7.98
CA ILE B 32 10.42 -3.50 -7.12
C ILE B 32 8.99 -4.06 -7.10
N PHE B 33 8.00 -3.22 -6.79
CA PHE B 33 6.60 -3.64 -6.74
C PHE B 33 5.96 -3.73 -8.12
N GLY B 34 6.57 -3.13 -9.14
CA GLY B 34 6.08 -3.12 -10.52
C GLY B 34 6.15 -4.48 -11.18
N LYS B 35 7.08 -5.35 -10.76
CA LYS B 35 7.23 -6.70 -11.33
C LYS B 35 5.96 -7.56 -11.18
N TYR B 36 5.00 -7.17 -10.34
CA TYR B 36 3.77 -7.91 -10.10
C TYR B 36 2.52 -7.24 -10.71
N GLY B 37 2.62 -6.05 -11.30
CA GLY B 37 1.50 -5.34 -11.92
C GLY B 37 1.45 -3.86 -11.54
N PRO B 38 0.40 -3.13 -11.96
CA PRO B 38 0.23 -1.70 -11.68
C PRO B 38 -0.03 -1.44 -10.20
N ILE B 39 0.59 -0.39 -9.67
CA ILE B 39 0.52 0.04 -8.28
C ILE B 39 -0.45 1.23 -8.15
N ARG B 40 -1.48 1.08 -7.32
CA ARG B 40 -2.47 2.12 -7.10
C ARG B 40 -1.91 3.32 -6.34
N GLN B 41 -1.20 3.10 -5.23
CA GLN B 41 -0.64 4.21 -4.45
C GLN B 41 0.41 3.69 -3.47
N ILE B 42 1.28 4.59 -3.00
CA ILE B 42 2.37 4.35 -2.05
C ILE B 42 2.53 5.59 -1.13
N ARG B 43 2.70 5.34 0.17
CA ARG B 43 2.91 6.32 1.24
C ARG B 43 4.02 5.68 2.06
N VAL B 44 5.11 6.41 2.30
CA VAL B 44 6.26 5.91 3.05
C VAL B 44 6.41 6.64 4.37
N GLY B 45 6.80 5.90 5.41
CA GLY B 45 6.99 6.42 6.76
C GLY B 45 8.00 7.54 6.79
N ASN B 46 7.77 8.58 7.57
CA ASN B 46 8.66 9.72 7.70
C ASN B 46 9.19 9.88 9.11
N THR B 47 8.42 9.47 10.12
CA THR B 47 8.80 9.52 11.52
C THR B 47 9.82 8.38 11.77
N PRO B 48 10.65 8.47 12.82
CA PRO B 48 11.61 7.41 13.11
C PRO B 48 10.87 6.10 13.46
N GLU B 49 9.65 6.19 13.99
CA GLU B 49 8.82 5.06 14.37
C GLU B 49 8.30 4.30 13.13
N THR B 50 8.34 4.91 11.95
CA THR B 50 7.89 4.32 10.69
C THR B 50 9.06 3.94 9.77
N ARG B 51 10.31 4.16 10.19
CA ARG B 51 11.48 3.82 9.39
C ARG B 51 11.42 2.33 9.04
N GLY B 52 11.54 2.00 7.76
CA GLY B 52 11.52 0.63 7.30
C GLY B 52 10.12 0.08 7.06
N THR B 53 9.05 0.84 7.29
CA THR B 53 7.68 0.37 7.06
C THR B 53 6.99 1.28 6.05
N ALA B 54 6.01 0.73 5.30
CA ALA B 54 5.26 1.44 4.29
C ALA B 54 3.98 0.67 3.97
N TYR B 55 3.12 1.24 3.12
CA TYR B 55 1.86 0.68 2.70
C TYR B 55 1.79 0.80 1.18
N VAL B 56 1.38 -0.26 0.48
CA VAL B 56 1.26 -0.30 -0.99
C VAL B 56 -0.13 -0.83 -1.33
N VAL B 57 -0.78 -0.31 -2.36
CA VAL B 57 -2.10 -0.73 -2.80
C VAL B 57 -1.99 -1.18 -4.26
N TYR B 58 -2.79 -2.17 -4.64
CA TYR B 58 -2.87 -2.74 -5.98
C TYR B 58 -4.30 -2.56 -6.48
N GLU B 59 -4.49 -2.75 -7.78
CA GLU B 59 -5.79 -2.60 -8.41
C GLU B 59 -6.81 -3.64 -7.96
N ASP B 60 -6.58 -4.90 -8.34
CA ASP B 60 -7.47 -6.01 -8.01
C ASP B 60 -6.87 -6.88 -6.95
N ILE B 61 -7.75 -7.46 -6.12
CA ILE B 61 -7.36 -8.37 -5.05
C ILE B 61 -6.59 -9.55 -5.64
N PHE B 62 -6.92 -9.96 -6.87
CA PHE B 62 -6.29 -11.07 -7.58
C PHE B 62 -4.82 -10.79 -7.89
N ASP B 63 -4.45 -9.52 -8.08
CA ASP B 63 -3.08 -9.10 -8.39
C ASP B 63 -2.25 -9.30 -7.13
N ALA B 64 -2.65 -8.62 -6.05
CA ALA B 64 -1.99 -8.65 -4.76
C ALA B 64 -2.06 -10.01 -4.08
N LYS B 65 -3.05 -10.86 -4.38
CA LYS B 65 -3.20 -12.18 -3.78
C LYS B 65 -1.94 -13.00 -3.97
N ASN B 66 -1.56 -13.24 -5.23
CA ASN B 66 -0.36 -14.02 -5.50
C ASN B 66 0.88 -13.19 -5.20
N ALA B 67 0.89 -11.89 -5.52
CA ALA B 67 2.04 -11.05 -5.28
C ALA B 67 2.46 -11.05 -3.81
N CYS B 68 1.53 -11.16 -2.86
CA CYS B 68 1.86 -11.18 -1.44
C CYS B 68 2.74 -12.40 -1.18
N ASP B 69 2.31 -13.59 -1.59
CA ASP B 69 3.06 -14.83 -1.40
C ASP B 69 4.37 -14.79 -2.17
N HIS B 70 4.36 -14.22 -3.39
CA HIS B 70 5.55 -14.11 -4.21
C HIS B 70 6.50 -13.03 -3.72
N LEU B 71 6.07 -12.08 -2.88
CA LEU B 71 6.91 -11.00 -2.38
C LEU B 71 7.44 -11.32 -0.98
N SER B 72 6.70 -12.03 -0.13
CA SER B 72 7.21 -12.38 1.18
C SER B 72 8.43 -13.28 0.96
N GLY B 73 9.37 -13.28 1.90
CA GLY B 73 10.61 -14.05 1.82
C GLY B 73 11.54 -13.62 0.67
N PHE B 74 11.28 -12.49 0.00
CA PHE B 74 12.14 -11.99 -1.07
C PHE B 74 13.37 -11.41 -0.38
N ASN B 75 14.54 -11.90 -0.78
CA ASN B 75 15.84 -11.51 -0.27
C ASN B 75 16.29 -10.19 -0.91
N VAL B 76 16.47 -9.13 -0.13
CA VAL B 76 16.91 -7.82 -0.62
C VAL B 76 17.86 -7.18 0.38
N CYS B 77 18.91 -6.50 -0.09
CA CYS B 77 19.94 -5.79 0.67
C CYS B 77 20.17 -6.29 2.11
N ASN B 78 20.53 -7.57 2.28
CA ASN B 78 20.80 -8.21 3.57
C ASN B 78 19.64 -8.10 4.58
N ARG B 79 18.39 -7.99 4.13
CA ARG B 79 17.14 -7.87 4.88
C ARG B 79 16.11 -8.87 4.33
N TYR B 80 15.02 -9.06 5.07
CA TYR B 80 13.92 -9.94 4.72
C TYR B 80 12.64 -9.21 5.09
N LEU B 81 11.95 -8.69 4.07
CA LEU B 81 10.71 -7.94 4.19
C LEU B 81 9.57 -8.86 4.63
N VAL B 82 8.48 -8.29 5.16
CA VAL B 82 7.32 -9.03 5.64
C VAL B 82 6.05 -8.35 5.08
N VAL B 83 5.21 -9.09 4.35
CA VAL B 83 3.96 -8.58 3.76
C VAL B 83 2.78 -8.97 4.67
N LEU B 84 1.86 -8.05 4.92
CA LEU B 84 0.67 -8.27 5.75
C LEU B 84 -0.49 -7.39 5.22
N TYR B 85 -1.73 -7.80 5.45
CA TYR B 85 -2.92 -7.06 5.01
C TYR B 85 -3.36 -6.08 6.09
N TYR B 86 -3.92 -4.94 5.69
CA TYR B 86 -4.42 -3.94 6.61
C TYR B 86 -5.76 -4.47 7.13
N ASN B 87 -5.89 -4.64 8.45
CA ASN B 87 -7.14 -5.14 9.04
C ASN B 87 -8.23 -4.08 8.89
N GLY A 1 -26.23 5.24 56.53
CA GLY A 1 -25.59 3.92 56.48
C GLY A 1 -25.14 3.66 55.05
N THR A 2 -24.08 2.88 54.87
CA THR A 2 -23.55 2.56 53.54
C THR A 2 -24.27 1.31 53.04
N PRO A 3 -25.07 1.38 51.97
CA PRO A 3 -25.75 0.21 51.42
C PRO A 3 -24.77 -0.59 50.55
N GLU A 4 -25.26 -1.68 49.96
CA GLU A 4 -24.55 -2.57 49.06
C GLU A 4 -25.59 -2.91 47.99
N GLN A 5 -25.22 -2.89 46.71
CA GLN A 5 -26.08 -3.17 45.57
C GLN A 5 -25.24 -3.83 44.45
N LEU A 6 -24.66 -5.01 44.74
CA LEU A 6 -23.82 -5.81 43.85
C LEU A 6 -24.41 -5.90 42.44
N GLN A 7 -23.68 -5.37 41.47
CA GLN A 7 -24.05 -5.35 40.05
C GLN A 7 -22.77 -5.34 39.23
N ALA A 8 -22.85 -5.67 37.94
CA ALA A 8 -21.72 -5.69 37.02
C ALA A 8 -22.21 -5.52 35.58
N TRP A 9 -21.27 -5.35 34.64
CA TRP A 9 -21.52 -5.19 33.22
C TRP A 9 -20.66 -6.20 32.47
N ARG A 10 -20.97 -6.46 31.20
CA ARG A 10 -20.25 -7.42 30.39
C ARG A 10 -19.18 -6.71 29.58
N TRP A 11 -17.89 -6.97 29.81
CA TRP A 11 -16.86 -6.36 28.97
C TRP A 11 -16.98 -7.20 27.71
N GLU A 12 -17.37 -6.59 26.59
CA GLU A 12 -17.59 -7.23 25.30
C GLU A 12 -16.27 -7.67 24.64
N ARG A 13 -16.27 -7.78 23.32
CA ARG A 13 -15.13 -8.17 22.50
C ARG A 13 -15.11 -7.27 21.28
N GLU A 14 -13.93 -6.97 20.75
CA GLU A 14 -13.83 -6.11 19.57
C GLU A 14 -14.27 -6.93 18.36
N ILE A 15 -14.94 -6.30 17.39
CA ILE A 15 -15.41 -6.97 16.18
C ILE A 15 -14.99 -6.09 15.01
N ASP A 16 -14.46 -6.73 13.97
CA ASP A 16 -13.98 -6.12 12.75
C ASP A 16 -15.12 -5.72 11.82
N GLU A 17 -14.78 -5.01 10.75
CA GLU A 17 -15.71 -4.58 9.71
C GLU A 17 -15.03 -4.85 8.37
N ARG A 18 -15.82 -4.84 7.29
CA ARG A 18 -15.39 -5.07 5.93
C ARG A 18 -15.79 -3.84 5.13
N ASN A 19 -14.95 -2.81 5.13
CA ASN A 19 -15.22 -1.56 4.42
C ASN A 19 -14.00 -1.16 3.61
N ARG A 20 -14.23 -0.83 2.35
CA ARG A 20 -13.17 -0.41 1.43
C ARG A 20 -13.15 1.11 1.32
N PRO A 21 -12.04 1.68 0.81
CA PRO A 21 -11.95 3.12 0.62
C PRO A 21 -12.98 3.48 -0.47
N LEU A 22 -13.46 4.71 -0.50
CA LEU A 22 -14.45 5.16 -1.47
C LEU A 22 -13.71 6.11 -2.40
N SER A 23 -13.37 7.28 -1.90
CA SER A 23 -12.62 8.34 -2.52
C SER A 23 -11.24 8.26 -1.87
N ASP A 24 -10.40 9.27 -2.10
CA ASP A 24 -9.07 9.32 -1.50
C ASP A 24 -9.18 9.81 -0.05
N GLU A 25 -10.35 10.32 0.35
CA GLU A 25 -10.69 10.84 1.66
C GLU A 25 -10.69 9.71 2.68
N GLU A 26 -11.55 8.71 2.42
CA GLU A 26 -11.69 7.55 3.29
C GLU A 26 -10.38 6.78 3.27
N LEU A 27 -9.73 6.68 2.10
CA LEU A 27 -8.44 6.00 2.00
C LEU A 27 -7.42 6.67 2.90
N ASP A 28 -7.33 8.01 2.87
CA ASP A 28 -6.40 8.77 3.69
C ASP A 28 -6.67 8.51 5.17
N ALA A 29 -7.95 8.53 5.57
CA ALA A 29 -8.35 8.28 6.95
C ALA A 29 -8.01 6.85 7.39
N MET A 30 -8.10 5.89 6.48
CA MET A 30 -7.80 4.48 6.74
C MET A 30 -6.28 4.26 6.92
N PHE A 31 -5.45 5.28 6.66
CA PHE A 31 -4.00 5.20 6.81
C PHE A 31 -3.58 6.00 8.05
N PRO A 32 -2.58 5.53 8.80
CA PRO A 32 -2.10 6.18 9.99
C PRO A 32 -1.31 7.47 9.73
N GLU A 33 -1.15 8.23 10.80
CA GLU A 33 -0.44 9.49 10.87
C GLU A 33 1.07 9.26 10.72
N GLY A 34 1.82 10.30 10.39
CA GLY A 34 3.28 10.20 10.25
C GLY A 34 3.77 9.50 8.97
N TYR A 35 2.93 9.37 7.95
CA TYR A 35 3.27 8.76 6.66
C TYR A 35 2.94 9.80 5.61
N LYS A 36 3.56 9.70 4.45
CA LYS A 36 3.36 10.64 3.36
C LYS A 36 3.27 9.87 2.05
N VAL A 37 2.59 10.46 1.07
CA VAL A 37 2.35 9.88 -0.23
C VAL A 37 3.65 9.82 -1.04
N LEU A 38 3.80 8.74 -1.79
CA LEU A 38 4.93 8.44 -2.66
C LEU A 38 4.34 8.13 -4.04
N PRO A 39 4.03 9.13 -4.87
CA PRO A 39 3.48 8.89 -6.21
C PRO A 39 4.54 8.24 -7.12
N PRO A 40 4.16 7.80 -8.33
CA PRO A 40 5.12 7.20 -9.27
C PRO A 40 6.09 8.24 -9.82
N PRO A 41 7.23 7.83 -10.41
CA PRO A 41 8.19 8.76 -11.00
C PRO A 41 7.60 9.33 -12.31
N ALA A 42 8.30 10.26 -12.96
CA ALA A 42 7.84 10.82 -14.24
C ALA A 42 8.50 10.00 -15.35
N GLY A 43 8.14 10.27 -16.60
CA GLY A 43 8.70 9.58 -17.75
C GLY A 43 8.45 8.07 -17.69
N TYR A 44 7.35 7.63 -17.08
CA TYR A 44 7.00 6.22 -16.99
C TYR A 44 5.92 5.95 -18.03
N VAL A 45 5.76 4.70 -18.45
CA VAL A 45 4.78 4.34 -19.47
C VAL A 45 3.72 3.41 -18.87
N PRO A 46 2.72 3.95 -18.15
CA PRO A 46 1.64 3.13 -17.60
C PRO A 46 0.82 2.61 -18.78
N ILE A 47 -0.13 1.73 -18.51
CA ILE A 47 -1.01 1.16 -19.51
C ILE A 47 -2.34 1.80 -19.20
N GLY B 1 -1.63 -31.93 15.84
CA GLY B 1 -1.65 -31.51 14.44
C GLY B 1 -2.91 -30.73 14.13
N ARG B 2 -2.95 -30.14 12.94
CA ARG B 2 -4.05 -29.33 12.43
C ARG B 2 -4.28 -29.69 10.96
N ALA B 3 -5.36 -29.13 10.40
CA ALA B 3 -5.75 -29.31 9.03
C ALA B 3 -4.87 -28.44 8.13
N ASN B 4 -5.17 -28.41 6.84
CA ASN B 4 -4.49 -27.63 5.81
C ASN B 4 -5.57 -26.92 4.98
N ILE B 5 -5.25 -25.77 4.40
CA ILE B 5 -6.13 -24.95 3.56
C ILE B 5 -5.27 -24.45 2.37
N ARG B 6 -5.90 -24.08 1.26
CA ARG B 6 -5.19 -23.58 0.08
C ARG B 6 -5.12 -22.06 0.16
N LEU B 7 -6.28 -21.42 0.10
CA LEU B 7 -6.42 -19.98 0.13
C LEU B 7 -6.30 -19.48 1.58
N PRO B 8 -5.85 -18.23 1.80
CA PRO B 8 -5.70 -17.63 3.12
C PRO B 8 -7.09 -17.43 3.78
N PRO B 9 -7.16 -17.25 5.11
CA PRO B 9 -8.42 -17.06 5.82
C PRO B 9 -9.07 -15.72 5.49
N GLU B 10 -8.32 -14.62 5.54
CA GLU B 10 -8.77 -13.26 5.27
C GLU B 10 -7.66 -12.53 4.53
N VAL B 11 -8.03 -11.60 3.65
CA VAL B 11 -7.10 -10.81 2.84
C VAL B 11 -7.71 -9.43 2.57
N ASN B 12 -6.83 -8.44 2.40
CA ASN B 12 -7.13 -7.05 2.13
C ASN B 12 -6.35 -6.62 0.88
N ARG B 13 -6.97 -5.77 0.04
CA ARG B 13 -6.39 -5.22 -1.18
C ARG B 13 -5.11 -4.41 -0.89
N ILE B 14 -5.00 -3.83 0.31
CA ILE B 14 -3.90 -3.01 0.80
C ILE B 14 -2.87 -3.93 1.48
N LEU B 15 -1.58 -3.58 1.39
CA LEU B 15 -0.46 -4.32 1.96
C LEU B 15 0.34 -3.40 2.88
N TYR B 16 1.07 -3.98 3.84
CA TYR B 16 1.90 -3.32 4.85
C TYR B 16 3.26 -4.02 4.84
N ILE B 17 4.27 -3.38 4.26
CA ILE B 17 5.63 -3.85 4.09
C ILE B 17 6.45 -3.59 5.36
N ARG B 18 7.44 -4.45 5.66
CA ARG B 18 8.33 -4.33 6.81
C ARG B 18 9.75 -4.73 6.39
N ASN B 19 10.74 -4.32 7.20
CA ASN B 19 12.18 -4.57 7.03
C ASN B 19 12.78 -3.80 5.84
N LEU B 20 12.15 -2.69 5.45
CA LEU B 20 12.63 -1.85 4.34
C LEU B 20 13.96 -1.18 4.73
N PRO B 21 14.82 -0.83 3.75
CA PRO B 21 16.10 -0.18 4.00
C PRO B 21 15.87 1.28 4.41
N TYR B 22 16.83 1.90 5.10
CA TYR B 22 16.69 3.30 5.51
C TYR B 22 16.83 4.27 4.33
N LYS B 23 17.33 3.83 3.17
CA LYS B 23 17.45 4.66 1.97
C LYS B 23 16.83 3.89 0.81
N ILE B 24 15.94 4.54 0.07
CA ILE B 24 15.23 4.03 -1.09
C ILE B 24 14.59 5.27 -1.77
N THR B 25 14.22 5.18 -3.04
CA THR B 25 13.61 6.27 -3.80
C THR B 25 12.23 5.84 -4.34
N ALA B 26 11.52 6.74 -5.03
CA ALA B 26 10.21 6.42 -5.60
C ALA B 26 10.39 5.39 -6.71
N GLU B 27 11.42 5.59 -7.53
CA GLU B 27 11.78 4.75 -8.65
C GLU B 27 12.04 3.32 -8.19
N GLU B 28 12.80 3.13 -7.12
CA GLU B 28 13.09 1.78 -6.61
C GLU B 28 11.80 1.09 -6.14
N MET B 29 10.92 1.84 -5.46
CA MET B 29 9.66 1.28 -4.97
C MET B 29 8.79 0.84 -6.15
N TYR B 30 8.51 1.75 -7.08
CA TYR B 30 7.69 1.43 -8.25
C TYR B 30 8.36 0.37 -9.11
N ASP B 31 9.69 0.25 -9.08
CA ASP B 31 10.42 -0.74 -9.86
C ASP B 31 10.12 -2.14 -9.33
N ILE B 32 10.43 -2.36 -8.05
CA ILE B 32 10.25 -3.62 -7.35
C ILE B 32 8.78 -4.03 -7.35
N PHE B 33 7.90 -3.19 -6.81
CA PHE B 33 6.48 -3.49 -6.73
C PHE B 33 5.82 -3.60 -8.11
N GLY B 34 6.40 -2.98 -9.14
CA GLY B 34 5.86 -3.00 -10.49
C GLY B 34 6.05 -4.33 -11.21
N LYS B 35 6.96 -5.17 -10.73
CA LYS B 35 7.22 -6.48 -11.33
C LYS B 35 6.04 -7.44 -11.11
N TYR B 36 5.06 -7.05 -10.29
CA TYR B 36 3.87 -7.84 -10.01
C TYR B 36 2.64 -7.27 -10.75
N GLY B 37 2.75 -6.10 -11.39
CA GLY B 37 1.70 -5.42 -12.13
C GLY B 37 1.65 -3.92 -11.82
N PRO B 38 0.66 -3.18 -12.34
CA PRO B 38 0.51 -1.74 -12.07
C PRO B 38 0.25 -1.52 -10.58
N ILE B 39 0.30 -0.27 -10.10
CA ILE B 39 0.10 0.06 -8.68
C ILE B 39 -0.93 1.20 -8.57
N ARG B 40 -1.76 1.18 -7.53
CA ARG B 40 -2.75 2.23 -7.29
C ARG B 40 -2.03 3.43 -6.69
N GLN B 41 -1.45 3.27 -5.49
CA GLN B 41 -0.73 4.33 -4.78
C GLN B 41 0.19 3.69 -3.74
N ILE B 42 1.13 4.47 -3.19
CA ILE B 42 2.08 4.06 -2.17
C ILE B 42 2.18 5.21 -1.14
N ARG B 43 2.40 4.86 0.14
CA ARG B 43 2.57 5.76 1.26
C ARG B 43 3.72 5.17 2.04
N VAL B 44 4.74 5.98 2.33
CA VAL B 44 5.92 5.54 3.06
C VAL B 44 6.07 6.39 4.33
N GLY B 45 6.91 5.92 5.25
CA GLY B 45 7.18 6.57 6.53
C GLY B 45 7.75 7.96 6.29
N ASN B 46 7.41 8.88 7.19
CA ASN B 46 7.86 10.27 7.13
C ASN B 46 8.55 10.59 8.45
N THR B 47 7.82 10.47 9.55
CA THR B 47 8.36 10.71 10.88
C THR B 47 9.42 9.65 11.21
N PRO B 48 10.30 9.91 12.19
CA PRO B 48 11.36 8.98 12.57
C PRO B 48 10.88 7.67 13.19
N GLU B 49 9.60 7.52 13.51
CA GLU B 49 9.07 6.30 14.11
C GLU B 49 8.25 5.46 13.12
N THR B 50 7.93 6.00 11.94
CA THR B 50 7.16 5.29 10.92
C THR B 50 8.08 4.73 9.83
N ARG B 51 9.34 5.14 9.82
CA ARG B 51 10.35 4.67 8.86
C ARG B 51 10.65 3.20 9.16
N GLY B 52 11.07 2.46 8.14
CA GLY B 52 11.40 1.05 8.21
C GLY B 52 10.25 0.15 7.74
N THR B 53 9.01 0.65 7.70
CA THR B 53 7.84 -0.06 7.23
C THR B 53 7.07 0.89 6.29
N ALA B 54 6.11 0.39 5.50
CA ALA B 54 5.35 1.23 4.56
C ALA B 54 4.09 0.52 4.08
N TYR B 55 3.24 1.19 3.28
CA TYR B 55 2.00 0.62 2.76
C TYR B 55 1.91 0.74 1.24
N VAL B 56 1.29 -0.23 0.56
CA VAL B 56 1.10 -0.26 -0.89
C VAL B 56 -0.36 -0.61 -1.17
N VAL B 57 -0.93 -0.05 -2.24
CA VAL B 57 -2.30 -0.28 -2.66
C VAL B 57 -2.23 -0.70 -4.13
N TYR B 58 -3.00 -1.72 -4.48
CA TYR B 58 -3.12 -2.26 -5.84
C TYR B 58 -4.59 -2.10 -6.24
N GLU B 59 -4.91 -2.26 -7.52
CA GLU B 59 -6.26 -2.13 -8.04
C GLU B 59 -7.05 -3.41 -7.73
N ASP B 60 -6.70 -4.53 -8.37
CA ASP B 60 -7.39 -5.81 -8.19
C ASP B 60 -6.91 -6.57 -6.97
N ILE B 61 -7.85 -7.25 -6.32
CA ILE B 61 -7.59 -8.06 -5.13
C ILE B 61 -6.66 -9.24 -5.48
N PHE B 62 -6.78 -9.77 -6.70
CA PHE B 62 -5.97 -10.89 -7.18
C PHE B 62 -4.52 -10.47 -7.34
N ASP B 63 -4.27 -9.31 -7.94
CA ASP B 63 -2.94 -8.78 -8.17
C ASP B 63 -2.20 -8.64 -6.85
N ALA B 64 -2.87 -8.07 -5.84
CA ALA B 64 -2.28 -7.90 -4.52
C ALA B 64 -2.01 -9.26 -3.85
N LYS B 65 -2.89 -10.25 -4.06
CA LYS B 65 -2.73 -11.59 -3.49
C LYS B 65 -1.54 -12.30 -4.10
N ASN B 66 -1.48 -12.39 -5.43
CA ASN B 66 -0.37 -13.08 -6.09
C ASN B 66 0.94 -12.41 -5.72
N ALA B 67 0.97 -11.07 -5.70
CA ALA B 67 2.18 -10.35 -5.33
C ALA B 67 2.56 -10.70 -3.89
N CYS B 68 1.59 -10.69 -2.97
CA CYS B 68 1.81 -11.00 -1.56
C CYS B 68 2.53 -12.34 -1.42
N ASP B 69 2.01 -13.40 -2.03
CA ASP B 69 2.62 -14.73 -1.93
C ASP B 69 3.90 -14.88 -2.76
N HIS B 70 4.19 -13.97 -3.69
CA HIS B 70 5.42 -14.03 -4.50
C HIS B 70 6.51 -13.16 -3.86
N LEU B 71 6.12 -12.19 -3.02
CA LEU B 71 6.99 -11.26 -2.33
C LEU B 71 7.23 -11.69 -0.87
N SER B 72 6.55 -12.72 -0.37
CA SER B 72 6.68 -13.23 0.98
C SER B 72 8.12 -13.65 1.29
N GLY B 73 8.76 -12.99 2.26
CA GLY B 73 10.15 -13.30 2.66
C GLY B 73 11.21 -12.89 1.65
N PHE B 74 10.86 -12.12 0.61
CA PHE B 74 11.75 -11.68 -0.44
C PHE B 74 13.03 -11.03 0.09
N ASN B 75 14.17 -11.61 -0.30
CA ASN B 75 15.52 -11.20 0.06
C ASN B 75 16.00 -10.08 -0.86
N VAL B 76 16.30 -8.93 -0.30
CA VAL B 76 16.80 -7.71 -0.93
C VAL B 76 17.65 -7.02 0.14
N CYS B 77 18.62 -6.18 -0.24
CA CYS B 77 19.53 -5.45 0.65
C CYS B 77 20.18 -6.37 1.72
N ASN B 78 20.24 -7.69 1.48
CA ASN B 78 20.75 -8.73 2.38
C ASN B 78 19.94 -8.69 3.68
N ARG B 79 18.62 -8.83 3.51
CA ARG B 79 17.58 -8.84 4.54
C ARG B 79 16.52 -9.85 4.10
N TYR B 80 15.36 -9.83 4.76
CA TYR B 80 14.22 -10.67 4.50
C TYR B 80 13.01 -9.77 4.79
N LEU B 81 12.23 -9.39 3.79
CA LEU B 81 11.05 -8.55 4.04
C LEU B 81 9.92 -9.41 4.62
N VAL B 82 8.83 -8.79 5.06
CA VAL B 82 7.66 -9.49 5.62
C VAL B 82 6.41 -8.92 4.95
N VAL B 83 5.38 -9.74 4.75
CA VAL B 83 4.11 -9.37 4.12
C VAL B 83 2.98 -9.86 5.03
N LEU B 84 2.19 -8.94 5.60
CA LEU B 84 1.07 -9.24 6.51
C LEU B 84 -0.15 -8.48 5.99
N TYR B 85 -1.24 -9.19 5.64
CA TYR B 85 -2.45 -8.57 5.13
C TYR B 85 -2.99 -7.49 6.09
N TYR B 86 -3.56 -6.42 5.53
CA TYR B 86 -4.12 -5.37 6.35
C TYR B 86 -5.50 -5.81 6.88
N ASN B 87 -6.12 -4.98 7.72
CA ASN B 87 -7.44 -5.20 8.31
C ASN B 87 -8.46 -4.97 7.21
N GLY A 1 22.45 -7.81 -4.42
CA GLY A 1 22.85 -6.68 -5.28
C GLY A 1 21.97 -5.49 -5.00
N THR A 2 21.28 -4.97 -6.03
CA THR A 2 20.38 -3.82 -5.94
C THR A 2 21.13 -2.54 -5.52
N PRO A 3 21.80 -1.85 -6.46
CA PRO A 3 22.51 -0.61 -6.17
C PRO A 3 21.46 0.45 -5.87
N GLU A 4 21.36 0.97 -4.65
CA GLU A 4 20.35 1.98 -4.30
C GLU A 4 20.53 3.25 -5.14
N GLN A 5 19.47 3.67 -5.82
CA GLN A 5 19.43 4.86 -6.66
C GLN A 5 18.48 5.85 -6.01
N LEU A 6 18.98 7.04 -5.67
CA LEU A 6 18.23 8.10 -5.03
C LEU A 6 18.30 9.36 -5.90
N GLN A 7 17.54 9.39 -6.98
CA GLN A 7 17.49 10.52 -7.91
C GLN A 7 16.76 11.70 -7.25
N ALA A 8 15.52 11.49 -6.80
CA ALA A 8 14.68 12.49 -6.15
C ALA A 8 13.55 11.80 -5.40
N TRP A 9 12.81 12.56 -4.60
CA TRP A 9 11.69 12.11 -3.78
C TRP A 9 10.61 13.20 -3.77
N ARG A 10 9.39 12.89 -3.31
CA ARG A 10 8.27 13.83 -3.24
C ARG A 10 7.48 13.64 -1.96
N TRP A 11 6.73 14.66 -1.53
CA TRP A 11 5.94 14.65 -0.31
C TRP A 11 4.79 15.67 -0.42
N GLU A 12 3.70 15.43 0.31
CA GLU A 12 2.49 16.27 0.41
C GLU A 12 1.65 15.70 1.56
N ARG A 13 0.57 16.38 1.97
CA ARG A 13 -0.33 15.97 3.05
C ARG A 13 -1.76 16.34 2.69
N GLU A 14 -2.73 15.80 3.43
CA GLU A 14 -4.16 16.03 3.25
C GLU A 14 -4.74 16.53 4.60
N ILE A 15 -6.06 16.43 4.79
CA ILE A 15 -6.81 16.83 5.98
C ILE A 15 -7.22 15.54 6.68
N ASP A 16 -7.37 15.57 8.01
CA ASP A 16 -7.74 14.40 8.81
C ASP A 16 -9.13 14.60 9.41
N GLU A 17 -10.17 14.21 8.68
CA GLU A 17 -11.56 14.29 9.13
C GLU A 17 -12.39 13.24 8.40
N ARG A 18 -13.57 12.91 8.94
CA ARG A 18 -14.48 11.93 8.37
C ARG A 18 -15.76 12.67 8.01
N ASN A 19 -15.94 13.02 6.74
CA ASN A 19 -17.11 13.76 6.29
C ASN A 19 -17.32 13.56 4.80
N ARG A 20 -18.56 13.22 4.40
CA ARG A 20 -19.00 13.00 3.01
C ARG A 20 -18.22 11.85 2.32
N PRO A 21 -18.68 11.35 1.15
CA PRO A 21 -17.96 10.30 0.45
C PRO A 21 -16.77 10.97 -0.23
N LEU A 22 -15.55 10.54 0.07
CA LEU A 22 -14.33 11.09 -0.50
C LEU A 22 -13.61 9.97 -1.25
N SER A 23 -12.46 10.25 -1.84
CA SER A 23 -11.69 9.27 -2.59
C SER A 23 -10.24 9.26 -2.08
N ASP A 24 -9.37 10.05 -2.70
CA ASP A 24 -7.95 10.19 -2.36
C ASP A 24 -7.76 10.81 -0.98
N GLU A 25 -8.72 11.57 -0.50
CA GLU A 25 -8.66 12.21 0.81
C GLU A 25 -8.98 11.18 1.89
N GLU A 26 -9.97 10.31 1.62
CA GLU A 26 -10.38 9.24 2.53
C GLU A 26 -9.23 8.24 2.70
N LEU A 27 -8.36 8.12 1.69
CA LEU A 27 -7.23 7.22 1.69
C LEU A 27 -6.25 7.60 2.80
N ASP A 28 -6.03 8.89 3.07
CA ASP A 28 -5.11 9.32 4.12
C ASP A 28 -5.68 8.93 5.48
N ALA A 29 -6.97 9.21 5.69
CA ALA A 29 -7.67 8.91 6.92
C ALA A 29 -7.77 7.42 7.25
N MET A 30 -7.34 6.54 6.34
CA MET A 30 -7.35 5.09 6.51
C MET A 30 -5.93 4.60 6.89
N PHE A 31 -4.94 5.49 6.99
CA PHE A 31 -3.56 5.19 7.33
C PHE A 31 -3.17 5.78 8.70
N PRO A 32 -2.16 5.18 9.35
CA PRO A 32 -1.68 5.64 10.65
C PRO A 32 -0.85 6.93 10.51
N GLU A 33 -0.66 7.60 11.64
CA GLU A 33 0.11 8.84 11.72
C GLU A 33 1.59 8.56 11.46
N GLY A 34 2.38 9.60 11.19
CA GLY A 34 3.80 9.46 10.95
C GLY A 34 4.16 8.92 9.57
N TYR A 35 3.29 9.03 8.56
CA TYR A 35 3.52 8.55 7.21
C TYR A 35 3.32 9.71 6.25
N LYS A 36 3.91 9.61 5.05
CA LYS A 36 3.85 10.62 4.01
C LYS A 36 3.57 9.94 2.67
N VAL A 37 2.96 10.68 1.75
CA VAL A 37 2.61 10.18 0.42
C VAL A 37 3.88 9.98 -0.40
N LEU A 38 3.89 8.97 -1.28
CA LEU A 38 5.01 8.66 -2.16
C LEU A 38 4.44 8.45 -3.56
N PRO A 39 4.19 9.52 -4.32
CA PRO A 39 3.64 9.44 -5.67
C PRO A 39 4.70 8.99 -6.69
N PRO A 40 4.28 8.58 -7.91
CA PRO A 40 5.21 8.14 -8.93
C PRO A 40 6.05 9.31 -9.46
N PRO A 41 7.20 9.02 -10.09
CA PRO A 41 8.14 10.00 -10.64
C PRO A 41 7.69 10.62 -11.96
N ALA A 42 8.51 11.56 -12.46
CA ALA A 42 8.31 12.23 -13.72
C ALA A 42 8.96 11.39 -14.82
N GLY A 43 8.61 11.68 -16.08
CA GLY A 43 9.10 11.03 -17.29
C GLY A 43 9.28 9.52 -17.15
N TYR A 44 8.18 8.78 -16.95
CA TYR A 44 8.16 7.34 -16.80
C TYR A 44 7.03 6.77 -17.68
N VAL A 45 7.04 5.47 -17.93
CA VAL A 45 6.05 4.78 -18.76
C VAL A 45 5.64 3.52 -17.99
N PRO A 46 4.46 3.51 -17.33
CA PRO A 46 3.97 2.37 -16.57
C PRO A 46 3.45 1.21 -17.44
N ILE A 47 3.13 1.45 -18.72
CA ILE A 47 2.64 0.41 -19.62
C ILE A 47 3.81 -0.53 -19.86
N GLY B 1 13.17 -19.33 6.72
CA GLY B 1 12.25 -20.36 7.19
C GLY B 1 10.84 -19.93 6.91
N ARG B 2 10.17 -20.47 5.88
CA ARG B 2 8.80 -20.10 5.54
C ARG B 2 8.01 -21.30 5.04
N ALA B 3 6.73 -21.10 4.74
CA ALA B 3 5.83 -22.13 4.23
C ALA B 3 4.82 -21.51 3.27
N ASN B 4 4.31 -22.34 2.36
CA ASN B 4 3.31 -22.00 1.36
C ASN B 4 1.93 -22.09 1.99
N ILE B 5 1.11 -21.05 1.85
CA ILE B 5 -0.25 -21.02 2.39
C ILE B 5 -1.24 -21.17 1.24
N ARG B 6 -2.53 -21.33 1.54
CA ARG B 6 -3.57 -21.49 0.53
C ARG B 6 -4.89 -21.02 1.12
N LEU B 7 -5.85 -20.69 0.24
CA LEU B 7 -7.23 -20.24 0.51
C LEU B 7 -7.44 -19.59 1.90
N PRO B 8 -6.95 -18.36 2.15
CA PRO B 8 -7.16 -17.69 3.44
C PRO B 8 -8.65 -17.30 3.55
N PRO B 9 -9.17 -16.99 4.76
CA PRO B 9 -10.58 -16.64 4.92
C PRO B 9 -10.90 -15.24 4.36
N GLU B 10 -9.98 -14.29 4.46
CA GLU B 10 -10.15 -12.92 3.99
C GLU B 10 -8.85 -12.42 3.38
N VAL B 11 -8.96 -11.36 2.60
CA VAL B 11 -7.89 -10.65 1.92
C VAL B 11 -8.40 -9.22 1.70
N ASN B 12 -7.48 -8.27 1.51
CA ASN B 12 -7.75 -6.86 1.23
C ASN B 12 -6.67 -6.34 0.26
N ARG B 13 -6.94 -5.23 -0.41
CA ARG B 13 -6.08 -4.55 -1.39
C ARG B 13 -4.97 -3.67 -0.83
N ILE B 14 -4.89 -3.41 0.48
CA ILE B 14 -3.87 -2.57 1.11
C ILE B 14 -2.87 -3.52 1.79
N LEU B 15 -1.60 -3.43 1.41
CA LEU B 15 -0.52 -4.24 1.95
C LEU B 15 0.39 -3.37 2.79
N TYR B 16 0.88 -3.93 3.90
CA TYR B 16 1.76 -3.31 4.88
C TYR B 16 3.08 -4.05 4.71
N ILE B 17 4.15 -3.29 4.47
CA ILE B 17 5.49 -3.78 4.26
C ILE B 17 6.35 -3.37 5.46
N ARG B 18 7.41 -4.14 5.72
CA ARG B 18 8.37 -3.96 6.80
C ARG B 18 9.74 -4.40 6.32
N ASN B 19 10.79 -4.01 7.05
CA ASN B 19 12.20 -4.32 6.78
C ASN B 19 12.74 -3.61 5.54
N LEU B 20 12.10 -2.52 5.11
CA LEU B 20 12.52 -1.74 3.93
C LEU B 20 13.70 -0.84 4.27
N PRO B 21 14.50 -0.43 3.27
CA PRO B 21 15.65 0.44 3.51
C PRO B 21 15.20 1.87 3.85
N TYR B 22 16.12 2.66 4.41
CA TYR B 22 15.93 4.06 4.81
C TYR B 22 16.33 5.03 3.71
N LYS B 23 17.10 4.56 2.72
CA LYS B 23 17.60 5.31 1.57
C LYS B 23 17.07 4.61 0.35
N ILE B 24 15.98 5.15 -0.21
CA ILE B 24 15.26 4.67 -1.38
C ILE B 24 14.37 5.84 -1.87
N THR B 25 13.69 5.70 -3.01
CA THR B 25 12.83 6.73 -3.59
C THR B 25 11.52 6.11 -4.09
N ALA B 26 10.71 6.87 -4.84
CA ALA B 26 9.45 6.37 -5.38
C ALA B 26 9.75 5.41 -6.52
N GLU B 27 10.73 5.77 -7.36
CA GLU B 27 11.19 5.03 -8.54
C GLU B 27 11.42 3.57 -8.20
N GLU B 28 12.30 3.27 -7.25
CA GLU B 28 12.60 1.89 -6.88
C GLU B 28 11.35 1.19 -6.35
N MET B 29 10.54 1.85 -5.52
CA MET B 29 9.33 1.29 -4.96
C MET B 29 8.23 1.04 -6.00
N TYR B 30 8.24 1.74 -7.14
CA TYR B 30 7.26 1.55 -8.22
C TYR B 30 7.80 0.49 -9.19
N ASP B 31 9.11 0.49 -9.46
CA ASP B 31 9.77 -0.45 -10.37
C ASP B 31 9.78 -1.86 -9.80
N ILE B 32 10.24 -2.05 -8.56
CA ILE B 32 10.32 -3.35 -7.89
C ILE B 32 8.92 -3.95 -7.81
N PHE B 33 8.02 -3.27 -7.11
CA PHE B 33 6.65 -3.74 -6.93
C PHE B 33 5.88 -3.81 -8.27
N GLY B 34 6.35 -3.08 -9.29
CA GLY B 34 5.75 -3.05 -10.62
C GLY B 34 5.97 -4.35 -11.38
N LYS B 35 6.91 -5.20 -10.94
CA LYS B 35 7.20 -6.47 -11.58
C LYS B 35 5.93 -7.33 -11.62
N TYR B 36 5.07 -7.20 -10.61
CA TYR B 36 3.82 -7.91 -10.49
C TYR B 36 2.80 -7.32 -11.48
N GLY B 37 2.47 -6.04 -11.33
CA GLY B 37 1.52 -5.33 -12.16
C GLY B 37 1.47 -3.85 -11.75
N PRO B 38 0.50 -3.06 -12.25
CA PRO B 38 0.37 -1.65 -11.91
C PRO B 38 0.12 -1.49 -10.42
N ILE B 39 0.32 -0.30 -9.87
CA ILE B 39 0.13 -0.03 -8.45
C ILE B 39 -0.81 1.15 -8.30
N ARG B 40 -1.74 1.07 -7.34
CA ARG B 40 -2.69 2.16 -7.09
C ARG B 40 -1.94 3.36 -6.52
N GLN B 41 -1.35 3.21 -5.33
CA GLN B 41 -0.61 4.28 -4.65
C GLN B 41 0.34 3.65 -3.61
N ILE B 42 1.31 4.41 -3.13
CA ILE B 42 2.32 4.02 -2.14
C ILE B 42 2.48 5.19 -1.14
N ARG B 43 2.85 4.88 0.10
CA ARG B 43 3.09 5.82 1.21
C ARG B 43 4.21 5.21 2.05
N VAL B 44 5.05 6.03 2.67
CA VAL B 44 6.18 5.58 3.49
C VAL B 44 6.20 6.33 4.82
N GLY B 45 7.01 5.85 5.77
CA GLY B 45 7.15 6.45 7.09
C GLY B 45 7.91 7.76 6.99
N ASN B 46 7.59 8.74 7.84
CA ASN B 46 8.23 10.06 7.88
C ASN B 46 8.82 10.38 9.26
N THR B 47 8.40 9.65 10.30
CA THR B 47 8.89 9.79 11.65
C THR B 47 10.01 8.75 11.82
N PRO B 48 10.92 8.91 12.79
CA PRO B 48 11.99 7.95 13.00
C PRO B 48 11.44 6.55 13.33
N GLU B 49 10.31 6.46 14.05
CA GLU B 49 9.70 5.17 14.44
C GLU B 49 9.04 4.42 13.27
N THR B 50 8.68 5.10 12.19
CA THR B 50 8.05 4.49 11.01
C THR B 50 9.10 4.08 9.96
N ARG B 51 10.38 4.32 10.23
CA ARG B 51 11.43 3.94 9.29
C ARG B 51 11.36 2.43 9.13
N GLY B 52 11.57 1.96 7.91
CA GLY B 52 11.53 0.56 7.56
C GLY B 52 10.14 0.02 7.27
N THR B 53 9.05 0.75 7.55
CA THR B 53 7.70 0.30 7.30
C THR B 53 7.05 1.17 6.21
N ALA B 54 6.15 0.62 5.40
CA ALA B 54 5.49 1.33 4.32
C ALA B 54 4.19 0.61 3.94
N TYR B 55 3.42 1.18 3.03
CA TYR B 55 2.16 0.58 2.57
C TYR B 55 2.05 0.68 1.06
N VAL B 56 1.36 -0.27 0.43
CA VAL B 56 1.14 -0.35 -1.01
C VAL B 56 -0.34 -0.66 -1.21
N VAL B 57 -0.94 -0.14 -2.28
CA VAL B 57 -2.35 -0.38 -2.60
C VAL B 57 -2.35 -0.89 -4.04
N TYR B 58 -3.20 -1.87 -4.37
CA TYR B 58 -3.33 -2.45 -5.69
C TYR B 58 -4.80 -2.42 -6.10
N GLU B 59 -5.07 -2.60 -7.39
CA GLU B 59 -6.40 -2.65 -7.96
C GLU B 59 -6.84 -4.09 -8.13
N ASP B 60 -6.04 -4.92 -8.81
CA ASP B 60 -6.35 -6.32 -9.03
C ASP B 60 -6.10 -7.06 -7.73
N ILE B 61 -7.15 -7.60 -7.12
CA ILE B 61 -6.96 -8.36 -5.89
C ILE B 61 -6.26 -9.69 -6.25
N PHE B 62 -6.35 -10.13 -7.51
CA PHE B 62 -5.75 -11.36 -8.03
C PHE B 62 -4.23 -11.21 -8.08
N ASP B 63 -3.76 -10.10 -8.67
CA ASP B 63 -2.32 -9.81 -8.77
C ASP B 63 -1.78 -9.59 -7.36
N ALA B 64 -2.52 -8.86 -6.53
CA ALA B 64 -2.15 -8.59 -5.16
C ALA B 64 -2.02 -9.88 -4.36
N LYS B 65 -2.98 -10.81 -4.48
CA LYS B 65 -2.96 -12.09 -3.77
C LYS B 65 -1.69 -12.87 -4.07
N ASN B 66 -1.32 -12.99 -5.35
CA ASN B 66 -0.11 -13.73 -5.71
C ASN B 66 1.10 -12.98 -5.17
N ALA B 67 1.25 -11.69 -5.51
CA ALA B 67 2.35 -10.81 -5.11
C ALA B 67 2.58 -10.76 -3.60
N CYS B 68 1.51 -10.75 -2.81
CA CYS B 68 1.56 -10.69 -1.37
C CYS B 68 2.38 -11.84 -0.82
N ASP B 69 2.22 -13.04 -1.38
CA ASP B 69 2.96 -14.22 -0.93
C ASP B 69 4.30 -14.29 -1.66
N HIS B 70 4.33 -13.91 -2.93
CA HIS B 70 5.52 -13.93 -3.79
C HIS B 70 6.62 -13.04 -3.20
N LEU B 71 6.25 -11.97 -2.51
CA LEU B 71 7.17 -11.00 -1.90
C LEU B 71 7.34 -11.22 -0.39
N SER B 72 6.54 -12.09 0.23
CA SER B 72 6.62 -12.41 1.64
C SER B 72 7.86 -13.26 1.88
N GLY B 73 8.90 -12.72 2.50
CA GLY B 73 10.14 -13.42 2.79
C GLY B 73 11.18 -13.27 1.68
N PHE B 74 10.97 -12.35 0.74
CA PHE B 74 11.90 -12.11 -0.36
C PHE B 74 13.18 -11.51 0.23
N ASN B 75 14.31 -12.19 0.00
CA ASN B 75 15.64 -11.78 0.49
C ASN B 75 16.18 -10.63 -0.34
N VAL B 76 16.35 -9.45 0.25
CA VAL B 76 16.86 -8.25 -0.40
C VAL B 76 17.81 -7.52 0.55
N CYS B 77 18.93 -7.03 0.02
CA CYS B 77 19.96 -6.27 0.74
C CYS B 77 20.29 -6.86 2.13
N ASN B 78 20.48 -8.19 2.17
CA ASN B 78 20.82 -8.99 3.35
C ASN B 78 19.68 -9.04 4.39
N ARG B 79 18.50 -8.55 4.06
CA ARG B 79 17.29 -8.49 4.88
C ARG B 79 16.21 -9.34 4.21
N TYR B 80 15.02 -9.42 4.79
CA TYR B 80 13.89 -10.19 4.28
C TYR B 80 12.62 -9.39 4.49
N LEU B 81 11.93 -9.02 3.40
CA LEU B 81 10.70 -8.25 3.52
C LEU B 81 9.56 -9.13 4.02
N VAL B 82 8.51 -8.48 4.51
CA VAL B 82 7.29 -9.08 5.05
C VAL B 82 6.11 -8.39 4.34
N VAL B 83 4.94 -9.03 4.35
CA VAL B 83 3.71 -8.52 3.74
C VAL B 83 2.54 -8.93 4.64
N LEU B 84 1.69 -7.98 5.05
CA LEU B 84 0.54 -8.22 5.91
C LEU B 84 -0.66 -7.38 5.42
N TYR B 85 -1.87 -7.93 5.53
CA TYR B 85 -3.10 -7.24 5.13
C TYR B 85 -3.37 -6.07 6.09
N TYR B 86 -4.24 -5.15 5.69
CA TYR B 86 -4.59 -4.01 6.53
C TYR B 86 -5.74 -4.44 7.42
N ASN B 87 -5.82 -3.93 8.66
CA ASN B 87 -6.87 -4.25 9.61
C ASN B 87 -7.45 -2.93 10.05
N GLY A 1 -40.21 -7.32 31.39
CA GLY A 1 -40.82 -7.59 30.08
C GLY A 1 -41.47 -8.94 30.20
N THR A 2 -41.20 -9.85 29.26
CA THR A 2 -41.71 -11.20 29.30
C THR A 2 -41.06 -11.94 30.49
N PRO A 3 -41.60 -13.10 30.94
CA PRO A 3 -40.99 -13.84 32.05
C PRO A 3 -39.68 -14.49 31.60
N GLU A 4 -39.51 -14.68 30.29
CA GLU A 4 -38.37 -15.29 29.63
C GLU A 4 -37.82 -14.30 28.61
N GLN A 5 -36.67 -14.64 28.04
CA GLN A 5 -36.00 -13.86 27.00
C GLN A 5 -36.20 -14.51 25.62
N LEU A 6 -36.85 -15.68 25.57
CA LEU A 6 -37.15 -16.43 24.36
C LEU A 6 -38.06 -15.57 23.49
N GLN A 7 -37.74 -15.47 22.20
CA GLN A 7 -38.50 -14.70 21.23
C GLN A 7 -38.23 -15.25 19.84
N ALA A 8 -39.11 -14.93 18.89
CA ALA A 8 -39.02 -15.36 17.50
C ALA A 8 -39.00 -14.17 16.51
N TRP A 9 -39.17 -12.94 17.01
CA TRP A 9 -39.17 -11.73 16.22
C TRP A 9 -37.75 -11.15 16.21
N ARG A 10 -37.57 -9.99 15.57
CA ARG A 10 -36.30 -9.28 15.46
C ARG A 10 -36.61 -7.80 15.38
N TRP A 11 -35.61 -7.01 15.00
CA TRP A 11 -35.69 -5.57 14.82
C TRP A 11 -34.95 -5.25 13.51
N GLU A 12 -35.02 -3.98 13.13
CA GLU A 12 -34.45 -3.35 11.94
C GLU A 12 -32.92 -3.43 11.91
N ARG A 13 -32.30 -2.81 10.90
CA ARG A 13 -30.85 -2.83 10.71
C ARG A 13 -30.29 -1.50 10.25
N GLU A 14 -28.96 -1.46 10.23
CA GLU A 14 -28.18 -0.33 9.79
C GLU A 14 -28.26 -0.28 8.26
N ILE A 15 -27.62 0.71 7.64
CA ILE A 15 -27.65 0.90 6.19
C ILE A 15 -26.32 0.46 5.57
N ASP A 16 -26.45 -0.15 4.38
CA ASP A 16 -25.41 -0.68 3.52
C ASP A 16 -24.66 0.45 2.83
N GLU A 17 -23.33 0.48 2.91
CA GLU A 17 -22.50 1.51 2.29
C GLU A 17 -21.58 0.87 1.23
N ARG A 18 -21.24 1.66 0.21
CA ARG A 18 -20.40 1.26 -0.91
C ARG A 18 -19.00 0.95 -0.41
N ASN A 19 -18.58 -0.32 -0.40
CA ASN A 19 -17.25 -0.74 0.04
C ASN A 19 -16.32 -0.49 -1.16
N ARG A 20 -16.13 0.77 -1.54
CA ARG A 20 -15.29 1.20 -2.66
C ARG A 20 -14.52 2.46 -2.31
N PRO A 21 -13.34 2.69 -2.92
CA PRO A 21 -12.55 3.87 -2.64
C PRO A 21 -13.23 5.09 -3.24
N LEU A 22 -13.60 6.04 -2.39
CA LEU A 22 -14.25 7.29 -2.76
C LEU A 22 -13.21 8.14 -3.49
N SER A 23 -12.27 8.71 -2.75
CA SER A 23 -11.18 9.55 -3.26
C SER A 23 -10.04 9.50 -2.25
N ASP A 24 -8.97 10.25 -2.51
CA ASP A 24 -7.80 10.32 -1.65
C ASP A 24 -8.14 10.84 -0.26
N GLU A 25 -9.17 11.68 -0.14
CA GLU A 25 -9.64 12.26 1.13
C GLU A 25 -10.14 11.19 2.10
N GLU A 26 -10.57 10.03 1.62
CA GLU A 26 -11.05 8.94 2.43
C GLU A 26 -9.85 8.04 2.73
N LEU A 27 -9.06 7.72 1.70
CA LEU A 27 -7.88 6.87 1.82
C LEU A 27 -6.90 7.45 2.84
N ASP A 28 -6.74 8.77 2.84
CA ASP A 28 -5.87 9.52 3.75
C ASP A 28 -6.23 9.30 5.22
N ALA A 29 -7.52 9.04 5.50
CA ALA A 29 -8.04 8.78 6.84
C ALA A 29 -7.97 7.30 7.20
N MET A 30 -7.77 6.40 6.23
CA MET A 30 -7.67 4.96 6.47
C MET A 30 -6.22 4.59 6.83
N PHE A 31 -5.26 5.44 6.48
CA PHE A 31 -3.84 5.22 6.75
C PHE A 31 -3.44 5.85 8.08
N PRO A 32 -2.32 5.39 8.68
CA PRO A 32 -1.82 5.93 9.92
C PRO A 32 -1.10 7.25 9.68
N GLU A 33 -0.97 8.04 10.74
CA GLU A 33 -0.30 9.33 10.69
C GLU A 33 1.22 9.13 10.78
N GLY A 34 1.98 10.12 10.32
CA GLY A 34 3.43 10.10 10.31
C GLY A 34 4.00 9.39 9.07
N TYR A 35 3.23 9.32 7.99
CA TYR A 35 3.59 8.69 6.73
C TYR A 35 3.41 9.73 5.63
N LYS A 36 4.12 9.55 4.52
CA LYS A 36 4.07 10.48 3.40
C LYS A 36 3.87 9.75 2.09
N VAL A 37 3.17 10.39 1.15
CA VAL A 37 2.89 9.86 -0.17
C VAL A 37 4.18 9.85 -0.97
N LEU A 38 4.41 8.78 -1.74
CA LEU A 38 5.59 8.62 -2.60
C LEU A 38 5.09 8.46 -4.03
N PRO A 39 4.84 9.58 -4.76
CA PRO A 39 4.37 9.57 -6.14
C PRO A 39 5.30 8.80 -7.07
N PRO A 40 4.88 8.50 -8.32
CA PRO A 40 5.69 7.78 -9.30
C PRO A 40 6.90 8.60 -9.76
N PRO A 41 7.86 7.98 -10.46
CA PRO A 41 9.05 8.66 -10.97
C PRO A 41 8.66 9.90 -11.78
N ALA A 42 9.50 10.92 -11.72
CA ALA A 42 9.35 12.22 -12.38
C ALA A 42 9.19 12.20 -13.90
N GLY A 43 9.25 11.04 -14.55
CA GLY A 43 9.11 10.87 -15.99
C GLY A 43 8.90 9.38 -16.24
N TYR A 44 7.76 8.86 -15.79
CA TYR A 44 7.42 7.46 -15.93
C TYR A 44 6.80 7.20 -17.31
N VAL A 45 7.49 6.44 -18.14
CA VAL A 45 7.06 6.07 -19.48
C VAL A 45 7.32 4.55 -19.59
N PRO A 46 6.48 3.70 -18.99
CA PRO A 46 6.65 2.27 -19.05
C PRO A 46 6.23 1.75 -20.43
N ILE A 47 6.75 0.58 -20.81
CA ILE A 47 6.42 -0.07 -22.07
C ILE A 47 5.03 -0.64 -21.82
N GLY B 1 7.12 -29.28 5.27
CA GLY B 1 6.81 -27.90 4.85
C GLY B 1 6.72 -26.97 6.05
N ARG B 2 7.26 -25.76 5.94
CA ARG B 2 7.26 -24.71 6.97
C ARG B 2 6.75 -23.42 6.33
N ALA B 3 6.40 -22.41 7.13
CA ALA B 3 5.89 -21.10 6.68
C ALA B 3 4.88 -21.25 5.53
N ASN B 4 3.66 -21.68 5.85
CA ASN B 4 2.59 -21.88 4.88
C ASN B 4 1.34 -21.15 5.36
N ILE B 5 0.90 -20.14 4.62
CA ILE B 5 -0.28 -19.33 4.95
C ILE B 5 -1.31 -19.31 3.80
N ARG B 6 -1.20 -20.24 2.83
CA ARG B 6 -2.10 -20.32 1.68
C ARG B 6 -3.56 -20.20 2.10
N LEU B 7 -4.39 -19.62 1.23
CA LEU B 7 -5.81 -19.39 1.44
C LEU B 7 -6.03 -18.76 2.82
N PRO B 8 -5.61 -17.50 3.03
CA PRO B 8 -5.78 -16.81 4.30
C PRO B 8 -7.28 -16.60 4.58
N PRO B 9 -7.66 -16.25 5.83
CA PRO B 9 -9.07 -16.04 6.17
C PRO B 9 -9.67 -14.85 5.44
N GLU B 10 -8.86 -13.87 5.04
CA GLU B 10 -9.29 -12.68 4.33
C GLU B 10 -8.09 -12.07 3.61
N VAL B 11 -8.36 -11.11 2.74
CA VAL B 11 -7.40 -10.34 1.97
C VAL B 11 -8.08 -9.00 1.71
N ASN B 12 -7.32 -7.90 1.78
CA ASN B 12 -7.81 -6.55 1.55
C ASN B 12 -6.90 -5.89 0.52
N ARG B 13 -7.45 -4.85 -0.10
CA ARG B 13 -6.80 -4.04 -1.14
C ARG B 13 -5.55 -3.31 -0.64
N ILE B 14 -5.45 -3.04 0.66
CA ILE B 14 -4.32 -2.37 1.29
C ILE B 14 -3.42 -3.46 1.88
N LEU B 15 -2.11 -3.30 1.72
CA LEU B 15 -1.05 -4.19 2.18
C LEU B 15 -0.02 -3.40 2.97
N TYR B 16 0.73 -4.08 3.84
CA TYR B 16 1.79 -3.50 4.68
C TYR B 16 3.06 -4.31 4.42
N ILE B 17 4.22 -3.67 4.53
CA ILE B 17 5.52 -4.27 4.32
C ILE B 17 6.44 -3.79 5.44
N ARG B 18 7.49 -4.56 5.77
CA ARG B 18 8.48 -4.26 6.80
C ARG B 18 9.86 -4.55 6.24
N ASN B 19 10.90 -4.03 6.89
CA ASN B 19 12.32 -4.17 6.53
C ASN B 19 12.64 -3.38 5.27
N LEU B 20 11.77 -2.45 4.86
CA LEU B 20 11.97 -1.64 3.66
C LEU B 20 13.13 -0.65 3.87
N PRO B 21 13.83 -0.27 2.79
CA PRO B 21 14.96 0.66 2.86
C PRO B 21 14.55 2.03 3.39
N TYR B 22 15.41 2.64 4.22
CA TYR B 22 15.15 3.96 4.80
C TYR B 22 15.36 5.06 3.76
N LYS B 23 16.21 4.83 2.76
CA LYS B 23 16.56 5.76 1.70
C LYS B 23 16.13 5.15 0.38
N ILE B 24 14.89 5.37 -0.04
CA ILE B 24 14.40 4.85 -1.30
C ILE B 24 13.64 5.95 -2.04
N THR B 25 13.58 5.84 -3.36
CA THR B 25 12.94 6.75 -4.28
C THR B 25 11.78 6.01 -4.94
N ALA B 26 11.01 6.71 -5.78
CA ALA B 26 9.87 6.10 -6.45
C ALA B 26 10.33 5.02 -7.43
N GLU B 27 11.45 5.24 -8.12
CA GLU B 27 12.01 4.32 -9.11
C GLU B 27 12.12 2.89 -8.62
N GLU B 28 12.84 2.64 -7.53
CA GLU B 28 13.02 1.28 -6.98
C GLU B 28 11.69 0.68 -6.52
N MET B 29 10.77 1.50 -5.97
CA MET B 29 9.48 0.99 -5.51
C MET B 29 8.63 0.55 -6.69
N TYR B 30 8.46 1.43 -7.68
CA TYR B 30 7.68 1.15 -8.86
C TYR B 30 8.32 0.05 -9.73
N ASP B 31 9.63 -0.14 -9.68
CA ASP B 31 10.32 -1.19 -10.47
C ASP B 31 9.96 -2.57 -9.93
N ILE B 32 10.28 -2.77 -8.65
CA ILE B 32 10.08 -4.00 -7.91
C ILE B 32 8.61 -4.39 -7.83
N PHE B 33 7.79 -3.54 -7.20
CA PHE B 33 6.36 -3.87 -7.09
C PHE B 33 5.72 -3.94 -8.49
N GLY B 34 6.14 -3.10 -9.43
CA GLY B 34 5.62 -3.08 -10.80
C GLY B 34 5.82 -4.41 -11.51
N LYS B 35 6.87 -5.15 -11.16
CA LYS B 35 7.20 -6.45 -11.74
C LYS B 35 6.09 -7.47 -11.47
N TYR B 36 5.20 -7.22 -10.51
CA TYR B 36 4.11 -8.10 -10.15
C TYR B 36 2.77 -7.64 -10.75
N GLY B 37 2.54 -6.33 -10.83
CA GLY B 37 1.33 -5.74 -11.36
C GLY B 37 1.32 -4.22 -11.13
N PRO B 38 0.23 -3.52 -11.45
CA PRO B 38 0.13 -2.07 -11.27
C PRO B 38 0.10 -1.69 -9.78
N ILE B 39 0.19 -0.39 -9.49
CA ILE B 39 0.20 0.16 -8.13
C ILE B 39 -0.86 1.25 -8.05
N ARG B 40 -1.71 1.23 -7.02
CA ARG B 40 -2.75 2.23 -6.82
C ARG B 40 -2.12 3.43 -6.12
N GLN B 41 -1.52 3.22 -4.93
CA GLN B 41 -0.88 4.27 -4.15
C GLN B 41 0.16 3.67 -3.21
N ILE B 42 1.18 4.45 -2.84
CA ILE B 42 2.26 4.09 -1.93
C ILE B 42 2.45 5.25 -0.96
N ARG B 43 2.64 4.92 0.32
CA ARG B 43 2.87 5.84 1.42
C ARG B 43 3.97 5.18 2.25
N VAL B 44 5.03 5.92 2.57
CA VAL B 44 6.19 5.44 3.33
C VAL B 44 6.25 6.10 4.71
N GLY B 45 6.87 5.42 5.69
CA GLY B 45 7.00 5.91 7.05
C GLY B 45 7.94 7.12 7.07
N ASN B 46 7.44 8.30 7.46
CA ASN B 46 8.20 9.54 7.51
C ASN B 46 8.67 9.87 8.93
N THR B 47 7.85 9.61 9.95
CA THR B 47 8.22 9.87 11.34
C THR B 47 9.40 8.96 11.70
N PRO B 48 10.19 9.33 12.73
CA PRO B 48 11.34 8.52 13.12
C PRO B 48 10.94 7.14 13.65
N GLU B 49 9.68 6.91 13.98
CA GLU B 49 9.21 5.63 14.47
C GLU B 49 8.55 4.78 13.37
N THR B 50 8.27 5.35 12.19
CA THR B 50 7.61 4.60 11.10
C THR B 50 8.61 4.19 10.02
N ARG B 51 9.74 4.90 9.89
CA ARG B 51 10.78 4.59 8.91
C ARG B 51 11.12 3.09 9.07
N GLY B 52 11.16 2.35 7.96
CA GLY B 52 11.42 0.91 7.91
C GLY B 52 10.19 0.16 7.37
N THR B 53 9.03 0.81 7.28
CA THR B 53 7.79 0.21 6.79
C THR B 53 7.11 1.16 5.79
N ALA B 54 6.13 0.64 5.07
CA ALA B 54 5.35 1.37 4.08
C ALA B 54 4.11 0.54 3.77
N TYR B 55 3.16 1.14 3.05
CA TYR B 55 1.93 0.51 2.65
C TYR B 55 1.86 0.51 1.13
N VAL B 56 1.24 -0.52 0.55
CA VAL B 56 1.06 -0.66 -0.89
C VAL B 56 -0.43 -0.93 -1.08
N VAL B 57 -1.01 -0.34 -2.12
CA VAL B 57 -2.40 -0.52 -2.48
C VAL B 57 -2.32 -0.93 -3.93
N TYR B 58 -3.01 -2.01 -4.29
CA TYR B 58 -3.03 -2.52 -5.65
C TYR B 58 -4.31 -2.06 -6.33
N GLU B 59 -4.34 -2.09 -7.66
CA GLU B 59 -5.54 -1.66 -8.38
C GLU B 59 -6.62 -2.74 -8.30
N ASP B 60 -6.23 -4.03 -8.24
CA ASP B 60 -7.13 -5.17 -8.16
C ASP B 60 -6.79 -6.03 -6.92
N ILE B 61 -7.67 -6.95 -6.52
CA ILE B 61 -7.44 -7.81 -5.36
C ILE B 61 -6.44 -8.93 -5.70
N PHE B 62 -6.65 -9.58 -6.84
CA PHE B 62 -5.81 -10.69 -7.30
C PHE B 62 -4.36 -10.24 -7.47
N ASP B 63 -4.15 -9.01 -7.96
CA ASP B 63 -2.80 -8.47 -8.13
C ASP B 63 -2.11 -8.38 -6.78
N ALA B 64 -2.85 -7.93 -5.75
CA ALA B 64 -2.34 -7.81 -4.40
C ALA B 64 -1.92 -9.18 -3.87
N LYS B 65 -2.81 -10.18 -3.97
CA LYS B 65 -2.55 -11.54 -3.51
C LYS B 65 -1.30 -12.11 -4.15
N ASN B 66 -1.24 -12.05 -5.48
CA ASN B 66 -0.10 -12.56 -6.23
C ASN B 66 1.16 -11.85 -5.76
N ALA B 67 1.17 -10.51 -5.65
CA ALA B 67 2.36 -9.80 -5.20
C ALA B 67 2.74 -10.18 -3.78
N CYS B 68 1.79 -10.38 -2.87
CA CYS B 68 2.09 -10.77 -1.50
C CYS B 68 2.83 -12.09 -1.49
N ASP B 69 2.25 -13.11 -2.14
CA ASP B 69 2.86 -14.42 -2.16
C ASP B 69 4.21 -14.42 -2.87
N HIS B 70 4.33 -13.72 -4.01
CA HIS B 70 5.57 -13.65 -4.75
C HIS B 70 6.62 -12.83 -3.99
N LEU B 71 6.25 -11.91 -3.09
CA LEU B 71 7.23 -11.07 -2.36
C LEU B 71 7.55 -11.59 -0.96
N SER B 72 6.77 -12.53 -0.44
CA SER B 72 7.02 -13.08 0.88
C SER B 72 8.33 -13.87 0.82
N GLY B 73 9.25 -13.55 1.73
CA GLY B 73 10.54 -14.20 1.81
C GLY B 73 11.58 -13.58 0.86
N PHE B 74 11.31 -12.40 0.28
CA PHE B 74 12.25 -11.74 -0.62
C PHE B 74 13.45 -11.27 0.23
N ASN B 75 14.60 -11.89 0.00
CA ASN B 75 15.89 -11.64 0.66
C ASN B 75 16.64 -10.51 -0.03
N VAL B 76 16.86 -9.38 0.65
CA VAL B 76 17.59 -8.23 0.11
C VAL B 76 18.37 -7.57 1.23
N CYS B 77 19.56 -7.06 0.92
CA CYS B 77 20.48 -6.41 1.86
C CYS B 77 20.55 -7.10 3.22
N ASN B 78 20.75 -8.43 3.20
CA ASN B 78 20.88 -9.33 4.34
C ASN B 78 19.65 -9.44 5.25
N ARG B 79 18.44 -9.06 4.80
CA ARG B 79 17.20 -9.12 5.57
C ARG B 79 16.06 -9.62 4.69
N TYR B 80 14.93 -10.00 5.28
CA TYR B 80 13.75 -10.50 4.57
C TYR B 80 12.61 -9.50 4.67
N LEU B 81 12.02 -9.10 3.55
CA LEU B 81 10.90 -8.15 3.53
C LEU B 81 9.65 -8.89 4.00
N VAL B 82 9.20 -8.63 5.23
CA VAL B 82 8.02 -9.28 5.80
C VAL B 82 6.77 -8.71 5.11
N VAL B 83 5.84 -9.60 4.76
CA VAL B 83 4.56 -9.30 4.08
C VAL B 83 3.42 -9.50 5.08
N LEU B 84 2.47 -8.56 5.18
CA LEU B 84 1.34 -8.66 6.09
C LEU B 84 0.17 -7.81 5.56
N TYR B 85 -1.03 -8.39 5.48
CA TYR B 85 -2.22 -7.67 5.00
C TYR B 85 -2.63 -6.60 6.00
N TYR B 86 -3.38 -5.59 5.55
CA TYR B 86 -3.87 -4.55 6.43
C TYR B 86 -5.09 -5.11 7.19
N ASN B 87 -5.46 -4.48 8.32
CA ASN B 87 -6.60 -4.86 9.14
C ASN B 87 -7.13 -3.60 9.78
N GLY A 1 -15.94 51.58 39.35
CA GLY A 1 -17.09 50.71 39.60
C GLY A 1 -16.62 49.28 39.67
N THR A 2 -17.48 48.30 39.39
CA THR A 2 -17.14 46.89 39.40
C THR A 2 -17.63 46.34 38.06
N PRO A 3 -16.79 45.64 37.29
CA PRO A 3 -17.17 45.07 36.01
C PRO A 3 -17.86 43.71 36.28
N GLU A 4 -18.09 42.96 35.21
CA GLU A 4 -18.68 41.63 35.19
C GLU A 4 -17.69 40.72 34.45
N GLN A 5 -17.95 39.41 34.40
CA GLN A 5 -17.08 38.47 33.71
C GLN A 5 -17.89 37.22 33.32
N LEU A 6 -19.01 37.41 32.61
CA LEU A 6 -19.84 36.30 32.17
C LEU A 6 -19.10 35.50 31.09
N GLN A 7 -19.59 34.30 30.79
CA GLN A 7 -19.02 33.40 29.79
C GLN A 7 -20.12 32.50 29.24
N ALA A 8 -19.83 31.78 28.16
CA ALA A 8 -20.73 30.85 27.50
C ALA A 8 -19.89 29.77 26.82
N TRP A 9 -20.50 28.63 26.50
CA TRP A 9 -19.83 27.51 25.85
C TRP A 9 -20.56 27.12 24.57
N ARG A 10 -20.01 26.20 23.78
CA ARG A 10 -20.56 25.70 22.52
C ARG A 10 -20.73 24.17 22.61
N TRP A 11 -21.22 23.55 21.54
CA TRP A 11 -21.45 22.11 21.43
C TRP A 11 -21.22 21.73 19.96
N GLU A 12 -20.98 20.45 19.70
CA GLU A 12 -20.75 19.84 18.41
C GLU A 12 -21.22 18.38 18.49
N ARG A 13 -21.32 17.68 17.36
CA ARG A 13 -21.74 16.27 17.30
C ARG A 13 -20.93 15.56 16.24
N GLU A 14 -20.84 14.24 16.32
CA GLU A 14 -20.08 13.45 15.38
C GLU A 14 -20.83 13.31 14.05
N ILE A 15 -20.07 13.21 12.95
CA ILE A 15 -20.60 13.04 11.61
C ILE A 15 -20.88 11.54 11.43
N ASP A 16 -22.12 11.19 11.10
CA ASP A 16 -22.55 9.81 10.86
C ASP A 16 -22.06 9.34 9.47
N GLU A 17 -22.29 8.08 9.12
CA GLU A 17 -21.87 7.55 7.82
C GLU A 17 -23.04 6.98 7.02
N ARG A 18 -22.75 6.76 5.73
CA ARG A 18 -23.60 6.24 4.69
C ARG A 18 -22.67 5.64 3.63
N ASN A 19 -23.22 4.84 2.72
CA ASN A 19 -22.44 4.24 1.65
C ASN A 19 -22.07 5.34 0.66
N ARG A 20 -20.83 5.30 0.19
CA ARG A 20 -20.22 6.21 -0.77
C ARG A 20 -19.13 5.43 -1.52
N PRO A 21 -18.72 5.87 -2.73
CA PRO A 21 -17.68 5.20 -3.47
C PRO A 21 -16.32 5.47 -2.81
N LEU A 22 -15.31 4.71 -3.23
CA LEU A 22 -13.95 4.83 -2.73
C LEU A 22 -13.14 5.62 -3.76
N SER A 23 -12.37 6.58 -3.26
CA SER A 23 -11.49 7.49 -3.96
C SER A 23 -10.15 7.51 -3.20
N ASP A 24 -9.22 8.37 -3.60
CA ASP A 24 -7.91 8.50 -2.93
C ASP A 24 -8.10 9.10 -1.54
N GLU A 25 -9.26 9.71 -1.27
CA GLU A 25 -9.65 10.34 -0.03
C GLU A 25 -9.84 9.30 1.06
N GLU A 26 -10.50 8.18 0.75
CA GLU A 26 -10.71 7.13 1.73
C GLU A 26 -9.38 6.45 1.99
N LEU A 27 -8.61 6.22 0.91
CA LEU A 27 -7.31 5.58 0.98
C LEU A 27 -6.35 6.44 1.82
N ASP A 28 -6.61 7.74 1.92
CA ASP A 28 -5.81 8.68 2.71
C ASP A 28 -6.12 8.42 4.18
N ALA A 29 -7.38 8.61 4.56
CA ALA A 29 -7.94 8.44 5.90
C ALA A 29 -7.91 7.01 6.46
N MET A 30 -7.43 6.02 5.71
CA MET A 30 -7.34 4.63 6.16
C MET A 30 -5.95 4.31 6.71
N PHE A 31 -4.97 5.20 6.54
CA PHE A 31 -3.63 4.97 7.03
C PHE A 31 -3.33 5.83 8.26
N PRO A 32 -2.49 5.33 9.17
CA PRO A 32 -2.11 6.07 10.36
C PRO A 32 -1.20 7.22 9.92
N GLU A 33 -1.09 8.25 10.76
CA GLU A 33 -0.27 9.40 10.42
C GLU A 33 1.23 9.06 10.55
N GLY A 34 2.05 9.95 9.98
CA GLY A 34 3.50 9.85 9.94
C GLY A 34 3.99 9.19 8.64
N TYR A 35 3.13 9.14 7.62
CA TYR A 35 3.43 8.54 6.32
C TYR A 35 3.17 9.56 5.20
N LYS A 36 4.05 9.60 4.20
CA LYS A 36 3.99 10.50 3.05
C LYS A 36 3.77 9.68 1.78
N VAL A 37 2.97 10.18 0.82
CA VAL A 37 2.70 9.45 -0.42
C VAL A 37 3.98 9.43 -1.27
N LEU A 38 4.11 8.37 -2.08
CA LEU A 38 5.24 8.13 -2.96
C LEU A 38 4.81 8.13 -4.44
N PRO A 39 4.56 9.30 -5.06
CA PRO A 39 4.18 9.37 -6.47
C PRO A 39 5.41 9.03 -7.33
N PRO A 40 5.24 8.71 -8.62
CA PRO A 40 6.37 8.36 -9.49
C PRO A 40 7.20 9.60 -9.83
N PRO A 41 8.42 9.42 -10.38
CA PRO A 41 9.27 10.54 -10.77
C PRO A 41 8.51 11.54 -11.65
N ALA A 42 8.82 12.83 -11.48
CA ALA A 42 8.16 13.90 -12.23
C ALA A 42 8.18 13.68 -13.74
N GLY A 43 9.23 13.04 -14.28
CA GLY A 43 9.37 12.77 -15.70
C GLY A 43 9.40 11.26 -15.99
N TYR A 44 8.64 10.43 -15.28
CA TYR A 44 8.66 8.99 -15.55
C TYR A 44 8.12 8.69 -16.96
N VAL A 45 8.53 7.55 -17.56
CA VAL A 45 8.13 7.13 -18.89
C VAL A 45 7.84 5.62 -18.91
N PRO A 46 6.59 5.17 -18.71
CA PRO A 46 6.24 3.75 -18.74
C PRO A 46 6.21 3.23 -20.19
N ILE A 47 5.64 2.05 -20.40
CA ILE A 47 5.48 1.40 -21.70
C ILE A 47 4.28 0.48 -21.56
N GLY B 1 -10.97 -26.46 16.23
CA GLY B 1 -11.37 -26.51 14.82
C GLY B 1 -10.13 -26.62 13.97
N ARG B 2 -10.11 -26.03 12.79
CA ARG B 2 -8.98 -26.04 11.86
C ARG B 2 -8.81 -24.61 11.35
N ALA B 3 -8.11 -23.78 12.12
CA ALA B 3 -7.83 -22.39 11.77
C ALA B 3 -6.67 -22.35 10.78
N ASN B 4 -6.81 -23.01 9.63
CA ASN B 4 -5.76 -23.05 8.60
C ASN B 4 -5.58 -21.66 8.00
N ILE B 5 -4.53 -21.45 7.21
CA ILE B 5 -4.20 -20.17 6.58
C ILE B 5 -4.09 -20.24 5.04
N ARG B 6 -4.86 -21.10 4.36
CA ARG B 6 -4.79 -21.17 2.89
C ARG B 6 -5.56 -20.00 2.27
N LEU B 7 -5.03 -18.78 2.42
CA LEU B 7 -5.55 -17.51 1.93
C LEU B 7 -6.99 -17.29 2.46
N PRO B 8 -7.15 -16.77 3.69
CA PRO B 8 -8.46 -16.53 4.28
C PRO B 8 -9.27 -15.46 3.52
N PRO B 9 -10.57 -15.28 3.83
CA PRO B 9 -11.40 -14.29 3.17
C PRO B 9 -10.89 -12.86 3.47
N GLU B 10 -10.36 -12.65 4.67
CA GLU B 10 -9.83 -11.38 5.20
C GLU B 10 -8.54 -10.88 4.54
N VAL B 11 -8.09 -11.47 3.43
CA VAL B 11 -6.89 -11.02 2.73
C VAL B 11 -7.27 -9.70 2.05
N ASN B 12 -7.18 -8.62 2.82
CA ASN B 12 -7.51 -7.28 2.35
C ASN B 12 -6.47 -6.88 1.31
N ARG B 13 -6.96 -6.19 0.28
CA ARG B 13 -6.21 -5.69 -0.88
C ARG B 13 -5.02 -4.76 -0.63
N ILE B 14 -4.77 -4.31 0.60
CA ILE B 14 -3.65 -3.44 0.93
C ILE B 14 -2.61 -4.34 1.59
N LEU B 15 -1.38 -4.31 1.10
CA LEU B 15 -0.27 -5.10 1.63
C LEU B 15 0.57 -4.17 2.50
N TYR B 16 1.08 -4.67 3.61
CA TYR B 16 1.91 -3.95 4.56
C TYR B 16 3.29 -4.55 4.39
N ILE B 17 4.31 -3.72 4.19
CA ILE B 17 5.68 -4.16 4.01
C ILE B 17 6.48 -3.55 5.14
N ARG B 18 7.35 -4.38 5.71
CA ARG B 18 8.24 -4.05 6.80
C ARG B 18 9.65 -4.41 6.37
N ASN B 19 10.65 -3.88 7.08
CA ASN B 19 12.08 -4.09 6.85
C ASN B 19 12.56 -3.37 5.58
N LEU B 20 11.82 -2.36 5.11
CA LEU B 20 12.17 -1.60 3.91
C LEU B 20 13.44 -0.77 4.16
N PRO B 21 14.21 -0.45 3.11
CA PRO B 21 15.42 0.35 3.21
C PRO B 21 15.08 1.79 3.62
N TYR B 22 16.07 2.49 4.16
CA TYR B 22 15.90 3.87 4.62
C TYR B 22 16.19 4.88 3.49
N LYS B 23 16.91 4.44 2.44
CA LYS B 23 17.28 5.23 1.28
C LYS B 23 16.91 4.44 0.03
N ILE B 24 15.80 4.80 -0.60
CA ILE B 24 15.23 4.20 -1.82
C ILE B 24 14.43 5.33 -2.47
N THR B 25 14.22 5.28 -3.78
CA THR B 25 13.47 6.29 -4.52
C THR B 25 12.08 5.74 -4.88
N ALA B 26 11.23 6.59 -5.46
CA ALA B 26 9.90 6.16 -5.87
C ALA B 26 10.05 5.13 -6.98
N GLU B 27 10.86 5.45 -7.98
CA GLU B 27 11.15 4.62 -9.13
C GLU B 27 11.64 3.22 -8.73
N GLU B 28 12.42 3.07 -7.66
CA GLU B 28 12.89 1.75 -7.22
C GLU B 28 11.69 0.97 -6.68
N MET B 29 10.84 1.63 -5.89
CA MET B 29 9.65 1.00 -5.33
C MET B 29 8.71 0.62 -6.49
N TYR B 30 8.49 1.52 -7.46
CA TYR B 30 7.62 1.28 -8.61
C TYR B 30 8.16 0.15 -9.49
N ASP B 31 9.47 -0.09 -9.51
CA ASP B 31 10.08 -1.15 -10.30
C ASP B 31 9.82 -2.51 -9.66
N ILE B 32 10.38 -2.71 -8.46
CA ILE B 32 10.29 -3.96 -7.72
C ILE B 32 8.84 -4.36 -7.43
N PHE B 33 8.05 -3.46 -6.85
CA PHE B 33 6.65 -3.77 -6.55
C PHE B 33 5.78 -3.76 -7.81
N GLY B 34 6.27 -3.16 -8.91
CA GLY B 34 5.55 -3.07 -10.16
C GLY B 34 5.78 -4.28 -11.06
N LYS B 35 6.77 -5.13 -10.77
CA LYS B 35 7.03 -6.30 -11.59
C LYS B 35 5.78 -7.20 -11.65
N TYR B 36 4.98 -7.16 -10.59
CA TYR B 36 3.74 -7.92 -10.40
C TYR B 36 2.49 -7.28 -11.02
N GLY B 37 2.58 -6.07 -11.59
CA GLY B 37 1.47 -5.37 -12.22
C GLY B 37 1.48 -3.88 -11.89
N PRO B 38 0.42 -3.13 -12.26
CA PRO B 38 0.32 -1.71 -11.97
C PRO B 38 0.23 -1.50 -10.46
N ILE B 39 0.47 -0.29 -9.94
CA ILE B 39 0.41 -0.01 -8.50
C ILE B 39 -0.48 1.21 -8.28
N ARG B 40 -1.52 1.06 -7.47
CA ARG B 40 -2.43 2.16 -7.18
C ARG B 40 -1.66 3.24 -6.42
N GLN B 41 -1.22 2.97 -5.18
CA GLN B 41 -0.50 3.96 -4.39
C GLN B 41 0.38 3.32 -3.31
N ILE B 42 1.35 4.06 -2.81
CA ILE B 42 2.30 3.70 -1.77
C ILE B 42 2.47 4.94 -0.89
N ARG B 43 2.57 4.75 0.44
CA ARG B 43 2.78 5.83 1.40
C ARG B 43 3.90 5.29 2.29
N VAL B 44 5.04 5.96 2.38
CA VAL B 44 6.20 5.52 3.16
C VAL B 44 6.27 6.23 4.50
N GLY B 45 6.75 5.54 5.55
CA GLY B 45 6.88 6.11 6.87
C GLY B 45 7.95 7.20 6.80
N ASN B 46 7.76 8.31 7.50
CA ASN B 46 8.70 9.45 7.52
C ASN B 46 9.08 9.89 8.93
N THR B 47 8.41 9.39 9.96
CA THR B 47 8.68 9.70 11.36
C THR B 47 9.57 8.59 11.95
N PRO B 48 10.25 8.83 13.08
CA PRO B 48 11.12 7.85 13.73
C PRO B 48 10.37 6.63 14.31
N GLU B 49 9.06 6.53 14.08
CA GLU B 49 8.20 5.45 14.55
C GLU B 49 7.53 4.71 13.39
N THR B 50 7.63 5.23 12.15
CA THR B 50 7.05 4.63 10.95
C THR B 50 8.10 4.22 9.91
N ARG B 51 9.27 4.87 9.92
CA ARG B 51 10.35 4.60 8.96
C ARG B 51 10.69 3.12 8.88
N GLY B 52 11.02 2.66 7.67
CA GLY B 52 11.36 1.28 7.40
C GLY B 52 10.10 0.45 7.11
N THR B 53 8.91 1.07 7.09
CA THR B 53 7.66 0.38 6.81
C THR B 53 6.81 1.26 5.89
N ALA B 54 5.98 0.62 5.07
CA ALA B 54 5.09 1.26 4.11
C ALA B 54 4.06 0.24 3.68
N TYR B 55 3.01 0.68 2.99
CA TYR B 55 1.97 -0.20 2.49
C TYR B 55 1.94 -0.03 0.97
N VAL B 56 1.47 -1.04 0.27
CA VAL B 56 1.37 -1.07 -1.18
C VAL B 56 -0.09 -1.38 -1.47
N VAL B 57 -0.71 -0.51 -2.25
CA VAL B 57 -2.09 -0.60 -2.66
C VAL B 57 -2.04 -0.91 -4.14
N TYR B 58 -2.67 -2.00 -4.55
CA TYR B 58 -2.75 -2.42 -5.94
C TYR B 58 -4.11 -1.94 -6.47
N GLU B 59 -4.33 -1.94 -7.78
CA GLU B 59 -5.57 -1.51 -8.39
C GLU B 59 -6.72 -2.42 -7.98
N ASP B 60 -6.47 -3.73 -7.98
CA ASP B 60 -7.41 -4.79 -7.65
C ASP B 60 -6.95 -5.58 -6.42
N ILE B 61 -7.76 -6.52 -5.94
CA ILE B 61 -7.47 -7.38 -4.80
C ILE B 61 -6.60 -8.54 -5.28
N PHE B 62 -6.85 -9.07 -6.48
CA PHE B 62 -6.10 -10.19 -7.04
C PHE B 62 -4.62 -9.85 -7.18
N ASP B 63 -4.31 -8.61 -7.56
CA ASP B 63 -2.92 -8.16 -7.74
C ASP B 63 -2.16 -8.20 -6.43
N ALA B 64 -2.80 -7.76 -5.35
CA ALA B 64 -2.23 -7.73 -4.01
C ALA B 64 -2.04 -9.19 -3.54
N LYS B 65 -3.10 -9.99 -3.66
CA LYS B 65 -3.12 -11.41 -3.29
C LYS B 65 -1.93 -12.13 -3.88
N ASN B 66 -1.76 -12.03 -5.20
CA ASN B 66 -0.68 -12.65 -5.94
C ASN B 66 0.68 -12.16 -5.42
N ALA B 67 0.93 -10.86 -5.50
CA ALA B 67 2.19 -10.25 -5.06
C ALA B 67 2.56 -10.59 -3.62
N CYS B 68 1.58 -10.81 -2.75
CA CYS B 68 1.81 -11.12 -1.34
C CYS B 68 2.62 -12.39 -1.16
N ASP B 69 2.40 -13.42 -1.99
CA ASP B 69 3.14 -14.68 -1.90
C ASP B 69 4.41 -14.62 -2.73
N HIS B 70 4.43 -13.83 -3.81
CA HIS B 70 5.62 -13.71 -4.65
C HIS B 70 6.76 -13.00 -3.91
N LEU B 71 6.42 -12.08 -3.00
CA LEU B 71 7.35 -11.27 -2.23
C LEU B 71 7.50 -11.66 -0.75
N SER B 72 6.75 -12.64 -0.23
CA SER B 72 6.88 -13.02 1.17
C SER B 72 8.31 -13.49 1.45
N GLY B 73 8.99 -12.88 2.44
CA GLY B 73 10.35 -13.25 2.80
C GLY B 73 11.41 -12.84 1.77
N PHE B 74 11.09 -11.97 0.80
CA PHE B 74 12.04 -11.52 -0.23
C PHE B 74 13.30 -10.96 0.43
N ASN B 75 14.46 -11.56 0.15
CA ASN B 75 15.74 -11.13 0.70
C ASN B 75 16.20 -9.91 -0.08
N VAL B 76 16.56 -8.84 0.63
CA VAL B 76 17.01 -7.57 0.09
C VAL B 76 18.09 -7.05 1.04
N CYS B 77 19.18 -6.46 0.53
CA CYS B 77 20.29 -5.92 1.32
C CYS B 77 20.63 -6.78 2.56
N ASN B 78 20.78 -8.09 2.37
CA ASN B 78 21.08 -9.06 3.43
C ASN B 78 20.14 -8.99 4.63
N ARG B 79 18.86 -8.70 4.39
CA ARG B 79 17.74 -8.58 5.33
C ARG B 79 16.58 -9.30 4.62
N TYR B 80 15.38 -9.33 5.19
CA TYR B 80 14.22 -9.99 4.61
C TYR B 80 12.99 -9.12 4.81
N LEU B 81 12.16 -9.00 3.77
CA LEU B 81 10.93 -8.24 3.85
C LEU B 81 9.87 -9.15 4.46
N VAL B 82 8.83 -8.55 5.03
CA VAL B 82 7.70 -9.24 5.63
C VAL B 82 6.49 -8.54 5.01
N VAL B 83 5.53 -9.33 4.51
CA VAL B 83 4.32 -8.86 3.87
C VAL B 83 3.13 -9.30 4.74
N LEU B 84 2.15 -8.43 5.00
CA LEU B 84 0.98 -8.73 5.81
C LEU B 84 -0.25 -7.99 5.28
N TYR B 85 -1.46 -8.56 5.47
CA TYR B 85 -2.71 -7.96 5.00
C TYR B 85 -3.18 -6.84 5.92
N TYR B 86 -4.08 -5.99 5.41
CA TYR B 86 -4.65 -4.86 6.15
C TYR B 86 -5.94 -5.28 6.84
N ASN B 87 -6.56 -4.39 7.61
CA ASN B 87 -7.79 -4.68 8.33
C ASN B 87 -8.74 -3.49 8.35
N GLY A 1 -6.09 -9.63 -49.58
CA GLY A 1 -4.76 -8.99 -49.67
C GLY A 1 -4.62 -8.06 -48.49
N THR A 2 -3.78 -7.02 -48.60
CA THR A 2 -3.53 -5.99 -47.57
C THR A 2 -3.62 -6.53 -46.12
N PRO A 3 -2.66 -7.37 -45.68
CA PRO A 3 -2.68 -7.92 -44.33
C PRO A 3 -2.49 -6.80 -43.28
N GLU A 4 -2.88 -7.11 -42.04
CA GLU A 4 -2.82 -6.23 -40.88
C GLU A 4 -1.38 -6.02 -40.37
N GLN A 5 -0.50 -5.43 -41.19
CA GLN A 5 0.88 -5.16 -40.81
C GLN A 5 0.89 -3.89 -39.96
N LEU A 6 0.26 -3.97 -38.78
CA LEU A 6 0.11 -2.92 -37.79
C LEU A 6 0.47 -3.50 -36.42
N GLN A 7 0.35 -2.68 -35.38
CA GLN A 7 0.64 -3.07 -34.00
C GLN A 7 -0.19 -2.20 -33.05
N ALA A 8 -0.08 -2.44 -31.74
CA ALA A 8 -0.81 -1.69 -30.73
C ALA A 8 0.00 -1.55 -29.44
N TRP A 9 -0.50 -0.66 -28.58
CA TRP A 9 0.05 -0.29 -27.28
C TRP A 9 -1.09 -0.24 -26.25
N ARG A 10 -0.78 -0.24 -24.95
CA ARG A 10 -1.81 -0.13 -23.90
C ARG A 10 -2.21 1.34 -23.81
N TRP A 11 -3.26 1.68 -23.06
CA TRP A 11 -3.72 3.05 -22.89
C TRP A 11 -3.85 3.34 -21.41
N GLU A 12 -3.72 4.61 -21.03
CA GLU A 12 -3.81 5.08 -19.66
C GLU A 12 -4.63 6.37 -19.68
N ARG A 13 -5.90 6.25 -19.30
CA ARG A 13 -6.87 7.33 -19.23
C ARG A 13 -7.06 7.65 -17.76
N GLU A 14 -6.83 8.89 -17.35
CA GLU A 14 -7.01 9.30 -15.96
C GLU A 14 -8.52 9.35 -15.76
N ILE A 15 -9.03 8.66 -14.74
CA ILE A 15 -10.44 8.59 -14.41
C ILE A 15 -10.69 9.39 -13.14
N ASP A 16 -11.28 10.56 -13.36
CA ASP A 16 -11.68 11.53 -12.34
C ASP A 16 -13.04 11.14 -11.73
N GLU A 17 -13.71 10.14 -12.29
CA GLU A 17 -15.02 9.68 -11.85
C GLU A 17 -14.98 8.90 -10.53
N ARG A 18 -16.18 8.70 -9.97
CA ARG A 18 -16.44 8.00 -8.71
C ARG A 18 -17.39 6.86 -8.99
N ASN A 19 -16.86 5.66 -9.24
CA ASN A 19 -17.63 4.45 -9.55
C ASN A 19 -17.63 3.44 -8.39
N ARG A 20 -17.19 3.83 -7.19
CA ARG A 20 -17.10 2.99 -6.00
C ARG A 20 -17.48 3.82 -4.76
N PRO A 21 -17.88 3.19 -3.64
CA PRO A 21 -18.28 3.89 -2.42
C PRO A 21 -17.12 4.51 -1.62
N LEU A 22 -15.91 4.56 -2.16
CA LEU A 22 -14.73 5.13 -1.51
C LEU A 22 -13.92 5.86 -2.57
N SER A 23 -13.28 6.95 -2.15
CA SER A 23 -12.44 7.84 -2.92
C SER A 23 -11.11 8.04 -2.20
N ASP A 24 -10.20 8.74 -2.89
CA ASP A 24 -8.85 9.03 -2.43
C ASP A 24 -8.76 9.88 -1.15
N GLU A 25 -9.75 10.71 -0.83
CA GLU A 25 -9.70 11.53 0.38
C GLU A 25 -9.91 10.66 1.61
N GLU A 26 -10.90 9.76 1.60
CA GLU A 26 -11.16 8.86 2.72
C GLU A 26 -9.97 7.93 2.93
N LEU A 27 -9.14 7.73 1.90
CA LEU A 27 -7.96 6.87 1.98
C LEU A 27 -7.04 7.43 3.06
N ASP A 28 -6.90 8.76 3.13
CA ASP A 28 -6.07 9.44 4.10
C ASP A 28 -6.62 9.34 5.53
N ALA A 29 -7.86 8.85 5.70
CA ALA A 29 -8.51 8.67 6.99
C ALA A 29 -8.36 7.21 7.44
N MET A 30 -8.40 6.28 6.49
CA MET A 30 -8.27 4.85 6.74
C MET A 30 -6.85 4.45 7.13
N PHE A 31 -5.83 5.31 6.94
CA PHE A 31 -4.44 5.04 7.29
C PHE A 31 -3.94 5.96 8.42
N PRO A 32 -2.88 5.56 9.15
CA PRO A 32 -2.32 6.38 10.21
C PRO A 32 -1.48 7.53 9.65
N GLU A 33 -1.15 8.48 10.51
CA GLU A 33 -0.33 9.65 10.19
C GLU A 33 1.14 9.27 10.32
N GLY A 34 2.03 10.19 9.96
CA GLY A 34 3.46 9.95 10.05
C GLY A 34 4.01 9.19 8.85
N TYR A 35 3.29 9.14 7.71
CA TYR A 35 3.71 8.46 6.49
C TYR A 35 3.65 9.50 5.37
N LYS A 36 4.41 9.30 4.29
CA LYS A 36 4.45 10.23 3.15
C LYS A 36 4.27 9.43 1.87
N VAL A 37 3.41 9.89 0.97
CA VAL A 37 3.14 9.21 -0.30
C VAL A 37 4.39 9.34 -1.16
N LEU A 38 4.58 8.35 -2.03
CA LEU A 38 5.69 8.23 -2.96
C LEU A 38 5.13 8.07 -4.37
N PRO A 39 4.81 9.17 -5.08
CA PRO A 39 4.31 9.11 -6.45
C PRO A 39 5.42 8.57 -7.38
N PRO A 40 5.16 8.41 -8.71
CA PRO A 40 6.15 7.91 -9.67
C PRO A 40 7.45 8.75 -9.70
N PRO A 41 8.49 8.28 -10.41
CA PRO A 41 9.79 8.94 -10.54
C PRO A 41 9.71 10.42 -10.92
N ALA A 42 10.82 11.16 -10.71
CA ALA A 42 10.88 12.57 -11.02
C ALA A 42 10.96 12.93 -12.50
N GLY A 43 10.97 11.95 -13.38
CA GLY A 43 11.03 12.14 -14.82
C GLY A 43 11.44 10.83 -15.46
N TYR A 44 10.62 9.79 -15.26
CA TYR A 44 10.86 8.46 -15.82
C TYR A 44 11.02 8.49 -17.34
N VAL A 45 11.65 7.46 -17.89
CA VAL A 45 11.88 7.29 -19.32
C VAL A 45 11.26 5.96 -19.73
N PRO A 46 9.93 5.90 -19.90
CA PRO A 46 9.26 4.67 -20.31
C PRO A 46 9.61 4.38 -21.78
N ILE A 47 9.38 3.13 -22.19
CA ILE A 47 9.60 2.64 -23.53
C ILE A 47 8.52 1.59 -23.70
N GLY B 1 5.33 -27.52 9.16
CA GLY B 1 6.41 -27.86 8.23
C GLY B 1 6.64 -26.74 7.24
N ARG B 2 7.71 -26.83 6.44
CA ARG B 2 8.08 -25.86 5.43
C ARG B 2 7.14 -26.00 4.22
N ALA B 3 5.87 -25.69 4.38
CA ALA B 3 4.86 -25.81 3.34
C ALA B 3 4.06 -24.52 3.26
N ASN B 4 4.43 -23.66 2.32
CA ASN B 4 3.74 -22.41 2.09
C ASN B 4 2.34 -22.71 1.57
N ILE B 5 1.40 -21.79 1.73
CA ILE B 5 0.02 -21.95 1.30
C ILE B 5 -0.41 -20.78 0.41
N ARG B 6 -1.63 -20.90 -0.13
CA ARG B 6 -2.30 -19.93 -0.98
C ARG B 6 -3.77 -19.82 -0.60
N LEU B 7 -4.15 -20.30 0.59
CA LEU B 7 -5.51 -20.26 1.10
C LEU B 7 -5.49 -19.63 2.50
N PRO B 8 -5.08 -18.36 2.64
CA PRO B 8 -5.05 -17.68 3.93
C PRO B 8 -6.51 -17.46 4.40
N PRO B 9 -6.74 -17.05 5.65
CA PRO B 9 -8.10 -16.84 6.13
C PRO B 9 -8.81 -15.72 5.35
N GLU B 10 -8.12 -14.60 5.11
CA GLU B 10 -8.65 -13.44 4.41
C GLU B 10 -7.49 -12.67 3.75
N VAL B 11 -7.79 -11.79 2.80
CA VAL B 11 -6.82 -10.98 2.07
C VAL B 11 -7.44 -9.62 1.76
N ASN B 12 -6.62 -8.59 1.52
CA ASN B 12 -7.03 -7.23 1.19
C ASN B 12 -6.11 -6.69 0.08
N ARG B 13 -6.55 -5.65 -0.64
CA ARG B 13 -5.79 -4.98 -1.71
C ARG B 13 -4.66 -4.14 -1.08
N ILE B 14 -4.83 -3.75 0.17
CA ILE B 14 -3.89 -2.96 0.93
C ILE B 14 -2.94 -3.93 1.64
N LEU B 15 -1.64 -3.67 1.49
CA LEU B 15 -0.58 -4.46 2.09
C LEU B 15 0.24 -3.52 2.98
N TYR B 16 0.88 -4.08 3.98
CA TYR B 16 1.74 -3.41 4.95
C TYR B 16 3.09 -4.09 4.76
N ILE B 17 4.06 -3.35 4.23
CA ILE B 17 5.41 -3.85 3.99
C ILE B 17 6.23 -3.41 5.19
N ARG B 18 7.19 -4.24 5.59
CA ARG B 18 8.06 -4.01 6.74
C ARG B 18 9.50 -4.38 6.36
N ASN B 19 10.45 -3.92 7.15
CA ASN B 19 11.91 -4.09 6.99
C ASN B 19 12.40 -3.43 5.70
N LEU B 20 11.78 -2.32 5.32
CA LEU B 20 12.15 -1.57 4.13
C LEU B 20 13.46 -0.83 4.39
N PRO B 21 14.20 -0.44 3.35
CA PRO B 21 15.45 0.28 3.51
C PRO B 21 15.15 1.69 4.05
N TYR B 22 16.14 2.29 4.70
CA TYR B 22 15.98 3.64 5.27
C TYR B 22 16.02 4.72 4.19
N LYS B 23 16.67 4.47 3.06
CA LYS B 23 16.77 5.42 1.95
C LYS B 23 16.37 4.68 0.69
N ILE B 24 15.44 5.24 -0.06
CA ILE B 24 14.95 4.68 -1.32
C ILE B 24 14.34 5.83 -2.13
N THR B 25 14.04 5.57 -3.39
CA THR B 25 13.47 6.50 -4.35
C THR B 25 12.20 5.88 -4.95
N ALA B 26 11.44 6.71 -5.67
CA ALA B 26 10.23 6.27 -6.34
C ALA B 26 10.61 5.20 -7.36
N GLU B 27 11.74 5.38 -8.05
CA GLU B 27 12.25 4.47 -9.06
C GLU B 27 12.40 3.05 -8.52
N GLU B 28 13.13 2.87 -7.43
CA GLU B 28 13.34 1.55 -6.85
C GLU B 28 12.01 0.88 -6.46
N MET B 29 11.07 1.65 -5.91
CA MET B 29 9.77 1.15 -5.50
C MET B 29 8.90 0.77 -6.70
N TYR B 30 8.87 1.60 -7.75
CA TYR B 30 8.10 1.35 -8.96
C TYR B 30 8.74 0.25 -9.82
N ASP B 31 10.04 0.02 -9.66
CA ASP B 31 10.78 -1.02 -10.40
C ASP B 31 10.39 -2.38 -9.84
N ILE B 32 10.64 -2.55 -8.55
CA ILE B 32 10.40 -3.77 -7.79
C ILE B 32 8.91 -4.13 -7.81
N PHE B 33 8.05 -3.32 -7.17
CA PHE B 33 6.63 -3.61 -7.09
C PHE B 33 5.94 -3.52 -8.46
N GLY B 34 6.37 -2.65 -9.39
CA GLY B 34 5.70 -2.54 -10.69
C GLY B 34 5.78 -3.84 -11.49
N LYS B 35 6.85 -4.61 -11.34
CA LYS B 35 6.99 -5.88 -12.05
C LYS B 35 6.09 -6.94 -11.42
N TYR B 36 5.69 -6.77 -10.16
CA TYR B 36 4.83 -7.68 -9.43
C TYR B 36 3.36 -7.42 -9.77
N GLY B 37 2.97 -6.19 -10.08
CA GLY B 37 1.59 -5.84 -10.41
C GLY B 37 1.39 -4.34 -10.50
N PRO B 38 0.15 -3.87 -10.70
CA PRO B 38 -0.16 -2.45 -10.82
C PRO B 38 0.08 -1.74 -9.49
N ILE B 39 0.13 -0.39 -9.51
CA ILE B 39 0.37 0.43 -8.32
C ILE B 39 -0.65 1.55 -8.26
N ARG B 40 -1.52 1.50 -7.24
CA ARG B 40 -2.54 2.53 -7.02
C ARG B 40 -1.87 3.69 -6.31
N GLN B 41 -1.12 3.41 -5.23
CA GLN B 41 -0.38 4.37 -4.43
C GLN B 41 0.55 3.61 -3.48
N ILE B 42 1.54 4.32 -2.94
CA ILE B 42 2.56 3.84 -2.01
C ILE B 42 2.84 5.02 -1.06
N ARG B 43 3.03 4.77 0.24
CA ARG B 43 3.37 5.78 1.25
C ARG B 43 4.22 5.07 2.28
N VAL B 44 5.44 5.54 2.52
CA VAL B 44 6.38 4.95 3.47
C VAL B 44 6.41 5.80 4.74
N GLY B 45 7.01 5.27 5.81
CA GLY B 45 7.12 5.97 7.08
C GLY B 45 7.96 7.23 6.92
N ASN B 46 7.51 8.31 7.54
CA ASN B 46 8.14 9.64 7.54
C ASN B 46 8.76 9.94 8.90
N THR B 47 7.99 9.75 9.98
CA THR B 47 8.46 9.98 11.34
C THR B 47 9.49 8.90 11.71
N PRO B 48 10.37 9.13 12.70
CA PRO B 48 11.41 8.20 13.14
C PRO B 48 10.89 6.93 13.84
N GLU B 49 9.60 6.63 13.73
CA GLU B 49 8.94 5.47 14.32
C GLU B 49 8.31 4.62 13.19
N THR B 50 7.61 5.26 12.26
CA THR B 50 6.98 4.61 11.13
C THR B 50 8.04 4.18 10.12
N ARG B 51 9.17 4.91 10.04
CA ARG B 51 10.28 4.63 9.14
C ARG B 51 10.69 3.18 9.24
N GLY B 52 10.68 2.50 8.10
CA GLY B 52 11.03 1.09 7.97
C GLY B 52 9.81 0.28 7.50
N THR B 53 8.60 0.86 7.53
CA THR B 53 7.38 0.20 7.08
C THR B 53 6.67 1.12 6.09
N ALA B 54 5.68 0.59 5.36
CA ALA B 54 4.93 1.34 4.36
C ALA B 54 3.63 0.61 4.01
N TYR B 55 2.76 1.32 3.30
CA TYR B 55 1.46 0.81 2.85
C TYR B 55 1.43 0.90 1.34
N VAL B 56 1.18 -0.24 0.68
CA VAL B 56 1.10 -0.37 -0.77
C VAL B 56 -0.38 -0.67 -1.03
N VAL B 57 -0.93 -0.12 -2.10
CA VAL B 57 -2.32 -0.32 -2.48
C VAL B 57 -2.31 -0.83 -3.92
N TYR B 58 -2.92 -2.00 -4.12
CA TYR B 58 -3.04 -2.65 -5.41
C TYR B 58 -4.43 -2.33 -5.99
N GLU B 59 -4.60 -2.60 -7.28
CA GLU B 59 -5.84 -2.35 -7.99
C GLU B 59 -6.73 -3.59 -7.95
N ASP B 60 -6.24 -4.70 -8.48
CA ASP B 60 -6.90 -6.00 -8.53
C ASP B 60 -6.48 -6.77 -7.29
N ILE B 61 -7.44 -7.11 -6.43
CA ILE B 61 -7.13 -7.87 -5.22
C ILE B 61 -6.49 -9.22 -5.56
N PHE B 62 -6.91 -9.86 -6.66
CA PHE B 62 -6.39 -11.14 -7.10
C PHE B 62 -4.89 -11.04 -7.37
N ASP B 63 -4.49 -10.03 -8.17
CA ASP B 63 -3.08 -9.81 -8.50
C ASP B 63 -2.31 -9.44 -7.23
N ALA B 64 -2.96 -8.75 -6.28
CA ALA B 64 -2.36 -8.36 -5.01
C ALA B 64 -2.04 -9.62 -4.21
N LYS B 65 -2.92 -10.64 -4.24
CA LYS B 65 -2.72 -11.89 -3.53
C LYS B 65 -1.44 -12.53 -4.06
N ASN B 66 -1.31 -12.56 -5.39
CA ASN B 66 -0.15 -13.13 -6.04
C ASN B 66 1.12 -12.40 -5.62
N ALA B 67 1.12 -11.06 -5.73
CA ALA B 67 2.26 -10.26 -5.35
C ALA B 67 2.61 -10.43 -3.87
N CYS B 68 1.62 -10.55 -2.99
CA CYS B 68 1.84 -10.73 -1.56
C CYS B 68 2.60 -12.03 -1.33
N ASP B 69 2.13 -13.14 -1.89
CA ASP B 69 2.81 -14.42 -1.71
C ASP B 69 4.19 -14.43 -2.35
N HIS B 70 4.31 -13.80 -3.52
CA HIS B 70 5.58 -13.73 -4.23
C HIS B 70 6.58 -12.88 -3.45
N LEU B 71 6.10 -11.87 -2.71
CA LEU B 71 6.96 -10.96 -1.95
C LEU B 71 7.22 -11.43 -0.52
N SER B 72 6.33 -12.24 0.05
CA SER B 72 6.46 -12.76 1.40
C SER B 72 7.62 -13.75 1.46
N GLY B 73 8.73 -13.35 2.07
CA GLY B 73 9.95 -14.15 2.22
C GLY B 73 11.00 -13.84 1.15
N PHE B 74 10.79 -12.79 0.34
CA PHE B 74 11.71 -12.34 -0.69
C PHE B 74 12.90 -11.69 0.02
N ASN B 75 14.11 -11.90 -0.49
CA ASN B 75 15.37 -11.39 0.04
C ASN B 75 15.97 -10.34 -0.89
N VAL B 76 16.45 -9.22 -0.32
CA VAL B 76 17.08 -8.09 -0.99
C VAL B 76 17.93 -7.36 0.07
N CYS B 77 19.02 -6.72 -0.35
CA CYS B 77 19.93 -5.96 0.52
C CYS B 77 20.27 -6.69 1.83
N ASN B 78 20.69 -7.97 1.73
CA ASN B 78 21.08 -8.85 2.84
C ASN B 78 19.98 -9.00 3.91
N ARG B 79 18.73 -8.67 3.57
CA ARG B 79 17.55 -8.71 4.43
C ARG B 79 16.38 -9.35 3.71
N TYR B 80 15.30 -9.55 4.45
CA TYR B 80 14.06 -10.12 3.98
C TYR B 80 12.96 -9.17 4.46
N LEU B 81 12.06 -8.83 3.55
CA LEU B 81 10.93 -7.96 3.86
C LEU B 81 9.88 -8.79 4.60
N VAL B 82 8.84 -8.16 5.12
CA VAL B 82 7.74 -8.85 5.76
C VAL B 82 6.50 -8.18 5.18
N VAL B 83 5.59 -8.97 4.64
CA VAL B 83 4.36 -8.50 4.03
C VAL B 83 3.22 -9.03 4.88
N LEU B 84 2.23 -8.18 5.14
CA LEU B 84 1.04 -8.47 5.93
C LEU B 84 -0.11 -7.67 5.33
N TYR B 85 -1.35 -8.11 5.53
CA TYR B 85 -2.52 -7.42 5.01
C TYR B 85 -2.97 -6.36 6.02
N TYR B 86 -3.80 -5.41 5.58
CA TYR B 86 -4.32 -4.38 6.45
C TYR B 86 -5.54 -4.93 7.21
N ASN B 87 -6.06 -4.23 8.21
CA ASN B 87 -7.22 -4.65 9.00
C ASN B 87 -7.99 -3.43 9.43
N GLY A 1 -22.67 46.84 31.52
CA GLY A 1 -22.58 45.64 30.70
C GLY A 1 -23.09 44.43 31.44
N THR A 2 -23.32 43.38 30.68
CA THR A 2 -23.78 42.03 30.97
C THR A 2 -23.06 41.18 29.89
N PRO A 3 -23.43 39.94 29.50
CA PRO A 3 -22.69 39.26 28.44
C PRO A 3 -23.04 39.95 27.10
N GLU A 4 -22.31 41.01 26.75
CA GLU A 4 -22.47 41.81 25.53
C GLU A 4 -22.21 40.98 24.24
N GLN A 5 -21.77 39.74 24.38
CA GLN A 5 -21.47 38.77 23.34
C GLN A 5 -21.74 37.39 23.95
N LEU A 6 -21.98 36.38 23.11
CA LEU A 6 -22.26 35.02 23.55
C LEU A 6 -21.25 34.09 22.92
N GLN A 7 -20.60 33.27 23.74
CA GLN A 7 -19.60 32.29 23.34
C GLN A 7 -20.18 30.87 23.48
N ALA A 8 -21.44 30.68 23.10
CA ALA A 8 -22.11 29.39 23.17
C ALA A 8 -21.58 28.47 22.08
N TRP A 9 -21.78 27.16 22.22
CA TRP A 9 -21.34 26.15 21.26
C TRP A 9 -22.51 25.28 20.81
N ARG A 10 -22.29 24.46 19.78
CA ARG A 10 -23.27 23.56 19.19
C ARG A 10 -22.53 22.27 18.80
N TRP A 11 -23.25 21.14 18.66
CA TRP A 11 -22.66 19.84 18.31
C TRP A 11 -23.62 18.99 17.48
N GLU A 12 -24.02 19.44 16.30
CA GLU A 12 -24.91 18.71 15.40
C GLU A 12 -24.14 17.49 14.83
N ARG A 13 -24.84 16.58 14.14
CA ARG A 13 -24.28 15.37 13.53
C ARG A 13 -25.17 15.00 12.36
N GLU A 14 -24.61 14.91 11.17
CA GLU A 14 -25.29 14.57 9.93
C GLU A 14 -24.23 14.19 8.91
N ILE A 15 -24.32 13.02 8.30
CA ILE A 15 -23.39 12.55 7.29
C ILE A 15 -24.13 11.52 6.45
N ASP A 16 -23.90 11.51 5.14
CA ASP A 16 -24.53 10.59 4.20
C ASP A 16 -23.61 10.47 2.98
N GLU A 17 -23.48 9.27 2.41
CA GLU A 17 -22.67 9.02 1.23
C GLU A 17 -23.32 7.95 0.37
N ARG A 18 -22.85 7.78 -0.87
CA ARG A 18 -23.36 6.77 -1.80
C ARG A 18 -22.37 5.62 -1.92
N ASN A 19 -22.81 4.51 -2.52
CA ASN A 19 -22.07 3.26 -2.77
C ASN A 19 -20.92 3.40 -3.79
N ARG A 20 -20.31 4.59 -3.88
CA ARG A 20 -19.21 4.90 -4.78
C ARG A 20 -17.99 4.06 -4.40
N PRO A 21 -17.07 3.79 -5.35
CA PRO A 21 -15.87 3.04 -5.05
C PRO A 21 -15.02 3.92 -4.13
N LEU A 22 -14.06 3.31 -3.45
CA LEU A 22 -13.16 4.00 -2.53
C LEU A 22 -12.34 5.05 -3.27
N SER A 23 -12.63 6.34 -3.01
CA SER A 23 -11.94 7.47 -3.60
C SER A 23 -10.48 7.45 -3.11
N ASP A 24 -9.57 8.15 -3.80
CA ASP A 24 -8.16 8.16 -3.36
C ASP A 24 -7.99 9.03 -2.10
N GLU A 25 -9.02 9.80 -1.75
CA GLU A 25 -9.07 10.66 -0.57
C GLU A 25 -9.43 9.76 0.62
N GLU A 26 -10.43 8.90 0.44
CA GLU A 26 -10.92 7.94 1.43
C GLU A 26 -9.83 6.93 1.80
N LEU A 27 -8.81 6.80 0.94
CA LEU A 27 -7.70 5.89 1.14
C LEU A 27 -6.77 6.45 2.23
N ASP A 28 -6.62 7.77 2.32
CA ASP A 28 -5.78 8.41 3.33
C ASP A 28 -6.46 8.32 4.68
N ALA A 29 -7.78 8.45 4.71
CA ALA A 29 -8.60 8.37 5.91
C ALA A 29 -8.47 6.99 6.57
N MET A 30 -8.22 5.95 5.77
CA MET A 30 -8.05 4.59 6.25
C MET A 30 -6.60 4.29 6.61
N PHE A 31 -5.68 5.24 6.43
CA PHE A 31 -4.26 5.04 6.72
C PHE A 31 -3.80 5.80 7.96
N PRO A 32 -2.81 5.25 8.70
CA PRO A 32 -2.29 5.89 9.89
C PRO A 32 -1.47 7.13 9.51
N GLU A 33 -1.46 8.10 10.41
CA GLU A 33 -0.75 9.35 10.24
C GLU A 33 0.76 9.18 10.40
N GLY A 34 1.52 10.19 9.99
CA GLY A 34 2.98 10.22 10.06
C GLY A 34 3.64 9.62 8.82
N TYR A 35 2.91 9.49 7.71
CA TYR A 35 3.36 8.93 6.45
C TYR A 35 3.10 9.95 5.34
N LYS A 36 3.82 9.85 4.23
CA LYS A 36 3.70 10.75 3.08
C LYS A 36 3.48 9.93 1.83
N VAL A 37 2.80 10.48 0.82
CA VAL A 37 2.53 9.76 -0.43
C VAL A 37 3.87 9.63 -1.16
N LEU A 38 4.05 8.57 -1.96
CA LEU A 38 5.28 8.35 -2.72
C LEU A 38 4.90 8.09 -4.19
N PRO A 39 4.53 9.14 -4.95
CA PRO A 39 4.15 9.00 -6.36
C PRO A 39 5.38 8.61 -7.21
N PRO A 40 5.16 8.08 -8.42
CA PRO A 40 6.23 7.64 -9.30
C PRO A 40 7.07 8.81 -9.84
N PRO A 41 8.30 8.54 -10.28
CA PRO A 41 9.20 9.56 -10.82
C PRO A 41 8.61 10.22 -12.07
N ALA A 42 8.52 11.55 -12.04
CA ALA A 42 7.99 12.30 -13.17
C ALA A 42 8.94 12.14 -14.36
N GLY A 43 8.37 12.16 -15.57
CA GLY A 43 9.11 12.02 -16.83
C GLY A 43 9.73 10.64 -17.03
N TYR A 44 9.56 9.68 -16.12
CA TYR A 44 10.13 8.34 -16.27
C TYR A 44 9.49 7.66 -17.49
N VAL A 45 10.27 6.90 -18.25
CA VAL A 45 9.81 6.20 -19.45
C VAL A 45 10.34 4.76 -19.45
N PRO A 46 9.61 3.81 -18.86
CA PRO A 46 10.05 2.43 -18.88
C PRO A 46 9.87 1.89 -20.30
N ILE A 47 10.76 0.99 -20.69
CA ILE A 47 10.84 0.31 -21.97
C ILE A 47 10.88 -1.17 -21.63
N GLY B 1 13.12 -20.36 5.16
CA GLY B 1 11.75 -20.85 5.37
C GLY B 1 11.42 -22.01 4.46
N ARG B 2 10.61 -22.96 4.95
CA ARG B 2 10.17 -24.17 4.26
C ARG B 2 8.70 -24.50 4.58
N ALA B 3 7.84 -23.49 4.72
CA ALA B 3 6.43 -23.68 5.04
C ALA B 3 5.57 -22.82 4.12
N ASN B 4 4.31 -23.20 3.97
CA ASN B 4 3.30 -22.53 3.15
C ASN B 4 1.99 -22.52 3.92
N ILE B 5 1.04 -21.74 3.41
CA ILE B 5 -0.30 -21.57 3.94
C ILE B 5 -1.19 -21.37 2.70
N ARG B 6 -2.47 -21.72 2.79
CA ARG B 6 -3.44 -21.58 1.71
C ARG B 6 -4.77 -21.19 2.31
N LEU B 7 -5.66 -20.69 1.44
CA LEU B 7 -7.00 -20.21 1.74
C LEU B 7 -7.01 -19.44 3.07
N PRO B 8 -6.43 -18.23 3.12
CA PRO B 8 -6.43 -17.45 4.35
C PRO B 8 -7.87 -17.04 4.66
N PRO B 9 -8.17 -16.66 5.91
CA PRO B 9 -9.52 -16.28 6.30
C PRO B 9 -10.01 -15.04 5.57
N GLU B 10 -9.10 -14.21 5.07
CA GLU B 10 -9.39 -12.97 4.37
C GLU B 10 -8.15 -12.52 3.59
N VAL B 11 -8.34 -11.59 2.66
CA VAL B 11 -7.31 -10.95 1.84
C VAL B 11 -7.86 -9.55 1.51
N ASN B 12 -7.00 -8.59 1.15
CA ASN B 12 -7.39 -7.23 0.82
C ASN B 12 -6.51 -6.68 -0.31
N ARG B 13 -6.72 -5.43 -0.73
CA ARG B 13 -5.91 -4.79 -1.77
C ARG B 13 -4.70 -4.11 -1.13
N ILE B 14 -4.86 -3.65 0.11
CA ILE B 14 -3.84 -2.97 0.88
C ILE B 14 -2.95 -4.04 1.51
N LEU B 15 -1.64 -3.86 1.40
CA LEU B 15 -0.59 -4.73 1.93
C LEU B 15 0.29 -3.88 2.84
N TYR B 16 0.91 -4.51 3.83
CA TYR B 16 1.81 -3.89 4.79
C TYR B 16 3.20 -4.43 4.47
N ILE B 17 4.20 -3.54 4.38
CA ILE B 17 5.58 -3.86 4.07
C ILE B 17 6.42 -3.46 5.28
N ARG B 18 7.39 -4.30 5.65
CA ARG B 18 8.29 -4.11 6.79
C ARG B 18 9.70 -4.51 6.40
N ASN B 19 10.68 -4.09 7.20
CA ASN B 19 12.12 -4.33 7.02
C ASN B 19 12.63 -3.57 5.77
N LEU B 20 12.00 -2.43 5.48
CA LEU B 20 12.32 -1.58 4.34
C LEU B 20 13.67 -0.87 4.53
N PRO B 21 14.33 -0.46 3.42
CA PRO B 21 15.60 0.23 3.44
C PRO B 21 15.41 1.67 3.93
N TYR B 22 16.45 2.25 4.53
CA TYR B 22 16.38 3.61 5.07
C TYR B 22 16.56 4.67 3.96
N LYS B 23 17.23 4.34 2.85
CA LYS B 23 17.48 5.23 1.71
C LYS B 23 17.04 4.48 0.47
N ILE B 24 16.00 4.97 -0.19
CA ILE B 24 15.40 4.45 -1.40
C ILE B 24 14.56 5.60 -2.01
N THR B 25 14.08 5.46 -3.24
CA THR B 25 13.25 6.45 -3.92
C THR B 25 12.12 5.71 -4.63
N ALA B 26 11.13 6.46 -5.13
CA ALA B 26 9.99 5.90 -5.83
C ALA B 26 10.44 5.04 -7.02
N GLU B 27 11.53 5.43 -7.67
CA GLU B 27 12.13 4.76 -8.82
C GLU B 27 12.53 3.31 -8.52
N GLU B 28 12.81 2.98 -7.26
CA GLU B 28 13.20 1.64 -6.84
C GLU B 28 11.96 0.87 -6.37
N MET B 29 11.03 1.58 -5.73
CA MET B 29 9.77 1.02 -5.22
C MET B 29 8.92 0.54 -6.39
N TYR B 30 8.66 1.40 -7.38
CA TYR B 30 7.85 1.06 -8.54
C TYR B 30 8.53 0.01 -9.44
N ASP B 31 9.84 -0.21 -9.30
CA ASP B 31 10.55 -1.21 -10.11
C ASP B 31 10.11 -2.59 -9.61
N ILE B 32 10.50 -2.94 -8.38
CA ILE B 32 10.22 -4.20 -7.71
C ILE B 32 8.73 -4.53 -7.71
N PHE B 33 7.92 -3.68 -7.08
CA PHE B 33 6.48 -3.91 -6.98
C PHE B 33 5.77 -3.93 -8.34
N GLY B 34 6.38 -3.32 -9.38
CA GLY B 34 5.82 -3.27 -10.72
C GLY B 34 6.05 -4.56 -11.49
N LYS B 35 7.03 -5.39 -11.11
CA LYS B 35 7.24 -6.68 -11.79
C LYS B 35 5.98 -7.52 -11.56
N TYR B 36 5.33 -7.34 -10.41
CA TYR B 36 4.13 -8.05 -10.03
C TYR B 36 2.92 -7.45 -10.77
N GLY B 37 2.58 -6.17 -10.55
CA GLY B 37 1.42 -5.59 -11.23
C GLY B 37 1.23 -4.09 -11.02
N PRO B 38 0.20 -3.50 -11.65
CA PRO B 38 -0.12 -2.08 -11.56
C PRO B 38 -0.57 -1.73 -10.13
N ILE B 39 0.15 -0.81 -9.51
CA ILE B 39 -0.11 -0.36 -8.15
C ILE B 39 -1.16 0.76 -8.20
N ARG B 40 -1.96 0.88 -7.14
CA ARG B 40 -2.99 1.91 -7.00
C ARG B 40 -2.32 3.13 -6.38
N GLN B 41 -1.79 3.02 -5.16
CA GLN B 41 -1.14 4.12 -4.46
C GLN B 41 -0.13 3.56 -3.45
N ILE B 42 0.80 4.40 -3.00
CA ILE B 42 1.84 4.08 -2.04
C ILE B 42 1.99 5.30 -1.11
N ARG B 43 2.23 5.03 0.17
CA ARG B 43 2.45 5.99 1.24
C ARG B 43 3.51 5.33 2.09
N VAL B 44 4.57 6.07 2.43
CA VAL B 44 5.68 5.55 3.21
C VAL B 44 5.92 6.37 4.48
N GLY B 45 6.56 5.75 5.46
CA GLY B 45 6.89 6.34 6.74
C GLY B 45 7.77 7.57 6.57
N ASN B 46 7.62 8.57 7.44
CA ASN B 46 8.40 9.81 7.43
C ASN B 46 9.06 9.99 8.79
N THR B 47 8.30 9.86 9.88
CA THR B 47 8.85 9.98 11.23
C THR B 47 9.82 8.81 11.48
N PRO B 48 10.74 8.90 12.45
CA PRO B 48 11.67 7.81 12.74
C PRO B 48 10.90 6.61 13.31
N GLU B 49 9.64 6.79 13.70
CA GLU B 49 8.72 5.81 14.26
C GLU B 49 7.90 5.11 13.16
N THR B 50 7.96 5.58 11.91
CA THR B 50 7.26 4.99 10.78
C THR B 50 8.29 4.49 9.75
N ARG B 51 9.44 5.19 9.63
CA ARG B 51 10.54 4.86 8.72
C ARG B 51 10.97 3.43 9.00
N GLY B 52 10.83 2.57 8.01
CA GLY B 52 11.14 1.15 8.04
C GLY B 52 9.90 0.33 7.66
N THR B 53 8.74 0.99 7.53
CA THR B 53 7.48 0.36 7.16
C THR B 53 6.72 1.26 6.19
N ALA B 54 5.79 0.68 5.43
CA ALA B 54 4.95 1.38 4.47
C ALA B 54 3.79 0.46 4.11
N TYR B 55 2.83 0.99 3.36
CA TYR B 55 1.68 0.23 2.90
C TYR B 55 1.61 0.44 1.39
N VAL B 56 1.20 -0.60 0.67
CA VAL B 56 1.08 -0.57 -0.79
C VAL B 56 -0.35 -1.00 -1.07
N VAL B 57 -0.99 -0.38 -2.06
CA VAL B 57 -2.35 -0.70 -2.42
C VAL B 57 -2.31 -1.07 -3.89
N TYR B 58 -2.91 -2.21 -4.26
CA TYR B 58 -2.96 -2.63 -5.65
C TYR B 58 -4.33 -2.18 -6.17
N GLU B 59 -4.47 -2.08 -7.48
CA GLU B 59 -5.72 -1.63 -8.08
C GLU B 59 -6.89 -2.52 -7.71
N ASP B 60 -6.69 -3.83 -7.79
CA ASP B 60 -7.65 -4.88 -7.50
C ASP B 60 -7.13 -5.80 -6.40
N ILE B 61 -7.96 -6.76 -5.97
CA ILE B 61 -7.65 -7.73 -4.91
C ILE B 61 -6.99 -9.01 -5.42
N PHE B 62 -6.97 -9.27 -6.73
CA PHE B 62 -6.37 -10.49 -7.26
C PHE B 62 -4.87 -10.30 -7.42
N ASP B 63 -4.45 -9.23 -8.10
CA ASP B 63 -3.05 -8.90 -8.34
C ASP B 63 -2.29 -8.73 -7.02
N ALA B 64 -2.99 -8.26 -5.98
CA ALA B 64 -2.41 -8.05 -4.67
C ALA B 64 -1.89 -9.37 -4.08
N LYS B 65 -2.61 -10.49 -4.28
CA LYS B 65 -2.18 -11.79 -3.75
C LYS B 65 -0.98 -12.29 -4.52
N ASN B 66 -0.96 -12.08 -5.84
CA ASN B 66 0.13 -12.50 -6.71
C ASN B 66 1.42 -11.89 -6.16
N ALA B 67 1.41 -10.56 -5.96
CA ALA B 67 2.55 -9.82 -5.42
C ALA B 67 2.87 -10.23 -3.98
N CYS B 68 1.85 -10.46 -3.15
CA CYS B 68 2.01 -10.83 -1.75
C CYS B 68 2.96 -12.02 -1.60
N ASP B 69 2.64 -13.15 -2.23
CA ASP B 69 3.49 -14.34 -2.13
C ASP B 69 4.83 -14.12 -2.80
N HIS B 70 4.87 -13.41 -3.93
CA HIS B 70 6.10 -13.14 -4.65
C HIS B 70 7.08 -12.27 -3.86
N LEU B 71 6.58 -11.43 -2.94
CA LEU B 71 7.38 -10.53 -2.11
C LEU B 71 7.56 -11.00 -0.66
N SER B 72 6.78 -11.98 -0.20
CA SER B 72 6.87 -12.48 1.17
C SER B 72 8.28 -13.03 1.44
N GLY B 73 9.01 -12.40 2.37
CA GLY B 73 10.35 -12.82 2.73
C GLY B 73 11.38 -12.62 1.61
N PHE B 74 11.12 -11.76 0.62
CA PHE B 74 12.02 -11.50 -0.49
C PHE B 74 13.42 -11.16 0.03
N ASN B 75 14.44 -11.80 -0.56
CA ASN B 75 15.85 -11.66 -0.20
C ASN B 75 16.48 -10.46 -0.92
N VAL B 76 16.55 -9.33 -0.23
CA VAL B 76 17.11 -8.06 -0.71
C VAL B 76 17.92 -7.47 0.44
N CYS B 77 19.02 -6.75 0.14
CA CYS B 77 19.91 -6.12 1.12
C CYS B 77 20.29 -7.04 2.29
N ASN B 78 20.37 -8.36 2.06
CA ASN B 78 20.70 -9.38 3.06
C ASN B 78 19.69 -9.39 4.22
N ARG B 79 18.47 -8.89 3.98
CA ARG B 79 17.34 -8.78 4.88
C ARG B 79 16.21 -9.65 4.32
N TYR B 80 15.09 -9.69 5.03
CA TYR B 80 13.90 -10.44 4.69
C TYR B 80 12.71 -9.54 4.98
N LEU B 81 11.88 -9.26 3.96
CA LEU B 81 10.71 -8.41 4.18
C LEU B 81 9.65 -9.22 4.92
N VAL B 82 8.60 -8.57 5.42
CA VAL B 82 7.51 -9.23 6.15
C VAL B 82 6.23 -8.66 5.55
N VAL B 83 5.52 -9.46 4.75
CA VAL B 83 4.30 -9.06 4.07
C VAL B 83 3.10 -9.51 4.90
N LEU B 84 2.13 -8.61 5.11
CA LEU B 84 0.90 -8.85 5.87
C LEU B 84 -0.25 -8.10 5.21
N TYR B 85 -1.49 -8.53 5.45
CA TYR B 85 -2.70 -7.91 4.91
C TYR B 85 -3.13 -6.78 5.85
N TYR B 86 -3.90 -5.81 5.35
CA TYR B 86 -4.38 -4.72 6.19
C TYR B 86 -5.63 -5.17 6.97
N ASN B 87 -5.97 -4.45 8.05
CA ASN B 87 -7.09 -4.71 8.94
C ASN B 87 -7.86 -3.42 9.15
N GLY A 1 -17.18 -33.26 -18.61
CA GLY A 1 -16.67 -31.88 -18.73
C GLY A 1 -15.38 -31.89 -19.53
N THR A 2 -14.62 -30.80 -19.50
CA THR A 2 -13.35 -30.64 -20.19
C THR A 2 -12.51 -29.71 -19.29
N PRO A 3 -11.16 -29.80 -19.27
CA PRO A 3 -10.33 -28.94 -18.44
C PRO A 3 -10.44 -27.49 -18.93
N GLU A 4 -11.12 -26.65 -18.16
CA GLU A 4 -11.31 -25.25 -18.48
C GLU A 4 -10.09 -24.48 -17.96
N GLN A 5 -9.08 -24.38 -18.81
CA GLN A 5 -7.85 -23.71 -18.50
C GLN A 5 -8.11 -22.21 -18.70
N LEU A 6 -8.20 -21.45 -17.60
CA LEU A 6 -8.45 -20.02 -17.60
C LEU A 6 -7.26 -19.27 -18.18
N GLN A 7 -7.32 -18.97 -19.48
CA GLN A 7 -6.28 -18.27 -20.22
C GLN A 7 -7.02 -17.13 -20.93
N ALA A 8 -6.47 -15.91 -20.89
CA ALA A 8 -7.08 -14.75 -21.52
C ALA A 8 -8.54 -14.56 -21.04
N TRP A 9 -8.85 -15.01 -19.82
CA TRP A 9 -10.17 -14.91 -19.21
C TRP A 9 -10.47 -13.47 -18.80
N ARG A 10 -9.42 -12.66 -18.59
CA ARG A 10 -9.55 -11.27 -18.22
C ARG A 10 -10.18 -10.53 -19.39
N TRP A 11 -10.80 -9.40 -19.09
CA TRP A 11 -11.43 -8.57 -20.08
C TRP A 11 -10.94 -7.15 -19.85
N GLU A 12 -11.66 -6.43 -18.99
CA GLU A 12 -11.42 -5.07 -18.58
C GLU A 12 -10.26 -5.01 -17.58
N ARG A 13 -10.12 -3.88 -16.91
CA ARG A 13 -9.10 -3.63 -15.92
C ARG A 13 -9.64 -2.63 -14.89
N GLU A 14 -9.07 -2.63 -13.68
CA GLU A 14 -9.45 -1.74 -12.58
C GLU A 14 -8.80 -0.37 -12.81
N ILE A 15 -9.02 0.24 -13.98
CA ILE A 15 -8.49 1.54 -14.36
C ILE A 15 -9.63 2.54 -14.49
N ASP A 16 -9.33 3.80 -14.18
CA ASP A 16 -10.24 4.95 -14.24
C ASP A 16 -11.55 4.74 -13.46
N GLU A 17 -11.54 3.82 -12.50
CA GLU A 17 -12.64 3.44 -11.62
C GLU A 17 -12.86 4.50 -10.52
N ARG A 18 -12.90 5.77 -10.92
CA ARG A 18 -13.11 6.93 -10.06
C ARG A 18 -14.59 7.02 -9.62
N ASN A 19 -15.43 6.07 -10.01
CA ASN A 19 -16.84 6.01 -9.66
C ASN A 19 -17.03 5.81 -8.16
N ARG A 20 -16.16 5.04 -7.49
CA ARG A 20 -16.29 4.85 -6.05
C ARG A 20 -15.99 6.18 -5.38
N PRO A 21 -16.56 6.47 -4.20
CA PRO A 21 -16.32 7.72 -3.48
C PRO A 21 -14.88 7.80 -2.93
N LEU A 22 -14.16 6.66 -2.98
CA LEU A 22 -12.80 6.48 -2.55
C LEU A 22 -11.95 7.50 -3.30
N SER A 23 -11.03 8.14 -2.62
CA SER A 23 -10.16 9.16 -3.20
C SER A 23 -8.84 9.16 -2.41
N ASP A 24 -7.98 10.13 -2.69
CA ASP A 24 -6.72 10.26 -1.97
C ASP A 24 -7.05 10.64 -0.53
N GLU A 25 -8.15 11.37 -0.32
CA GLU A 25 -8.64 11.80 1.00
C GLU A 25 -9.19 10.60 1.73
N GLU A 26 -10.05 9.79 1.10
CA GLU A 26 -10.58 8.63 1.78
C GLU A 26 -9.42 7.71 2.18
N LEU A 27 -8.35 7.65 1.37
CA LEU A 27 -7.18 6.84 1.63
C LEU A 27 -6.33 7.45 2.76
N ASP A 28 -6.18 8.78 2.77
CA ASP A 28 -5.42 9.56 3.76
C ASP A 28 -6.06 9.35 5.13
N ALA A 29 -7.39 9.44 5.19
CA ALA A 29 -8.18 9.25 6.39
C ALA A 29 -8.09 7.80 6.89
N MET A 30 -7.97 6.84 5.97
CA MET A 30 -7.86 5.42 6.30
C MET A 30 -6.44 5.06 6.74
N PHE A 31 -5.43 5.86 6.40
CA PHE A 31 -4.03 5.63 6.77
C PHE A 31 -3.71 6.34 8.09
N PRO A 32 -2.71 5.86 8.84
CA PRO A 32 -2.31 6.47 10.10
C PRO A 32 -1.47 7.74 9.84
N GLU A 33 -1.28 8.48 10.93
CA GLU A 33 -0.54 9.73 11.01
C GLU A 33 0.97 9.53 10.73
N GLY A 34 1.70 10.64 10.58
CA GLY A 34 3.13 10.63 10.32
C GLY A 34 3.52 10.04 8.96
N TYR A 35 2.61 9.97 7.99
CA TYR A 35 2.87 9.38 6.68
C TYR A 35 2.59 10.40 5.59
N LYS A 36 3.22 10.18 4.44
CA LYS A 36 3.10 11.04 3.27
C LYS A 36 2.93 10.16 2.05
N VAL A 37 2.17 10.63 1.06
CA VAL A 37 1.98 9.88 -0.18
C VAL A 37 3.33 9.93 -0.90
N LEU A 38 3.61 8.90 -1.70
CA LEU A 38 4.81 8.77 -2.50
C LEU A 38 4.27 8.76 -3.93
N PRO A 39 4.16 9.93 -4.59
CA PRO A 39 3.64 10.01 -5.95
C PRO A 39 4.46 9.16 -6.94
N PRO A 40 3.91 8.88 -8.14
CA PRO A 40 4.62 8.11 -9.15
C PRO A 40 5.93 8.82 -9.50
N PRO A 41 6.94 8.10 -10.00
CA PRO A 41 8.22 8.71 -10.34
C PRO A 41 8.08 9.79 -11.41
N ALA A 42 8.99 10.76 -11.38
CA ALA A 42 9.00 11.85 -12.36
C ALA A 42 9.41 11.26 -13.71
N GLY A 43 8.92 11.84 -14.80
CA GLY A 43 9.26 11.38 -16.14
C GLY A 43 8.78 9.96 -16.44
N TYR A 44 7.76 9.45 -15.76
CA TYR A 44 7.25 8.09 -15.99
C TYR A 44 6.43 8.02 -17.29
N VAL A 45 6.85 7.19 -18.23
CA VAL A 45 6.22 6.96 -19.52
C VAL A 45 6.08 5.43 -19.70
N PRO A 46 5.02 4.80 -19.14
CA PRO A 46 4.80 3.35 -19.23
C PRO A 46 4.57 2.86 -20.67
N ILE A 47 4.51 1.54 -20.82
CA ILE A 47 4.31 0.84 -22.09
C ILE A 47 3.51 -0.43 -21.84
N GLY B 1 5.95 -21.13 14.21
CA GLY B 1 5.54 -21.59 12.89
C GLY B 1 5.91 -20.58 11.82
N ARG B 2 7.17 -20.57 11.36
CA ARG B 2 7.63 -19.67 10.31
C ARG B 2 7.26 -20.33 8.99
N ALA B 3 6.06 -20.06 8.49
CA ALA B 3 5.50 -20.57 7.25
C ALA B 3 4.13 -19.91 7.05
N ASN B 4 3.56 -20.05 5.85
CA ASN B 4 2.24 -19.49 5.53
C ASN B 4 1.24 -20.65 5.40
N ILE B 5 -0.05 -20.34 5.33
CA ILE B 5 -1.11 -21.33 5.17
C ILE B 5 -2.12 -20.76 4.18
N ARG B 6 -2.68 -21.64 3.34
CA ARG B 6 -3.66 -21.25 2.33
C ARG B 6 -4.97 -20.84 2.99
N LEU B 7 -5.88 -20.28 2.19
CA LEU B 7 -7.19 -19.80 2.62
C LEU B 7 -7.01 -18.87 3.84
N PRO B 8 -6.45 -17.67 3.66
CA PRO B 8 -6.23 -16.74 4.76
C PRO B 8 -7.57 -16.29 5.38
N PRO B 9 -7.56 -15.65 6.57
CA PRO B 9 -8.78 -15.19 7.21
C PRO B 9 -9.48 -14.17 6.30
N GLU B 10 -8.72 -13.20 5.79
CA GLU B 10 -9.17 -12.14 4.90
C GLU B 10 -7.97 -11.61 4.10
N VAL B 11 -8.23 -10.77 3.08
CA VAL B 11 -7.22 -10.15 2.22
C VAL B 11 -7.83 -8.84 1.72
N ASN B 12 -7.06 -7.75 1.68
CA ASN B 12 -7.52 -6.43 1.21
C ASN B 12 -6.43 -5.81 0.32
N ARG B 13 -6.79 -4.84 -0.52
CA ARG B 13 -5.90 -4.14 -1.45
C ARG B 13 -4.70 -3.49 -0.75
N ILE B 14 -4.88 -2.99 0.47
CA ILE B 14 -3.83 -2.34 1.23
C ILE B 14 -2.96 -3.45 1.84
N LEU B 15 -1.64 -3.28 1.78
CA LEU B 15 -0.61 -4.18 2.27
C LEU B 15 0.34 -3.37 3.14
N TYR B 16 1.03 -4.03 4.06
CA TYR B 16 1.98 -3.46 5.01
C TYR B 16 3.30 -4.20 4.83
N ILE B 17 4.38 -3.47 4.60
CA ILE B 17 5.71 -4.02 4.40
C ILE B 17 6.58 -3.54 5.56
N ARG B 18 7.51 -4.39 5.97
CA ARG B 18 8.47 -4.16 7.05
C ARG B 18 9.84 -4.44 6.49
N ASN B 19 10.88 -3.97 7.19
CA ASN B 19 12.28 -4.15 6.83
C ASN B 19 12.66 -3.42 5.54
N LEU B 20 11.98 -2.32 5.21
CA LEU B 20 12.26 -1.55 4.00
C LEU B 20 13.52 -0.68 4.15
N PRO B 21 14.25 -0.41 3.05
CA PRO B 21 15.46 0.42 3.06
C PRO B 21 15.09 1.85 3.43
N TYR B 22 15.99 2.56 4.09
CA TYR B 22 15.77 3.93 4.52
C TYR B 22 16.10 4.94 3.42
N LYS B 23 16.92 4.56 2.43
CA LYS B 23 17.32 5.42 1.32
C LYS B 23 16.98 4.68 0.03
N ILE B 24 15.81 4.99 -0.51
CA ILE B 24 15.22 4.46 -1.73
C ILE B 24 14.39 5.60 -2.35
N THR B 25 13.89 5.47 -3.58
CA THR B 25 13.12 6.51 -4.26
C THR B 25 11.84 5.93 -4.85
N ALA B 26 10.94 6.80 -5.33
CA ALA B 26 9.69 6.37 -5.94
C ALA B 26 9.99 5.52 -7.18
N GLU B 27 11.07 5.85 -7.89
CA GLU B 27 11.55 5.19 -9.09
C GLU B 27 11.81 3.69 -8.81
N GLU B 28 12.31 3.35 -7.61
CA GLU B 28 12.59 1.97 -7.24
C GLU B 28 11.34 1.31 -6.66
N MET B 29 10.60 2.03 -5.80
CA MET B 29 9.39 1.51 -5.16
C MET B 29 8.34 1.12 -6.20
N TYR B 30 8.25 1.84 -7.32
CA TYR B 30 7.31 1.55 -8.39
C TYR B 30 7.88 0.53 -9.39
N ASP B 31 9.18 0.21 -9.35
CA ASP B 31 9.78 -0.77 -10.27
C ASP B 31 9.66 -2.15 -9.64
N ILE B 32 10.30 -2.35 -8.47
CA ILE B 32 10.30 -3.62 -7.75
C ILE B 32 8.87 -4.17 -7.64
N PHE B 33 7.97 -3.38 -7.05
CA PHE B 33 6.58 -3.77 -6.88
C PHE B 33 5.79 -3.73 -8.19
N GLY B 34 6.22 -2.92 -9.17
CA GLY B 34 5.57 -2.78 -10.46
C GLY B 34 5.82 -3.98 -11.35
N LYS B 35 6.89 -4.73 -11.13
CA LYS B 35 7.20 -5.94 -11.91
C LYS B 35 6.25 -7.07 -11.52
N TYR B 36 5.35 -6.85 -10.55
CA TYR B 36 4.36 -7.82 -10.11
C TYR B 36 2.95 -7.44 -10.57
N GLY B 37 2.72 -6.22 -11.07
CA GLY B 37 1.41 -5.77 -11.54
C GLY B 37 1.20 -4.26 -11.31
N PRO B 38 -0.01 -3.74 -11.61
CA PRO B 38 -0.37 -2.34 -11.43
C PRO B 38 -0.37 -1.95 -9.95
N ILE B 39 -0.10 -0.69 -9.63
CA ILE B 39 -0.06 -0.17 -8.27
C ILE B 39 -1.07 0.95 -8.16
N ARG B 40 -1.91 0.89 -7.12
CA ARG B 40 -2.93 1.89 -6.87
C ARG B 40 -2.26 3.13 -6.32
N GLN B 41 -1.63 3.03 -5.15
CA GLN B 41 -0.95 4.15 -4.51
C GLN B 41 0.09 3.59 -3.52
N ILE B 42 1.00 4.45 -3.07
CA ILE B 42 2.07 4.14 -2.12
C ILE B 42 2.20 5.34 -1.18
N ARG B 43 2.54 5.08 0.09
CA ARG B 43 2.77 6.08 1.13
C ARG B 43 4.03 5.61 1.86
N VAL B 44 4.75 6.54 2.47
CA VAL B 44 5.99 6.25 3.19
C VAL B 44 5.97 7.00 4.51
N GLY B 45 6.68 6.44 5.49
CA GLY B 45 6.80 7.00 6.80
C GLY B 45 7.75 8.18 6.74
N ASN B 46 7.36 9.26 7.42
CA ASN B 46 8.16 10.48 7.46
C ASN B 46 8.63 10.74 8.90
N THR B 47 7.93 10.21 9.90
CA THR B 47 8.27 10.38 11.30
C THR B 47 9.41 9.42 11.70
N PRO B 48 10.18 9.73 12.75
CA PRO B 48 11.30 8.90 13.20
C PRO B 48 10.88 7.57 13.82
N GLU B 49 9.61 7.38 14.17
CA GLU B 49 9.15 6.14 14.79
C GLU B 49 8.51 5.17 13.78
N THR B 50 8.43 5.53 12.49
CA THR B 50 7.84 4.64 11.47
C THR B 50 8.84 4.22 10.40
N ARG B 51 10.01 4.87 10.32
CA ARG B 51 11.06 4.57 9.34
C ARG B 51 11.38 3.08 9.35
N GLY B 52 11.14 2.39 8.23
CA GLY B 52 11.37 0.96 8.08
C GLY B 52 10.09 0.19 7.74
N THR B 53 8.92 0.76 8.04
CA THR B 53 7.62 0.15 7.79
C THR B 53 6.76 1.08 6.93
N ALA B 54 6.20 0.59 5.83
CA ALA B 54 5.37 1.36 4.90
C ALA B 54 4.18 0.56 4.39
N TYR B 55 3.30 1.18 3.61
CA TYR B 55 2.12 0.54 3.06
C TYR B 55 2.05 0.76 1.55
N VAL B 56 1.50 -0.22 0.83
CA VAL B 56 1.32 -0.25 -0.62
C VAL B 56 -0.15 -0.59 -0.85
N VAL B 57 -0.75 -0.09 -1.93
CA VAL B 57 -2.13 -0.36 -2.26
C VAL B 57 -2.12 -0.86 -3.71
N TYR B 58 -2.67 -2.04 -3.96
CA TYR B 58 -2.77 -2.63 -5.29
C TYR B 58 -4.17 -2.36 -5.82
N GLU B 59 -4.37 -2.50 -7.13
CA GLU B 59 -5.67 -2.26 -7.75
C GLU B 59 -6.46 -3.58 -7.74
N ASP B 60 -5.97 -4.62 -8.40
CA ASP B 60 -6.65 -5.91 -8.47
C ASP B 60 -6.32 -6.76 -7.24
N ILE B 61 -7.31 -7.47 -6.67
CA ILE B 61 -7.04 -8.30 -5.50
C ILE B 61 -6.23 -9.55 -5.89
N PHE B 62 -6.55 -10.21 -6.99
CA PHE B 62 -5.81 -11.41 -7.43
C PHE B 62 -4.37 -11.06 -7.77
N ASP B 63 -4.12 -9.82 -8.19
CA ASP B 63 -2.81 -9.29 -8.54
C ASP B 63 -2.06 -9.01 -7.24
N ALA B 64 -2.71 -8.33 -6.29
CA ALA B 64 -2.15 -8.01 -4.98
C ALA B 64 -1.72 -9.31 -4.30
N LYS B 65 -2.57 -10.34 -4.35
CA LYS B 65 -2.32 -11.66 -3.77
C LYS B 65 -1.16 -12.36 -4.48
N ASN B 66 -1.04 -12.20 -5.79
CA ASN B 66 0.05 -12.81 -6.58
C ASN B 66 1.36 -12.22 -6.08
N ALA B 67 1.47 -10.90 -6.12
CA ALA B 67 2.65 -10.17 -5.67
C ALA B 67 2.90 -10.38 -4.18
N CYS B 68 1.85 -10.56 -3.37
CA CYS B 68 1.99 -10.76 -1.94
C CYS B 68 2.75 -12.05 -1.73
N ASP B 69 2.26 -13.16 -2.29
CA ASP B 69 2.92 -14.45 -2.13
C ASP B 69 4.31 -14.43 -2.75
N HIS B 70 4.47 -13.83 -3.93
CA HIS B 70 5.77 -13.77 -4.59
C HIS B 70 6.76 -12.83 -3.86
N LEU B 71 6.32 -11.89 -3.01
CA LEU B 71 7.23 -10.98 -2.29
C LEU B 71 7.44 -11.45 -0.84
N SER B 72 6.45 -12.13 -0.27
CA SER B 72 6.46 -12.65 1.08
C SER B 72 7.53 -13.74 1.14
N GLY B 73 8.63 -13.43 1.82
CA GLY B 73 9.79 -14.30 1.99
C GLY B 73 10.92 -14.01 1.00
N PHE B 74 10.86 -12.92 0.24
CA PHE B 74 11.90 -12.52 -0.72
C PHE B 74 13.09 -11.97 0.09
N ASN B 75 14.29 -12.55 -0.06
CA ASN B 75 15.50 -12.10 0.63
C ASN B 75 16.11 -10.97 -0.20
N VAL B 76 16.49 -9.85 0.42
CA VAL B 76 17.11 -8.72 -0.28
C VAL B 76 18.10 -8.10 0.71
N CYS B 77 19.31 -7.77 0.23
CA CYS B 77 20.39 -7.15 1.00
C CYS B 77 20.62 -7.82 2.36
N ASN B 78 20.58 -9.15 2.38
CA ASN B 78 20.75 -10.06 3.52
C ASN B 78 19.59 -10.05 4.52
N ARG B 79 18.50 -9.31 4.28
CA ARG B 79 17.35 -9.25 5.20
C ARG B 79 16.15 -9.92 4.56
N TYR B 80 15.16 -10.27 5.38
CA TYR B 80 13.94 -10.92 4.94
C TYR B 80 12.79 -9.93 5.11
N LEU B 81 12.13 -9.55 4.00
CA LEU B 81 10.99 -8.63 4.04
C LEU B 81 9.79 -9.36 4.62
N VAL B 82 8.84 -8.62 5.20
CA VAL B 82 7.63 -9.20 5.77
C VAL B 82 6.46 -8.42 5.19
N VAL B 83 5.48 -9.14 4.61
CA VAL B 83 4.28 -8.60 3.99
C VAL B 83 3.06 -9.08 4.79
N LEU B 84 2.09 -8.20 5.03
CA LEU B 84 0.87 -8.51 5.79
C LEU B 84 -0.33 -7.77 5.20
N TYR B 85 -1.48 -8.44 5.08
CA TYR B 85 -2.72 -7.88 4.55
C TYR B 85 -3.23 -6.81 5.54
N TYR B 86 -4.00 -5.82 5.08
CA TYR B 86 -4.50 -4.78 5.98
C TYR B 86 -5.68 -5.25 6.84
N ASN B 87 -5.95 -4.49 7.89
CA ASN B 87 -7.00 -4.68 8.87
C ASN B 87 -7.48 -3.29 9.22
N GLY A 1 16.16 6.69 -30.04
CA GLY A 1 14.94 7.48 -29.84
C GLY A 1 13.70 6.66 -30.14
N THR A 2 12.59 7.01 -29.50
CA THR A 2 11.28 6.40 -29.61
C THR A 2 10.28 7.55 -29.80
N PRO A 3 9.11 7.37 -30.43
CA PRO A 3 8.17 8.48 -30.59
C PRO A 3 7.65 8.89 -29.21
N GLU A 4 7.81 10.15 -28.83
CA GLU A 4 7.36 10.69 -27.55
C GLU A 4 7.08 12.18 -27.73
N GLN A 5 6.28 12.76 -26.83
CA GLN A 5 5.92 14.17 -26.78
C GLN A 5 5.94 14.59 -25.31
N LEU A 6 6.00 15.88 -25.04
CA LEU A 6 6.03 16.42 -23.69
C LEU A 6 4.66 16.97 -23.33
N GLN A 7 4.39 17.03 -22.03
CA GLN A 7 3.20 17.52 -21.37
C GLN A 7 3.61 17.91 -19.94
N ALA A 8 2.69 18.47 -19.17
CA ALA A 8 2.90 18.90 -17.79
C ALA A 8 1.57 18.68 -17.05
N TRP A 9 1.57 17.84 -16.01
CA TRP A 9 0.38 17.56 -15.21
C TRP A 9 -0.01 18.78 -14.37
N ARG A 10 -1.21 18.76 -13.79
CA ARG A 10 -1.75 19.83 -12.94
C ARG A 10 -2.06 19.26 -11.57
N TRP A 11 -1.88 20.05 -10.50
CA TRP A 11 -2.17 19.61 -9.13
C TRP A 11 -2.85 20.76 -8.42
N GLU A 12 -3.86 20.47 -7.60
CA GLU A 12 -4.67 21.40 -6.82
C GLU A 12 -5.16 20.55 -5.64
N ARG A 13 -4.93 20.98 -4.40
CA ARG A 13 -5.34 20.23 -3.21
C ARG A 13 -5.71 21.19 -2.09
N GLU A 14 -6.96 21.62 -2.01
CA GLU A 14 -7.40 22.54 -0.96
C GLU A 14 -7.97 21.72 0.20
N ILE A 15 -8.41 22.43 1.25
CA ILE A 15 -8.97 21.87 2.45
C ILE A 15 -10.42 22.33 2.51
N ASP A 16 -11.31 21.38 2.27
CA ASP A 16 -12.75 21.52 2.25
C ASP A 16 -13.32 20.21 2.78
N GLU A 17 -14.64 20.12 2.89
CA GLU A 17 -15.37 18.94 3.34
C GLU A 17 -16.70 18.98 2.59
N ARG A 18 -17.02 17.89 1.89
CA ARG A 18 -18.23 17.73 1.10
C ARG A 18 -18.77 16.32 1.26
N ASN A 19 -19.99 16.09 0.78
CA ASN A 19 -20.69 14.81 0.79
C ASN A 19 -20.31 13.98 -0.46
N ARG A 20 -19.12 14.21 -1.02
CA ARG A 20 -18.62 13.52 -2.20
C ARG A 20 -18.41 12.03 -1.87
N PRO A 21 -18.57 11.11 -2.84
CA PRO A 21 -18.40 9.68 -2.63
C PRO A 21 -16.92 9.28 -2.52
N LEU A 22 -16.70 8.05 -2.07
CA LEU A 22 -15.40 7.38 -1.87
C LEU A 22 -14.41 7.74 -2.97
N SER A 23 -13.31 8.37 -2.57
CA SER A 23 -12.22 8.81 -3.40
C SER A 23 -10.90 8.49 -2.68
N ASP A 24 -9.78 9.07 -3.16
CA ASP A 24 -8.46 8.87 -2.55
C ASP A 24 -8.39 9.49 -1.16
N GLU A 25 -9.24 10.49 -0.87
CA GLU A 25 -9.31 11.17 0.43
C GLU A 25 -9.71 10.13 1.48
N GLU A 26 -10.74 9.34 1.16
CA GLU A 26 -11.26 8.30 2.02
C GLU A 26 -10.26 7.14 2.14
N LEU A 27 -9.27 7.04 1.26
CA LEU A 27 -8.22 6.02 1.29
C LEU A 27 -7.11 6.53 2.20
N ASP A 28 -6.78 7.84 2.16
CA ASP A 28 -5.75 8.45 3.00
C ASP A 28 -6.16 8.27 4.46
N ALA A 29 -7.45 8.48 4.77
CA ALA A 29 -8.00 8.33 6.10
C ALA A 29 -7.84 6.90 6.66
N MET A 30 -7.57 5.90 5.82
CA MET A 30 -7.36 4.51 6.21
C MET A 30 -5.92 4.25 6.64
N PHE A 31 -5.03 5.25 6.58
CA PHE A 31 -3.62 5.10 6.94
C PHE A 31 -3.28 5.90 8.22
N PRO A 32 -2.19 5.53 8.92
CA PRO A 32 -1.76 6.21 10.14
C PRO A 32 -1.14 7.58 9.85
N GLU A 33 -0.80 8.29 10.92
CA GLU A 33 -0.18 9.61 10.86
C GLU A 33 1.32 9.48 10.59
N GLY A 34 1.97 10.58 10.23
CA GLY A 34 3.40 10.58 9.98
C GLY A 34 3.79 9.80 8.72
N TYR A 35 3.00 9.87 7.66
CA TYR A 35 3.28 9.17 6.41
C TYR A 35 3.31 10.22 5.29
N LYS A 36 3.98 9.88 4.20
CA LYS A 36 4.17 10.73 3.03
C LYS A 36 3.90 9.86 1.81
N VAL A 37 3.17 10.37 0.82
CA VAL A 37 2.83 9.62 -0.39
C VAL A 37 4.10 9.43 -1.24
N LEU A 38 4.18 8.34 -2.00
CA LEU A 38 5.33 8.08 -2.88
C LEU A 38 4.79 7.85 -4.29
N PRO A 39 4.40 8.91 -5.02
CA PRO A 39 3.89 8.80 -6.38
C PRO A 39 4.95 8.22 -7.34
N PRO A 40 4.55 7.85 -8.58
CA PRO A 40 5.44 7.29 -9.60
C PRO A 40 6.70 8.13 -9.86
N PRO A 41 7.74 7.52 -10.48
CA PRO A 41 9.00 8.17 -10.81
C PRO A 41 8.91 9.48 -11.57
N ALA A 42 9.95 10.30 -11.42
CA ALA A 42 10.08 11.57 -12.11
C ALA A 42 10.59 11.26 -13.53
N GLY A 43 10.33 12.13 -14.50
CA GLY A 43 10.79 11.92 -15.86
C GLY A 43 10.11 10.76 -16.59
N TYR A 44 9.03 10.21 -16.06
CA TYR A 44 8.33 9.09 -16.70
C TYR A 44 7.46 9.62 -17.85
N VAL A 45 7.15 8.76 -18.83
CA VAL A 45 6.34 9.12 -20.01
C VAL A 45 5.14 8.15 -20.14
N PRO A 46 4.17 8.17 -19.21
CA PRO A 46 3.00 7.29 -19.24
C PRO A 46 1.93 7.67 -20.28
N ILE A 47 2.08 8.76 -21.03
CA ILE A 47 1.13 9.24 -22.03
C ILE A 47 1.90 9.50 -23.32
N GLY B 1 -2.10 -26.08 10.68
CA GLY B 1 -2.27 -27.42 10.12
C GLY B 1 -2.17 -27.37 8.60
N ARG B 2 -2.21 -28.53 7.94
CA ARG B 2 -2.13 -28.59 6.48
C ARG B 2 -3.43 -27.99 5.96
N ALA B 3 -3.36 -26.97 5.11
CA ALA B 3 -4.55 -26.32 4.56
C ALA B 3 -5.40 -27.33 3.79
N ASN B 4 -6.68 -27.42 4.14
CA ASN B 4 -7.67 -28.33 3.55
C ASN B 4 -8.69 -27.60 2.67
N ILE B 5 -8.63 -26.27 2.58
CA ILE B 5 -9.50 -25.40 1.80
C ILE B 5 -8.88 -25.07 0.44
N ARG B 6 -9.65 -24.43 -0.44
CA ARG B 6 -9.19 -24.04 -1.79
C ARG B 6 -8.62 -22.63 -1.82
N LEU B 7 -9.19 -21.70 -1.05
CA LEU B 7 -8.81 -20.30 -1.02
C LEU B 7 -7.92 -19.93 0.19
N PRO B 8 -7.40 -18.68 0.23
CA PRO B 8 -6.57 -18.19 1.34
C PRO B 8 -7.46 -17.84 2.54
N PRO B 9 -6.90 -17.51 3.72
CA PRO B 9 -7.68 -17.16 4.90
C PRO B 9 -8.48 -15.87 4.68
N GLU B 10 -7.81 -14.75 4.47
CA GLU B 10 -8.35 -13.42 4.23
C GLU B 10 -7.33 -12.71 3.34
N VAL B 11 -7.79 -11.89 2.40
CA VAL B 11 -6.97 -11.10 1.49
C VAL B 11 -7.71 -9.78 1.34
N ASN B 12 -6.99 -8.65 1.39
CA ASN B 12 -7.54 -7.31 1.26
C ASN B 12 -6.74 -6.51 0.24
N ARG B 13 -7.26 -5.35 -0.20
CA ARG B 13 -6.58 -4.51 -1.19
C ARG B 13 -5.34 -3.82 -0.63
N ILE B 14 -5.39 -3.30 0.60
CA ILE B 14 -4.26 -2.61 1.22
C ILE B 14 -3.40 -3.65 1.94
N LEU B 15 -2.09 -3.57 1.74
CA LEU B 15 -1.09 -4.45 2.35
C LEU B 15 -0.08 -3.62 3.11
N TYR B 16 0.58 -4.25 4.08
CA TYR B 16 1.58 -3.71 4.97
C TYR B 16 2.92 -4.37 4.61
N ILE B 17 3.98 -3.58 4.57
CA ILE B 17 5.35 -3.95 4.23
C ILE B 17 6.23 -3.56 5.41
N ARG B 18 7.27 -4.35 5.71
CA ARG B 18 8.20 -4.12 6.82
C ARG B 18 9.61 -4.55 6.44
N ASN B 19 10.61 -4.09 7.20
CA ASN B 19 12.06 -4.34 7.05
C ASN B 19 12.63 -3.60 5.83
N LEU B 20 11.98 -2.50 5.44
CA LEU B 20 12.34 -1.67 4.31
C LEU B 20 13.58 -0.81 4.58
N PRO B 21 14.29 -0.37 3.52
CA PRO B 21 15.48 0.46 3.63
C PRO B 21 15.15 1.91 4.02
N TYR B 22 16.14 2.63 4.53
CA TYR B 22 16.05 4.05 4.95
C TYR B 22 16.47 4.98 3.82
N LYS B 23 17.07 4.43 2.76
CA LYS B 23 17.55 5.17 1.62
C LYS B 23 16.97 4.51 0.39
N ILE B 24 15.85 5.03 -0.09
CA ILE B 24 15.16 4.54 -1.27
C ILE B 24 14.34 5.69 -1.88
N THR B 25 13.95 5.56 -3.14
CA THR B 25 13.16 6.54 -3.88
C THR B 25 12.11 5.80 -4.72
N ALA B 26 11.23 6.55 -5.39
CA ALA B 26 10.17 6.00 -6.22
C ALA B 26 10.72 5.07 -7.30
N GLU B 27 11.87 5.40 -7.88
CA GLU B 27 12.50 4.62 -8.94
C GLU B 27 12.76 3.17 -8.52
N GLU B 28 13.30 2.95 -7.32
CA GLU B 28 13.58 1.61 -6.80
C GLU B 28 12.29 0.97 -6.28
N MET B 29 11.42 1.73 -5.60
CA MET B 29 10.18 1.17 -5.09
C MET B 29 9.32 0.65 -6.25
N TYR B 30 9.17 1.42 -7.32
CA TYR B 30 8.36 1.01 -8.46
C TYR B 30 9.07 -0.10 -9.23
N ASP B 31 10.40 -0.23 -9.13
CA ASP B 31 11.14 -1.31 -9.80
C ASP B 31 10.73 -2.64 -9.17
N ILE B 32 10.70 -2.67 -7.83
CA ILE B 32 10.36 -3.83 -7.03
C ILE B 32 8.88 -4.19 -7.20
N PHE B 33 7.98 -3.34 -6.66
CA PHE B 33 6.55 -3.58 -6.69
C PHE B 33 5.91 -3.69 -8.08
N GLY B 34 6.49 -3.09 -9.11
CA GLY B 34 5.95 -3.15 -10.47
C GLY B 34 6.03 -4.56 -11.05
N LYS B 35 6.94 -5.41 -10.57
CA LYS B 35 7.09 -6.78 -11.04
C LYS B 35 5.86 -7.62 -10.69
N TYR B 36 5.00 -7.14 -9.80
CA TYR B 36 3.81 -7.85 -9.37
C TYR B 36 2.50 -7.27 -9.90
N GLY B 37 2.51 -6.14 -10.60
CA GLY B 37 1.29 -5.55 -11.13
C GLY B 37 1.18 -4.03 -10.91
N PRO B 38 0.01 -3.46 -11.26
CA PRO B 38 -0.29 -2.04 -11.17
C PRO B 38 -0.35 -1.52 -9.73
N ILE B 39 0.55 -0.59 -9.42
CA ILE B 39 0.72 0.08 -8.14
C ILE B 39 -0.37 1.15 -7.99
N ARG B 40 -1.41 0.88 -7.19
CA ARG B 40 -2.51 1.84 -6.97
C ARG B 40 -2.01 3.07 -6.21
N GLN B 41 -1.49 2.91 -4.99
CA GLN B 41 -1.00 4.03 -4.19
C GLN B 41 -0.07 3.55 -3.07
N ILE B 42 0.97 4.33 -2.79
CA ILE B 42 1.97 4.05 -1.77
C ILE B 42 2.10 5.24 -0.84
N ARG B 43 2.24 4.93 0.44
CA ARG B 43 2.41 5.86 1.55
C ARG B 43 3.50 5.22 2.40
N VAL B 44 4.60 5.94 2.62
CA VAL B 44 5.74 5.48 3.40
C VAL B 44 5.80 6.30 4.69
N GLY B 45 6.24 5.67 5.77
CA GLY B 45 6.38 6.33 7.06
C GLY B 45 7.54 7.32 6.94
N ASN B 46 7.32 8.59 7.25
CA ASN B 46 8.36 9.63 7.14
C ASN B 46 9.02 9.99 8.47
N THR B 47 8.39 9.71 9.62
CA THR B 47 9.02 9.97 10.90
C THR B 47 10.10 8.90 11.08
N PRO B 48 11.13 9.14 11.90
CA PRO B 48 12.20 8.16 12.12
C PRO B 48 11.67 6.86 12.76
N GLU B 49 10.50 6.93 13.40
CA GLU B 49 9.84 5.82 14.05
C GLU B 49 9.06 4.99 13.01
N THR B 50 8.34 5.64 12.09
CA THR B 50 7.57 4.95 11.06
C THR B 50 8.46 4.38 9.93
N ARG B 51 9.78 4.59 10.01
CA ARG B 51 10.72 4.07 9.02
C ARG B 51 10.70 2.53 9.06
N GLY B 52 11.23 1.93 8.00
CA GLY B 52 11.29 0.49 7.84
C GLY B 52 9.93 -0.14 7.55
N THR B 53 8.82 0.62 7.65
CA THR B 53 7.47 0.14 7.44
C THR B 53 6.74 1.05 6.45
N ALA B 54 5.88 0.49 5.59
CA ALA B 54 5.10 1.24 4.60
C ALA B 54 3.90 0.40 4.14
N TYR B 55 3.03 0.97 3.29
CA TYR B 55 1.85 0.28 2.78
C TYR B 55 1.81 0.36 1.25
N VAL B 56 1.12 -0.58 0.60
CA VAL B 56 0.97 -0.65 -0.85
C VAL B 56 -0.45 -1.12 -1.15
N VAL B 57 -1.05 -0.62 -2.23
CA VAL B 57 -2.38 -0.97 -2.68
C VAL B 57 -2.26 -1.38 -4.18
N TYR B 58 -3.08 -2.28 -4.69
CA TYR B 58 -3.03 -2.67 -6.10
C TYR B 58 -4.35 -2.27 -6.77
N GLU B 59 -4.36 -2.18 -8.10
CA GLU B 59 -5.58 -1.80 -8.83
C GLU B 59 -6.64 -2.90 -8.66
N ASP B 60 -6.23 -4.17 -8.73
CA ASP B 60 -7.13 -5.31 -8.56
C ASP B 60 -6.60 -6.16 -7.41
N ILE B 61 -7.52 -6.73 -6.61
CA ILE B 61 -7.14 -7.56 -5.47
C ILE B 61 -6.41 -8.83 -5.95
N PHE B 62 -6.65 -9.24 -7.19
CA PHE B 62 -6.03 -10.40 -7.81
C PHE B 62 -4.53 -10.21 -7.95
N ASP B 63 -4.04 -8.96 -8.03
CA ASP B 63 -2.62 -8.69 -8.12
C ASP B 63 -2.06 -8.95 -6.72
N ALA B 64 -2.65 -8.30 -5.71
CA ALA B 64 -2.25 -8.45 -4.30
C ALA B 64 -2.16 -9.92 -3.88
N LYS B 65 -3.04 -10.79 -4.40
CA LYS B 65 -3.09 -12.22 -4.12
C LYS B 65 -1.76 -12.91 -4.46
N ASN B 66 -1.42 -13.01 -5.75
CA ASN B 66 -0.19 -13.68 -6.17
C ASN B 66 1.04 -12.88 -5.75
N ALA B 67 0.98 -11.56 -5.81
CA ALA B 67 2.09 -10.69 -5.44
C ALA B 67 2.50 -10.88 -3.99
N CYS B 68 1.53 -11.10 -3.09
CA CYS B 68 1.83 -11.28 -1.68
C CYS B 68 2.83 -12.41 -1.52
N ASP B 69 2.49 -13.62 -1.95
CA ASP B 69 3.37 -14.77 -1.80
C ASP B 69 4.69 -14.61 -2.54
N HIS B 70 4.71 -13.89 -3.66
CA HIS B 70 5.95 -13.69 -4.40
C HIS B 70 6.86 -12.69 -3.68
N LEU B 71 6.31 -11.77 -2.89
CA LEU B 71 7.07 -10.75 -2.15
C LEU B 71 7.28 -11.15 -0.67
N SER B 72 6.53 -12.11 -0.16
CA SER B 72 6.56 -12.61 1.20
C SER B 72 7.95 -13.23 1.44
N GLY B 73 8.78 -12.57 2.23
CA GLY B 73 10.13 -13.01 2.54
C GLY B 73 11.16 -12.64 1.47
N PHE B 74 10.80 -11.80 0.49
CA PHE B 74 11.68 -11.37 -0.59
C PHE B 74 12.95 -10.72 -0.04
N ASN B 75 14.08 -11.00 -0.70
CA ASN B 75 15.40 -10.53 -0.32
C ASN B 75 15.86 -9.26 -1.04
N VAL B 76 16.00 -8.17 -0.29
CA VAL B 76 16.46 -6.87 -0.73
C VAL B 76 17.51 -6.43 0.30
N CYS B 77 18.60 -5.76 -0.12
CA CYS B 77 19.70 -5.31 0.74
C CYS B 77 20.15 -6.37 1.79
N ASN B 78 20.14 -7.65 1.45
CA ASN B 78 20.51 -8.79 2.30
C ASN B 78 19.55 -8.97 3.51
N ARG B 79 18.32 -8.44 3.42
CA ARG B 79 17.26 -8.51 4.43
C ARG B 79 16.13 -9.40 3.89
N TYR B 80 15.05 -9.59 4.64
CA TYR B 80 13.89 -10.38 4.23
C TYR B 80 12.66 -9.58 4.68
N LEU B 81 11.86 -9.10 3.72
CA LEU B 81 10.65 -8.31 4.01
C LEU B 81 9.57 -9.19 4.66
N VAL B 82 8.51 -8.57 5.18
CA VAL B 82 7.39 -9.23 5.84
C VAL B 82 6.09 -8.65 5.26
N VAL B 83 5.36 -9.41 4.43
CA VAL B 83 4.11 -8.98 3.81
C VAL B 83 2.97 -9.43 4.73
N LEU B 84 1.98 -8.54 4.97
CA LEU B 84 0.83 -8.81 5.83
C LEU B 84 -0.36 -7.96 5.34
N TYR B 85 -1.58 -8.48 5.37
CA TYR B 85 -2.76 -7.75 4.93
C TYR B 85 -3.13 -6.68 5.97
N TYR B 86 -3.81 -5.61 5.54
CA TYR B 86 -4.25 -4.57 6.45
C TYR B 86 -5.46 -5.12 7.21
N ASN B 87 -5.62 -4.69 8.47
CA ASN B 87 -6.70 -5.03 9.39
C ASN B 87 -6.99 -3.79 10.19
#